data_8B7Z
#
_entry.id   8B7Z
#
_cell.length_a   186.359
_cell.length_b   204.683
_cell.length_c   561.904
_cell.angle_alpha   90.000
_cell.angle_beta   90.000
_cell.angle_gamma   90.000
#
_symmetry.space_group_name_H-M   'I 21 21 21'
#
loop_
_entity.id
_entity.type
_entity.pdbx_description
1 polymer 'Chalcone isomerase'
2 non-polymer (2R,3R)-2-(3,4-DIHYDROXYPHENYL)-3,5,7-TRIHYDROXY-2,3-DIHYDRO-4H-CHROMEN-4-ONE
3 non-polymer GLYCEROL
4 non-polymer 'SULFATE ION'
5 non-polymer 'POTASSIUM ION'
6 non-polymer 'CHLORIDE ION'
7 non-polymer '4-(2-HYDROXYETHYL)-1-PIPERAZINE ETHANESULFONIC ACID'
8 water water
#
_entity_poly.entity_id   1
_entity_poly.type   'polypeptide(L)'
_entity_poly.pdbx_seq_one_letter_code
;MADFKFEPMRSLIYVDCVSEDYRPKLQRWIYKVAIPDSISQFEPYVTKYAFYPSFPIPPQGDRFGYARMQLTEHHWLVSD
LDPRLEIKAIAETFPMDVLVWQGQIPAAAHTDAQIDSDGDAGNAARKSNNAEGNPFIFAFLPMWWEKDLKGKGRTIEDGA
NYRFNMTIGFPEGVDKAEGEKWLFEKVVPILQAAPECTRVLASAVKKDINGCVMDWVLEIWFENQSGWYKVMVDDMKALE
KPSWAQQDAFPFLKPYHNVCSAAVADYTPSNNLANYRGYITMR
;
_entity_poly.pdbx_strand_id   A,B,C,D,E,F,G,H,I,J,K,L,M,N,O,P,Q,R
#
# COMPACT_ATOMS: atom_id res chain seq x y z
N ALA A 2 -4.32 27.63 -43.11
CA ALA A 2 -3.14 26.87 -42.67
C ALA A 2 -2.86 27.26 -41.21
N ASP A 3 -2.64 28.54 -40.93
CA ASP A 3 -1.94 28.99 -39.73
C ASP A 3 -2.58 28.52 -38.43
N PHE A 4 -1.73 28.12 -37.46
CA PHE A 4 -2.15 27.65 -36.14
C PHE A 4 -1.53 28.54 -35.07
N LYS A 5 -2.36 29.08 -34.18
CA LYS A 5 -1.88 30.05 -33.22
C LYS A 5 -1.14 29.39 -32.04
N PHE A 6 0.04 29.94 -31.71
CA PHE A 6 0.76 29.59 -30.51
C PHE A 6 -0.03 30.04 -29.29
N GLU A 7 -0.60 29.08 -28.55
CA GLU A 7 -1.55 29.40 -27.49
C GLU A 7 -1.20 28.57 -26.25
N PRO A 8 -0.13 28.92 -25.51
CA PRO A 8 0.27 28.14 -24.35
C PRO A 8 -0.68 28.34 -23.18
N MET A 9 -1.21 27.18 -22.72
CA MET A 9 -2.23 27.10 -21.70
C MET A 9 -2.05 25.88 -20.79
N ARG A 10 -2.63 25.96 -19.58
CA ARG A 10 -2.69 24.88 -18.62
C ARG A 10 -4.18 24.57 -18.42
N SER A 11 -4.59 23.31 -18.67
CA SER A 11 -5.96 22.86 -18.50
C SER A 11 -6.05 22.17 -17.14
N LEU A 12 -7.24 22.20 -16.53
CA LEU A 12 -7.51 21.35 -15.37
C LEU A 12 -8.88 20.70 -15.55
N ILE A 13 -8.94 19.39 -15.31
CA ILE A 13 -10.20 18.66 -15.35
C ILE A 13 -10.44 18.10 -13.95
N TYR A 14 -11.66 18.32 -13.44
CA TYR A 14 -12.00 17.93 -12.09
C TYR A 14 -12.65 16.54 -12.15
N VAL A 15 -11.87 15.48 -11.92
CA VAL A 15 -12.36 14.11 -12.07
C VAL A 15 -12.90 13.60 -10.74
N ASP A 16 -14.23 13.48 -10.66
CA ASP A 16 -14.89 12.97 -9.47
C ASP A 16 -14.99 11.45 -9.58
N CYS A 17 -15.34 10.82 -8.44
CA CYS A 17 -15.72 9.41 -8.39
C CYS A 17 -16.85 9.26 -7.37
N VAL A 18 -18.06 8.98 -7.86
CA VAL A 18 -19.28 9.20 -7.05
C VAL A 18 -19.55 8.03 -6.12
N SER A 19 -18.68 7.01 -6.11
CA SER A 19 -18.93 5.82 -5.32
C SER A 19 -17.67 4.97 -5.27
N GLU A 20 -17.38 4.41 -4.09
CA GLU A 20 -16.16 3.63 -3.93
C GLU A 20 -16.23 2.33 -4.74
N ASP A 21 -17.45 1.86 -5.05
CA ASP A 21 -17.56 0.64 -5.83
C ASP A 21 -17.14 0.89 -7.29
N TYR A 22 -17.10 2.15 -7.70
CA TYR A 22 -16.69 2.53 -9.04
C TYR A 22 -15.18 2.79 -9.13
N ARG A 23 -14.52 2.98 -7.98
CA ARG A 23 -13.15 3.47 -7.97
C ARG A 23 -12.25 2.51 -8.74
N PRO A 24 -12.24 1.18 -8.45
CA PRO A 24 -11.36 0.26 -9.18
C PRO A 24 -11.47 0.38 -10.70
N LYS A 25 -12.70 0.53 -11.19
CA LYS A 25 -13.01 0.51 -12.61
C LYS A 25 -12.63 1.82 -13.29
N LEU A 26 -12.93 2.94 -12.63
CA LEU A 26 -12.60 4.26 -13.14
C LEU A 26 -11.09 4.45 -13.13
N GLN A 27 -10.45 4.01 -12.04
CA GLN A 27 -9.00 4.14 -11.89
C GLN A 27 -8.31 3.32 -12.98
N ARG A 28 -8.80 2.09 -13.21
CA ARG A 28 -8.34 1.23 -14.30
C ARG A 28 -8.43 1.99 -15.63
N TRP A 29 -9.62 2.53 -15.95
CA TRP A 29 -9.77 3.19 -17.23
C TRP A 29 -8.73 4.29 -17.38
N ILE A 30 -8.60 5.11 -16.36
CA ILE A 30 -7.71 6.27 -16.40
C ILE A 30 -6.29 5.80 -16.71
N TYR A 31 -5.78 4.79 -15.99
CA TYR A 31 -4.36 4.46 -16.02
C TYR A 31 -4.07 3.44 -17.14
N LYS A 32 -5.06 2.64 -17.54
CA LYS A 32 -4.85 1.61 -18.55
C LYS A 32 -5.19 2.10 -19.95
N VAL A 33 -6.15 3.02 -20.06
CA VAL A 33 -6.74 3.38 -21.34
C VAL A 33 -6.56 4.88 -21.64
N ALA A 34 -6.94 5.75 -20.71
CA ALA A 34 -6.96 7.18 -20.98
C ALA A 34 -5.56 7.67 -21.32
N ILE A 35 -4.55 7.17 -20.59
CA ILE A 35 -3.19 7.65 -20.79
C ILE A 35 -2.72 7.35 -22.21
N PRO A 36 -2.63 6.08 -22.66
CA PRO A 36 -2.12 5.78 -23.99
C PRO A 36 -2.94 6.38 -25.15
N ASP A 37 -4.27 6.31 -25.04
CA ASP A 37 -5.15 6.94 -26.02
C ASP A 37 -4.80 8.43 -26.14
N SER A 38 -4.57 9.08 -24.99
CA SER A 38 -4.27 10.51 -24.91
C SER A 38 -2.93 10.84 -25.56
N ILE A 39 -1.87 10.12 -25.16
CA ILE A 39 -0.52 10.41 -25.63
C ILE A 39 -0.43 10.11 -27.13
N SER A 40 -1.17 9.09 -27.56
CA SER A 40 -1.28 8.76 -28.97
C SER A 40 -1.77 9.96 -29.77
N GLN A 41 -2.54 10.87 -29.16
CA GLN A 41 -3.16 11.95 -29.92
C GLN A 41 -2.35 13.26 -29.84
N PHE A 42 -1.89 13.65 -28.63
CA PHE A 42 -1.44 15.01 -28.40
C PHE A 42 0.05 15.09 -28.02
N GLU A 43 0.78 13.97 -28.10
CA GLU A 43 2.20 13.96 -27.74
C GLU A 43 2.97 15.12 -28.37
N PRO A 44 2.79 15.42 -29.68
CA PRO A 44 3.57 16.46 -30.34
C PRO A 44 3.27 17.92 -29.98
N TYR A 45 2.15 18.19 -29.30
CA TYR A 45 1.81 19.57 -28.98
C TYR A 45 1.32 19.74 -27.55
N VAL A 46 1.60 18.75 -26.70
CA VAL A 46 1.40 18.90 -25.27
C VAL A 46 2.74 18.60 -24.60
N THR A 47 3.18 19.53 -23.74
CA THR A 47 4.49 19.42 -23.11
C THR A 47 4.39 18.70 -21.76
N LYS A 48 3.20 18.64 -21.13
CA LYS A 48 3.10 17.97 -19.86
C LYS A 48 1.66 17.51 -19.60
N TYR A 49 1.56 16.20 -19.33
CA TYR A 49 0.30 15.55 -19.05
C TYR A 49 0.45 14.85 -17.72
N ALA A 50 -0.40 15.18 -16.75
CA ALA A 50 -0.21 14.66 -15.40
C ALA A 50 -1.54 14.54 -14.66
N PHE A 51 -1.55 13.60 -13.70
CA PHE A 51 -2.69 13.35 -12.82
C PHE A 51 -2.26 13.61 -11.37
N TYR A 52 -3.06 14.40 -10.63
CA TYR A 52 -2.81 14.65 -9.23
C TYR A 52 -3.93 14.01 -8.43
N PRO A 53 -3.74 12.78 -7.87
CA PRO A 53 -4.78 12.09 -7.11
C PRO A 53 -5.20 12.98 -5.96
N SER A 54 -6.52 13.09 -5.74
CA SER A 54 -6.99 13.95 -4.67
C SER A 54 -6.85 13.20 -3.35
N PHE A 55 -6.47 13.94 -2.30
CA PHE A 55 -6.51 13.42 -0.94
C PHE A 55 -7.94 13.05 -0.58
N PRO A 56 -8.14 12.22 0.48
CA PRO A 56 -9.48 11.85 0.94
C PRO A 56 -10.34 13.09 1.15
N ILE A 57 -11.59 12.99 0.71
CA ILE A 57 -12.52 14.10 0.81
C ILE A 57 -12.58 14.55 2.28
N PRO A 58 -12.31 15.83 2.60
CA PRO A 58 -12.36 16.32 3.97
C PRO A 58 -13.82 16.56 4.38
N PRO A 59 -14.11 16.71 5.69
CA PRO A 59 -15.43 17.10 6.16
C PRO A 59 -16.04 18.30 5.44
N GLN A 60 -17.24 18.08 4.88
CA GLN A 60 -18.01 19.10 4.17
C GLN A 60 -17.39 19.42 2.81
N GLY A 61 -16.44 18.61 2.34
CA GLY A 61 -15.88 18.78 1.02
C GLY A 61 -16.92 18.64 -0.10
N ASP A 62 -17.92 17.77 0.13
CA ASP A 62 -19.05 17.57 -0.77
C ASP A 62 -19.66 18.91 -1.22
N ARG A 63 -19.62 19.93 -0.33
CA ARG A 63 -20.24 21.23 -0.60
C ARG A 63 -19.36 22.11 -1.50
N PHE A 64 -18.12 21.67 -1.77
CA PHE A 64 -17.16 22.38 -2.62
C PHE A 64 -16.95 21.64 -3.93
N GLY A 65 -17.85 20.71 -4.26
CA GLY A 65 -17.74 19.93 -5.49
C GLY A 65 -16.43 19.14 -5.56
N TYR A 66 -16.09 18.49 -4.44
CA TYR A 66 -14.78 17.89 -4.27
C TYR A 66 -14.65 16.70 -5.22
N ALA A 67 -13.67 16.77 -6.14
CA ALA A 67 -13.36 15.68 -7.05
C ALA A 67 -12.64 14.56 -6.29
N ARG A 68 -13.37 13.44 -6.08
CA ARG A 68 -12.89 12.35 -5.25
C ARG A 68 -11.94 11.43 -6.00
N MET A 69 -11.53 11.76 -7.24
CA MET A 69 -10.58 10.89 -7.92
C MET A 69 -9.26 11.61 -8.13
N GLN A 70 -9.24 12.66 -8.96
CA GLN A 70 -8.01 13.39 -9.24
C GLN A 70 -8.29 14.72 -9.94
N LEU A 71 -7.22 15.50 -10.12
CA LEU A 71 -7.14 16.56 -11.12
C LEU A 71 -6.38 16.04 -12.32
N THR A 72 -6.81 16.47 -13.53
CA THR A 72 -6.13 16.11 -14.74
C THR A 72 -5.62 17.37 -15.43
N GLU A 73 -4.28 17.43 -15.59
CA GLU A 73 -3.54 18.63 -15.88
C GLU A 73 -2.76 18.45 -17.17
N HIS A 74 -3.19 19.21 -18.20
CA HIS A 74 -2.47 19.27 -19.46
C HIS A 74 -1.80 20.63 -19.64
N HIS A 75 -0.63 20.64 -20.29
CA HIS A 75 -0.01 21.88 -20.76
C HIS A 75 0.05 21.86 -22.28
N TRP A 76 -0.72 22.76 -22.90
CA TRP A 76 -0.97 22.80 -24.34
C TRP A 76 -0.08 23.86 -24.99
N LEU A 77 0.37 23.59 -26.22
CA LEU A 77 0.98 24.63 -27.04
C LEU A 77 -0.03 25.25 -28.02
N VAL A 78 -1.19 24.57 -28.25
CA VAL A 78 -2.25 25.11 -29.09
C VAL A 78 -3.63 24.82 -28.48
N SER A 79 -4.64 25.57 -28.90
CA SER A 79 -6.01 25.43 -28.43
C SER A 79 -6.57 24.06 -28.88
N ASP A 80 -6.88 23.16 -27.93
CA ASP A 80 -7.42 21.85 -28.29
C ASP A 80 -8.84 22.00 -28.86
N LEU A 81 -9.44 23.20 -28.73
CA LEU A 81 -10.78 23.46 -29.24
C LEU A 81 -10.75 24.09 -30.63
N ASP A 82 -9.57 24.30 -31.22
CA ASP A 82 -9.50 24.63 -32.64
C ASP A 82 -10.24 23.51 -33.37
N PRO A 83 -11.24 23.84 -34.24
CA PRO A 83 -12.03 22.84 -34.94
C PRO A 83 -11.25 21.81 -35.74
N ARG A 84 -10.05 22.21 -36.21
CA ARG A 84 -9.24 21.35 -37.06
C ARG A 84 -8.66 20.19 -36.26
N LEU A 85 -8.67 20.33 -34.93
CA LEU A 85 -8.11 19.33 -34.01
C LEU A 85 -9.15 18.26 -33.69
N GLU A 86 -10.39 18.42 -34.15
CA GLU A 86 -11.41 17.40 -33.99
C GLU A 86 -11.06 16.12 -34.76
N ILE A 87 -10.21 16.22 -35.79
CA ILE A 87 -9.89 15.06 -36.61
C ILE A 87 -8.68 14.31 -36.04
N LYS A 88 -8.91 13.01 -35.80
CA LYS A 88 -7.91 12.10 -35.24
C LYS A 88 -7.92 10.84 -36.08
N ALA A 89 -6.74 10.34 -36.46
CA ALA A 89 -6.69 9.04 -37.12
C ALA A 89 -7.30 7.97 -36.20
N ILE A 90 -6.69 7.82 -35.02
CA ILE A 90 -7.17 6.92 -33.98
C ILE A 90 -7.94 7.76 -32.97
N ALA A 91 -9.13 7.27 -32.64
CA ALA A 91 -9.99 7.85 -31.62
C ALA A 91 -9.78 7.13 -30.28
N GLU A 92 -10.25 7.84 -29.23
CA GLU A 92 -10.14 7.43 -27.84
C GLU A 92 -11.21 6.38 -27.54
N THR A 93 -10.96 5.50 -26.55
CA THR A 93 -12.03 4.72 -25.95
C THR A 93 -12.49 5.48 -24.70
N PHE A 94 -13.76 5.91 -24.73
CA PHE A 94 -14.36 6.72 -23.68
C PHE A 94 -15.81 6.28 -23.48
N PRO A 95 -16.07 5.15 -22.78
CA PRO A 95 -17.44 4.64 -22.62
C PRO A 95 -18.34 5.59 -21.82
N MET A 96 -19.64 5.49 -22.08
CA MET A 96 -20.70 6.03 -21.24
C MET A 96 -20.36 5.83 -19.76
N ASP A 97 -19.85 4.66 -19.40
CA ASP A 97 -19.68 4.25 -18.01
C ASP A 97 -18.78 5.21 -17.25
N VAL A 98 -17.78 5.77 -17.95
CA VAL A 98 -16.85 6.70 -17.30
C VAL A 98 -17.63 7.91 -16.79
N LEU A 99 -18.64 8.33 -17.55
CA LEU A 99 -19.46 9.48 -17.18
C LEU A 99 -20.36 9.14 -15.98
N VAL A 100 -20.77 7.87 -15.85
CA VAL A 100 -21.54 7.43 -14.70
C VAL A 100 -20.67 7.52 -13.44
N TRP A 101 -19.42 7.03 -13.60
CA TRP A 101 -18.47 6.90 -12.52
C TRP A 101 -18.09 8.29 -12.01
N GLN A 102 -17.92 9.24 -12.93
CA GLN A 102 -17.48 10.59 -12.59
C GLN A 102 -18.67 11.43 -12.10
N GLY A 103 -19.89 11.03 -12.49
CA GLY A 103 -21.10 11.64 -11.98
C GLY A 103 -21.78 12.60 -12.96
N GLN A 104 -21.21 12.67 -14.18
CA GLN A 104 -21.85 13.34 -15.31
C GLN A 104 -23.25 12.76 -15.57
N ILE A 105 -23.44 11.45 -15.33
CA ILE A 105 -24.70 10.74 -15.54
C ILE A 105 -25.04 9.94 -14.28
N PRO A 106 -26.33 9.77 -13.92
CA PRO A 106 -26.72 9.00 -12.72
C PRO A 106 -27.07 7.51 -12.93
N GLU A 132 -29.75 13.57 -11.03
CA GLU A 132 -29.76 14.68 -12.03
C GLU A 132 -28.48 14.76 -12.90
N GLY A 133 -27.26 14.64 -12.35
CA GLY A 133 -26.06 14.64 -13.18
C GLY A 133 -25.29 15.96 -13.12
N ASN A 134 -23.98 15.88 -13.36
CA ASN A 134 -23.07 16.96 -13.05
C ASN A 134 -22.27 17.32 -14.29
N PRO A 135 -21.99 18.61 -14.56
CA PRO A 135 -21.34 18.98 -15.82
C PRO A 135 -19.89 18.54 -15.76
N PHE A 136 -19.26 18.45 -16.95
CA PHE A 136 -17.85 18.11 -17.07
C PHE A 136 -17.00 19.39 -17.04
N ILE A 137 -16.29 19.63 -15.95
CA ILE A 137 -15.60 20.89 -15.78
C ILE A 137 -14.15 20.76 -16.27
N PHE A 138 -13.87 21.51 -17.36
CA PHE A 138 -12.60 21.51 -18.05
C PHE A 138 -12.18 22.97 -18.22
N ALA A 139 -11.31 23.46 -17.32
CA ALA A 139 -10.98 24.89 -17.27
C ALA A 139 -9.64 25.14 -17.96
N PHE A 140 -9.62 26.06 -18.91
CA PHE A 140 -8.35 26.46 -19.52
C PHE A 140 -7.79 27.72 -18.87
N LEU A 141 -6.46 27.73 -18.65
CA LEU A 141 -5.78 28.80 -17.93
C LEU A 141 -4.52 29.22 -18.69
N PRO A 142 -3.96 30.42 -18.41
CA PRO A 142 -2.60 30.75 -18.84
C PRO A 142 -1.67 29.87 -18.02
N MET A 143 -0.49 29.59 -18.57
CA MET A 143 0.40 28.64 -17.91
C MET A 143 0.90 29.13 -16.54
N TRP A 144 0.83 30.45 -16.28
CA TRP A 144 1.30 31.07 -15.03
C TRP A 144 0.14 31.76 -14.33
N TRP A 145 0.17 31.66 -13.00
CA TRP A 145 -0.85 32.29 -12.18
C TRP A 145 -0.82 33.80 -12.43
N GLU A 146 -2.03 34.38 -12.49
CA GLU A 146 -2.20 35.79 -12.80
C GLU A 146 -2.07 36.63 -11.53
N LYS A 147 -2.59 36.12 -10.40
CA LYS A 147 -2.53 36.85 -9.14
C LYS A 147 -1.90 36.01 -8.04
N ASP A 148 -0.93 36.60 -7.34
CA ASP A 148 -0.25 36.00 -6.21
C ASP A 148 -0.59 36.84 -4.99
N LEU A 149 -1.50 36.34 -4.16
CA LEU A 149 -2.15 37.15 -3.15
C LEU A 149 -1.68 36.79 -1.74
N LYS A 150 -0.87 35.73 -1.60
CA LYS A 150 -0.33 35.41 -0.29
C LYS A 150 0.71 34.33 -0.44
N GLY A 151 1.81 34.51 0.29
CA GLY A 151 2.79 33.43 0.45
C GLY A 151 3.86 33.45 -0.63
N LYS A 152 3.92 34.53 -1.43
CA LYS A 152 4.99 34.72 -2.39
C LYS A 152 6.35 34.41 -1.72
N GLY A 153 7.23 33.72 -2.44
CA GLY A 153 8.58 33.43 -1.95
C GLY A 153 8.68 32.11 -1.18
N ARG A 154 7.53 31.48 -0.92
CA ARG A 154 7.50 30.15 -0.31
C ARG A 154 8.16 29.13 -1.23
N THR A 155 9.03 28.29 -0.63
CA THR A 155 9.73 27.23 -1.32
C THR A 155 9.21 25.86 -0.89
N ILE A 156 9.81 24.85 -1.52
CA ILE A 156 9.44 23.48 -1.19
C ILE A 156 10.03 23.12 0.19
N GLU A 157 11.19 23.70 0.54
CA GLU A 157 11.80 23.44 1.83
C GLU A 157 10.93 23.96 2.98
N ASP A 158 9.98 24.87 2.70
CA ASP A 158 9.15 25.42 3.76
C ASP A 158 8.16 24.37 4.26
N GLY A 159 8.01 23.25 3.56
CA GLY A 159 7.19 22.15 4.05
C GLY A 159 6.17 21.67 3.03
N ALA A 160 5.57 20.53 3.41
CA ALA A 160 4.55 19.82 2.63
C ALA A 160 3.21 20.56 2.67
N ASN A 161 2.61 20.72 1.49
CA ASN A 161 1.49 21.61 1.27
C ASN A 161 0.22 20.77 1.03
N TYR A 162 -0.88 21.11 1.73
CA TYR A 162 -2.23 20.64 1.41
C TYR A 162 -2.84 21.64 0.44
N ARG A 163 -2.73 21.33 -0.86
CA ARG A 163 -3.01 22.29 -1.92
C ARG A 163 -4.47 22.17 -2.33
N PHE A 164 -5.30 23.13 -1.88
CA PHE A 164 -6.73 23.10 -2.19
C PHE A 164 -6.99 23.92 -3.46
N ASN A 165 -7.18 23.19 -4.56
CA ASN A 165 -7.48 23.81 -5.84
C ASN A 165 -9.00 23.88 -6.00
N MET A 166 -9.51 25.09 -6.23
CA MET A 166 -10.94 25.28 -6.30
C MET A 166 -11.25 26.22 -7.44
N THR A 167 -12.22 25.82 -8.29
CA THR A 167 -12.71 26.67 -9.37
C THR A 167 -14.15 27.04 -9.08
N ILE A 168 -14.56 28.26 -9.47
CA ILE A 168 -15.90 28.76 -9.22
C ILE A 168 -16.40 29.53 -10.43
N GLY A 169 -17.72 29.44 -10.64
CA GLY A 169 -18.41 30.23 -11.65
C GLY A 169 -19.70 30.78 -11.07
N PHE A 170 -19.91 32.10 -11.22
CA PHE A 170 -21.02 32.77 -10.59
C PHE A 170 -22.31 32.39 -11.31
N PRO A 171 -23.44 32.22 -10.58
CA PRO A 171 -24.68 31.74 -11.17
C PRO A 171 -25.10 32.62 -12.34
N GLU A 172 -26.03 32.10 -13.14
CA GLU A 172 -26.43 32.80 -14.36
C GLU A 172 -27.14 34.11 -13.97
N GLY A 173 -26.85 35.16 -14.75
CA GLY A 173 -27.37 36.50 -14.49
C GLY A 173 -26.72 37.24 -13.31
N VAL A 174 -25.55 36.80 -12.82
CA VAL A 174 -24.77 37.56 -11.84
C VAL A 174 -23.63 38.29 -12.53
N ASP A 175 -23.57 39.61 -12.33
CA ASP A 175 -22.56 40.44 -12.96
C ASP A 175 -21.16 39.93 -12.54
N LYS A 176 -20.29 39.74 -13.53
CA LYS A 176 -18.98 39.11 -13.31
C LYS A 176 -18.06 40.01 -12.51
N ALA A 177 -18.10 41.33 -12.82
CA ALA A 177 -17.30 42.32 -12.14
C ALA A 177 -17.66 42.33 -10.64
N GLU A 178 -18.95 42.15 -10.35
CA GLU A 178 -19.47 42.17 -9.00
C GLU A 178 -19.01 40.92 -8.22
N GLY A 179 -19.02 39.77 -8.91
CA GLY A 179 -18.53 38.52 -8.34
C GLY A 179 -17.03 38.58 -8.04
N GLU A 180 -16.25 39.07 -9.03
CA GLU A 180 -14.84 39.32 -8.84
C GLU A 180 -14.60 40.17 -7.59
N LYS A 181 -15.34 41.28 -7.47
CA LYS A 181 -15.17 42.21 -6.37
C LYS A 181 -15.46 41.51 -5.05
N TRP A 182 -16.52 40.69 -4.99
CA TRP A 182 -16.82 39.91 -3.81
C TRP A 182 -15.66 39.00 -3.44
N LEU A 183 -15.18 38.22 -4.42
CA LEU A 183 -14.15 37.24 -4.20
C LEU A 183 -12.90 37.88 -3.58
N PHE A 184 -12.43 38.99 -4.18
CA PHE A 184 -11.12 39.51 -3.85
C PHE A 184 -11.18 40.47 -2.67
N GLU A 185 -12.36 41.07 -2.44
CA GLU A 185 -12.49 42.07 -1.38
C GLU A 185 -13.10 41.46 -0.12
N LYS A 186 -13.88 40.37 -0.21
CA LYS A 186 -14.49 39.78 0.97
C LYS A 186 -13.87 38.45 1.35
N VAL A 187 -13.68 37.56 0.36
CA VAL A 187 -13.26 36.19 0.62
C VAL A 187 -11.77 36.13 0.90
N VAL A 188 -10.97 36.63 -0.03
CA VAL A 188 -9.52 36.52 0.03
C VAL A 188 -8.99 37.11 1.34
N PRO A 189 -9.44 38.28 1.83
CA PRO A 189 -8.95 38.81 3.12
C PRO A 189 -9.06 37.87 4.31
N ILE A 190 -10.02 36.94 4.27
CA ILE A 190 -10.18 35.96 5.34
C ILE A 190 -9.05 34.93 5.27
N LEU A 191 -8.66 34.61 4.03
CA LEU A 191 -7.54 33.72 3.75
C LEU A 191 -6.25 34.37 4.21
N GLN A 192 -6.12 35.68 3.94
CA GLN A 192 -4.93 36.43 4.29
C GLN A 192 -4.79 36.56 5.81
N ALA A 193 -5.94 36.63 6.51
CA ALA A 193 -5.95 36.78 7.95
C ALA A 193 -5.54 35.48 8.64
N ALA A 194 -5.88 34.33 8.02
CA ALA A 194 -5.66 33.04 8.63
C ALA A 194 -4.19 32.62 8.55
N PRO A 195 -3.47 32.49 9.68
CA PRO A 195 -2.11 31.95 9.66
C PRO A 195 -2.05 30.49 9.16
N GLU A 196 -3.18 29.77 9.21
CA GLU A 196 -3.25 28.38 8.79
C GLU A 196 -3.16 28.24 7.28
N CYS A 197 -3.36 29.36 6.55
CA CYS A 197 -3.35 29.43 5.10
C CYS A 197 -2.02 30.00 4.63
N THR A 198 -1.22 29.17 3.94
CA THR A 198 0.18 29.46 3.63
C THR A 198 0.34 30.10 2.26
N ARG A 199 -0.69 30.05 1.40
CA ARG A 199 -0.57 30.47 0.01
C ARG A 199 -1.95 30.73 -0.60
N VAL A 200 -2.04 31.76 -1.46
CA VAL A 200 -3.24 32.03 -2.23
C VAL A 200 -2.85 32.50 -3.64
N LEU A 201 -3.44 31.82 -4.64
CA LEU A 201 -3.14 32.04 -6.05
C LEU A 201 -4.44 32.01 -6.85
N ALA A 202 -4.51 32.83 -7.92
CA ALA A 202 -5.71 32.89 -8.74
C ALA A 202 -5.39 33.25 -10.19
N SER A 203 -6.07 32.58 -11.11
CA SER A 203 -6.08 32.89 -12.52
C SER A 203 -7.54 33.00 -12.96
N ALA A 204 -7.78 33.85 -13.95
CA ALA A 204 -9.11 33.94 -14.55
C ALA A 204 -9.20 32.92 -15.68
N VAL A 205 -10.32 32.20 -15.70
CA VAL A 205 -10.55 31.14 -16.66
C VAL A 205 -10.66 31.72 -18.07
N LYS A 206 -9.98 31.12 -19.05
CA LYS A 206 -10.19 31.38 -20.46
C LYS A 206 -11.53 30.77 -20.91
N LYS A 207 -12.52 31.67 -21.02
CA LYS A 207 -13.91 31.34 -21.28
C LYS A 207 -14.11 31.28 -22.79
N ASP A 208 -13.30 32.10 -23.48
CA ASP A 208 -13.21 32.19 -24.93
C ASP A 208 -12.77 30.88 -25.60
N ILE A 209 -12.40 29.83 -24.84
CA ILE A 209 -11.81 28.65 -25.44
C ILE A 209 -12.86 27.55 -25.62
N ASN A 210 -13.58 27.21 -24.51
CA ASN A 210 -14.49 26.06 -24.49
C ASN A 210 -15.80 26.38 -23.76
N GLY A 211 -16.10 27.66 -23.54
CA GLY A 211 -17.33 28.07 -22.86
C GLY A 211 -17.51 27.45 -21.47
N CYS A 212 -16.39 27.18 -20.78
CA CYS A 212 -16.44 26.68 -19.42
C CYS A 212 -17.23 27.68 -18.57
N VAL A 213 -18.14 27.18 -17.72
CA VAL A 213 -19.00 28.05 -16.93
C VAL A 213 -18.22 28.72 -15.80
N MET A 214 -17.03 28.19 -15.47
CA MET A 214 -16.25 28.72 -14.36
C MET A 214 -15.59 30.04 -14.76
N ASP A 215 -15.31 30.88 -13.75
CA ASP A 215 -14.77 32.21 -13.94
C ASP A 215 -13.36 32.33 -13.36
N TRP A 216 -13.11 31.66 -12.22
CA TRP A 216 -11.84 31.74 -11.52
C TRP A 216 -11.34 30.34 -11.20
N VAL A 217 -10.03 30.21 -11.10
CA VAL A 217 -9.41 29.06 -10.46
C VAL A 217 -8.48 29.59 -9.38
N LEU A 218 -8.59 29.01 -8.18
CA LEU A 218 -7.74 29.41 -7.08
C LEU A 218 -7.08 28.18 -6.49
N GLU A 219 -5.87 28.38 -5.97
CA GLU A 219 -5.24 27.36 -5.16
C GLU A 219 -4.91 28.03 -3.84
N ILE A 220 -5.28 27.35 -2.76
CA ILE A 220 -5.22 27.89 -1.42
C ILE A 220 -4.55 26.81 -0.57
N TRP A 221 -3.36 27.08 -0.06
CA TRP A 221 -2.61 26.03 0.62
C TRP A 221 -2.85 26.09 2.13
N PHE A 222 -2.84 24.89 2.74
CA PHE A 222 -2.86 24.74 4.17
C PHE A 222 -1.73 23.79 4.55
N GLU A 223 -1.61 23.56 5.86
CA GLU A 223 -0.67 22.57 6.35
C GLU A 223 -1.31 21.18 6.25
N ASN A 224 -2.64 21.11 6.44
CA ASN A 224 -3.37 19.87 6.58
C ASN A 224 -4.88 20.11 6.50
N GLN A 225 -5.63 19.00 6.51
CA GLN A 225 -7.08 18.99 6.46
C GLN A 225 -7.74 19.90 7.51
N SER A 226 -7.21 19.91 8.74
CA SER A 226 -7.81 20.70 9.81
C SER A 226 -7.67 22.19 9.55
N GLY A 227 -6.47 22.60 9.07
CA GLY A 227 -6.25 23.96 8.62
C GLY A 227 -7.25 24.36 7.55
N TRP A 228 -7.44 23.47 6.56
CA TRP A 228 -8.43 23.69 5.52
C TRP A 228 -9.80 23.96 6.14
N TYR A 229 -10.21 23.07 7.06
CA TYR A 229 -11.52 23.14 7.68
C TYR A 229 -11.68 24.45 8.45
N LYS A 230 -10.71 24.72 9.32
CA LYS A 230 -10.76 25.87 10.22
C LYS A 230 -11.03 27.13 9.40
N VAL A 231 -10.38 27.26 8.23
CA VAL A 231 -10.48 28.47 7.44
C VAL A 231 -11.70 28.44 6.51
N MET A 232 -11.85 27.37 5.72
CA MET A 232 -12.80 27.36 4.61
C MET A 232 -14.23 27.08 5.09
N VAL A 233 -14.35 26.62 6.34
CA VAL A 233 -15.65 26.41 6.96
C VAL A 233 -15.88 27.43 8.09
N ASP A 234 -15.02 27.41 9.13
CA ASP A 234 -15.26 28.18 10.35
C ASP A 234 -15.00 29.67 10.11
N ASP A 235 -13.80 30.06 9.66
CA ASP A 235 -13.52 31.48 9.42
C ASP A 235 -14.51 32.08 8.42
N MET A 236 -15.02 31.25 7.50
CA MET A 236 -15.85 31.71 6.39
C MET A 236 -17.31 31.88 6.83
N LYS A 237 -17.67 31.44 8.04
CA LYS A 237 -19.01 31.65 8.54
C LYS A 237 -19.25 33.17 8.70
N ALA A 238 -18.17 33.90 8.97
CA ALA A 238 -18.16 35.35 9.11
C ALA A 238 -18.73 36.05 7.89
N LEU A 239 -18.79 35.38 6.74
CA LEU A 239 -19.17 36.03 5.49
C LEU A 239 -20.66 36.25 5.41
N GLU A 240 -21.02 37.45 4.96
CA GLU A 240 -22.34 37.84 4.51
C GLU A 240 -22.77 36.84 3.44
N LYS A 241 -23.97 36.26 3.58
CA LYS A 241 -24.49 35.36 2.55
C LYS A 241 -24.99 36.17 1.35
N PRO A 242 -24.37 36.10 0.14
CA PRO A 242 -24.79 36.98 -0.94
C PRO A 242 -26.19 36.63 -1.45
N SER A 243 -26.78 37.58 -2.17
CA SER A 243 -28.16 37.48 -2.62
C SER A 243 -28.33 36.36 -3.65
N TRP A 244 -27.25 36.04 -4.39
CA TRP A 244 -27.29 35.04 -5.45
C TRP A 244 -26.93 33.63 -4.94
N ALA A 245 -26.70 33.49 -3.63
CA ALA A 245 -26.19 32.26 -3.03
C ALA A 245 -27.03 31.07 -3.47
N GLN A 246 -26.38 29.96 -3.83
CA GLN A 246 -27.05 28.71 -4.17
C GLN A 246 -27.00 27.71 -3.01
N GLN A 247 -26.34 28.04 -1.90
CA GLN A 247 -26.40 27.25 -0.66
C GLN A 247 -26.13 28.19 0.49
N ASP A 248 -26.38 27.75 1.71
CA ASP A 248 -26.40 28.66 2.86
C ASP A 248 -24.98 29.09 3.21
N ALA A 249 -24.02 28.17 3.07
CA ALA A 249 -22.66 28.38 3.56
C ALA A 249 -21.69 28.60 2.41
N PHE A 250 -20.59 29.31 2.69
CA PHE A 250 -19.48 29.38 1.77
C PHE A 250 -19.14 27.97 1.25
N PRO A 251 -18.97 27.76 -0.08
CA PRO A 251 -18.79 28.83 -1.08
C PRO A 251 -20.01 29.44 -1.79
N PHE A 252 -21.23 29.17 -1.27
CA PHE A 252 -22.45 29.81 -1.72
C PHE A 252 -22.79 29.45 -3.18
N LEU A 253 -22.21 28.36 -3.69
CA LEU A 253 -22.39 27.97 -5.09
C LEU A 253 -22.73 26.48 -5.15
N LYS A 254 -23.44 26.10 -6.22
CA LYS A 254 -23.98 24.77 -6.35
C LYS A 254 -22.85 23.75 -6.52
N PRO A 255 -22.72 22.77 -5.58
CA PRO A 255 -21.67 21.76 -5.68
C PRO A 255 -21.63 21.07 -7.04
N TYR A 256 -20.43 21.00 -7.62
CA TYR A 256 -20.10 20.25 -8.83
C TYR A 256 -20.61 20.95 -10.08
N HIS A 257 -21.42 22.01 -9.91
CA HIS A 257 -22.01 22.75 -11.02
C HIS A 257 -21.38 24.14 -11.16
N ASN A 258 -21.31 24.88 -10.05
CA ASN A 258 -20.72 26.20 -10.02
C ASN A 258 -19.47 26.25 -9.13
N VAL A 259 -19.10 25.11 -8.51
CA VAL A 259 -17.84 25.00 -7.81
C VAL A 259 -17.37 23.55 -7.87
N CYS A 260 -16.10 23.36 -8.24
CA CYS A 260 -15.42 22.09 -8.08
C CYS A 260 -14.07 22.35 -7.40
N SER A 261 -13.52 21.30 -6.81
CA SER A 261 -12.31 21.47 -6.02
C SER A 261 -11.58 20.14 -5.89
N ALA A 262 -10.36 20.22 -5.33
CA ALA A 262 -9.58 19.05 -4.94
C ALA A 262 -8.41 19.50 -4.07
N ALA A 263 -8.08 18.68 -3.08
CA ALA A 263 -6.90 18.91 -2.26
C ALA A 263 -5.85 17.89 -2.73
N VAL A 264 -4.66 18.37 -3.15
CA VAL A 264 -3.65 17.51 -3.75
C VAL A 264 -2.27 17.79 -3.14
N ALA A 265 -1.32 16.90 -3.39
CA ALA A 265 0.03 17.03 -2.84
C ALA A 265 0.88 17.84 -3.80
N ASP A 266 2.07 18.25 -3.33
CA ASP A 266 3.04 18.99 -4.15
C ASP A 266 3.54 18.12 -5.32
N TYR A 267 3.51 16.79 -5.17
CA TYR A 267 4.16 15.85 -6.08
C TYR A 267 3.18 14.78 -6.52
N THR A 268 3.23 14.45 -7.81
CA THR A 268 2.59 13.26 -8.32
C THR A 268 3.61 12.37 -9.00
N PRO A 269 3.49 11.03 -8.84
CA PRO A 269 4.26 10.08 -9.63
C PRO A 269 3.71 9.88 -11.05
N SER A 270 2.49 10.37 -11.30
CA SER A 270 1.83 10.21 -12.58
C SER A 270 2.09 11.46 -13.42
N ASN A 271 3.35 11.66 -13.81
CA ASN A 271 3.72 12.66 -14.82
C ASN A 271 3.86 11.92 -16.15
N ASN A 272 2.74 11.82 -16.88
CA ASN A 272 2.49 10.71 -17.78
C ASN A 272 3.42 10.73 -18.99
N LEU A 273 3.84 11.91 -19.46
CA LEU A 273 4.66 11.94 -20.67
C LEU A 273 6.05 11.37 -20.38
N ALA A 274 6.57 11.59 -19.16
CA ALA A 274 7.90 11.11 -18.75
C ALA A 274 7.85 9.69 -18.19
N ASN A 275 6.80 9.34 -17.45
CA ASN A 275 6.91 8.23 -16.51
C ASN A 275 6.24 6.95 -17.02
N TYR A 276 5.29 7.02 -17.96
CA TYR A 276 4.44 5.87 -18.28
C TYR A 276 5.22 4.77 -19.01
N ARG A 277 5.12 3.51 -18.50
CA ARG A 277 5.81 2.33 -19.04
C ARG A 277 4.84 1.18 -19.31
N GLY A 278 3.55 1.50 -19.50
CA GLY A 278 2.51 0.50 -19.73
C GLY A 278 1.75 0.18 -18.44
N TYR A 279 0.66 -0.58 -18.58
CA TYR A 279 -0.18 -0.97 -17.45
C TYR A 279 0.35 -2.26 -16.83
N ILE A 280 1.46 -2.13 -16.10
CA ILE A 280 2.16 -3.23 -15.45
C ILE A 280 1.42 -3.59 -14.16
N THR A 281 1.14 -4.90 -14.01
CA THR A 281 0.30 -5.39 -12.93
C THR A 281 1.13 -5.95 -11.77
N MET A 282 0.59 -5.78 -10.56
CA MET A 282 1.20 -6.25 -9.33
C MET A 282 1.21 -7.76 -9.37
N ARG A 283 2.15 -8.37 -8.63
CA ARG A 283 2.35 -9.80 -8.67
C ARG A 283 1.75 -10.50 -7.44
N ALA B 2 33.38 -14.62 3.00
CA ALA B 2 33.18 -13.98 1.68
C ALA B 2 31.74 -14.24 1.26
N ASP B 3 31.33 -15.53 1.15
CA ASP B 3 30.20 -15.91 0.30
C ASP B 3 28.89 -15.22 0.67
N PHE B 4 28.12 -14.81 -0.36
CA PHE B 4 26.82 -14.17 -0.19
C PHE B 4 25.76 -15.02 -0.88
N LYS B 5 24.73 -15.41 -0.12
CA LYS B 5 23.77 -16.37 -0.65
C LYS B 5 22.74 -15.71 -1.57
N PHE B 6 22.52 -16.33 -2.73
CA PHE B 6 21.44 -15.97 -3.63
C PHE B 6 20.11 -16.27 -2.96
N GLU B 7 19.38 -15.22 -2.56
CA GLU B 7 18.19 -15.38 -1.75
C GLU B 7 17.07 -14.50 -2.32
N PRO B 8 16.46 -14.89 -3.46
CA PRO B 8 15.43 -14.06 -4.06
C PRO B 8 14.11 -14.11 -3.27
N MET B 9 13.68 -12.89 -2.89
CA MET B 9 12.54 -12.67 -2.02
C MET B 9 11.73 -11.43 -2.42
N ARG B 10 10.47 -11.37 -1.99
CA ARG B 10 9.59 -10.22 -2.11
C ARG B 10 9.24 -9.78 -0.68
N SER B 11 9.52 -8.52 -0.32
CA SER B 11 9.20 -7.96 0.99
C SER B 11 7.90 -7.17 0.84
N LEU B 12 7.13 -7.08 1.93
CA LEU B 12 6.02 -6.15 2.00
C LEU B 12 6.06 -5.40 3.32
N ILE B 13 5.91 -4.07 3.25
CA ILE B 13 5.82 -3.25 4.46
C ILE B 13 4.45 -2.59 4.48
N TYR B 14 3.77 -2.69 5.62
CA TYR B 14 2.41 -2.18 5.74
C TYR B 14 2.47 -0.77 6.32
N VAL B 15 2.41 0.25 5.45
CA VAL B 15 2.58 1.63 5.85
C VAL B 15 1.23 2.26 6.17
N ASP B 16 0.98 2.48 7.46
CA ASP B 16 -0.24 3.11 7.91
C ASP B 16 -0.06 4.63 7.92
N CYS B 17 -1.17 5.35 8.06
CA CYS B 17 -1.21 6.79 8.31
C CYS B 17 -2.37 7.09 9.26
N VAL B 18 -2.04 7.44 10.52
CA VAL B 18 -3.01 7.35 11.61
C VAL B 18 -3.90 8.58 11.68
N SER B 19 -3.74 9.53 10.74
CA SER B 19 -4.48 10.78 10.79
C SER B 19 -4.31 11.52 9.48
N GLU B 20 -5.40 12.11 9.00
CA GLU B 20 -5.36 12.81 7.71
C GLU B 20 -4.48 14.07 7.77
N ASP B 21 -4.27 14.59 8.98
CA ASP B 21 -3.44 15.77 9.11
C ASP B 21 -1.97 15.42 8.86
N TYR B 22 -1.63 14.13 8.98
CA TYR B 22 -0.27 13.64 8.79
C TYR B 22 0.00 13.26 7.34
N ARG B 23 -1.07 13.07 6.54
CA ARG B 23 -0.90 12.47 5.21
C ARG B 23 0.05 13.30 4.35
N PRO B 24 -0.15 14.63 4.20
CA PRO B 24 0.75 15.45 3.37
C PRO B 24 2.23 15.25 3.69
N LYS B 25 2.53 15.18 4.99
CA LYS B 25 3.91 15.17 5.48
C LYS B 25 4.55 13.80 5.31
N LEU B 26 3.77 12.74 5.61
CA LEU B 26 4.25 11.37 5.46
C LEU B 26 4.44 11.06 3.98
N GLN B 27 3.47 11.50 3.16
CA GLN B 27 3.54 11.25 1.73
C GLN B 27 4.78 11.95 1.15
N ARG B 28 5.00 13.20 1.56
CA ARG B 28 6.19 13.95 1.20
C ARG B 28 7.45 13.15 1.55
N TRP B 29 7.57 12.68 2.80
CA TRP B 29 8.77 11.99 3.20
C TRP B 29 9.01 10.80 2.27
N ILE B 30 7.95 10.01 2.06
CA ILE B 30 8.06 8.79 1.27
C ILE B 30 8.59 9.11 -0.12
N TYR B 31 8.01 10.11 -0.79
CA TYR B 31 8.27 10.33 -2.22
C TYR B 31 9.49 11.25 -2.42
N LYS B 32 9.79 12.11 -1.44
CA LYS B 32 10.89 13.06 -1.58
C LYS B 32 12.20 12.53 -1.02
N VAL B 33 12.11 11.69 0.03
CA VAL B 33 13.28 11.30 0.80
C VAL B 33 13.49 9.78 0.76
N ALA B 34 12.45 8.99 1.07
CA ALA B 34 12.63 7.56 1.23
C ALA B 34 13.12 6.93 -0.07
N ILE B 35 12.57 7.40 -1.20
CA ILE B 35 12.91 6.80 -2.48
C ILE B 35 14.40 6.98 -2.78
N PRO B 36 14.94 8.21 -2.89
CA PRO B 36 16.35 8.37 -3.25
C PRO B 36 17.33 7.78 -2.23
N ASP B 37 17.06 7.95 -0.92
CA ASP B 37 17.86 7.32 0.12
C ASP B 37 17.91 5.80 -0.11
N SER B 38 16.76 5.20 -0.47
CA SER B 38 16.61 3.77 -0.68
C SER B 38 17.41 3.31 -1.89
N ILE B 39 17.21 3.95 -3.04
CA ILE B 39 17.84 3.55 -4.29
C ILE B 39 19.35 3.73 -4.20
N SER B 40 19.74 4.78 -3.48
CA SER B 40 21.14 5.03 -3.19
C SER B 40 21.79 3.82 -2.53
N GLN B 41 21.03 3.02 -1.79
CA GLN B 41 21.62 1.94 -1.00
C GLN B 41 21.54 0.58 -1.71
N PHE B 42 20.38 0.25 -2.31
CA PHE B 42 20.11 -1.13 -2.69
C PHE B 42 19.93 -1.31 -4.20
N GLU B 43 20.18 -0.26 -4.99
CA GLU B 43 20.02 -0.33 -6.44
C GLU B 43 20.67 -1.58 -7.03
N PRO B 44 21.91 -1.95 -6.66
CA PRO B 44 22.61 -3.09 -7.25
C PRO B 44 22.10 -4.48 -6.93
N TYR B 45 21.26 -4.63 -5.91
CA TYR B 45 20.78 -5.97 -5.52
C TYR B 45 19.29 -6.00 -5.24
N VAL B 46 18.55 -4.99 -5.68
CA VAL B 46 17.10 -5.02 -5.66
C VAL B 46 16.63 -4.79 -7.11
N THR B 47 15.78 -5.71 -7.60
CA THR B 47 15.33 -5.66 -8.98
C THR B 47 14.03 -4.86 -9.11
N LYS B 48 13.26 -4.66 -8.03
CA LYS B 48 12.03 -3.90 -8.15
C LYS B 48 11.63 -3.30 -6.79
N TYR B 49 11.44 -1.99 -6.80
CA TYR B 49 11.05 -1.22 -5.63
C TYR B 49 9.80 -0.44 -6.02
N ALA B 50 8.70 -0.64 -5.28
CA ALA B 50 7.43 -0.05 -5.68
C ALA B 50 6.54 0.22 -4.47
N PHE B 51 5.63 1.19 -4.65
CA PHE B 51 4.63 1.57 -3.66
C PHE B 51 3.24 1.37 -4.24
N TYR B 52 2.35 0.70 -3.49
CA TYR B 52 0.97 0.51 -3.92
C TYR B 52 0.07 1.29 -2.96
N PRO B 53 -0.37 2.53 -3.31
CA PRO B 53 -1.23 3.33 -2.44
C PRO B 53 -2.49 2.54 -2.12
N SER B 54 -2.88 2.53 -0.84
CA SER B 54 -4.07 1.79 -0.46
C SER B 54 -5.30 2.60 -0.81
N PHE B 55 -6.34 1.91 -1.27
CA PHE B 55 -7.66 2.51 -1.43
C PHE B 55 -8.17 3.03 -0.08
N PRO B 56 -9.17 3.92 -0.07
CA PRO B 56 -9.81 4.38 1.16
C PRO B 56 -10.18 3.23 2.07
N ILE B 57 -9.90 3.41 3.36
CA ILE B 57 -10.19 2.39 4.35
C ILE B 57 -11.67 2.02 4.25
N PRO B 58 -12.03 0.74 4.04
CA PRO B 58 -13.43 0.34 3.96
C PRO B 58 -14.04 0.25 5.36
N PRO B 59 -15.38 0.23 5.50
CA PRO B 59 -16.06 -0.06 6.76
C PRO B 59 -15.49 -1.26 7.52
N GLN B 60 -15.07 -1.02 8.76
CA GLN B 60 -14.54 -2.02 9.67
C GLN B 60 -13.13 -2.46 9.26
N GLY B 61 -12.49 -1.73 8.33
CA GLY B 61 -11.11 -2.02 7.95
C GLY B 61 -10.14 -1.86 9.12
N ASP B 62 -10.44 -0.91 10.03
CA ASP B 62 -9.68 -0.67 11.26
C ASP B 62 -9.39 -1.98 12.00
N ARG B 63 -10.33 -2.96 11.92
CA ARG B 63 -10.23 -4.22 12.64
C ARG B 63 -9.27 -5.21 11.95
N PHE B 64 -8.82 -4.87 10.72
CA PHE B 64 -7.90 -5.70 9.94
C PHE B 64 -6.53 -5.03 9.85
N GLY B 65 -6.26 -4.06 10.72
CA GLY B 65 -4.99 -3.35 10.70
C GLY B 65 -4.71 -2.68 9.37
N TYR B 66 -5.72 -1.99 8.85
CA TYR B 66 -5.68 -1.49 7.49
C TYR B 66 -4.65 -0.36 7.40
N ALA B 67 -3.65 -0.57 6.54
CA ALA B 67 -2.64 0.44 6.28
C ALA B 67 -3.21 1.54 5.39
N ARG B 68 -3.43 2.71 5.99
CA ARG B 68 -4.12 3.81 5.33
C ARG B 68 -3.19 4.62 4.41
N MET B 69 -1.93 4.17 4.20
CA MET B 69 -1.09 4.93 3.30
C MET B 69 -0.76 4.08 2.07
N GLN B 70 0.00 2.98 2.25
CA GLN B 70 0.41 2.16 1.12
C GLN B 70 0.97 0.82 1.59
N LEU B 71 1.26 -0.04 0.59
CA LEU B 71 2.18 -1.16 0.73
C LEU B 71 3.50 -0.77 0.12
N THR B 72 4.61 -1.22 0.73
CA THR B 72 5.92 -0.98 0.18
C THR B 72 6.59 -2.33 -0.14
N GLU B 73 6.91 -2.49 -1.44
CA GLU B 73 7.22 -3.77 -2.05
C GLU B 73 8.61 -3.73 -2.66
N HIS B 74 9.52 -4.50 -2.07
CA HIS B 74 10.86 -4.70 -2.61
C HIS B 74 11.02 -6.12 -3.15
N HIS B 75 11.80 -6.27 -4.23
CA HIS B 75 12.26 -7.59 -4.68
C HIS B 75 13.77 -7.68 -4.54
N TRP B 76 14.22 -8.56 -3.64
CA TRP B 76 15.61 -8.66 -3.20
C TRP B 76 16.29 -9.83 -3.92
N LEU B 77 17.59 -9.70 -4.21
CA LEU B 77 18.42 -10.82 -4.64
C LEU B 77 19.21 -11.41 -3.47
N VAL B 78 19.34 -10.66 -2.34
CA VAL B 78 20.01 -11.16 -1.14
C VAL B 78 19.26 -10.72 0.12
N SER B 79 19.51 -11.42 1.24
CA SER B 79 18.88 -11.11 2.52
C SER B 79 19.37 -9.74 3.01
N ASP B 80 18.48 -8.77 3.13
CA ASP B 80 18.83 -7.43 3.62
C ASP B 80 19.22 -7.49 5.11
N LEU B 81 18.92 -8.63 5.78
CA LEU B 81 19.24 -8.81 7.19
C LEU B 81 20.58 -9.53 7.40
N ASP B 82 21.29 -9.88 6.31
CA ASP B 82 22.67 -10.31 6.44
C ASP B 82 23.40 -9.18 7.20
N PRO B 83 24.09 -9.50 8.32
CA PRO B 83 24.78 -8.48 9.14
C PRO B 83 25.76 -7.59 8.39
N ARG B 84 26.34 -8.11 7.30
CA ARG B 84 27.35 -7.38 6.54
C ARG B 84 26.73 -6.21 5.78
N LEU B 85 25.39 -6.27 5.62
CA LEU B 85 24.64 -5.26 4.87
C LEU B 85 24.26 -4.10 5.78
N GLU B 86 24.54 -4.19 7.09
CA GLU B 86 24.31 -3.09 8.00
C GLU B 86 25.22 -1.90 7.71
N ILE B 87 26.34 -2.11 7.01
CA ILE B 87 27.27 -1.01 6.77
C ILE B 87 26.92 -0.29 5.46
N LYS B 88 26.71 1.02 5.56
CA LYS B 88 26.34 1.88 4.45
C LYS B 88 27.20 3.13 4.50
N ALA B 89 27.77 3.54 3.38
CA ALA B 89 28.49 4.80 3.38
C ALA B 89 27.58 5.95 3.84
N ILE B 90 26.52 6.16 3.06
CA ILE B 90 25.47 7.12 3.40
C ILE B 90 24.32 6.32 4.01
N ALA B 91 23.85 6.85 5.17
CA ALA B 91 22.68 6.34 5.84
C ALA B 91 21.44 7.17 5.44
N GLU B 92 20.28 6.56 5.73
CA GLU B 92 18.95 7.04 5.38
C GLU B 92 18.52 8.14 6.34
N THR B 93 17.66 9.05 5.87
CA THR B 93 17.02 10.04 6.74
C THR B 93 15.65 9.48 7.13
N PHE B 94 15.47 9.22 8.44
CA PHE B 94 14.28 8.56 8.97
C PHE B 94 13.89 9.23 10.29
N PRO B 95 13.20 10.39 10.28
CA PRO B 95 12.82 11.09 11.50
C PRO B 95 11.89 10.31 12.42
N MET B 96 11.98 10.61 13.72
CA MET B 96 11.02 10.16 14.72
C MET B 96 9.60 10.31 14.17
N ASP B 97 9.36 11.46 13.51
CA ASP B 97 8.02 11.86 13.12
C ASP B 97 7.38 10.82 12.21
N VAL B 98 8.16 10.14 11.38
CA VAL B 98 7.62 9.14 10.47
C VAL B 98 6.95 8.04 11.27
N LEU B 99 7.53 7.71 12.43
CA LEU B 99 6.99 6.67 13.29
C LEU B 99 5.69 7.12 13.95
N VAL B 100 5.58 8.43 14.22
CA VAL B 100 4.36 8.99 14.78
C VAL B 100 3.24 8.86 13.75
N TRP B 101 3.59 9.23 12.51
CA TRP B 101 2.65 9.32 11.40
C TRP B 101 2.12 7.94 11.07
N GLN B 102 3.01 6.92 11.12
CA GLN B 102 2.65 5.56 10.73
C GLN B 102 1.95 4.85 11.90
N GLY B 103 2.20 5.33 13.13
CA GLY B 103 1.49 4.87 14.31
C GLY B 103 2.32 3.92 15.17
N GLN B 104 3.59 3.74 14.79
CA GLN B 104 4.58 3.07 15.62
C GLN B 104 4.69 3.72 17.00
N ILE B 105 4.50 5.07 17.08
CA ILE B 105 4.44 5.76 18.36
C ILE B 105 3.20 6.65 18.38
N PRO B 106 2.61 6.98 19.56
CA PRO B 106 1.72 8.16 19.70
C PRO B 106 2.42 9.47 20.12
N ALA B 107 1.68 10.59 20.20
CA ALA B 107 2.35 11.86 20.54
C ALA B 107 2.40 12.15 22.07
N ALA B 131 -4.25 5.92 22.15
CA ALA B 131 -2.78 5.84 22.20
C ALA B 131 -2.41 4.36 22.06
N GLU B 132 -1.34 3.91 22.74
CA GLU B 132 -0.58 2.71 22.50
C GLU B 132 -0.10 2.61 21.03
N GLY B 133 1.18 2.30 20.83
CA GLY B 133 1.77 2.22 19.52
C GLY B 133 1.78 0.82 18.88
N ASN B 134 2.18 0.80 17.61
CA ASN B 134 1.93 -0.33 16.74
C ASN B 134 3.24 -0.82 16.12
N PRO B 135 3.47 -2.12 15.97
CA PRO B 135 4.77 -2.61 15.52
C PRO B 135 4.93 -2.27 14.05
N PHE B 136 6.18 -2.28 13.58
CA PHE B 136 6.51 -2.08 12.18
C PHE B 136 6.55 -3.43 11.45
N ILE B 137 5.53 -3.71 10.61
CA ILE B 137 5.43 -5.02 10.01
C ILE B 137 6.11 -5.05 8.64
N PHE B 138 7.18 -5.85 8.57
CA PHE B 138 8.03 -6.01 7.39
C PHE B 138 8.15 -7.51 7.09
N ALA B 139 7.34 -8.02 6.17
CA ALA B 139 7.26 -9.47 5.94
C ALA B 139 8.09 -9.87 4.72
N PHE B 140 8.99 -10.84 4.89
CA PHE B 140 9.70 -11.38 3.73
C PHE B 140 9.03 -12.63 3.16
N LEU B 141 8.98 -12.76 1.83
CA LEU B 141 8.27 -13.83 1.13
C LEU B 141 9.14 -14.39 0.02
N PRO B 142 8.87 -15.61 -0.50
CA PRO B 142 9.43 -16.05 -1.77
C PRO B 142 8.79 -15.18 -2.85
N MET B 143 9.51 -15.00 -3.97
CA MET B 143 9.04 -14.10 -5.01
C MET B 143 7.71 -14.54 -5.64
N TRP B 144 7.37 -15.85 -5.53
CA TRP B 144 6.15 -16.42 -6.11
C TRP B 144 5.27 -17.00 -5.00
N TRP B 145 3.96 -16.83 -5.21
CA TRP B 145 2.98 -17.32 -4.25
C TRP B 145 3.13 -18.84 -4.15
N GLU B 146 3.00 -19.33 -2.90
CA GLU B 146 3.19 -20.73 -2.60
C GLU B 146 1.90 -21.50 -2.84
N LYS B 147 0.75 -20.91 -2.50
CA LYS B 147 -0.53 -21.58 -2.65
C LYS B 147 -1.48 -20.72 -3.49
N ASP B 148 -2.08 -21.37 -4.50
CA ASP B 148 -3.08 -20.74 -5.34
C ASP B 148 -4.39 -21.48 -5.10
N LEU B 149 -5.28 -20.88 -4.33
CA LEU B 149 -6.41 -21.56 -3.75
C LEU B 149 -7.73 -21.17 -4.43
N LYS B 150 -7.69 -20.18 -5.33
CA LYS B 150 -8.89 -19.83 -6.07
C LYS B 150 -8.55 -18.84 -7.15
N GLY B 151 -9.15 -19.06 -8.32
CA GLY B 151 -9.13 -18.08 -9.38
C GLY B 151 -7.93 -18.23 -10.31
N LYS B 152 -7.21 -19.35 -10.18
CA LYS B 152 -6.14 -19.68 -11.10
C LYS B 152 -6.53 -19.38 -12.55
N GLY B 153 -5.60 -18.80 -13.31
CA GLY B 153 -5.80 -18.55 -14.73
C GLY B 153 -6.42 -17.19 -15.02
N ARG B 154 -6.82 -16.46 -13.98
CA ARG B 154 -7.42 -15.14 -14.16
C ARG B 154 -6.39 -14.18 -14.75
N THR B 155 -6.84 -13.41 -15.76
CA THR B 155 -6.01 -12.41 -16.43
C THR B 155 -6.45 -10.98 -16.08
N ILE B 156 -5.70 -10.04 -16.64
CA ILE B 156 -6.03 -8.64 -16.42
C ILE B 156 -7.29 -8.29 -17.19
N GLU B 157 -7.49 -8.93 -18.36
CA GLU B 157 -8.68 -8.67 -19.17
C GLU B 157 -9.95 -9.11 -18.46
N ASP B 158 -9.85 -9.96 -17.44
CA ASP B 158 -11.05 -10.42 -16.73
C ASP B 158 -11.66 -9.29 -15.91
N GLY B 159 -10.94 -8.18 -15.73
CA GLY B 159 -11.50 -7.01 -15.06
C GLY B 159 -10.62 -6.51 -13.91
N ALA B 160 -11.02 -5.31 -13.43
CA ALA B 160 -10.35 -4.58 -12.38
C ALA B 160 -10.58 -5.20 -11.00
N ASN B 161 -9.50 -5.37 -10.24
CA ASN B 161 -9.45 -6.17 -9.04
C ASN B 161 -9.31 -5.26 -7.82
N TYR B 162 -10.14 -5.46 -6.78
CA TYR B 162 -9.96 -4.90 -5.44
C TYR B 162 -9.13 -5.91 -4.65
N ARG B 163 -7.81 -5.67 -4.61
CA ARG B 163 -6.86 -6.66 -4.14
C ARG B 163 -6.61 -6.45 -2.65
N PHE B 164 -7.21 -7.30 -1.82
CA PHE B 164 -7.07 -7.19 -0.37
C PHE B 164 -5.90 -8.05 0.11
N ASN B 165 -4.78 -7.37 0.39
CA ASN B 165 -3.58 -8.03 0.87
C ASN B 165 -3.61 -7.99 2.40
N MET B 166 -3.50 -9.15 3.02
CA MET B 166 -3.64 -9.24 4.47
C MET B 166 -2.62 -10.22 4.99
N THR B 167 -1.87 -9.80 6.03
CA THR B 167 -0.92 -10.66 6.72
C THR B 167 -1.42 -10.90 8.14
N ILE B 168 -1.15 -12.10 8.68
CA ILE B 168 -1.61 -12.46 10.01
C ILE B 168 -0.52 -13.27 10.72
N GLY B 169 -0.47 -13.10 12.05
CA GLY B 169 0.41 -13.87 12.91
C GLY B 169 -0.29 -14.27 14.19
N PHE B 170 -0.20 -15.56 14.53
CA PHE B 170 -1.03 -16.12 15.59
C PHE B 170 -0.48 -15.67 16.94
N PRO B 171 -1.35 -15.39 17.92
CA PRO B 171 -0.93 -14.84 19.21
C PRO B 171 0.11 -15.71 19.87
N GLU B 172 0.79 -15.16 20.88
CA GLU B 172 1.84 -15.88 21.54
C GLU B 172 1.27 -17.11 22.25
N GLY B 173 2.04 -18.21 22.19
CA GLY B 173 1.65 -19.48 22.77
C GLY B 173 0.57 -20.23 21.97
N VAL B 174 0.29 -19.87 20.71
CA VAL B 174 -0.60 -20.63 19.85
C VAL B 174 0.25 -21.43 18.86
N ASP B 175 0.01 -22.76 18.84
CA ASP B 175 0.77 -23.65 17.99
C ASP B 175 0.55 -23.24 16.54
N LYS B 176 1.64 -23.14 15.77
CA LYS B 176 1.60 -22.59 14.41
C LYS B 176 0.88 -23.55 13.46
N ALA B 177 1.13 -24.85 13.63
CA ALA B 177 0.50 -25.88 12.84
C ALA B 177 -1.02 -25.82 13.03
N GLU B 178 -1.45 -25.53 14.24
CA GLU B 178 -2.87 -25.46 14.59
C GLU B 178 -3.52 -24.21 13.97
N GLY B 179 -2.79 -23.11 13.96
CA GLY B 179 -3.24 -21.90 13.31
C GLY B 179 -3.35 -22.06 11.78
N GLU B 180 -2.32 -22.65 11.17
CA GLU B 180 -2.35 -23.04 9.77
C GLU B 180 -3.61 -23.86 9.46
N LYS B 181 -3.88 -24.89 10.28
CA LYS B 181 -5.02 -25.78 10.10
C LYS B 181 -6.31 -24.97 10.15
N TRP B 182 -6.44 -24.05 11.11
CA TRP B 182 -7.61 -23.19 11.19
C TRP B 182 -7.78 -22.39 9.89
N LEU B 183 -6.70 -21.72 9.48
CA LEU B 183 -6.74 -20.83 8.34
C LEU B 183 -7.25 -21.56 7.09
N PHE B 184 -6.67 -22.73 6.80
CA PHE B 184 -6.87 -23.38 5.52
C PHE B 184 -8.11 -24.27 5.53
N GLU B 185 -8.51 -24.73 6.72
CA GLU B 185 -9.64 -25.64 6.81
C GLU B 185 -10.94 -24.89 7.16
N LYS B 186 -10.86 -23.73 7.84
CA LYS B 186 -12.06 -23.01 8.23
C LYS B 186 -12.27 -21.73 7.44
N VAL B 187 -11.21 -20.93 7.31
CA VAL B 187 -11.31 -19.59 6.75
C VAL B 187 -11.41 -19.66 5.22
N VAL B 188 -10.41 -20.29 4.60
CA VAL B 188 -10.29 -20.31 3.15
C VAL B 188 -11.57 -20.83 2.50
N PRO B 189 -12.19 -21.94 2.98
CA PRO B 189 -13.44 -22.43 2.38
C PRO B 189 -14.57 -21.40 2.26
N ILE B 190 -14.58 -20.39 3.15
CA ILE B 190 -15.59 -19.35 3.09
C ILE B 190 -15.34 -18.43 1.91
N LEU B 191 -14.04 -18.21 1.66
CA LEU B 191 -13.57 -17.43 0.52
C LEU B 191 -13.91 -18.17 -0.78
N GLN B 192 -13.71 -19.49 -0.77
CA GLN B 192 -13.97 -20.31 -1.94
C GLN B 192 -15.47 -20.37 -2.24
N ALA B 193 -16.30 -20.32 -1.18
CA ALA B 193 -17.75 -20.39 -1.32
C ALA B 193 -18.30 -19.10 -1.90
N ALA B 194 -17.67 -17.96 -1.60
CA ALA B 194 -18.18 -16.66 -1.99
C ALA B 194 -17.92 -16.38 -3.46
N PRO B 195 -18.95 -16.29 -4.34
CA PRO B 195 -18.72 -15.87 -5.73
C PRO B 195 -18.16 -14.45 -5.85
N GLU B 196 -18.32 -13.62 -4.80
CA GLU B 196 -17.86 -12.23 -4.79
C GLU B 196 -16.34 -12.15 -4.71
N CYS B 197 -15.71 -13.27 -4.30
CA CYS B 197 -14.26 -13.39 -4.17
C CYS B 197 -13.66 -14.09 -5.40
N THR B 198 -12.85 -13.34 -6.17
CA THR B 198 -12.38 -13.76 -7.48
C THR B 198 -11.03 -14.49 -7.42
N ARG B 199 -10.31 -14.38 -6.29
CA ARG B 199 -8.95 -14.88 -6.20
C ARG B 199 -8.51 -15.06 -4.75
N VAL B 200 -7.74 -16.13 -4.49
CA VAL B 200 -7.14 -16.35 -3.17
C VAL B 200 -5.73 -16.91 -3.34
N LEU B 201 -4.77 -16.24 -2.69
CA LEU B 201 -3.36 -16.55 -2.78
C LEU B 201 -2.73 -16.48 -1.40
N ALA B 202 -1.73 -17.35 -1.13
CA ALA B 202 -1.08 -17.36 0.17
C ALA B 202 0.37 -17.83 0.05
N SER B 203 1.24 -17.14 0.81
CA SER B 203 2.62 -17.53 1.01
C SER B 203 2.87 -17.54 2.51
N ALA B 204 3.77 -18.42 2.95
CA ALA B 204 4.20 -18.42 4.35
C ALA B 204 5.35 -17.45 4.49
N VAL B 205 5.29 -16.65 5.55
CA VAL B 205 6.28 -15.63 5.84
C VAL B 205 7.61 -16.31 6.19
N LYS B 206 8.71 -15.83 5.61
CA LYS B 206 10.06 -16.20 6.00
C LYS B 206 10.38 -15.51 7.33
N LYS B 207 10.29 -16.35 8.38
CA LYS B 207 10.42 -15.91 9.77
C LYS B 207 11.89 -15.93 10.16
N ASP B 208 12.62 -16.84 9.50
CA ASP B 208 14.06 -17.03 9.61
C ASP B 208 14.86 -15.80 9.15
N ILE B 209 14.22 -14.74 8.62
CA ILE B 209 14.96 -13.63 8.02
C ILE B 209 15.06 -12.47 9.02
N ASN B 210 13.91 -12.01 9.55
CA ASN B 210 13.86 -10.80 10.37
C ASN B 210 12.96 -10.96 11.60
N GLY B 211 12.61 -12.21 11.96
CA GLY B 211 11.76 -12.49 13.11
C GLY B 211 10.42 -11.75 13.08
N CYS B 212 9.89 -11.51 11.87
CA CYS B 212 8.59 -10.89 11.73
C CYS B 212 7.58 -11.76 12.47
N VAL B 213 6.65 -11.16 13.22
CA VAL B 213 5.70 -11.90 14.03
C VAL B 213 4.63 -12.56 13.15
N MET B 214 4.49 -12.13 11.90
CA MET B 214 3.45 -12.66 11.03
C MET B 214 3.85 -14.04 10.51
N ASP B 215 2.84 -14.84 10.17
CA ASP B 215 3.02 -16.21 9.75
C ASP B 215 2.63 -16.43 8.29
N TRP B 216 1.56 -15.73 7.86
CA TRP B 216 1.02 -15.87 6.50
C TRP B 216 0.84 -14.51 5.88
N VAL B 217 0.91 -14.47 4.55
CA VAL B 217 0.41 -13.35 3.78
C VAL B 217 -0.59 -13.89 2.76
N LEU B 218 -1.74 -13.24 2.67
CA LEU B 218 -2.76 -13.64 1.71
C LEU B 218 -3.16 -12.43 0.88
N GLU B 219 -3.55 -12.70 -0.36
CA GLU B 219 -4.21 -11.70 -1.16
C GLU B 219 -5.52 -12.32 -1.61
N ILE B 220 -6.59 -11.54 -1.43
CA ILE B 220 -7.95 -12.01 -1.61
C ILE B 220 -8.65 -10.95 -2.46
N TRP B 221 -9.03 -11.30 -3.69
CA TRP B 221 -9.56 -10.28 -4.59
C TRP B 221 -11.08 -10.25 -4.55
N PHE B 222 -11.61 -9.03 -4.72
CA PHE B 222 -13.03 -8.81 -4.90
C PHE B 222 -13.21 -7.92 -6.12
N GLU B 223 -14.47 -7.61 -6.41
CA GLU B 223 -14.78 -6.67 -7.47
C GLU B 223 -14.65 -5.24 -6.93
N ASN B 224 -14.99 -5.06 -5.64
CA ASN B 224 -15.14 -3.74 -5.02
C ASN B 224 -15.26 -3.88 -3.51
N GLN B 225 -15.29 -2.72 -2.84
CA GLN B 225 -15.41 -2.61 -1.39
C GLN B 225 -16.61 -3.39 -0.83
N SER B 226 -17.77 -3.37 -1.50
CA SER B 226 -18.95 -4.05 -1.01
C SER B 226 -18.76 -5.57 -1.02
N GLY B 227 -18.17 -6.08 -2.10
CA GLY B 227 -17.78 -7.48 -2.19
C GLY B 227 -16.88 -7.86 -1.02
N TRP B 228 -15.86 -7.02 -0.77
CA TRP B 228 -14.96 -7.23 0.35
C TRP B 228 -15.77 -7.36 1.65
N TYR B 229 -16.68 -6.41 1.88
CA TYR B 229 -17.46 -6.33 3.11
C TYR B 229 -18.32 -7.58 3.25
N LYS B 230 -19.07 -7.89 2.19
CA LYS B 230 -20.03 -8.99 2.21
C LYS B 230 -19.33 -10.26 2.67
N VAL B 231 -18.10 -10.49 2.19
CA VAL B 231 -17.40 -11.73 2.48
C VAL B 231 -16.63 -11.65 3.80
N MET B 232 -15.80 -10.61 3.98
CA MET B 232 -14.83 -10.58 5.06
C MET B 232 -15.47 -10.18 6.40
N VAL B 233 -16.70 -9.65 6.32
CA VAL B 233 -17.44 -9.29 7.51
C VAL B 233 -18.65 -10.23 7.68
N ASP B 234 -19.57 -10.22 6.69
CA ASP B 234 -20.86 -10.92 6.82
C ASP B 234 -20.67 -12.43 6.69
N ASP B 235 -20.10 -12.94 5.59
CA ASP B 235 -19.91 -14.39 5.44
C ASP B 235 -19.09 -14.96 6.60
N MET B 236 -18.19 -14.14 7.17
CA MET B 236 -17.23 -14.60 8.16
C MET B 236 -17.84 -14.65 9.55
N LYS B 237 -19.06 -14.11 9.72
CA LYS B 237 -19.75 -14.22 11.00
C LYS B 237 -20.02 -15.68 11.32
N ALA B 238 -20.19 -16.48 10.26
CA ALA B 238 -20.41 -17.92 10.33
C ALA B 238 -19.32 -18.64 11.12
N LEU B 239 -18.14 -18.02 11.28
CA LEU B 239 -17.00 -18.71 11.86
C LEU B 239 -17.14 -18.82 13.37
N GLU B 240 -16.77 -20.02 13.83
CA GLU B 240 -16.55 -20.34 15.24
C GLU B 240 -15.49 -19.37 15.75
N LYS B 241 -15.74 -18.67 16.86
CA LYS B 241 -14.75 -17.78 17.45
C LYS B 241 -13.66 -18.58 18.16
N PRO B 242 -12.39 -18.63 17.70
CA PRO B 242 -11.41 -19.51 18.33
C PRO B 242 -11.06 -19.09 19.75
N SER B 243 -10.50 -20.03 20.51
CA SER B 243 -10.23 -19.84 21.93
C SER B 243 -9.15 -18.78 22.13
N TRP B 244 -8.26 -18.58 21.15
CA TRP B 244 -7.15 -17.64 21.25
C TRP B 244 -7.52 -16.23 20.73
N ALA B 245 -8.78 -16.06 20.30
CA ALA B 245 -9.22 -14.85 19.63
C ALA B 245 -8.84 -13.62 20.43
N GLN B 246 -8.35 -12.58 19.76
CA GLN B 246 -8.00 -11.30 20.38
C GLN B 246 -9.08 -10.24 20.10
N GLN B 247 -10.12 -10.56 19.32
CA GLN B 247 -11.30 -9.70 19.16
C GLN B 247 -12.48 -10.60 18.81
N ASP B 248 -13.70 -10.06 18.87
CA ASP B 248 -14.88 -10.92 18.80
C ASP B 248 -15.07 -11.46 17.38
N ALA B 249 -14.76 -10.64 16.38
CA ALA B 249 -15.09 -10.94 14.99
C ALA B 249 -13.82 -11.29 14.20
N PHE B 250 -14.00 -12.07 13.13
CA PHE B 250 -12.95 -12.28 12.15
C PHE B 250 -12.32 -10.94 11.78
N PRO B 251 -10.96 -10.79 11.76
CA PRO B 251 -10.02 -11.92 11.82
C PRO B 251 -9.51 -12.47 13.16
N PHE B 252 -10.16 -12.07 14.27
CA PHE B 252 -9.91 -12.64 15.59
C PHE B 252 -8.48 -12.34 16.10
N LEU B 253 -7.83 -11.33 15.52
CA LEU B 253 -6.45 -10.99 15.83
C LEU B 253 -6.33 -9.49 16.07
N LYS B 254 -5.34 -9.11 16.87
CA LYS B 254 -5.22 -7.74 17.34
C LYS B 254 -4.86 -6.82 16.18
N PRO B 255 -5.71 -5.81 15.86
CA PRO B 255 -5.43 -4.90 14.75
C PRO B 255 -4.04 -4.28 14.84
N TYR B 256 -3.30 -4.34 13.72
CA TYR B 256 -2.02 -3.66 13.52
C TYR B 256 -0.88 -4.38 14.23
N HIS B 257 -1.21 -5.37 15.08
CA HIS B 257 -0.24 -6.11 15.87
C HIS B 257 -0.09 -7.56 15.36
N ASN B 258 -1.23 -8.24 15.20
CA ASN B 258 -1.25 -9.60 14.70
C ASN B 258 -1.98 -9.70 13.35
N VAL B 259 -2.49 -8.57 12.84
CA VAL B 259 -3.02 -8.52 11.48
C VAL B 259 -2.82 -7.13 10.91
N CYS B 260 -2.28 -7.05 9.68
CA CYS B 260 -2.27 -5.83 8.90
C CYS B 260 -2.77 -6.15 7.50
N SER B 261 -3.23 -5.12 6.80
CA SER B 261 -3.88 -5.33 5.52
C SER B 261 -3.81 -4.06 4.69
N ALA B 262 -4.21 -4.21 3.42
CA ALA B 262 -4.44 -3.10 2.51
C ALA B 262 -5.17 -3.58 1.27
N ALA B 263 -6.07 -2.73 0.76
CA ALA B 263 -6.75 -3.01 -0.50
C ALA B 263 -6.12 -2.11 -1.54
N VAL B 264 -5.59 -2.69 -2.64
CA VAL B 264 -4.82 -1.95 -3.63
C VAL B 264 -5.27 -2.32 -5.03
N ALA B 265 -4.86 -1.51 -6.00
CA ALA B 265 -5.23 -1.70 -7.39
C ALA B 265 -4.23 -2.63 -8.05
N ASP B 266 -4.58 -3.09 -9.27
CA ASP B 266 -3.71 -3.95 -10.07
C ASP B 266 -2.43 -3.20 -10.49
N TYR B 267 -2.46 -1.85 -10.55
CA TYR B 267 -1.39 -1.05 -11.13
C TYR B 267 -1.00 0.06 -10.18
N THR B 268 0.32 0.31 -10.08
CA THR B 268 0.82 1.51 -9.46
C THR B 268 1.70 2.27 -10.45
N PRO B 269 1.61 3.63 -10.44
CA PRO B 269 2.56 4.47 -11.19
C PRO B 269 3.91 4.62 -10.47
N SER B 270 3.97 4.22 -9.19
CA SER B 270 5.17 4.36 -8.38
C SER B 270 5.95 3.06 -8.42
N ASN B 271 6.51 2.76 -9.61
CA ASN B 271 7.47 1.67 -9.77
C ASN B 271 8.86 2.32 -9.79
N ASN B 272 9.45 2.45 -8.59
CA ASN B 272 10.38 3.53 -8.29
C ASN B 272 11.71 3.37 -9.05
N LEU B 273 12.13 2.12 -9.33
CA LEU B 273 13.42 1.92 -9.98
C LEU B 273 13.34 2.41 -11.43
N ALA B 274 12.20 2.23 -12.10
CA ALA B 274 11.99 2.66 -13.48
C ALA B 274 11.56 4.12 -13.59
N ASN B 275 10.71 4.60 -12.68
CA ASN B 275 9.87 5.76 -12.97
C ASN B 275 10.38 7.04 -12.32
N TYR B 276 11.20 6.98 -11.25
CA TYR B 276 11.53 8.15 -10.46
C TYR B 276 12.42 9.13 -11.23
N ARG B 277 12.01 10.43 -11.29
CA ARG B 277 12.70 11.51 -12.00
C ARG B 277 12.86 12.73 -11.07
N GLY B 278 12.85 12.50 -9.75
CA GLY B 278 13.03 13.56 -8.77
C GLY B 278 11.69 14.01 -8.20
N TYR B 279 11.76 14.85 -7.14
CA TYR B 279 10.59 15.38 -6.46
C TYR B 279 10.16 16.68 -7.14
N ILE B 280 9.53 16.51 -8.31
CA ILE B 280 9.03 17.61 -9.13
C ILE B 280 7.71 18.10 -8.54
N THR B 281 7.62 19.43 -8.34
CA THR B 281 6.49 20.06 -7.67
C THR B 281 5.49 20.63 -8.68
N MET B 282 4.22 20.57 -8.29
CA MET B 282 3.12 21.07 -9.11
C MET B 282 3.27 22.59 -9.21
N ARG B 283 2.71 23.16 -10.28
CA ARG B 283 2.88 24.56 -10.58
C ARG B 283 1.65 25.39 -10.21
N ALA C 2 -53.06 -51.91 4.30
CA ALA C 2 -53.16 -50.94 3.19
C ALA C 2 -51.91 -50.06 3.25
N ASP C 3 -51.67 -49.35 4.38
CA ASP C 3 -50.84 -48.14 4.36
C ASP C 3 -49.41 -48.39 3.87
N PHE C 4 -48.90 -47.42 3.08
CA PHE C 4 -47.55 -47.47 2.55
C PHE C 4 -46.76 -46.26 3.06
N LYS C 5 -45.64 -46.50 3.71
CA LYS C 5 -44.91 -45.43 4.35
C LYS C 5 -44.09 -44.61 3.35
N PHE C 6 -44.22 -43.26 3.48
CA PHE C 6 -43.40 -42.33 2.73
C PHE C 6 -41.96 -42.43 3.22
N GLU C 7 -41.09 -42.99 2.39
CA GLU C 7 -39.73 -43.33 2.81
C GLU C 7 -38.76 -42.86 1.72
N PRO C 8 -38.49 -41.55 1.61
CA PRO C 8 -37.61 -41.05 0.56
C PRO C 8 -36.15 -41.38 0.86
N MET C 9 -35.55 -42.06 -0.13
CA MET C 9 -34.21 -42.59 -0.06
C MET C 9 -33.46 -42.49 -1.39
N ARG C 10 -32.12 -42.54 -1.34
CA ARG C 10 -31.24 -42.63 -2.49
C ARG C 10 -30.49 -43.97 -2.36
N SER C 11 -30.60 -44.84 -3.39
CA SER C 11 -29.92 -46.12 -3.43
C SER C 11 -28.66 -45.94 -4.27
N LEU C 12 -27.62 -46.74 -3.98
CA LEU C 12 -26.47 -46.86 -4.87
C LEU C 12 -26.13 -48.32 -5.04
N ILE C 13 -25.92 -48.74 -6.29
CA ILE C 13 -25.46 -50.09 -6.58
C ILE C 13 -24.09 -49.99 -7.24
N TYR C 14 -23.13 -50.77 -6.74
CA TYR C 14 -21.77 -50.71 -7.22
C TYR C 14 -21.58 -51.78 -8.30
N VAL C 15 -21.69 -51.36 -9.57
CA VAL C 15 -21.68 -52.31 -10.68
C VAL C 15 -20.25 -52.47 -11.21
N ASP C 16 -19.66 -53.62 -10.94
CA ASP C 16 -18.32 -53.93 -11.40
C ASP C 16 -18.39 -54.58 -12.78
N CYS C 17 -17.24 -54.69 -13.45
CA CYS C 17 -17.07 -55.48 -14.66
C CYS C 17 -15.68 -56.13 -14.63
N VAL C 18 -15.66 -57.46 -14.44
CA VAL C 18 -14.46 -58.14 -13.97
C VAL C 18 -13.51 -58.45 -15.13
N SER C 19 -13.87 -58.05 -16.36
CA SER C 19 -13.07 -58.37 -17.52
C SER C 19 -13.50 -57.52 -18.70
N GLU C 20 -12.54 -57.01 -19.48
CA GLU C 20 -12.88 -56.17 -20.62
C GLU C 20 -13.64 -56.95 -21.69
N ASP C 21 -13.47 -58.29 -21.72
CA ASP C 21 -14.17 -59.08 -22.71
C ASP C 21 -15.66 -59.14 -22.40
N TYR C 22 -16.04 -58.82 -21.16
CA TYR C 22 -17.43 -58.83 -20.74
C TYR C 22 -18.09 -57.47 -20.95
N ARG C 23 -17.29 -56.40 -21.12
CA ARG C 23 -17.83 -55.05 -21.09
C ARG C 23 -18.90 -54.88 -22.17
N PRO C 24 -18.67 -55.22 -23.45
CA PRO C 24 -19.69 -55.03 -24.48
C PRO C 24 -21.06 -55.62 -24.10
N LYS C 25 -21.02 -56.82 -23.51
CA LYS C 25 -22.22 -57.61 -23.23
C LYS C 25 -22.96 -57.08 -22.01
N LEU C 26 -22.20 -56.72 -20.97
CA LEU C 26 -22.78 -56.18 -19.74
C LEU C 26 -23.36 -54.81 -20.03
N GLN C 27 -22.61 -54.00 -20.80
CA GLN C 27 -23.06 -52.65 -21.14
C GLN C 27 -24.34 -52.73 -21.95
N ARG C 28 -24.38 -53.65 -22.92
CA ARG C 28 -25.58 -53.92 -23.70
C ARG C 28 -26.75 -54.24 -22.78
N TRP C 29 -26.58 -55.18 -21.86
CA TRP C 29 -27.69 -55.58 -21.02
C TRP C 29 -28.22 -54.36 -20.27
N ILE C 30 -27.31 -53.58 -19.68
CA ILE C 30 -27.67 -52.45 -18.86
C ILE C 30 -28.53 -51.48 -19.67
N TYR C 31 -28.07 -51.12 -20.89
CA TYR C 31 -28.67 -50.02 -21.64
C TYR C 31 -29.83 -50.51 -22.51
N LYS C 32 -29.84 -51.79 -22.90
CA LYS C 32 -30.87 -52.31 -23.79
C LYS C 32 -32.03 -52.95 -23.02
N VAL C 33 -31.72 -53.51 -21.85
CA VAL C 33 -32.67 -54.36 -21.13
C VAL C 33 -32.98 -53.80 -19.73
N ALA C 34 -31.95 -53.50 -18.95
CA ALA C 34 -32.16 -53.13 -17.55
C ALA C 34 -33.02 -51.88 -17.45
N ILE C 35 -32.77 -50.90 -18.33
CA ILE C 35 -33.47 -49.63 -18.25
C ILE C 35 -34.96 -49.83 -18.47
N PRO C 36 -35.43 -50.34 -19.63
CA PRO C 36 -36.87 -50.46 -19.88
C PRO C 36 -37.59 -51.40 -18.90
N ASP C 37 -36.97 -52.55 -18.57
CA ASP C 37 -37.51 -53.46 -17.56
C ASP C 37 -37.72 -52.70 -16.24
N SER C 38 -36.75 -51.85 -15.87
CA SER C 38 -36.75 -51.09 -14.63
C SER C 38 -37.86 -50.04 -14.64
N ILE C 39 -37.94 -49.23 -15.69
CA ILE C 39 -38.89 -48.12 -15.75
C ILE C 39 -40.30 -48.68 -15.83
N SER C 40 -40.43 -49.82 -16.51
CA SER C 40 -41.68 -50.55 -16.57
C SER C 40 -42.21 -50.86 -15.18
N GLN C 41 -41.33 -51.00 -14.17
CA GLN C 41 -41.75 -51.44 -12.85
C GLN C 41 -41.97 -50.27 -11.88
N PHE C 42 -41.04 -49.30 -11.84
CA PHE C 42 -40.98 -48.37 -10.72
C PHE C 42 -41.21 -46.91 -11.15
N GLU C 43 -41.61 -46.67 -12.41
CA GLU C 43 -41.86 -45.33 -12.90
C GLU C 43 -42.70 -44.50 -11.93
N PRO C 44 -43.82 -45.03 -11.38
CA PRO C 44 -44.70 -44.23 -10.53
C PRO C 44 -44.21 -43.86 -9.14
N TYR C 45 -43.13 -44.49 -8.64
CA TYR C 45 -42.68 -44.22 -7.30
C TYR C 45 -41.16 -44.07 -7.21
N VAL C 46 -40.50 -43.86 -8.36
CA VAL C 46 -39.11 -43.48 -8.37
C VAL C 46 -39.02 -42.17 -9.14
N THR C 47 -38.39 -41.16 -8.50
CA THR C 47 -38.32 -39.83 -9.07
C THR C 47 -37.05 -39.65 -9.91
N LYS C 48 -36.02 -40.49 -9.72
CA LYS C 48 -34.82 -40.35 -10.53
C LYS C 48 -34.04 -41.67 -10.58
N TYR C 49 -33.77 -42.11 -11.82
CA TYR C 49 -33.05 -43.33 -12.11
C TYR C 49 -31.91 -42.95 -13.02
N ALA C 50 -30.66 -43.22 -12.60
CA ALA C 50 -29.52 -42.75 -13.36
C ALA C 50 -28.32 -43.69 -13.19
N PHE C 51 -27.45 -43.66 -14.21
CA PHE C 51 -26.20 -44.41 -14.23
C PHE C 51 -25.03 -43.43 -14.34
N TYR C 52 -24.02 -43.62 -13.47
CA TYR C 52 -22.82 -42.78 -13.53
C TYR C 52 -21.66 -43.70 -13.91
N PRO C 53 -21.25 -43.75 -15.21
CA PRO C 53 -20.14 -44.61 -15.64
C PRO C 53 -18.90 -44.26 -14.86
N SER C 54 -18.19 -45.28 -14.38
CA SER C 54 -17.00 -45.04 -13.58
C SER C 54 -15.85 -44.72 -14.52
N PHE C 55 -15.01 -43.76 -14.12
CA PHE C 55 -13.77 -43.47 -14.81
C PHE C 55 -12.88 -44.71 -14.77
N PRO C 56 -11.84 -44.76 -15.65
CA PRO C 56 -10.88 -45.86 -15.64
C PRO C 56 -10.33 -46.12 -14.24
N ILE C 57 -10.25 -47.41 -13.91
CA ILE C 57 -9.77 -47.81 -12.60
C ILE C 57 -8.39 -47.18 -12.38
N PRO C 58 -8.17 -46.40 -11.30
CA PRO C 58 -6.87 -45.80 -11.03
C PRO C 58 -5.91 -46.84 -10.44
N PRO C 59 -4.59 -46.57 -10.43
CA PRO C 59 -3.62 -47.41 -9.71
C PRO C 59 -4.04 -47.77 -8.29
N GLN C 60 -4.08 -49.09 -8.02
CA GLN C 60 -4.41 -49.66 -6.73
C GLN C 60 -5.90 -49.51 -6.40
N GLY C 61 -6.71 -49.14 -7.39
CA GLY C 61 -8.15 -49.06 -7.20
C GLY C 61 -8.77 -50.41 -6.85
N ASP C 62 -8.20 -51.49 -7.39
CA ASP C 62 -8.60 -52.87 -7.12
C ASP C 62 -8.73 -53.11 -5.60
N ARG C 63 -7.90 -52.43 -4.78
CA ARG C 63 -7.88 -52.61 -3.33
C ARG C 63 -9.03 -51.86 -2.63
N PHE C 64 -9.77 -51.03 -3.39
CA PHE C 64 -10.92 -50.27 -2.88
C PHE C 64 -12.23 -50.81 -3.45
N GLY C 65 -12.20 -52.03 -3.99
CA GLY C 65 -13.39 -52.64 -4.58
C GLY C 65 -13.97 -51.80 -5.70
N TYR C 66 -13.10 -51.33 -6.59
CA TYR C 66 -13.46 -50.33 -7.58
C TYR C 66 -14.42 -50.97 -8.59
N ALA C 67 -15.63 -50.41 -8.69
CA ALA C 67 -16.61 -50.84 -9.68
C ALA C 67 -16.22 -50.33 -11.05
N ARG C 68 -15.79 -51.24 -11.92
CA ARG C 68 -15.23 -50.89 -13.22
C ARG C 68 -16.32 -50.65 -14.27
N MET C 69 -17.60 -50.62 -13.88
CA MET C 69 -18.62 -50.35 -14.89
C MET C 69 -19.33 -49.03 -14.59
N GLN C 70 -20.08 -48.97 -13.46
CA GLN C 70 -20.80 -47.76 -13.12
C GLN C 70 -21.31 -47.80 -11.67
N LEU C 71 -21.89 -46.67 -11.26
CA LEU C 71 -22.81 -46.60 -10.13
C LEU C 71 -24.23 -46.56 -10.67
N THR C 72 -25.16 -47.24 -9.94
CA THR C 72 -26.56 -47.19 -10.32
C THR C 72 -27.35 -46.57 -9.17
N GLU C 73 -28.01 -45.45 -9.50
CA GLU C 73 -28.56 -44.50 -8.54
C GLU C 73 -30.06 -44.35 -8.75
N HIS C 74 -30.81 -44.83 -7.77
CA HIS C 74 -32.25 -44.63 -7.72
C HIS C 74 -32.65 -43.66 -6.62
N HIS C 75 -33.70 -42.87 -6.85
CA HIS C 75 -34.33 -42.10 -5.79
C HIS C 75 -35.76 -42.59 -5.59
N TRP C 76 -36.00 -43.17 -4.40
CA TRP C 76 -37.23 -43.89 -4.09
C TRP C 76 -38.16 -42.99 -3.26
N LEU C 77 -39.47 -43.16 -3.45
CA LEU C 77 -40.45 -42.58 -2.53
C LEU C 77 -40.92 -43.59 -1.48
N VAL C 78 -40.69 -44.91 -1.73
CA VAL C 78 -41.05 -45.97 -0.80
C VAL C 78 -39.96 -47.04 -0.76
N SER C 79 -39.95 -47.84 0.32
CA SER C 79 -38.97 -48.91 0.51
C SER C 79 -39.21 -50.00 -0.55
N ASP C 80 -38.21 -50.22 -1.43
CA ASP C 80 -38.35 -51.26 -2.46
C ASP C 80 -38.32 -52.66 -1.81
N LEU C 81 -37.95 -52.74 -0.51
CA LEU C 81 -37.90 -54.00 0.21
C LEU C 81 -39.18 -54.26 1.00
N ASP C 82 -40.17 -53.38 0.92
CA ASP C 82 -41.50 -53.70 1.43
C ASP C 82 -41.91 -54.98 0.71
N PRO C 83 -42.31 -56.05 1.46
CA PRO C 83 -42.65 -57.34 0.85
C PRO C 83 -43.75 -57.30 -0.22
N ARG C 84 -44.64 -56.30 -0.13
CA ARG C 84 -45.75 -56.19 -1.05
C ARG C 84 -45.27 -55.78 -2.45
N LEU C 85 -44.03 -55.25 -2.52
CA LEU C 85 -43.44 -54.77 -3.76
C LEU C 85 -42.76 -55.90 -4.51
N GLU C 86 -42.71 -57.10 -3.91
CA GLU C 86 -42.22 -58.28 -4.61
C GLU C 86 -43.08 -58.67 -5.83
N ILE C 87 -44.35 -58.25 -5.85
CA ILE C 87 -45.24 -58.64 -6.92
C ILE C 87 -45.22 -57.63 -8.06
N LYS C 88 -44.94 -58.15 -9.26
CA LYS C 88 -44.84 -57.38 -10.49
C LYS C 88 -45.65 -58.09 -11.57
N ALA C 89 -46.48 -57.37 -12.29
CA ALA C 89 -47.14 -57.97 -13.44
C ALA C 89 -46.10 -58.54 -14.42
N ILE C 90 -45.24 -57.65 -14.95
CA ILE C 90 -44.11 -58.05 -15.79
C ILE C 90 -42.86 -58.10 -14.91
N ALA C 91 -42.13 -59.22 -15.03
CA ALA C 91 -40.83 -59.38 -14.38
C ALA C 91 -39.69 -59.00 -15.33
N GLU C 92 -38.52 -58.76 -14.71
CA GLU C 92 -37.31 -58.28 -15.36
C GLU C 92 -36.60 -59.46 -16.05
N THR C 93 -35.79 -59.17 -17.07
CA THR C 93 -34.79 -60.12 -17.53
C THR C 93 -33.48 -59.80 -16.84
N PHE C 94 -33.00 -60.74 -16.01
CA PHE C 94 -31.77 -60.61 -15.24
C PHE C 94 -31.03 -61.95 -15.24
N PRO C 95 -30.32 -62.32 -16.34
CA PRO C 95 -29.65 -63.60 -16.43
C PRO C 95 -28.52 -63.78 -15.41
N MET C 96 -28.26 -65.04 -15.06
CA MET C 96 -27.06 -65.48 -14.39
C MET C 96 -25.83 -64.75 -14.92
N ASP C 97 -25.75 -64.58 -16.26
CA ASP C 97 -24.53 -64.07 -16.89
C ASP C 97 -24.16 -62.70 -16.36
N VAL C 98 -25.16 -61.88 -16.02
CA VAL C 98 -24.90 -60.54 -15.53
C VAL C 98 -24.11 -60.63 -14.23
N LEU C 99 -24.38 -61.64 -13.41
CA LEU C 99 -23.70 -61.83 -12.15
C LEU C 99 -22.27 -62.31 -12.37
N VAL C 100 -22.03 -63.05 -13.45
CA VAL C 100 -20.67 -63.47 -13.81
C VAL C 100 -19.86 -62.23 -14.19
N TRP C 101 -20.49 -61.36 -14.99
CA TRP C 101 -19.85 -60.19 -15.57
C TRP C 101 -19.50 -59.21 -14.45
N GLN C 102 -20.40 -59.07 -13.47
CA GLN C 102 -20.22 -58.11 -12.38
C GLN C 102 -19.29 -58.69 -11.31
N GLY C 103 -19.19 -60.03 -11.26
CA GLY C 103 -18.22 -60.69 -10.40
C GLY C 103 -18.85 -61.30 -9.13
N GLN C 104 -20.19 -61.24 -9.07
CA GLN C 104 -20.97 -61.97 -8.07
C GLN C 104 -20.68 -63.48 -8.15
N ILE C 105 -20.41 -63.99 -9.36
CA ILE C 105 -20.11 -65.40 -9.61
C ILE C 105 -18.82 -65.49 -10.46
N PRO C 106 -17.97 -66.52 -10.25
CA PRO C 106 -16.72 -66.66 -11.04
C PRO C 106 -16.83 -67.58 -12.28
N ALA C 107 -15.72 -67.77 -13.05
CA ALA C 107 -15.55 -69.02 -13.78
C ALA C 107 -14.60 -69.91 -12.95
N ALA C 131 -11.81 -67.80 -7.58
CA ALA C 131 -12.93 -68.77 -7.62
C ALA C 131 -13.71 -68.74 -6.30
N GLU C 132 -14.12 -67.51 -5.85
CA GLU C 132 -15.05 -67.35 -4.73
C GLU C 132 -16.27 -66.45 -4.97
N GLY C 133 -16.14 -65.22 -5.54
CA GLY C 133 -17.33 -64.44 -5.87
C GLY C 133 -17.54 -63.28 -4.89
N ASN C 134 -18.29 -62.27 -5.33
CA ASN C 134 -18.32 -60.99 -4.63
C ASN C 134 -19.78 -60.62 -4.36
N PRO C 135 -20.10 -60.04 -3.19
CA PRO C 135 -21.49 -59.78 -2.85
C PRO C 135 -22.01 -58.65 -3.73
N PHE C 136 -23.34 -58.56 -3.82
CA PHE C 136 -24.02 -57.50 -4.56
C PHE C 136 -24.31 -56.33 -3.62
N ILE C 137 -23.56 -55.23 -3.77
CA ILE C 137 -23.67 -54.16 -2.81
C ILE C 137 -24.69 -53.11 -3.28
N PHE C 138 -25.78 -53.02 -2.52
CA PHE C 138 -26.94 -52.18 -2.78
C PHE C 138 -27.23 -51.38 -1.50
N ALA C 139 -26.73 -50.14 -1.44
CA ALA C 139 -26.78 -49.35 -0.21
C ALA C 139 -27.93 -48.36 -0.28
N PHE C 140 -28.79 -48.37 0.75
CA PHE C 140 -29.84 -47.36 0.85
C PHE C 140 -29.40 -46.19 1.74
N LEU C 141 -29.73 -44.96 1.33
CA LEU C 141 -29.29 -43.74 2.03
C LEU C 141 -30.47 -42.78 2.16
N PRO C 142 -30.42 -41.79 3.08
CA PRO C 142 -31.35 -40.66 3.05
C PRO C 142 -30.98 -39.85 1.81
N MET C 143 -31.95 -39.12 1.26
CA MET C 143 -31.71 -38.44 0.00
C MET C 143 -30.66 -37.34 0.11
N TRP C 144 -30.39 -36.85 1.35
CA TRP C 144 -29.41 -35.79 1.61
C TRP C 144 -28.30 -36.30 2.50
N TRP C 145 -27.08 -35.83 2.17
CA TRP C 145 -25.92 -36.20 2.95
C TRP C 145 -26.11 -35.74 4.39
N GLU C 146 -25.68 -36.61 5.31
CA GLU C 146 -25.88 -36.39 6.74
C GLU C 146 -24.75 -35.53 7.29
N LYS C 147 -23.51 -35.76 6.80
CA LYS C 147 -22.37 -34.97 7.25
C LYS C 147 -21.66 -34.33 6.07
N ASP C 148 -21.38 -33.02 6.21
CA ASP C 148 -20.61 -32.24 5.26
C ASP C 148 -19.33 -31.82 5.96
N LEU C 149 -18.24 -32.48 5.65
CA LEU C 149 -17.02 -32.41 6.45
C LEU C 149 -15.92 -31.63 5.75
N LYS C 150 -16.14 -31.22 4.50
CA LYS C 150 -15.16 -30.39 3.83
C LYS C 150 -15.74 -29.90 2.53
N GLY C 151 -15.48 -28.61 2.25
CA GLY C 151 -15.74 -28.07 0.93
C GLY C 151 -17.16 -27.54 0.77
N LYS C 152 -17.89 -27.39 1.89
CA LYS C 152 -19.20 -26.76 1.86
C LYS C 152 -19.17 -25.49 1.01
N GLY C 153 -20.22 -25.29 0.20
CA GLY C 153 -20.36 -24.06 -0.58
C GLY C 153 -19.73 -24.15 -1.96
N ARG C 154 -19.01 -25.25 -2.23
CA ARG C 154 -18.45 -25.51 -3.55
C ARG C 154 -19.56 -25.67 -4.58
N THR C 155 -19.39 -24.98 -5.73
CA THR C 155 -20.33 -25.03 -6.84
C THR C 155 -19.71 -25.76 -8.03
N ILE C 156 -20.53 -25.86 -9.07
CA ILE C 156 -20.07 -26.50 -10.29
C ILE C 156 -19.08 -25.59 -11.00
N GLU C 157 -19.24 -24.27 -10.87
CA GLU C 157 -18.34 -23.31 -11.52
C GLU C 157 -16.95 -23.41 -10.92
N ASP C 158 -16.79 -24.00 -9.71
CA ASP C 158 -15.46 -24.09 -9.09
C ASP C 158 -14.59 -25.08 -9.86
N GLY C 159 -15.16 -25.87 -10.77
CA GLY C 159 -14.37 -26.76 -11.61
C GLY C 159 -14.85 -28.21 -11.58
N ALA C 160 -14.21 -28.99 -12.48
CA ALA C 160 -14.55 -30.39 -12.73
C ALA C 160 -14.01 -31.29 -11.62
N ASN C 161 -14.87 -32.19 -11.12
CA ASN C 161 -14.62 -32.93 -9.91
C ASN C 161 -14.37 -34.41 -10.27
N TYR C 162 -13.30 -35.01 -9.71
CA TYR C 162 -13.09 -36.45 -9.68
C TYR C 162 -13.73 -36.98 -8.41
N ARG C 163 -14.98 -37.46 -8.55
CA ARG C 163 -15.83 -37.77 -7.40
C ARG C 163 -15.63 -39.22 -7.01
N PHE C 164 -14.88 -39.47 -5.93
CA PHE C 164 -14.61 -40.82 -5.46
C PHE C 164 -15.67 -41.23 -4.42
N ASN C 165 -16.62 -42.04 -4.87
CA ASN C 165 -17.67 -42.54 -4.01
C ASN C 165 -17.22 -43.89 -3.45
N MET C 166 -17.23 -44.02 -2.13
CA MET C 166 -16.70 -45.22 -1.51
C MET C 166 -17.60 -45.57 -0.34
N THR C 167 -18.02 -46.86 -0.29
CA THR C 167 -18.79 -47.38 0.81
C THR C 167 -17.94 -48.41 1.55
N ILE C 168 -18.12 -48.49 2.88
CA ILE C 168 -17.34 -49.39 3.71
C ILE C 168 -18.25 -50.00 4.78
N GLY C 169 -17.92 -51.25 5.15
CA GLY C 169 -18.56 -51.94 6.23
C GLY C 169 -17.53 -52.66 7.07
N PHE C 170 -17.59 -52.47 8.40
CA PHE C 170 -16.56 -52.99 9.27
C PHE C 170 -16.73 -54.49 9.41
N PRO C 171 -15.63 -55.26 9.49
CA PRO C 171 -15.68 -56.72 9.51
C PRO C 171 -16.56 -57.21 10.64
N GLU C 172 -16.91 -58.49 10.58
CA GLU C 172 -17.75 -59.10 11.60
C GLU C 172 -17.04 -59.06 12.96
N GLY C 173 -17.85 -58.78 13.99
CA GLY C 173 -17.38 -58.66 15.37
C GLY C 173 -16.62 -57.37 15.67
N VAL C 174 -16.69 -56.33 14.82
CA VAL C 174 -16.09 -55.03 15.12
C VAL C 174 -17.18 -54.05 15.58
N ASP C 175 -16.99 -53.47 16.77
CA ASP C 175 -17.97 -52.55 17.33
C ASP C 175 -18.13 -51.37 16.37
N LYS C 176 -19.39 -51.01 16.05
CA LYS C 176 -19.70 -50.03 15.04
C LYS C 176 -19.32 -48.63 15.50
N ALA C 177 -19.57 -48.34 16.78
CA ALA C 177 -19.22 -47.06 17.38
C ALA C 177 -17.72 -46.83 17.28
N GLU C 178 -16.94 -47.91 17.45
CA GLU C 178 -15.50 -47.88 17.43
C GLU C 178 -15.00 -47.62 16.01
N GLY C 179 -15.65 -48.25 15.03
CA GLY C 179 -15.33 -48.05 13.62
C GLY C 179 -15.65 -46.63 13.17
N GLU C 180 -16.84 -46.14 13.54
CA GLU C 180 -17.22 -44.75 13.33
C GLU C 180 -16.14 -43.80 13.85
N LYS C 181 -15.72 -44.03 15.10
CA LYS C 181 -14.74 -43.17 15.78
C LYS C 181 -13.43 -43.19 14.99
N TRP C 182 -12.98 -44.37 14.54
CA TRP C 182 -11.80 -44.48 13.71
C TRP C 182 -11.94 -43.65 12.45
N LEU C 183 -13.04 -43.85 11.74
CA LEU C 183 -13.25 -43.21 10.45
C LEU C 183 -13.15 -41.69 10.58
N PHE C 184 -13.86 -41.12 11.56
CA PHE C 184 -14.06 -39.68 11.59
C PHE C 184 -12.94 -38.99 12.35
N GLU C 185 -12.25 -39.71 13.23
CA GLU C 185 -11.20 -39.12 14.04
C GLU C 185 -9.82 -39.38 13.47
N LYS C 186 -9.64 -40.47 12.69
CA LYS C 186 -8.31 -40.77 12.15
C LYS C 186 -8.24 -40.54 10.64
N VAL C 187 -9.25 -41.04 9.90
CA VAL C 187 -9.21 -41.06 8.44
C VAL C 187 -9.53 -39.67 7.89
N VAL C 188 -10.70 -39.16 8.25
CA VAL C 188 -11.22 -37.92 7.70
C VAL C 188 -10.23 -36.77 7.88
N PRO C 189 -9.58 -36.58 9.05
CA PRO C 189 -8.60 -35.50 9.21
C PRO C 189 -7.47 -35.47 8.19
N ILE C 190 -7.13 -36.64 7.61
CA ILE C 190 -6.10 -36.69 6.60
C ILE C 190 -6.64 -36.11 5.29
N LEU C 191 -7.93 -36.35 5.04
CA LEU C 191 -8.65 -35.79 3.91
C LEU C 191 -8.74 -34.28 4.06
N GLN C 192 -9.02 -33.82 5.28
CA GLN C 192 -9.18 -32.40 5.57
C GLN C 192 -7.84 -31.68 5.44
N ALA C 193 -6.73 -32.38 5.75
CA ALA C 193 -5.40 -31.81 5.68
C ALA C 193 -4.95 -31.65 4.22
N ALA C 194 -5.38 -32.56 3.35
CA ALA C 194 -4.91 -32.63 1.97
C ALA C 194 -5.56 -31.54 1.12
N PRO C 195 -4.77 -30.57 0.60
CA PRO C 195 -5.33 -29.58 -0.32
C PRO C 195 -5.83 -30.19 -1.63
N GLU C 196 -5.37 -31.42 -1.96
CA GLU C 196 -5.76 -32.10 -3.19
C GLU C 196 -7.21 -32.59 -3.13
N CYS C 197 -7.76 -32.64 -1.90
CA CYS C 197 -9.13 -33.11 -1.64
C CYS C 197 -10.06 -31.91 -1.45
N THR C 198 -11.02 -31.75 -2.37
CA THR C 198 -11.86 -30.55 -2.48
C THR C 198 -13.16 -30.69 -1.72
N ARG C 199 -13.53 -31.92 -1.31
CA ARG C 199 -14.85 -32.17 -0.75
C ARG C 199 -14.88 -33.49 0.00
N VAL C 200 -15.62 -33.54 1.11
CA VAL C 200 -15.85 -34.76 1.87
C VAL C 200 -17.29 -34.78 2.40
N LEU C 201 -17.99 -35.88 2.10
CA LEU C 201 -19.39 -36.06 2.42
C LEU C 201 -19.61 -37.48 2.93
N ALA C 202 -20.56 -37.65 3.88
CA ALA C 202 -20.83 -38.97 4.44
C ALA C 202 -22.28 -39.09 4.91
N SER C 203 -22.86 -40.26 4.61
CA SER C 203 -24.16 -40.65 5.12
C SER C 203 -24.00 -42.04 5.72
N ALA C 204 -24.80 -42.34 6.76
CA ALA C 204 -24.81 -43.67 7.33
C ALA C 204 -25.83 -44.51 6.57
N VAL C 205 -25.42 -45.74 6.25
CA VAL C 205 -26.22 -46.64 5.45
C VAL C 205 -27.45 -47.07 6.25
N LYS C 206 -28.64 -47.04 5.62
CA LYS C 206 -29.85 -47.63 6.15
C LYS C 206 -29.75 -49.16 6.05
N LYS C 207 -29.45 -49.75 7.23
CA LYS C 207 -29.16 -51.17 7.38
C LYS C 207 -30.47 -51.91 7.60
N ASP C 208 -31.41 -51.19 8.22
CA ASP C 208 -32.78 -51.60 8.49
C ASP C 208 -33.59 -51.89 7.22
N ILE C 209 -33.05 -51.65 6.02
CA ILE C 209 -33.86 -51.74 4.80
C ILE C 209 -33.64 -53.09 4.11
N ASN C 210 -32.36 -53.44 3.85
CA ASN C 210 -32.02 -54.62 3.04
C ASN C 210 -30.83 -55.38 3.62
N GLY C 211 -30.48 -55.13 4.90
CA GLY C 211 -29.37 -55.81 5.56
C GLY C 211 -28.02 -55.65 4.82
N CYS C 212 -27.85 -54.53 4.13
CA CYS C 212 -26.59 -54.24 3.46
C CYS C 212 -25.47 -54.28 4.51
N VAL C 213 -24.35 -54.92 4.18
CA VAL C 213 -23.25 -55.10 5.11
C VAL C 213 -22.51 -53.79 5.35
N MET C 214 -22.69 -52.80 4.46
CA MET C 214 -21.94 -51.56 4.56
C MET C 214 -22.54 -50.69 5.67
N ASP C 215 -21.70 -49.80 6.22
CA ASP C 215 -22.07 -48.94 7.33
C ASP C 215 -22.09 -47.47 6.93
N TRP C 216 -21.13 -47.06 6.06
CA TRP C 216 -20.99 -45.68 5.63
C TRP C 216 -20.91 -45.62 4.11
N VAL C 217 -21.35 -44.48 3.58
CA VAL C 217 -21.01 -44.09 2.22
C VAL C 217 -20.38 -42.73 2.29
N LEU C 218 -19.25 -42.58 1.58
CA LEU C 218 -18.55 -41.31 1.53
C LEU C 218 -18.33 -40.94 0.07
N GLU C 219 -18.32 -39.64 -0.19
CA GLU C 219 -17.85 -39.15 -1.46
C GLU C 219 -16.74 -38.15 -1.12
N ILE C 220 -15.61 -38.32 -1.82
CA ILE C 220 -14.38 -37.61 -1.55
C ILE C 220 -13.89 -37.08 -2.88
N TRP C 221 -13.89 -35.76 -3.06
CA TRP C 221 -13.56 -35.23 -4.37
C TRP C 221 -12.09 -34.87 -4.49
N PHE C 222 -11.55 -35.04 -5.70
CA PHE C 222 -10.22 -34.60 -6.05
C PHE C 222 -10.33 -33.80 -7.35
N GLU C 223 -9.17 -33.32 -7.81
CA GLU C 223 -9.10 -32.67 -9.10
C GLU C 223 -8.99 -33.75 -10.19
N ASN C 224 -8.30 -34.86 -9.86
CA ASN C 224 -7.92 -35.89 -10.82
C ASN C 224 -7.42 -37.12 -10.11
N GLN C 225 -7.14 -38.16 -10.92
CA GLN C 225 -6.62 -39.43 -10.47
C GLN C 225 -5.36 -39.30 -9.59
N SER C 226 -4.43 -38.40 -9.94
CA SER C 226 -3.19 -38.27 -9.17
C SER C 226 -3.46 -37.72 -7.77
N GLY C 227 -4.35 -36.73 -7.69
CA GLY C 227 -4.83 -36.21 -6.42
C GLY C 227 -5.42 -37.34 -5.56
N TRP C 228 -6.26 -38.16 -6.19
CA TRP C 228 -6.84 -39.32 -5.52
C TRP C 228 -5.73 -40.20 -4.94
N TYR C 229 -4.74 -40.52 -5.78
CA TYR C 229 -3.66 -41.42 -5.42
C TYR C 229 -2.85 -40.85 -4.25
N LYS C 230 -2.44 -39.58 -4.42
CA LYS C 230 -1.57 -38.92 -3.46
C LYS C 230 -2.20 -39.02 -2.07
N VAL C 231 -3.51 -38.84 -1.97
CA VAL C 231 -4.18 -38.80 -0.68
C VAL C 231 -4.55 -40.20 -0.20
N MET C 232 -5.25 -40.98 -1.04
CA MET C 232 -5.90 -42.22 -0.60
C MET C 232 -4.90 -43.37 -0.49
N VAL C 233 -3.71 -43.18 -1.09
CA VAL C 233 -2.64 -44.16 -0.98
C VAL C 233 -1.50 -43.59 -0.12
N ASP C 234 -0.87 -42.49 -0.55
CA ASP C 234 0.36 -41.98 0.07
C ASP C 234 0.06 -41.33 1.42
N ASP C 235 -0.80 -40.32 1.50
CA ASP C 235 -1.11 -39.68 2.78
C ASP C 235 -1.63 -40.70 3.80
N MET C 236 -2.29 -41.76 3.31
CA MET C 236 -2.97 -42.72 4.16
C MET C 236 -1.99 -43.78 4.70
N LYS C 237 -0.74 -43.80 4.19
CA LYS C 237 0.26 -44.71 4.73
C LYS C 237 0.52 -44.36 6.19
N ALA C 238 0.37 -43.06 6.51
CA ALA C 238 0.55 -42.51 7.84
C ALA C 238 -0.36 -43.20 8.86
N LEU C 239 -1.40 -43.90 8.42
CA LEU C 239 -2.40 -44.44 9.34
C LEU C 239 -1.88 -45.69 10.04
N GLU C 240 -2.17 -45.71 11.33
CA GLU C 240 -2.07 -46.85 12.22
C GLU C 240 -2.88 -47.97 11.59
N LYS C 241 -2.29 -49.16 11.41
CA LYS C 241 -3.03 -50.29 10.84
C LYS C 241 -3.92 -50.90 11.92
N PRO C 242 -5.28 -50.82 11.85
CA PRO C 242 -6.09 -51.29 12.98
C PRO C 242 -6.02 -52.80 13.13
N SER C 243 -6.42 -53.26 14.32
CA SER C 243 -6.28 -54.66 14.70
C SER C 243 -7.19 -55.55 13.86
N TRP C 244 -8.30 -55.01 13.34
CA TRP C 244 -9.28 -55.76 12.57
C TRP C 244 -8.99 -55.75 11.06
N ALA C 245 -7.86 -55.11 10.66
CA ALA C 245 -7.57 -54.89 9.26
C ALA C 245 -7.66 -56.19 8.46
N GLN C 246 -8.26 -56.13 7.27
CA GLN C 246 -8.35 -57.27 6.36
C GLN C 246 -7.32 -57.14 5.22
N GLN C 247 -6.54 -56.06 5.17
CA GLN C 247 -5.40 -55.94 4.24
C GLN C 247 -4.41 -54.96 4.87
N ASP C 248 -3.19 -54.90 4.32
CA ASP C 248 -2.12 -54.17 5.02
C ASP C 248 -2.36 -52.67 4.94
N ALA C 249 -2.88 -52.20 3.80
CA ALA C 249 -2.96 -50.78 3.52
C ALA C 249 -4.41 -50.29 3.61
N PHE C 250 -4.56 -48.99 3.91
CA PHE C 250 -5.85 -48.33 3.76
C PHE C 250 -6.48 -48.70 2.42
N PRO C 251 -7.78 -49.11 2.36
CA PRO C 251 -8.75 -48.96 3.46
C PRO C 251 -8.90 -50.06 4.52
N PHE C 252 -7.95 -51.03 4.57
CA PHE C 252 -7.87 -52.04 5.62
C PHE C 252 -9.09 -52.98 5.59
N LEU C 253 -9.81 -53.04 4.47
CA LEU C 253 -11.04 -53.81 4.36
C LEU C 253 -11.00 -54.64 3.07
N LYS C 254 -11.72 -55.76 3.10
CA LYS C 254 -11.65 -56.74 2.02
C LYS C 254 -12.26 -56.17 0.74
N PRO C 255 -11.47 -56.05 -0.36
CA PRO C 255 -11.99 -55.51 -1.62
C PRO C 255 -13.27 -56.20 -2.07
N TYR C 256 -14.27 -55.38 -2.42
CA TYR C 256 -15.53 -55.79 -3.05
C TYR C 256 -16.47 -56.45 -2.04
N HIS C 257 -15.98 -56.73 -0.82
CA HIS C 257 -16.76 -57.39 0.22
C HIS C 257 -17.10 -56.44 1.35
N ASN C 258 -16.09 -55.72 1.85
CA ASN C 258 -16.26 -54.74 2.91
C ASN C 258 -15.92 -53.32 2.44
N VAL C 259 -15.51 -53.17 1.17
CA VAL C 259 -15.36 -51.84 0.57
C VAL C 259 -15.62 -51.94 -0.92
N CYS C 260 -16.47 -51.04 -1.43
CA CYS C 260 -16.63 -50.82 -2.87
C CYS C 260 -16.55 -49.33 -3.14
N SER C 261 -16.23 -48.99 -4.38
CA SER C 261 -15.96 -47.60 -4.71
C SER C 261 -16.17 -47.37 -6.20
N ALA C 262 -16.14 -46.09 -6.57
CA ALA C 262 -16.12 -45.66 -7.97
C ALA C 262 -15.79 -44.18 -8.03
N ALA C 263 -15.02 -43.80 -9.07
CA ALA C 263 -14.72 -42.42 -9.34
C ALA C 263 -15.57 -42.02 -10.54
N VAL C 264 -16.40 -40.97 -10.41
CA VAL C 264 -17.38 -40.61 -11.43
C VAL C 264 -17.37 -39.10 -11.67
N ALA C 265 -18.00 -38.70 -12.78
CA ALA C 265 -18.04 -37.30 -13.14
C ALA C 265 -19.24 -36.61 -12.48
N ASP C 266 -19.24 -35.26 -12.53
CA ASP C 266 -20.33 -34.46 -12.00
C ASP C 266 -21.63 -34.69 -12.76
N TYR C 267 -21.55 -35.13 -14.02
CA TYR C 267 -22.69 -35.16 -14.95
C TYR C 267 -22.73 -36.54 -15.60
N THR C 268 -23.94 -37.07 -15.75
CA THR C 268 -24.17 -38.22 -16.60
C THR C 268 -25.23 -37.88 -17.65
N PRO C 269 -25.05 -38.38 -18.90
CA PRO C 269 -26.12 -38.32 -19.91
C PRO C 269 -27.20 -39.39 -19.71
N SER C 270 -26.92 -40.37 -18.84
CA SER C 270 -27.85 -41.46 -18.59
C SER C 270 -28.69 -41.13 -17.36
N ASN C 271 -29.53 -40.10 -17.49
CA ASN C 271 -30.57 -39.80 -16.52
C ASN C 271 -31.86 -40.40 -17.05
N ASN C 272 -32.11 -41.68 -16.69
CA ASN C 272 -32.86 -42.59 -17.52
C ASN C 272 -34.33 -42.23 -17.61
N LEU C 273 -34.90 -41.64 -16.54
CA LEU C 273 -36.34 -41.36 -16.58
C LEU C 273 -36.62 -40.24 -17.58
N ALA C 274 -35.71 -39.26 -17.70
CA ALA C 274 -35.88 -38.12 -18.59
C ALA C 274 -35.38 -38.41 -20.01
N ASN C 275 -34.28 -39.18 -20.16
CA ASN C 275 -33.50 -39.10 -21.37
C ASN C 275 -33.75 -40.28 -22.31
N TYR C 276 -34.24 -41.44 -21.82
CA TYR C 276 -34.18 -42.68 -22.59
C TYR C 276 -35.16 -42.65 -23.78
N ARG C 277 -34.65 -42.98 -24.99
CA ARG C 277 -35.43 -42.98 -26.24
C ARG C 277 -35.31 -44.31 -27.00
N GLY C 278 -34.99 -45.39 -26.27
CA GLY C 278 -34.84 -46.72 -26.85
C GLY C 278 -33.36 -47.04 -27.12
N TYR C 279 -33.10 -48.32 -27.49
CA TYR C 279 -31.75 -48.78 -27.78
C TYR C 279 -31.45 -48.55 -29.26
N ILE C 280 -31.20 -47.27 -29.61
CA ILE C 280 -30.93 -46.83 -30.96
C ILE C 280 -29.47 -47.13 -31.28
N THR C 281 -29.24 -47.78 -32.44
CA THR C 281 -27.94 -48.30 -32.83
C THR C 281 -27.21 -47.35 -33.78
N MET C 282 -25.88 -47.35 -33.64
CA MET C 282 -25.00 -46.55 -34.45
C MET C 282 -25.09 -47.04 -35.90
N ARG C 283 -24.80 -46.14 -36.84
CA ARG C 283 -25.00 -46.45 -38.24
C ARG C 283 -23.68 -46.80 -38.96
N ALA D 2 -26.67 -16.75 -53.71
CA ALA D 2 -27.72 -17.18 -52.78
C ALA D 2 -27.54 -18.67 -52.56
N ASP D 3 -27.58 -19.49 -53.63
CA ASP D 3 -27.90 -20.91 -53.51
C ASP D 3 -26.97 -21.70 -52.59
N PHE D 4 -27.57 -22.62 -51.81
CA PHE D 4 -26.85 -23.48 -50.88
C PHE D 4 -27.08 -24.93 -51.28
N LYS D 5 -25.98 -25.68 -51.47
CA LYS D 5 -26.12 -27.04 -51.99
C LYS D 5 -26.55 -28.03 -50.91
N PHE D 6 -27.56 -28.86 -51.24
CA PHE D 6 -27.94 -29.99 -50.42
C PHE D 6 -26.81 -31.02 -50.42
N GLU D 7 -26.12 -31.16 -49.29
CA GLU D 7 -24.90 -31.95 -49.22
C GLU D 7 -24.95 -32.82 -47.97
N PRO D 8 -25.75 -33.90 -47.96
CA PRO D 8 -25.88 -34.73 -46.78
C PRO D 8 -24.64 -35.59 -46.57
N MET D 9 -24.09 -35.43 -45.35
CA MET D 9 -22.84 -36.03 -44.93
C MET D 9 -22.87 -36.46 -43.45
N ARG D 10 -21.98 -37.40 -43.10
CA ARG D 10 -21.73 -37.82 -41.72
C ARG D 10 -20.26 -37.47 -41.44
N SER D 11 -20.01 -36.67 -40.39
CA SER D 11 -18.68 -36.29 -39.96
C SER D 11 -18.27 -37.20 -38.81
N LEU D 12 -16.98 -37.45 -38.66
CA LEU D 12 -16.45 -38.09 -37.46
C LEU D 12 -15.23 -37.33 -36.96
N ILE D 13 -15.20 -37.04 -35.67
CA ILE D 13 -14.03 -36.40 -35.05
C ILE D 13 -13.46 -37.37 -34.03
N TYR D 14 -12.15 -37.58 -34.10
CA TYR D 14 -11.47 -38.53 -33.23
C TYR D 14 -10.93 -37.79 -32.01
N VAL D 15 -11.68 -37.82 -30.91
CA VAL D 15 -11.35 -37.06 -29.72
C VAL D 15 -10.51 -37.91 -28.78
N ASP D 16 -9.21 -37.58 -28.69
CA ASP D 16 -8.31 -38.28 -27.80
C ASP D 16 -8.32 -37.61 -26.42
N CYS D 17 -7.74 -38.29 -25.43
CA CYS D 17 -7.45 -37.73 -24.11
C CYS D 17 -6.11 -38.28 -23.64
N VAL D 18 -5.07 -37.44 -23.61
CA VAL D 18 -3.70 -37.90 -23.59
C VAL D 18 -3.23 -38.25 -22.17
N SER D 19 -4.13 -38.12 -21.18
CA SER D 19 -3.76 -38.31 -19.79
C SER D 19 -5.02 -38.40 -18.97
N GLU D 20 -5.04 -39.34 -18.01
CA GLU D 20 -6.23 -39.52 -17.18
C GLU D 20 -6.48 -38.30 -16.29
N ASP D 21 -5.42 -37.53 -16.01
CA ASP D 21 -5.60 -36.35 -15.17
C ASP D 21 -6.39 -35.28 -15.91
N TYR D 22 -6.46 -35.37 -17.23
CA TYR D 22 -7.18 -34.42 -18.06
C TYR D 22 -8.64 -34.83 -18.28
N ARG D 23 -8.96 -36.10 -18.02
CA ARG D 23 -10.26 -36.64 -18.41
C ARG D 23 -11.39 -35.84 -17.77
N PRO D 24 -11.42 -35.62 -16.43
CA PRO D 24 -12.51 -34.87 -15.81
C PRO D 24 -12.80 -33.52 -16.50
N LYS D 25 -11.71 -32.80 -16.87
CA LYS D 25 -11.80 -31.45 -17.39
C LYS D 25 -12.25 -31.42 -18.84
N LEU D 26 -11.72 -32.35 -19.64
CA LEU D 26 -12.08 -32.46 -21.05
C LEU D 26 -13.52 -32.94 -21.16
N GLN D 27 -13.88 -33.91 -20.33
CA GLN D 27 -15.23 -34.46 -20.35
C GLN D 27 -16.25 -33.36 -19.98
N ARG D 28 -15.90 -32.58 -18.95
CA ARG D 28 -16.68 -31.42 -18.56
C ARG D 28 -16.88 -30.47 -19.74
N TRP D 29 -15.79 -30.09 -20.41
CA TRP D 29 -15.91 -29.14 -21.50
C TRP D 29 -16.90 -29.67 -22.53
N ILE D 30 -16.71 -30.94 -22.92
CA ILE D 30 -17.50 -31.54 -23.96
C ILE D 30 -18.98 -31.46 -23.61
N TYR D 31 -19.34 -31.87 -22.39
CA TYR D 31 -20.75 -32.09 -22.03
C TYR D 31 -21.39 -30.79 -21.49
N LYS D 32 -20.58 -29.88 -20.94
CA LYS D 32 -21.11 -28.66 -20.34
C LYS D 32 -21.13 -27.49 -21.33
N VAL D 33 -20.16 -27.48 -22.26
CA VAL D 33 -19.92 -26.31 -23.09
C VAL D 33 -20.07 -26.64 -24.58
N ALA D 34 -19.41 -27.71 -25.05
CA ALA D 34 -19.37 -27.99 -26.48
C ALA D 34 -20.79 -28.24 -27.00
N ILE D 35 -21.60 -28.96 -26.24
CA ILE D 35 -22.93 -29.32 -26.68
C ILE D 35 -23.78 -28.07 -26.91
N PRO D 36 -24.06 -27.22 -25.91
CA PRO D 36 -24.93 -26.06 -26.10
C PRO D 36 -24.39 -25.04 -27.12
N ASP D 37 -23.08 -24.76 -27.08
CA ASP D 37 -22.45 -23.91 -28.07
C ASP D 37 -22.72 -24.44 -29.49
N SER D 38 -22.63 -25.78 -29.65
CA SER D 38 -22.81 -26.47 -30.91
C SER D 38 -24.26 -26.36 -31.40
N ILE D 39 -25.22 -26.71 -30.53
CA ILE D 39 -26.62 -26.76 -30.90
C ILE D 39 -27.13 -25.34 -31.19
N SER D 40 -26.58 -24.39 -30.44
CA SER D 40 -26.86 -22.99 -30.67
C SER D 40 -26.54 -22.59 -32.10
N GLN D 41 -25.58 -23.27 -32.76
CA GLN D 41 -25.13 -22.85 -34.07
C GLN D 41 -25.81 -23.63 -35.21
N PHE D 42 -25.92 -24.96 -35.09
CA PHE D 42 -26.21 -25.79 -36.25
C PHE D 42 -27.53 -26.56 -36.10
N GLU D 43 -28.32 -26.26 -35.06
CA GLU D 43 -29.61 -26.91 -34.86
C GLU D 43 -30.43 -26.99 -36.16
N PRO D 44 -30.56 -25.91 -36.95
CA PRO D 44 -31.42 -25.93 -38.13
C PRO D 44 -30.96 -26.74 -39.34
N TYR D 45 -29.69 -27.14 -39.38
CA TYR D 45 -29.18 -27.86 -40.54
C TYR D 45 -28.33 -29.08 -40.17
N VAL D 46 -28.43 -29.54 -38.91
CA VAL D 46 -27.85 -30.80 -38.53
C VAL D 46 -28.97 -31.65 -37.96
N THR D 47 -29.11 -32.88 -38.47
CA THR D 47 -30.19 -33.77 -38.08
C THR D 47 -29.78 -34.67 -36.92
N LYS D 48 -28.47 -34.88 -36.68
CA LYS D 48 -28.08 -35.73 -35.57
C LYS D 48 -26.65 -35.39 -35.13
N TYR D 49 -26.54 -35.12 -33.84
CA TYR D 49 -25.30 -34.78 -33.17
C TYR D 49 -25.16 -35.74 -32.01
N ALA D 50 -24.06 -36.49 -31.98
CA ALA D 50 -23.92 -37.56 -30.99
C ALA D 50 -22.46 -37.82 -30.66
N PHE D 51 -22.23 -38.33 -29.45
CA PHE D 51 -20.92 -38.71 -28.93
C PHE D 51 -20.91 -40.21 -28.60
N TYR D 52 -19.89 -40.93 -29.08
CA TYR D 52 -19.75 -42.36 -28.79
C TYR D 52 -18.51 -42.54 -27.94
N PRO D 53 -18.62 -42.62 -26.59
CA PRO D 53 -17.46 -42.77 -25.71
C PRO D 53 -16.69 -44.02 -26.11
N SER D 54 -15.36 -43.90 -26.19
CA SER D 54 -14.56 -45.05 -26.59
C SER D 54 -14.39 -45.97 -25.39
N PHE D 55 -14.42 -47.27 -25.65
CA PHE D 55 -14.04 -48.27 -24.67
C PHE D 55 -12.59 -48.05 -24.25
N PRO D 56 -12.16 -48.63 -23.10
CA PRO D 56 -10.77 -48.57 -22.67
C PRO D 56 -9.81 -48.96 -23.78
N ILE D 57 -8.74 -48.19 -23.89
CA ILE D 57 -7.73 -48.43 -24.91
C ILE D 57 -7.26 -49.87 -24.79
N PRO D 58 -7.34 -50.71 -25.86
CA PRO D 58 -6.86 -52.08 -25.79
C PRO D 58 -5.35 -52.14 -25.90
N PRO D 59 -4.71 -53.26 -25.54
CA PRO D 59 -3.28 -53.48 -25.79
C PRO D 59 -2.82 -53.12 -27.20
N GLN D 60 -1.83 -52.22 -27.28
CA GLN D 60 -1.23 -51.78 -28.54
C GLN D 60 -2.17 -50.85 -29.32
N GLY D 61 -3.24 -50.37 -28.68
CA GLY D 61 -4.14 -49.42 -29.31
C GLY D 61 -3.44 -48.10 -29.65
N ASP D 62 -2.46 -47.71 -28.80
CA ASP D 62 -1.63 -46.53 -29.01
C ASP D 62 -1.09 -46.47 -30.46
N ARG D 63 -0.83 -47.64 -31.08
CA ARG D 63 -0.24 -47.72 -32.41
C ARG D 63 -1.27 -47.48 -33.52
N PHE D 64 -2.57 -47.42 -33.14
CA PHE D 64 -3.67 -47.20 -34.08
C PHE D 64 -4.28 -45.80 -33.87
N GLY D 65 -3.56 -44.92 -33.16
CA GLY D 65 -4.06 -43.59 -32.89
C GLY D 65 -5.38 -43.60 -32.12
N TYR D 66 -5.43 -44.43 -31.09
CA TYR D 66 -6.69 -44.73 -30.41
C TYR D 66 -7.15 -43.48 -29.66
N ALA D 67 -8.33 -42.97 -30.02
CA ALA D 67 -8.95 -41.84 -29.33
C ALA D 67 -9.52 -42.29 -28.00
N ARG D 68 -8.85 -41.89 -26.92
CA ARG D 68 -9.16 -42.35 -25.57
C ARG D 68 -10.34 -41.59 -24.96
N MET D 69 -11.03 -40.72 -25.71
CA MET D 69 -12.17 -40.05 -25.11
C MET D 69 -13.46 -40.49 -25.82
N GLN D 70 -13.62 -40.13 -27.10
CA GLN D 70 -14.84 -40.47 -27.83
C GLN D 70 -14.66 -40.26 -29.34
N LEU D 71 -15.70 -40.67 -30.07
CA LEU D 71 -15.98 -40.18 -31.42
C LEU D 71 -17.06 -39.11 -31.35
N THR D 72 -16.94 -38.09 -32.20
CA THR D 72 -17.96 -37.06 -32.29
C THR D 72 -18.55 -37.05 -33.71
N GLU D 73 -19.87 -37.29 -33.76
CA GLU D 73 -20.58 -37.70 -34.97
C GLU D 73 -21.69 -36.69 -35.26
N HIS D 74 -21.51 -35.95 -36.35
CA HIS D 74 -22.54 -35.04 -36.86
C HIS D 74 -23.14 -35.58 -38.15
N HIS D 75 -24.44 -35.34 -38.36
CA HIS D 75 -25.07 -35.55 -39.66
C HIS D 75 -25.55 -34.20 -40.21
N TRP D 76 -24.91 -33.78 -41.32
CA TRP D 76 -25.06 -32.45 -41.90
C TRP D 76 -26.02 -32.51 -43.08
N LEU D 77 -26.80 -31.43 -43.29
CA LEU D 77 -27.54 -31.25 -44.52
C LEU D 77 -26.78 -30.34 -45.51
N VAL D 78 -25.78 -29.58 -45.03
CA VAL D 78 -24.95 -28.73 -45.88
C VAL D 78 -23.48 -28.79 -45.44
N SER D 79 -22.57 -28.41 -46.36
CA SER D 79 -21.14 -28.40 -46.10
C SER D 79 -20.82 -27.35 -45.04
N ASP D 80 -20.31 -27.78 -43.87
CA ASP D 80 -19.97 -26.83 -42.80
C ASP D 80 -18.78 -25.97 -43.21
N LEU D 81 -18.09 -26.36 -44.30
CA LEU D 81 -16.91 -25.63 -44.79
C LEU D 81 -17.28 -24.63 -45.89
N ASP D 82 -18.57 -24.51 -46.25
CA ASP D 82 -19.01 -23.40 -47.07
C ASP D 82 -18.57 -22.12 -46.35
N PRO D 83 -17.83 -21.21 -47.02
CA PRO D 83 -17.30 -19.99 -46.40
C PRO D 83 -18.35 -19.11 -45.72
N ARG D 84 -19.59 -19.17 -46.23
CA ARG D 84 -20.65 -18.32 -45.71
C ARG D 84 -21.08 -18.75 -44.30
N LEU D 85 -20.70 -19.97 -43.93
CA LEU D 85 -21.04 -20.56 -42.64
C LEU D 85 -20.06 -20.15 -41.56
N GLU D 86 -18.96 -19.47 -41.96
CA GLU D 86 -18.01 -18.94 -40.99
C GLU D 86 -18.61 -17.85 -40.11
N ILE D 87 -19.71 -17.20 -40.54
CA ILE D 87 -20.28 -16.13 -39.74
C ILE D 87 -21.33 -16.66 -38.76
N LYS D 88 -21.12 -16.36 -37.47
CA LYS D 88 -21.96 -16.80 -36.38
C LYS D 88 -22.27 -15.59 -35.50
N ALA D 89 -23.52 -15.37 -35.14
CA ALA D 89 -23.83 -14.36 -34.14
C ALA D 89 -23.03 -14.62 -32.85
N ILE D 90 -23.30 -15.78 -32.24
CA ILE D 90 -22.57 -16.24 -31.06
C ILE D 90 -21.52 -17.25 -31.53
N ALA D 91 -20.29 -17.03 -31.08
CA ALA D 91 -19.18 -17.94 -31.29
C ALA D 91 -19.01 -18.89 -30.09
N GLU D 92 -18.30 -19.99 -30.36
CA GLU D 92 -18.08 -21.10 -29.44
C GLU D 92 -17.01 -20.74 -28.40
N THR D 93 -17.05 -21.37 -27.23
CA THR D 93 -15.94 -21.35 -26.30
C THR D 93 -15.10 -22.61 -26.54
N PHE D 94 -13.85 -22.39 -26.97
CA PHE D 94 -12.92 -23.47 -27.31
C PHE D 94 -11.53 -23.12 -26.78
N PRO D 95 -11.23 -23.31 -25.48
CA PRO D 95 -9.94 -22.96 -24.91
C PRO D 95 -8.74 -23.68 -25.52
N MET D 96 -7.57 -23.03 -25.47
CA MET D 96 -6.30 -23.66 -25.80
C MET D 96 -6.22 -25.02 -25.10
N ASP D 97 -6.68 -25.06 -23.84
CA ASP D 97 -6.52 -26.23 -22.97
C ASP D 97 -7.12 -27.48 -23.60
N VAL D 98 -8.22 -27.34 -24.35
CA VAL D 98 -8.87 -28.49 -24.97
C VAL D 98 -7.90 -29.17 -25.93
N LEU D 99 -7.08 -28.36 -26.60
CA LEU D 99 -6.10 -28.88 -27.55
C LEU D 99 -4.96 -29.61 -26.82
N VAL D 100 -4.64 -29.16 -25.61
CA VAL D 100 -3.63 -29.82 -24.79
C VAL D 100 -4.13 -31.20 -24.40
N TRP D 101 -5.42 -31.22 -23.97
CA TRP D 101 -6.06 -32.41 -23.42
C TRP D 101 -6.19 -33.46 -24.51
N GLN D 102 -6.54 -33.02 -25.73
CA GLN D 102 -6.78 -33.93 -26.83
C GLN D 102 -5.45 -34.36 -27.47
N GLY D 103 -4.41 -33.55 -27.29
CA GLY D 103 -3.06 -33.90 -27.70
C GLY D 103 -2.61 -33.21 -28.99
N GLN D 104 -3.46 -32.29 -29.48
CA GLN D 104 -3.10 -31.36 -30.54
C GLN D 104 -1.85 -30.55 -30.15
N ILE D 105 -1.67 -30.24 -28.86
CA ILE D 105 -0.52 -29.51 -28.33
C ILE D 105 0.05 -30.25 -27.12
N PRO D 106 1.37 -30.21 -26.83
CA PRO D 106 1.92 -30.81 -25.61
C PRO D 106 2.07 -29.90 -24.38
N ALA D 107 2.45 -30.45 -23.20
CA ALA D 107 2.89 -29.60 -22.10
C ALA D 107 4.41 -29.75 -22.04
N ALA D 131 5.56 -35.78 -26.46
CA ALA D 131 5.90 -34.33 -26.45
C ALA D 131 6.09 -33.83 -27.89
N GLU D 132 5.09 -34.11 -28.78
CA GLU D 132 5.18 -33.72 -30.19
C GLU D 132 3.96 -32.99 -30.75
N GLY D 133 2.73 -33.47 -30.54
CA GLY D 133 1.56 -32.74 -31.05
C GLY D 133 0.93 -33.40 -32.26
N ASN D 134 -0.41 -33.50 -32.26
CA ASN D 134 -1.14 -34.41 -33.12
C ASN D 134 -2.21 -33.64 -33.87
N PRO D 135 -2.48 -33.94 -35.16
CA PRO D 135 -3.42 -33.16 -35.94
C PRO D 135 -4.83 -33.44 -35.44
N PHE D 136 -5.75 -32.53 -35.75
CA PHE D 136 -7.16 -32.66 -35.42
C PHE D 136 -7.88 -33.35 -36.59
N ILE D 137 -8.27 -34.63 -36.39
CA ILE D 137 -8.83 -35.39 -37.48
C ILE D 137 -10.35 -35.29 -37.49
N PHE D 138 -10.87 -34.65 -38.55
CA PHE D 138 -12.28 -34.39 -38.78
C PHE D 138 -12.64 -34.88 -40.18
N ALA D 139 -13.18 -36.10 -40.28
CA ALA D 139 -13.42 -36.75 -41.55
C ALA D 139 -14.85 -36.59 -42.00
N PHE D 140 -15.08 -36.06 -43.21
CA PHE D 140 -16.44 -36.03 -43.76
C PHE D 140 -16.72 -37.24 -44.65
N LEU D 141 -17.92 -37.82 -44.54
CA LEU D 141 -18.31 -39.04 -45.23
C LEU D 141 -19.70 -38.89 -45.84
N PRO D 142 -20.08 -39.73 -46.82
CA PRO D 142 -21.49 -39.83 -47.23
C PRO D 142 -22.22 -40.47 -46.05
N MET D 143 -23.51 -40.19 -45.94
CA MET D 143 -24.27 -40.68 -44.80
C MET D 143 -24.36 -42.21 -44.74
N TRP D 144 -24.14 -42.89 -45.89
CA TRP D 144 -24.22 -44.36 -46.01
C TRP D 144 -22.89 -44.92 -46.43
N TRP D 145 -22.56 -46.09 -45.83
CA TRP D 145 -21.32 -46.76 -46.15
C TRP D 145 -21.31 -47.11 -47.64
N GLU D 146 -20.13 -46.93 -48.24
CA GLU D 146 -19.94 -47.12 -49.67
C GLU D 146 -19.66 -48.59 -49.96
N LYS D 147 -18.89 -49.26 -49.10
CA LYS D 147 -18.56 -50.68 -49.30
C LYS D 147 -18.94 -51.50 -48.09
N ASP D 148 -19.62 -52.61 -48.33
CA ASP D 148 -19.99 -53.60 -47.33
C ASP D 148 -19.26 -54.88 -47.67
N LEU D 149 -18.20 -55.18 -46.94
CA LEU D 149 -17.25 -56.20 -47.33
C LEU D 149 -17.35 -57.45 -46.47
N LYS D 150 -18.16 -57.41 -45.41
CA LYS D 150 -18.36 -58.60 -44.59
C LYS D 150 -19.48 -58.36 -43.61
N GLY D 151 -20.31 -59.37 -43.44
CA GLY D 151 -21.29 -59.40 -42.35
C GLY D 151 -22.60 -58.73 -42.72
N LYS D 152 -22.81 -58.45 -44.01
CA LYS D 152 -24.07 -57.94 -44.52
C LYS D 152 -25.25 -58.69 -43.89
N GLY D 153 -26.29 -57.95 -43.50
CA GLY D 153 -27.50 -58.53 -42.98
C GLY D 153 -27.50 -58.75 -41.47
N ARG D 154 -26.35 -58.49 -40.82
CA ARG D 154 -26.25 -58.62 -39.38
C ARG D 154 -27.17 -57.62 -38.70
N THR D 155 -27.90 -58.12 -37.67
CA THR D 155 -28.82 -57.32 -36.89
C THR D 155 -28.28 -57.10 -35.46
N ILE D 156 -29.06 -56.34 -34.72
CA ILE D 156 -28.71 -56.06 -33.34
C ILE D 156 -28.94 -57.33 -32.51
N GLU D 157 -29.94 -58.16 -32.88
CA GLU D 157 -30.22 -59.38 -32.17
C GLU D 157 -29.06 -60.36 -32.30
N ASP D 158 -28.18 -60.20 -33.29
CA ASP D 158 -27.07 -61.13 -33.47
C ASP D 158 -26.04 -60.97 -32.35
N GLY D 159 -26.14 -59.91 -31.55
CA GLY D 159 -25.28 -59.73 -30.39
C GLY D 159 -24.57 -58.37 -30.37
N ALA D 160 -23.94 -58.14 -29.21
CA ALA D 160 -23.24 -56.91 -28.87
C ALA D 160 -21.90 -56.85 -29.59
N ASN D 161 -21.64 -55.68 -30.19
CA ASN D 161 -20.56 -55.47 -31.16
C ASN D 161 -19.48 -54.61 -30.50
N TYR D 162 -18.20 -55.02 -30.60
CA TYR D 162 -17.03 -54.19 -30.32
C TYR D 162 -16.64 -53.55 -31.64
N ARG D 163 -17.12 -52.31 -31.83
CA ARG D 163 -17.08 -51.64 -33.12
C ARG D 163 -15.80 -50.83 -33.22
N PHE D 164 -14.82 -51.34 -33.98
CA PHE D 164 -13.54 -50.66 -34.13
C PHE D 164 -13.58 -49.75 -35.35
N ASN D 165 -13.74 -48.46 -35.11
CA ASN D 165 -13.78 -47.47 -36.17
C ASN D 165 -12.37 -46.93 -36.37
N MET D 166 -11.87 -47.01 -37.60
CA MET D 166 -10.50 -46.65 -37.86
C MET D 166 -10.44 -45.91 -39.17
N THR D 167 -9.75 -44.76 -39.16
CA THR D 167 -9.51 -43.98 -40.38
C THR D 167 -8.02 -43.99 -40.67
N ILE D 168 -7.66 -43.97 -41.96
CA ILE D 168 -6.27 -44.01 -42.39
C ILE D 168 -6.06 -43.09 -43.58
N GLY D 169 -4.84 -42.52 -43.65
CA GLY D 169 -4.43 -41.70 -44.77
C GLY D 169 -2.99 -42.01 -45.14
N PHE D 170 -2.75 -42.23 -46.43
CA PHE D 170 -1.47 -42.75 -46.88
C PHE D 170 -0.43 -41.64 -46.83
N PRO D 171 0.83 -41.95 -46.46
CA PRO D 171 1.86 -40.93 -46.26
C PRO D 171 2.02 -40.08 -47.51
N GLU D 172 2.70 -38.95 -47.35
CA GLU D 172 2.90 -38.04 -48.47
C GLU D 172 3.75 -38.72 -49.55
N GLY D 173 3.36 -38.46 -50.81
CA GLY D 173 4.00 -39.04 -51.97
C GLY D 173 3.69 -40.51 -52.21
N VAL D 174 2.64 -41.07 -51.59
CA VAL D 174 2.16 -42.42 -51.90
C VAL D 174 0.91 -42.32 -52.77
N ASP D 175 0.95 -42.97 -53.95
CA ASP D 175 -0.14 -42.92 -54.89
C ASP D 175 -1.40 -43.48 -54.21
N LYS D 176 -2.52 -42.78 -54.33
CA LYS D 176 -3.74 -43.10 -53.60
C LYS D 176 -4.38 -44.40 -54.11
N ALA D 177 -4.34 -44.56 -55.45
CA ALA D 177 -4.88 -45.75 -56.09
C ALA D 177 -4.12 -46.99 -55.59
N GLU D 178 -2.82 -46.83 -55.38
CA GLU D 178 -1.93 -47.90 -54.95
C GLU D 178 -2.21 -48.27 -53.49
N GLY D 179 -2.47 -47.25 -52.66
CA GLY D 179 -2.86 -47.47 -51.27
C GLY D 179 -4.21 -48.16 -51.16
N GLU D 180 -5.21 -47.69 -51.92
CA GLU D 180 -6.50 -48.35 -52.04
C GLU D 180 -6.32 -49.83 -52.38
N LYS D 181 -5.50 -50.12 -53.40
CA LYS D 181 -5.26 -51.48 -53.87
C LYS D 181 -4.66 -52.32 -52.73
N TRP D 182 -3.70 -51.77 -51.99
CA TRP D 182 -3.14 -52.45 -50.83
C TRP D 182 -4.23 -52.79 -49.82
N LEU D 183 -5.00 -51.78 -49.44
CA LEU D 183 -6.00 -51.92 -48.40
C LEU D 183 -6.98 -53.06 -48.74
N PHE D 184 -7.50 -53.05 -49.97
CA PHE D 184 -8.63 -53.91 -50.29
C PHE D 184 -8.18 -55.28 -50.77
N GLU D 185 -6.94 -55.37 -51.28
CA GLU D 185 -6.44 -56.62 -51.80
C GLU D 185 -5.59 -57.36 -50.77
N LYS D 186 -4.94 -56.65 -49.83
CA LYS D 186 -4.06 -57.31 -48.87
C LYS D 186 -4.67 -57.36 -47.46
N VAL D 187 -5.18 -56.21 -47.00
CA VAL D 187 -5.61 -56.05 -45.62
C VAL D 187 -6.97 -56.70 -45.39
N VAL D 188 -7.96 -56.27 -46.19
CA VAL D 188 -9.34 -56.69 -45.99
C VAL D 188 -9.46 -58.21 -46.01
N PRO D 189 -8.81 -58.96 -46.95
CA PRO D 189 -8.89 -60.42 -46.94
C PRO D 189 -8.53 -61.11 -45.62
N ILE D 190 -7.68 -60.46 -44.82
CA ILE D 190 -7.31 -61.02 -43.52
C ILE D 190 -8.47 -60.90 -42.54
N LEU D 191 -9.21 -59.79 -42.68
CA LEU D 191 -10.41 -59.53 -41.90
C LEU D 191 -11.48 -60.53 -42.29
N GLN D 192 -11.59 -60.80 -43.60
CA GLN D 192 -12.59 -61.73 -44.12
C GLN D 192 -12.28 -63.16 -43.68
N ALA D 193 -10.99 -63.48 -43.53
CA ALA D 193 -10.56 -64.81 -43.13
C ALA D 193 -10.85 -65.06 -41.66
N ALA D 194 -10.77 -64.02 -40.83
CA ALA D 194 -10.92 -64.16 -39.38
C ALA D 194 -12.37 -64.36 -38.97
N PRO D 195 -12.78 -65.53 -38.43
CA PRO D 195 -14.12 -65.69 -37.88
C PRO D 195 -14.42 -64.76 -36.70
N GLU D 196 -13.37 -64.23 -36.05
CA GLU D 196 -13.51 -63.35 -34.88
C GLU D 196 -14.03 -61.96 -35.30
N CYS D 197 -13.93 -61.66 -36.61
CA CYS D 197 -14.35 -60.38 -37.19
C CYS D 197 -15.72 -60.54 -37.84
N THR D 198 -16.74 -59.85 -37.28
CA THR D 198 -18.14 -60.08 -37.62
C THR D 198 -18.63 -59.12 -38.71
N ARG D 199 -17.88 -58.06 -39.00
CA ARG D 199 -18.35 -57.01 -39.91
C ARG D 199 -17.17 -56.19 -40.43
N VAL D 200 -17.27 -55.77 -41.70
CA VAL D 200 -16.30 -54.86 -42.30
C VAL D 200 -17.04 -53.89 -43.23
N LEU D 201 -16.80 -52.58 -42.99
CA LEU D 201 -17.46 -51.49 -43.70
C LEU D 201 -16.44 -50.41 -44.03
N ALA D 202 -16.61 -49.74 -45.19
CA ALA D 202 -15.67 -48.71 -45.60
C ALA D 202 -16.35 -47.64 -46.46
N SER D 203 -15.98 -46.39 -46.19
CA SER D 203 -16.34 -45.24 -47.01
C SER D 203 -15.06 -44.48 -47.33
N ALA D 204 -15.04 -43.84 -48.49
CA ALA D 204 -13.92 -42.99 -48.86
C ALA D 204 -14.20 -41.60 -48.31
N VAL D 205 -13.17 -41.01 -47.70
CA VAL D 205 -13.27 -39.70 -47.08
C VAL D 205 -13.47 -38.63 -48.16
N LYS D 206 -14.44 -37.72 -47.94
CA LYS D 206 -14.61 -36.51 -48.73
C LYS D 206 -13.47 -35.54 -48.38
N LYS D 207 -12.50 -35.52 -49.32
CA LYS D 207 -11.25 -34.77 -49.18
C LYS D 207 -11.47 -33.36 -49.70
N ASP D 208 -12.38 -33.27 -50.68
CA ASP D 208 -12.86 -32.04 -51.29
C ASP D 208 -13.55 -31.09 -50.31
N ILE D 209 -13.76 -31.48 -49.05
CA ILE D 209 -14.58 -30.68 -48.13
C ILE D 209 -13.68 -29.84 -47.22
N ASN D 210 -12.72 -30.49 -46.53
CA ASN D 210 -11.92 -29.83 -45.50
C ASN D 210 -10.44 -30.24 -45.56
N GLY D 211 -10.01 -30.83 -46.69
CA GLY D 211 -8.63 -31.25 -46.86
C GLY D 211 -8.13 -32.21 -45.78
N CYS D 212 -9.03 -33.02 -45.23
CA CYS D 212 -8.65 -34.03 -44.23
C CYS D 212 -7.60 -34.93 -44.88
N VAL D 213 -6.55 -35.26 -44.12
CA VAL D 213 -5.43 -36.04 -44.68
C VAL D 213 -5.82 -37.50 -44.87
N MET D 214 -6.92 -37.93 -44.22
CA MET D 214 -7.31 -39.33 -44.27
C MET D 214 -7.97 -39.63 -45.61
N ASP D 215 -7.92 -40.91 -46.00
CA ASP D 215 -8.43 -41.37 -47.29
C ASP D 215 -9.62 -42.30 -47.12
N TRP D 216 -9.59 -43.15 -46.07
CA TRP D 216 -10.62 -44.14 -45.82
C TRP D 216 -11.09 -44.06 -44.39
N VAL D 217 -12.33 -44.46 -44.16
CA VAL D 217 -12.82 -44.78 -42.83
C VAL D 217 -13.40 -46.19 -42.89
N LEU D 218 -13.01 -47.02 -41.91
CA LEU D 218 -13.52 -48.36 -41.83
C LEU D 218 -14.09 -48.59 -40.44
N GLU D 219 -15.09 -49.47 -40.39
CA GLU D 219 -15.52 -50.00 -39.11
C GLU D 219 -15.43 -51.50 -39.23
N ILE D 220 -14.81 -52.11 -38.20
CA ILE D 220 -14.46 -53.51 -38.20
C ILE D 220 -14.94 -54.07 -36.87
N TRP D 221 -15.92 -54.97 -36.89
CA TRP D 221 -16.53 -55.39 -35.64
C TRP D 221 -15.87 -56.67 -35.14
N PHE D 222 -15.80 -56.79 -33.80
CA PHE D 222 -15.42 -58.02 -33.13
C PHE D 222 -16.44 -58.30 -32.04
N GLU D 223 -16.21 -59.40 -31.32
CA GLU D 223 -17.04 -59.72 -30.16
C GLU D 223 -16.56 -58.91 -28.95
N ASN D 224 -15.24 -58.69 -28.88
CA ASN D 224 -14.57 -58.16 -27.70
C ASN D 224 -13.12 -57.77 -28.02
N GLN D 225 -12.48 -57.17 -27.03
CA GLN D 225 -11.09 -56.74 -27.12
C GLN D 225 -10.12 -57.83 -27.59
N SER D 226 -10.29 -59.07 -27.11
CA SER D 226 -9.39 -60.15 -27.47
C SER D 226 -9.51 -60.50 -28.96
N GLY D 227 -10.77 -60.55 -29.45
CA GLY D 227 -11.03 -60.73 -30.86
C GLY D 227 -10.31 -59.65 -31.68
N TRP D 228 -10.45 -58.38 -31.24
CA TRP D 228 -9.77 -57.27 -31.87
C TRP D 228 -8.27 -57.55 -31.96
N TYR D 229 -7.68 -57.93 -30.83
CA TYR D 229 -6.25 -58.14 -30.71
C TYR D 229 -5.79 -59.26 -31.65
N LYS D 230 -6.49 -60.40 -31.54
CA LYS D 230 -6.13 -61.60 -32.28
C LYS D 230 -6.00 -61.25 -33.77
N VAL D 231 -6.93 -60.43 -34.29
CA VAL D 231 -6.98 -60.15 -35.70
C VAL D 231 -6.07 -58.97 -36.07
N MET D 232 -6.20 -57.84 -35.37
CA MET D 232 -5.60 -56.59 -35.81
C MET D 232 -4.11 -56.52 -35.45
N VAL D 233 -3.68 -57.42 -34.56
CA VAL D 233 -2.28 -57.53 -34.19
C VAL D 233 -1.68 -58.83 -34.73
N ASP D 234 -2.21 -59.99 -34.29
CA ASP D 234 -1.61 -61.29 -34.58
C ASP D 234 -1.84 -61.69 -36.04
N ASP D 235 -3.08 -61.77 -36.51
CA ASP D 235 -3.33 -62.14 -37.91
C ASP D 235 -2.61 -61.21 -38.88
N MET D 236 -2.42 -59.95 -38.46
CA MET D 236 -1.90 -58.91 -39.34
C MET D 236 -0.37 -58.96 -39.41
N LYS D 237 0.27 -59.78 -38.57
CA LYS D 237 1.71 -59.95 -38.65
C LYS D 237 2.06 -60.56 -40.01
N ALA D 238 1.14 -61.37 -40.54
CA ALA D 238 1.26 -62.03 -41.83
C ALA D 238 1.54 -61.05 -42.96
N LEU D 239 1.24 -59.75 -42.76
CA LEU D 239 1.30 -58.80 -43.86
C LEU D 239 2.74 -58.41 -44.17
N GLU D 240 2.98 -58.35 -45.49
CA GLU D 240 4.14 -57.74 -46.11
C GLU D 240 4.23 -56.31 -45.59
N LYS D 241 5.39 -55.91 -45.06
CA LYS D 241 5.56 -54.54 -44.58
C LYS D 241 5.78 -53.61 -45.77
N PRO D 242 4.87 -52.67 -46.13
CA PRO D 242 5.04 -51.92 -47.36
C PRO D 242 6.23 -50.96 -47.28
N SER D 243 6.68 -50.53 -48.47
CA SER D 243 7.89 -49.73 -48.58
C SER D 243 7.70 -48.35 -47.94
N TRP D 244 6.45 -47.87 -47.88
CA TRP D 244 6.14 -46.55 -47.34
C TRP D 244 5.84 -46.57 -45.82
N ALA D 245 5.96 -47.76 -45.20
CA ALA D 245 5.53 -47.96 -43.82
C ALA D 245 6.14 -46.92 -42.91
N GLN D 246 5.34 -46.36 -41.98
CA GLN D 246 5.81 -45.42 -40.98
C GLN D 246 5.99 -46.10 -39.62
N GLN D 247 5.70 -47.40 -39.48
CA GLN D 247 6.03 -48.17 -38.29
C GLN D 247 6.14 -49.65 -38.71
N ASP D 248 6.69 -50.50 -37.84
CA ASP D 248 7.06 -51.85 -38.28
C ASP D 248 5.83 -52.71 -38.50
N ALA D 249 4.80 -52.51 -37.67
CA ALA D 249 3.65 -53.40 -37.63
C ALA D 249 2.42 -52.70 -38.21
N PHE D 250 1.48 -53.50 -38.74
CA PHE D 250 0.17 -52.99 -39.09
C PHE D 250 -0.38 -52.12 -37.95
N PRO D 251 -0.92 -50.90 -38.23
CA PRO D 251 -1.28 -50.43 -39.57
C PRO D 251 -0.25 -49.71 -40.46
N PHE D 252 1.04 -49.75 -40.07
CA PHE D 252 2.13 -49.23 -40.89
C PHE D 252 2.04 -47.72 -41.11
N LEU D 253 1.28 -47.02 -40.27
CA LEU D 253 1.04 -45.60 -40.43
C LEU D 253 1.26 -44.91 -39.09
N LYS D 254 1.63 -43.62 -39.17
CA LYS D 254 2.03 -42.88 -37.99
C LYS D 254 0.84 -42.67 -37.05
N PRO D 255 0.92 -43.18 -35.80
CA PRO D 255 -0.20 -43.02 -34.85
C PRO D 255 -0.64 -41.58 -34.70
N TYR D 256 -1.96 -41.37 -34.80
CA TYR D 256 -2.64 -40.11 -34.53
C TYR D 256 -2.45 -39.09 -35.65
N HIS D 257 -1.57 -39.41 -36.62
CA HIS D 257 -1.23 -38.54 -37.74
C HIS D 257 -1.81 -39.09 -39.05
N ASN D 258 -1.53 -40.36 -39.32
CA ASN D 258 -2.02 -41.04 -40.52
C ASN D 258 -2.96 -42.19 -40.19
N VAL D 259 -3.21 -42.44 -38.88
CA VAL D 259 -4.25 -43.36 -38.46
C VAL D 259 -4.82 -42.92 -37.12
N CYS D 260 -6.16 -42.87 -37.02
CA CYS D 260 -6.84 -42.71 -35.75
C CYS D 260 -7.93 -43.76 -35.68
N SER D 261 -8.38 -44.06 -34.46
CA SER D 261 -9.31 -45.15 -34.27
C SER D 261 -10.06 -44.98 -32.96
N ALA D 262 -11.08 -45.84 -32.78
CA ALA D 262 -11.81 -45.95 -31.52
C ALA D 262 -12.69 -47.19 -31.56
N ALA D 263 -12.80 -47.86 -30.41
CA ALA D 263 -13.68 -48.99 -30.27
C ALA D 263 -14.87 -48.52 -29.44
N VAL D 264 -16.10 -48.67 -29.98
CA VAL D 264 -17.29 -48.10 -29.38
C VAL D 264 -18.41 -49.13 -29.36
N ALA D 265 -19.45 -48.84 -28.58
CA ALA D 265 -20.59 -49.74 -28.44
C ALA D 265 -21.62 -49.42 -29.52
N ASP D 266 -22.62 -50.31 -29.67
CA ASP D 266 -23.70 -50.12 -30.62
C ASP D 266 -24.57 -48.91 -30.24
N TYR D 267 -24.58 -48.50 -28.95
CA TYR D 267 -25.52 -47.50 -28.44
C TYR D 267 -24.77 -46.43 -27.66
N THR D 268 -25.19 -45.18 -27.82
CA THR D 268 -24.78 -44.11 -26.92
C THR D 268 -26.02 -43.44 -26.32
N PRO D 269 -25.97 -43.05 -25.03
CA PRO D 269 -27.01 -42.20 -24.43
C PRO D 269 -26.85 -40.72 -24.79
N SER D 270 -25.70 -40.37 -25.38
CA SER D 270 -25.40 -38.98 -25.75
C SER D 270 -25.80 -38.77 -27.21
N ASN D 271 -27.11 -38.81 -27.47
CA ASN D 271 -27.67 -38.39 -28.75
C ASN D 271 -28.20 -36.97 -28.55
N ASN D 272 -27.33 -35.99 -28.79
CA ASN D 272 -27.38 -34.70 -28.10
C ASN D 272 -28.60 -33.87 -28.53
N LEU D 273 -29.05 -34.01 -29.78
CA LEU D 273 -30.16 -33.17 -30.24
C LEU D 273 -31.45 -33.60 -29.52
N ALA D 274 -31.62 -34.89 -29.25
CA ALA D 274 -32.80 -35.43 -28.59
C ALA D 274 -32.71 -35.38 -27.06
N ASN D 275 -31.52 -35.63 -26.50
CA ASN D 275 -31.44 -36.07 -25.12
C ASN D 275 -31.02 -34.97 -24.16
N TYR D 276 -30.36 -33.90 -24.63
CA TYR D 276 -29.70 -32.95 -23.73
C TYR D 276 -30.71 -32.11 -22.94
N ARG D 277 -30.54 -32.06 -21.58
CA ARG D 277 -31.41 -31.33 -20.67
C ARG D 277 -30.63 -30.38 -19.75
N GLY D 278 -29.43 -29.98 -20.19
CA GLY D 278 -28.55 -29.14 -19.40
C GLY D 278 -27.50 -29.96 -18.66
N TYR D 279 -26.51 -29.27 -18.06
CA TYR D 279 -25.42 -29.92 -17.32
C TYR D 279 -25.84 -30.10 -15.87
N ILE D 280 -26.72 -31.10 -15.65
CA ILE D 280 -27.28 -31.41 -14.34
C ILE D 280 -26.25 -32.22 -13.54
N THR D 281 -26.01 -31.77 -12.30
CA THR D 281 -24.96 -32.30 -11.46
C THR D 281 -25.49 -33.35 -10.47
N MET D 282 -24.60 -34.31 -10.18
CA MET D 282 -24.91 -35.39 -9.24
C MET D 282 -25.06 -34.78 -7.85
N ARG D 283 -25.80 -35.46 -6.98
CA ARG D 283 -26.07 -34.96 -5.65
C ARG D 283 -25.19 -35.66 -4.58
N ALA E 2 -34.29 -40.12 11.47
CA ALA E 2 -34.37 -40.65 10.10
C ALA E 2 -35.57 -39.99 9.43
N ASP E 3 -36.78 -40.12 9.98
CA ASP E 3 -38.03 -39.94 9.25
C ASP E 3 -38.17 -38.55 8.62
N PHE E 4 -38.72 -38.53 7.38
CA PHE E 4 -38.95 -37.32 6.63
C PHE E 4 -40.43 -37.17 6.35
N LYS E 5 -41.01 -36.02 6.73
CA LYS E 5 -42.44 -35.85 6.63
C LYS E 5 -42.92 -35.55 5.21
N PHE E 6 -43.95 -36.29 4.77
CA PHE E 6 -44.63 -36.00 3.51
C PHE E 6 -45.37 -34.68 3.66
N GLU E 7 -44.88 -33.62 2.99
CA GLU E 7 -45.38 -32.28 3.21
C GLU E 7 -45.60 -31.61 1.85
N PRO E 8 -46.65 -31.97 1.11
CA PRO E 8 -46.89 -31.40 -0.21
C PRO E 8 -47.37 -29.96 -0.12
N MET E 9 -46.60 -29.11 -0.82
CA MET E 9 -46.78 -27.66 -0.79
C MET E 9 -46.46 -27.03 -2.16
N ARG E 10 -47.00 -25.82 -2.38
CA ARG E 10 -46.69 -24.97 -3.52
C ARG E 10 -46.03 -23.72 -2.98
N SER E 11 -44.81 -23.40 -3.45
CA SER E 11 -44.09 -22.20 -3.07
C SER E 11 -44.31 -21.14 -4.14
N LEU E 12 -44.26 -19.87 -3.77
CA LEU E 12 -44.19 -18.77 -4.74
C LEU E 12 -43.13 -17.78 -4.31
N ILE E 13 -42.27 -17.39 -5.26
CA ILE E 13 -41.26 -16.37 -5.01
C ILE E 13 -41.55 -15.19 -5.93
N TYR E 14 -41.57 -13.98 -5.35
CA TYR E 14 -41.94 -12.79 -6.10
C TYR E 14 -40.66 -12.13 -6.61
N VAL E 15 -40.28 -12.41 -7.86
CA VAL E 15 -39.01 -11.95 -8.41
C VAL E 15 -39.18 -10.61 -9.11
N ASP E 16 -38.66 -9.55 -8.47
CA ASP E 16 -38.74 -8.22 -9.02
C ASP E 16 -37.51 -7.98 -9.90
N CYS E 17 -37.56 -6.90 -10.70
CA CYS E 17 -36.41 -6.38 -11.43
C CYS E 17 -36.49 -4.85 -11.40
N VAL E 18 -35.57 -4.22 -10.65
CA VAL E 18 -35.77 -2.83 -10.21
C VAL E 18 -35.37 -1.84 -11.29
N SER E 19 -34.94 -2.32 -12.46
CA SER E 19 -34.41 -1.44 -13.49
C SER E 19 -34.27 -2.22 -14.79
N GLU E 20 -34.64 -1.59 -15.91
CA GLU E 20 -34.58 -2.26 -17.20
C GLU E 20 -33.12 -2.55 -17.61
N ASP E 21 -32.17 -1.78 -17.06
CA ASP E 21 -30.78 -2.04 -17.40
C ASP E 21 -30.29 -3.35 -16.78
N TYR E 22 -31.01 -3.83 -15.76
CA TYR E 22 -30.66 -5.07 -15.08
C TYR E 22 -31.33 -6.28 -15.73
N ARG E 23 -32.37 -6.05 -16.54
CA ARG E 23 -33.21 -7.14 -17.00
C ARG E 23 -32.37 -8.17 -17.77
N PRO E 24 -31.57 -7.80 -18.78
CA PRO E 24 -30.77 -8.78 -19.53
C PRO E 24 -29.95 -9.72 -18.62
N LYS E 25 -29.34 -9.14 -17.57
CA LYS E 25 -28.41 -9.85 -16.72
C LYS E 25 -29.13 -10.77 -15.73
N LEU E 26 -30.23 -10.27 -15.16
CA LEU E 26 -31.04 -11.04 -14.23
C LEU E 26 -31.71 -12.18 -14.97
N GLN E 27 -32.23 -11.88 -16.16
CA GLN E 27 -32.91 -12.89 -16.97
C GLN E 27 -31.93 -13.99 -17.34
N ARG E 28 -30.72 -13.60 -17.76
CA ARG E 28 -29.64 -14.53 -18.03
C ARG E 28 -29.40 -15.44 -16.82
N TRP E 29 -29.21 -14.85 -15.64
CA TRP E 29 -28.90 -15.66 -14.48
C TRP E 29 -30.00 -16.69 -14.27
N ILE E 30 -31.25 -16.24 -14.31
CA ILE E 30 -32.38 -17.09 -14.04
C ILE E 30 -32.37 -18.30 -14.98
N TYR E 31 -32.23 -18.05 -16.30
CA TYR E 31 -32.46 -19.09 -17.30
C TYR E 31 -31.17 -19.89 -17.58
N LYS E 32 -29.99 -19.29 -17.34
CA LYS E 32 -28.74 -19.97 -17.64
C LYS E 32 -28.18 -20.71 -16.42
N VAL E 33 -28.45 -20.19 -15.22
CA VAL E 33 -27.78 -20.65 -14.01
C VAL E 33 -28.79 -21.19 -12.98
N ALA E 34 -29.84 -20.42 -12.66
CA ALA E 34 -30.73 -20.79 -11.59
C ALA E 34 -31.40 -22.12 -11.88
N ILE E 35 -31.80 -22.33 -13.14
CA ILE E 35 -32.53 -23.55 -13.49
C ILE E 35 -31.67 -24.79 -13.25
N PRO E 36 -30.51 -24.96 -13.92
CA PRO E 36 -29.71 -26.19 -13.74
C PRO E 36 -29.20 -26.39 -12.31
N ASP E 37 -28.73 -25.30 -11.65
CA ASP E 37 -28.32 -25.38 -10.25
C ASP E 37 -29.49 -25.93 -9.40
N SER E 38 -30.72 -25.46 -9.69
CA SER E 38 -31.93 -25.82 -8.96
C SER E 38 -32.27 -27.30 -9.17
N ILE E 39 -32.33 -27.73 -10.43
CA ILE E 39 -32.77 -29.08 -10.77
C ILE E 39 -31.71 -30.08 -10.28
N SER E 40 -30.45 -29.66 -10.32
CA SER E 40 -29.36 -30.43 -9.77
C SER E 40 -29.60 -30.78 -8.30
N GLN E 41 -30.36 -29.94 -7.58
CA GLN E 41 -30.52 -30.13 -6.14
C GLN E 41 -31.82 -30.87 -5.78
N PHE E 42 -32.95 -30.48 -6.40
CA PHE E 42 -34.26 -30.86 -5.87
C PHE E 42 -35.06 -31.73 -6.84
N GLU E 43 -34.46 -32.17 -7.95
CA GLU E 43 -35.14 -32.99 -8.93
C GLU E 43 -35.91 -34.15 -8.28
N PRO E 44 -35.32 -34.91 -7.33
CA PRO E 44 -35.99 -36.07 -6.77
C PRO E 44 -37.19 -35.84 -5.84
N TYR E 45 -37.39 -34.60 -5.36
CA TYR E 45 -38.47 -34.34 -4.43
C TYR E 45 -39.23 -33.05 -4.76
N VAL E 46 -39.08 -32.56 -5.99
CA VAL E 46 -39.94 -31.50 -6.49
C VAL E 46 -40.60 -32.03 -7.77
N THR E 47 -41.93 -31.93 -7.83
CA THR E 47 -42.69 -32.47 -8.95
C THR E 47 -42.90 -31.41 -10.04
N LYS E 48 -42.79 -30.11 -9.71
CA LYS E 48 -42.97 -29.10 -10.74
C LYS E 48 -42.26 -27.80 -10.37
N TYR E 49 -41.42 -27.34 -11.30
CA TYR E 49 -40.62 -26.13 -11.14
C TYR E 49 -40.91 -25.27 -12.36
N ALA E 50 -41.41 -24.06 -12.14
CA ALA E 50 -41.85 -23.24 -13.26
C ALA E 50 -41.71 -21.75 -12.95
N PHE E 51 -41.57 -20.97 -14.04
CA PHE E 51 -41.47 -19.52 -13.99
C PHE E 51 -42.62 -18.91 -14.78
N TYR E 52 -43.33 -17.95 -14.17
CA TYR E 52 -44.42 -17.26 -14.84
C TYR E 52 -44.02 -15.80 -15.05
N PRO E 53 -43.50 -15.40 -16.23
CA PRO E 53 -43.06 -14.03 -16.48
C PRO E 53 -44.22 -13.10 -16.23
N SER E 54 -43.96 -11.99 -15.53
CA SER E 54 -45.03 -11.06 -15.21
C SER E 54 -45.28 -10.18 -16.44
N PHE E 55 -46.55 -9.88 -16.69
CA PHE E 55 -46.93 -8.87 -17.68
C PHE E 55 -46.33 -7.53 -17.29
N PRO E 56 -46.24 -6.57 -18.25
CA PRO E 56 -45.75 -5.22 -17.95
C PRO E 56 -46.48 -4.62 -16.75
N ILE E 57 -45.69 -3.99 -15.88
CA ILE E 57 -46.24 -3.39 -14.67
C ILE E 57 -47.38 -2.44 -15.07
N PRO E 58 -48.61 -2.63 -14.53
CA PRO E 58 -49.72 -1.73 -14.86
C PRO E 58 -49.60 -0.44 -14.07
N PRO E 59 -50.33 0.63 -14.46
CA PRO E 59 -50.39 1.87 -13.69
C PRO E 59 -50.65 1.67 -12.19
N GLN E 60 -49.75 2.21 -11.38
CA GLN E 60 -49.83 2.18 -9.92
C GLN E 60 -49.52 0.78 -9.37
N GLY E 61 -48.99 -0.11 -10.22
CA GLY E 61 -48.58 -1.44 -9.77
C GLY E 61 -47.47 -1.37 -8.72
N ASP E 62 -46.59 -0.36 -8.83
CA ASP E 62 -45.52 -0.10 -7.88
C ASP E 62 -46.04 -0.14 -6.44
N ARG E 63 -47.30 0.29 -6.22
CA ARG E 63 -47.89 0.37 -4.89
C ARG E 63 -48.35 -0.99 -4.37
N PHE E 64 -48.33 -2.02 -5.23
CA PHE E 64 -48.72 -3.39 -4.89
C PHE E 64 -47.50 -4.32 -4.84
N GLY E 65 -46.31 -3.74 -4.78
CA GLY E 65 -45.08 -4.52 -4.76
C GLY E 65 -44.94 -5.40 -5.99
N TYR E 66 -45.19 -4.83 -7.16
CA TYR E 66 -45.34 -5.61 -8.39
C TYR E 66 -43.97 -6.14 -8.78
N ALA E 67 -43.86 -7.49 -8.85
CA ALA E 67 -42.65 -8.15 -9.31
C ALA E 67 -42.52 -8.02 -10.83
N ARG E 68 -41.57 -7.19 -11.25
CA ARG E 68 -41.40 -6.84 -12.66
C ARG E 68 -40.62 -7.91 -13.43
N MET E 69 -40.32 -9.07 -12.84
CA MET E 69 -39.62 -10.08 -13.61
C MET E 69 -40.52 -11.31 -13.77
N GLN E 70 -40.82 -12.02 -12.66
CA GLN E 70 -41.63 -13.23 -12.74
C GLN E 70 -42.10 -13.66 -11.36
N LEU E 71 -42.95 -14.71 -11.36
CA LEU E 71 -43.20 -15.56 -10.22
C LEU E 71 -42.39 -16.84 -10.38
N THR E 72 -41.89 -17.37 -9.25
CA THR E 72 -41.17 -18.63 -9.28
C THR E 72 -41.91 -19.64 -8.40
N GLU E 73 -42.35 -20.73 -9.04
CA GLU E 73 -43.34 -21.66 -8.52
C GLU E 73 -42.74 -23.07 -8.44
N HIS E 74 -42.56 -23.54 -7.20
CA HIS E 74 -42.15 -24.91 -6.94
C HIS E 74 -43.30 -25.71 -6.33
N HIS E 75 -43.37 -27.01 -6.66
CA HIS E 75 -44.23 -27.95 -5.97
C HIS E 75 -43.38 -29.00 -5.26
N TRP E 76 -43.42 -28.96 -3.92
CA TRP E 76 -42.53 -29.71 -3.04
C TRP E 76 -43.25 -30.94 -2.52
N LEU E 77 -42.50 -32.03 -2.32
CA LEU E 77 -43.01 -33.18 -1.59
C LEU E 77 -42.55 -33.15 -0.13
N VAL E 78 -41.53 -32.34 0.20
CA VAL E 78 -41.05 -32.17 1.57
C VAL E 78 -40.69 -30.71 1.84
N SER E 79 -40.64 -30.35 3.14
CA SER E 79 -40.30 -28.99 3.56
C SER E 79 -38.84 -28.70 3.21
N ASP E 80 -38.59 -27.72 2.31
CA ASP E 80 -37.23 -27.36 1.94
C ASP E 80 -36.49 -26.71 3.12
N LEU E 81 -37.24 -26.35 4.19
CA LEU E 81 -36.65 -25.73 5.37
C LEU E 81 -36.33 -26.76 6.46
N ASP E 82 -36.57 -28.05 6.21
CA ASP E 82 -36.03 -29.09 7.07
C ASP E 82 -34.52 -28.84 7.13
N PRO E 83 -33.92 -28.72 8.35
CA PRO E 83 -32.49 -28.43 8.50
C PRO E 83 -31.54 -29.40 7.78
N ARG E 84 -32.00 -30.65 7.58
CA ARG E 84 -31.17 -31.68 6.97
C ARG E 84 -30.96 -31.40 5.48
N LEU E 85 -31.83 -30.54 4.92
CA LEU E 85 -31.82 -30.20 3.52
C LEU E 85 -30.86 -29.04 3.24
N GLU E 86 -30.27 -28.46 4.29
CA GLU E 86 -29.22 -27.45 4.13
C GLU E 86 -27.96 -28.03 3.48
N ILE E 87 -27.76 -29.35 3.54
CA ILE E 87 -26.58 -29.98 2.99
C ILE E 87 -26.80 -30.38 1.53
N LYS E 88 -25.90 -29.87 0.68
CA LYS E 88 -25.92 -30.09 -0.75
C LYS E 88 -24.51 -30.49 -1.19
N ALA E 89 -24.39 -31.55 -1.99
CA ALA E 89 -23.09 -31.86 -2.57
C ALA E 89 -22.55 -30.67 -3.36
N ILE E 90 -23.30 -30.28 -4.40
CA ILE E 90 -23.02 -29.09 -5.19
C ILE E 90 -23.93 -27.98 -4.68
N ALA E 91 -23.34 -26.82 -4.43
CA ALA E 91 -24.06 -25.61 -4.07
C ALA E 91 -24.33 -24.74 -5.30
N GLU E 92 -25.30 -23.82 -5.10
CA GLU E 92 -25.84 -22.94 -6.14
C GLU E 92 -24.87 -21.79 -6.38
N THR E 93 -24.89 -21.22 -7.59
CA THR E 93 -24.27 -19.92 -7.84
C THR E 93 -25.34 -18.85 -7.68
N PHE E 94 -25.17 -18.00 -6.66
CA PHE E 94 -26.15 -16.99 -6.30
C PHE E 94 -25.43 -15.72 -5.87
N PRO E 95 -24.89 -14.89 -6.83
CA PRO E 95 -24.13 -13.70 -6.45
C PRO E 95 -25.00 -12.65 -5.76
N MET E 96 -24.32 -11.81 -4.95
CA MET E 96 -24.85 -10.58 -4.42
C MET E 96 -25.64 -9.83 -5.51
N ASP E 97 -25.12 -9.82 -6.76
CA ASP E 97 -25.69 -8.98 -7.81
C ASP E 97 -27.18 -9.30 -8.05
N VAL E 98 -27.55 -10.58 -7.90
CA VAL E 98 -28.93 -10.97 -8.14
C VAL E 98 -29.85 -10.23 -7.18
N LEU E 99 -29.37 -10.02 -5.95
CA LEU E 99 -30.15 -9.36 -4.93
C LEU E 99 -30.25 -7.86 -5.21
N VAL E 100 -29.23 -7.29 -5.86
CA VAL E 100 -29.28 -5.90 -6.28
C VAL E 100 -30.36 -5.73 -7.34
N TRP E 101 -30.36 -6.67 -8.30
CA TRP E 101 -31.23 -6.63 -9.47
C TRP E 101 -32.67 -6.79 -9.02
N GLN E 102 -32.92 -7.66 -8.04
CA GLN E 102 -34.27 -7.97 -7.56
C GLN E 102 -34.74 -6.89 -6.58
N GLY E 103 -33.79 -6.19 -5.95
CA GLY E 103 -34.09 -5.05 -5.11
C GLY E 103 -34.01 -5.36 -3.61
N GLN E 104 -33.57 -6.58 -3.29
CA GLN E 104 -33.19 -6.96 -1.94
C GLN E 104 -32.10 -6.04 -1.37
N ILE E 105 -31.21 -5.52 -2.24
CA ILE E 105 -30.14 -4.61 -1.88
C ILE E 105 -30.15 -3.40 -2.82
N PRO E 106 -29.77 -2.18 -2.37
CA PRO E 106 -29.72 -1.01 -3.26
C PRO E 106 -28.35 -0.69 -3.88
N ALA E 107 -28.20 0.45 -4.61
CA ALA E 107 -26.92 1.18 -4.62
C ALA E 107 -27.18 2.39 -3.71
N ALA E 131 -33.57 3.71 -1.43
CA ALA E 131 -32.20 3.32 -1.00
C ALA E 131 -32.25 2.68 0.40
N GLU E 132 -33.09 1.65 0.55
CA GLU E 132 -33.22 0.86 1.80
C GLU E 132 -33.24 -0.67 1.59
N GLY E 133 -33.91 -1.22 0.57
CA GLY E 133 -33.82 -2.65 0.28
C GLY E 133 -35.11 -3.37 0.70
N ASN E 134 -35.39 -4.49 0.02
CA ASN E 134 -36.70 -5.11 0.06
C ASN E 134 -36.55 -6.58 0.44
N PRO E 135 -37.44 -7.15 1.26
CA PRO E 135 -37.25 -8.51 1.76
C PRO E 135 -37.48 -9.48 0.61
N PHE E 136 -36.96 -10.71 0.77
CA PHE E 136 -37.14 -11.77 -0.19
C PHE E 136 -38.39 -12.57 0.14
N ILE E 137 -39.45 -12.40 -0.65
CA ILE E 137 -40.72 -13.00 -0.30
C ILE E 137 -40.87 -14.37 -0.96
N PHE E 138 -40.90 -15.39 -0.08
CA PHE E 138 -40.95 -16.80 -0.44
C PHE E 138 -42.08 -17.42 0.38
N ALA E 139 -43.27 -17.56 -0.24
CA ALA E 139 -44.46 -17.97 0.49
C ALA E 139 -44.74 -19.44 0.26
N PHE E 140 -44.89 -20.22 1.35
CA PHE E 140 -45.30 -21.61 1.17
C PHE E 140 -46.81 -21.78 1.34
N LEU E 141 -47.43 -22.62 0.50
CA LEU E 141 -48.88 -22.80 0.45
C LEU E 141 -49.23 -24.28 0.39
N PRO E 142 -50.49 -24.67 0.72
CA PRO E 142 -50.97 -26.01 0.39
C PRO E 142 -51.11 -26.06 -1.13
N MET E 143 -51.00 -27.26 -1.71
CA MET E 143 -50.97 -27.34 -3.16
C MET E 143 -52.30 -26.89 -3.81
N TRP E 144 -53.41 -26.89 -3.03
CA TRP E 144 -54.74 -26.50 -3.51
C TRP E 144 -55.24 -25.29 -2.73
N TRP E 145 -55.93 -24.42 -3.46
CA TRP E 145 -56.49 -23.22 -2.86
C TRP E 145 -57.48 -23.62 -1.77
N GLU E 146 -57.44 -22.85 -0.68
CA GLU E 146 -58.25 -23.13 0.50
C GLU E 146 -59.64 -22.52 0.33
N LYS E 147 -59.72 -21.32 -0.26
CA LYS E 147 -61.00 -20.64 -0.43
C LYS E 147 -61.22 -20.26 -1.89
N ASP E 148 -62.42 -20.60 -2.40
CA ASP E 148 -62.84 -20.27 -3.75
C ASP E 148 -64.04 -19.33 -3.62
N LEU E 149 -63.80 -18.04 -3.84
CA LEU E 149 -64.74 -17.01 -3.44
C LEU E 149 -65.44 -16.39 -4.63
N LYS E 150 -65.04 -16.74 -5.85
CA LYS E 150 -65.73 -16.24 -7.02
C LYS E 150 -65.22 -16.96 -8.24
N GLY E 151 -66.16 -17.31 -9.13
CA GLY E 151 -65.82 -17.77 -10.46
C GLY E 151 -65.61 -19.28 -10.52
N LYS E 152 -65.98 -20.00 -9.44
CA LYS E 152 -65.93 -21.46 -9.46
C LYS E 152 -66.49 -22.02 -10.77
N GLY E 153 -65.81 -23.04 -11.32
CA GLY E 153 -66.30 -23.72 -12.51
C GLY E 153 -65.79 -23.12 -13.81
N ARG E 154 -65.10 -21.97 -13.72
CA ARG E 154 -64.51 -21.34 -14.88
C ARG E 154 -63.43 -22.23 -15.48
N THR E 155 -63.47 -22.38 -16.83
CA THR E 155 -62.52 -23.17 -17.59
C THR E 155 -61.62 -22.27 -18.43
N ILE E 156 -60.70 -22.95 -19.12
CA ILE E 156 -59.79 -22.25 -20.00
C ILE E 156 -60.55 -21.76 -21.23
N GLU E 157 -61.58 -22.51 -21.67
CA GLU E 157 -62.38 -22.11 -22.82
C GLU E 157 -63.14 -20.82 -22.54
N ASP E 158 -63.32 -20.44 -21.28
CA ASP E 158 -64.08 -19.22 -20.98
C ASP E 158 -63.27 -17.99 -21.36
N GLY E 159 -61.98 -18.13 -21.69
CA GLY E 159 -61.19 -17.03 -22.20
C GLY E 159 -59.88 -16.83 -21.41
N ALA E 160 -59.05 -15.95 -21.99
CA ALA E 160 -57.73 -15.60 -21.51
C ALA E 160 -57.79 -14.71 -20.28
N ASN E 161 -57.01 -15.09 -19.26
CA ASN E 161 -57.12 -14.54 -17.92
C ASN E 161 -55.91 -13.65 -17.62
N TYR E 162 -56.14 -12.42 -17.11
CA TYR E 162 -55.13 -11.56 -16.50
C TYR E 162 -55.10 -11.89 -15.02
N ARG E 163 -54.18 -12.79 -14.64
CA ARG E 163 -54.18 -13.42 -13.33
C ARG E 163 -53.32 -12.59 -12.38
N PHE E 164 -53.97 -11.82 -11.50
CA PHE E 164 -53.26 -10.96 -10.55
C PHE E 164 -53.04 -11.72 -9.24
N ASN E 165 -51.82 -12.20 -9.06
CA ASN E 165 -51.44 -12.92 -7.86
C ASN E 165 -50.86 -11.92 -6.87
N MET E 166 -51.42 -11.88 -5.67
CA MET E 166 -51.01 -10.88 -4.71
C MET E 166 -50.96 -11.54 -3.33
N THR E 167 -49.83 -11.30 -2.63
CA THR E 167 -49.68 -11.77 -1.26
C THR E 167 -49.59 -10.56 -0.34
N ILE E 168 -50.13 -10.70 0.89
CA ILE E 168 -50.16 -9.62 1.85
C ILE E 168 -49.86 -10.15 3.25
N GLY E 169 -49.21 -9.30 4.05
CA GLY E 169 -48.97 -9.58 5.44
C GLY E 169 -49.22 -8.34 6.29
N PHE E 170 -50.00 -8.50 7.36
CA PHE E 170 -50.45 -7.36 8.14
C PHE E 170 -49.30 -6.82 8.96
N PRO E 171 -49.20 -5.49 9.14
CA PRO E 171 -48.06 -4.87 9.81
C PRO E 171 -47.90 -5.44 11.21
N GLU E 172 -46.73 -5.19 11.80
CA GLU E 172 -46.40 -5.70 13.11
C GLU E 172 -47.37 -5.12 14.14
N GLY E 173 -47.78 -5.98 15.09
CA GLY E 173 -48.73 -5.63 16.14
C GLY E 173 -50.18 -5.48 15.68
N VAL E 174 -50.55 -5.98 14.48
CA VAL E 174 -51.94 -6.01 14.04
C VAL E 174 -52.49 -7.43 14.22
N ASP E 175 -53.61 -7.53 14.94
CA ASP E 175 -54.21 -8.82 15.22
C ASP E 175 -54.58 -9.49 13.89
N LYS E 176 -54.18 -10.77 13.75
CA LYS E 176 -54.30 -11.49 12.49
C LYS E 176 -55.77 -11.80 12.17
N ALA E 177 -56.52 -12.16 13.21
CA ALA E 177 -57.95 -12.46 13.07
C ALA E 177 -58.68 -11.22 12.55
N GLU E 178 -58.25 -10.04 13.03
CA GLU E 178 -58.86 -8.78 12.67
C GLU E 178 -58.54 -8.42 11.21
N GLY E 179 -57.29 -8.70 10.79
CA GLY E 179 -56.88 -8.50 9.41
C GLY E 179 -57.63 -9.42 8.45
N GLU E 180 -57.70 -10.71 8.81
CA GLU E 180 -58.52 -11.69 8.08
C GLU E 180 -59.94 -11.15 7.88
N LYS E 181 -60.56 -10.69 8.98
CA LYS E 181 -61.93 -10.21 8.95
C LYS E 181 -62.06 -9.02 7.99
N TRP E 182 -61.10 -8.09 8.04
CA TRP E 182 -61.07 -6.97 7.10
C TRP E 182 -61.03 -7.45 5.67
N LEU E 183 -60.08 -8.34 5.38
CA LEU E 183 -59.85 -8.80 4.02
C LEU E 183 -61.12 -9.41 3.42
N PHE E 184 -61.77 -10.31 4.18
CA PHE E 184 -62.82 -11.13 3.61
C PHE E 184 -64.17 -10.44 3.68
N GLU E 185 -64.33 -9.50 4.62
CA GLU E 185 -65.61 -8.85 4.83
C GLU E 185 -65.65 -7.48 4.17
N LYS E 186 -64.51 -6.82 3.95
CA LYS E 186 -64.51 -5.50 3.31
C LYS E 186 -63.96 -5.53 1.89
N VAL E 187 -62.81 -6.20 1.69
CA VAL E 187 -62.09 -6.15 0.43
C VAL E 187 -62.75 -7.06 -0.60
N VAL E 188 -62.88 -8.35 -0.26
CA VAL E 188 -63.36 -9.35 -1.18
C VAL E 188 -64.73 -8.97 -1.75
N PRO E 189 -65.72 -8.47 -0.97
CA PRO E 189 -67.01 -8.07 -1.53
C PRO E 189 -66.95 -7.07 -2.69
N ILE E 190 -65.89 -6.24 -2.73
CA ILE E 190 -65.72 -5.29 -3.82
C ILE E 190 -65.33 -6.03 -5.10
N LEU E 191 -64.53 -7.08 -4.92
CA LEU E 191 -64.12 -7.97 -6.00
C LEU E 191 -65.33 -8.72 -6.53
N GLN E 192 -66.19 -9.18 -5.61
CA GLN E 192 -67.38 -9.93 -5.96
C GLN E 192 -68.39 -9.06 -6.69
N ALA E 193 -68.43 -7.76 -6.34
CA ALA E 193 -69.36 -6.81 -6.94
C ALA E 193 -68.94 -6.47 -8.37
N ALA E 194 -67.62 -6.46 -8.63
CA ALA E 194 -67.08 -6.03 -9.90
C ALA E 194 -67.27 -7.10 -10.99
N PRO E 195 -68.09 -6.86 -12.04
CA PRO E 195 -68.17 -7.79 -13.17
C PRO E 195 -66.85 -7.95 -13.92
N GLU E 196 -65.93 -6.99 -13.76
CA GLU E 196 -64.63 -7.01 -14.44
C GLU E 196 -63.71 -8.10 -13.86
N CYS E 197 -64.05 -8.58 -12.64
CA CYS E 197 -63.27 -9.56 -11.90
C CYS E 197 -63.92 -10.94 -12.04
N THR E 198 -63.22 -11.87 -12.71
CA THR E 198 -63.77 -13.15 -13.15
C THR E 198 -63.52 -14.26 -12.14
N ARG E 199 -62.61 -14.04 -11.18
CA ARG E 199 -62.18 -15.12 -10.28
C ARG E 199 -61.53 -14.55 -9.02
N VAL E 200 -61.76 -15.20 -7.88
CA VAL E 200 -61.08 -14.87 -6.63
C VAL E 200 -60.77 -16.14 -5.86
N LEU E 201 -59.49 -16.29 -5.49
CA LEU E 201 -58.96 -17.46 -4.81
C LEU E 201 -58.02 -17.03 -3.69
N ALA E 202 -57.97 -17.80 -2.59
CA ALA E 202 -57.13 -17.45 -1.46
C ALA E 202 -56.69 -18.69 -0.68
N SER E 203 -55.42 -18.68 -0.27
CA SER E 203 -54.86 -19.65 0.64
C SER E 203 -54.15 -18.88 1.75
N ALA E 204 -54.13 -19.46 2.96
CA ALA E 204 -53.37 -18.89 4.06
C ALA E 204 -51.94 -19.40 3.99
N VAL E 205 -50.99 -18.49 4.15
CA VAL E 205 -49.56 -18.79 4.04
C VAL E 205 -49.15 -19.71 5.21
N LYS E 206 -48.38 -20.77 4.91
CA LYS E 206 -47.70 -21.58 5.91
C LYS E 206 -46.52 -20.80 6.49
N LYS E 207 -46.76 -20.27 7.69
CA LYS E 207 -45.87 -19.36 8.40
C LYS E 207 -44.88 -20.19 9.21
N ASP E 208 -45.38 -21.37 9.64
CA ASP E 208 -44.66 -22.40 10.35
C ASP E 208 -43.47 -22.98 9.57
N ILE E 209 -43.26 -22.59 8.29
CA ILE E 209 -42.26 -23.24 7.47
C ILE E 209 -40.97 -22.42 7.44
N ASN E 210 -41.08 -21.12 7.08
CA ASN E 210 -39.92 -20.26 6.83
C ASN E 210 -40.10 -18.87 7.42
N GLY E 211 -41.07 -18.69 8.34
CA GLY E 211 -41.32 -17.41 8.97
C GLY E 211 -41.62 -16.27 7.97
N CYS E 212 -42.21 -16.61 6.83
CA CYS E 212 -42.58 -15.61 5.84
C CYS E 212 -43.52 -14.61 6.52
N VAL E 213 -43.31 -13.31 6.29
CA VAL E 213 -44.10 -12.27 6.95
C VAL E 213 -45.51 -12.20 6.38
N MET E 214 -45.75 -12.79 5.21
CA MET E 214 -47.06 -12.71 4.57
C MET E 214 -48.04 -13.66 5.26
N ASP E 215 -49.33 -13.33 5.16
CA ASP E 215 -50.40 -14.06 5.83
C ASP E 215 -51.32 -14.75 4.82
N TRP E 216 -51.58 -14.08 3.68
CA TRP E 216 -52.49 -14.57 2.66
C TRP E 216 -51.82 -14.52 1.29
N VAL E 217 -52.26 -15.41 0.41
CA VAL E 217 -52.00 -15.27 -1.02
C VAL E 217 -53.34 -15.34 -1.73
N LEU E 218 -53.57 -14.39 -2.64
CA LEU E 218 -54.78 -14.35 -3.41
C LEU E 218 -54.43 -14.30 -4.89
N GLU E 219 -55.31 -14.87 -5.70
CA GLU E 219 -55.25 -14.64 -7.12
C GLU E 219 -56.62 -14.11 -7.53
N ILE E 220 -56.59 -13.02 -8.31
CA ILE E 220 -57.76 -12.26 -8.65
C ILE E 220 -57.70 -12.04 -10.15
N TRP E 221 -58.63 -12.63 -10.90
CA TRP E 221 -58.52 -12.57 -12.35
C TRP E 221 -59.32 -11.41 -12.91
N PHE E 222 -58.80 -10.85 -14.01
CA PHE E 222 -59.48 -9.86 -14.81
C PHE E 222 -59.41 -10.32 -16.27
N GLU E 223 -60.02 -9.52 -17.13
CA GLU E 223 -59.92 -9.73 -18.57
C GLU E 223 -58.60 -9.13 -19.06
N ASN E 224 -58.18 -8.01 -18.45
CA ASN E 224 -57.07 -7.20 -18.92
C ASN E 224 -56.66 -6.18 -17.86
N GLN E 225 -55.57 -5.46 -18.17
CA GLN E 225 -55.01 -4.41 -17.34
C GLN E 225 -56.04 -3.36 -16.89
N SER E 226 -56.94 -2.94 -17.81
CA SER E 226 -57.91 -1.90 -17.48
C SER E 226 -58.92 -2.41 -16.44
N GLY E 227 -59.37 -3.65 -16.61
CA GLY E 227 -60.21 -4.31 -15.61
C GLY E 227 -59.52 -4.32 -14.24
N TRP E 228 -58.23 -4.70 -14.24
CA TRP E 228 -57.44 -4.69 -13.02
C TRP E 228 -57.49 -3.30 -12.37
N TYR E 229 -57.22 -2.27 -13.18
CA TYR E 229 -57.13 -0.89 -12.70
C TYR E 229 -58.47 -0.45 -12.12
N LYS E 230 -59.53 -0.65 -12.92
CA LYS E 230 -60.86 -0.17 -12.57
C LYS E 230 -61.22 -0.69 -11.17
N VAL E 231 -60.88 -1.95 -10.88
CA VAL E 231 -61.30 -2.58 -9.63
C VAL E 231 -60.30 -2.28 -8.51
N MET E 232 -59.01 -2.54 -8.74
CA MET E 232 -58.01 -2.56 -7.67
C MET E 232 -57.57 -1.16 -7.27
N VAL E 233 -57.89 -0.18 -8.13
CA VAL E 233 -57.61 1.22 -7.83
C VAL E 233 -58.91 1.98 -7.59
N ASP E 234 -59.81 2.05 -8.60
CA ASP E 234 -60.98 2.91 -8.55
C ASP E 234 -62.05 2.35 -7.60
N ASP E 235 -62.51 1.11 -7.80
CA ASP E 235 -63.52 0.55 -6.91
C ASP E 235 -63.03 0.54 -5.45
N MET E 236 -61.71 0.43 -5.25
CA MET E 236 -61.13 0.24 -3.93
C MET E 236 -60.96 1.58 -3.21
N LYS E 237 -61.18 2.71 -3.90
CA LYS E 237 -61.12 4.00 -3.24
C LYS E 237 -62.22 4.07 -2.19
N ALA E 238 -63.33 3.37 -2.46
CA ALA E 238 -64.50 3.28 -1.59
C ALA E 238 -64.12 2.78 -0.20
N LEU E 239 -62.96 2.13 -0.05
CA LEU E 239 -62.63 1.47 1.22
C LEU E 239 -62.22 2.49 2.28
N GLU E 240 -62.74 2.22 3.48
CA GLU E 240 -62.33 2.79 4.74
C GLU E 240 -60.83 2.59 4.88
N LYS E 241 -60.05 3.65 5.13
CA LYS E 241 -58.61 3.51 5.31
C LYS E 241 -58.32 2.98 6.71
N PRO E 242 -57.80 1.74 6.91
CA PRO E 242 -57.67 1.21 8.27
C PRO E 242 -56.61 1.96 9.08
N SER E 243 -56.70 1.81 10.40
CA SER E 243 -55.86 2.57 11.32
C SER E 243 -54.39 2.17 11.19
N TRP E 244 -54.13 0.93 10.75
CA TRP E 244 -52.77 0.39 10.62
C TRP E 244 -52.15 0.67 9.24
N ALA E 245 -52.88 1.37 8.37
CA ALA E 245 -52.49 1.55 6.98
C ALA E 245 -51.06 2.07 6.88
N GLN E 246 -50.27 1.51 5.96
CA GLN E 246 -48.90 1.95 5.70
C GLN E 246 -48.82 2.76 4.42
N GLN E 247 -49.94 3.01 3.72
CA GLN E 247 -50.01 3.97 2.62
C GLN E 247 -51.48 4.41 2.53
N ASP E 248 -51.73 5.50 1.78
CA ASP E 248 -53.04 6.13 1.83
C ASP E 248 -54.08 5.25 1.13
N ALA E 249 -53.68 4.58 0.05
CA ALA E 249 -54.61 3.89 -0.83
C ALA E 249 -54.50 2.37 -0.67
N PHE E 250 -55.59 1.64 -0.97
CA PHE E 250 -55.52 0.19 -1.10
C PHE E 250 -54.31 -0.19 -1.97
N PRO E 251 -53.45 -1.16 -1.56
CA PRO E 251 -53.72 -2.10 -0.47
C PRO E 251 -53.34 -1.75 0.99
N PHE E 252 -53.00 -0.48 1.24
CA PHE E 252 -52.78 0.02 2.60
C PHE E 252 -51.57 -0.64 3.27
N LEU E 253 -50.68 -1.25 2.49
CA LEU E 253 -49.54 -1.99 3.01
C LEU E 253 -48.29 -1.56 2.26
N LYS E 254 -47.14 -1.70 2.95
CA LYS E 254 -45.88 -1.18 2.44
C LYS E 254 -45.45 -1.97 1.20
N PRO E 255 -45.31 -1.31 0.03
CA PRO E 255 -44.89 -1.99 -1.20
C PRO E 255 -43.62 -2.83 -1.00
N TYR E 256 -43.69 -4.09 -1.46
CA TYR E 256 -42.56 -5.01 -1.55
C TYR E 256 -42.18 -5.58 -0.17
N HIS E 257 -42.77 -5.03 0.90
CA HIS E 257 -42.49 -5.42 2.28
C HIS E 257 -43.65 -6.19 2.91
N ASN E 258 -44.85 -5.61 2.80
CA ASN E 258 -46.07 -6.22 3.32
C ASN E 258 -47.06 -6.55 2.20
N VAL E 259 -46.70 -6.23 0.93
CA VAL E 259 -47.48 -6.70 -0.20
C VAL E 259 -46.54 -6.87 -1.41
N CYS E 260 -46.65 -8.02 -2.08
CA CYS E 260 -46.04 -8.24 -3.39
C CYS E 260 -47.11 -8.84 -4.30
N SER E 261 -46.87 -8.70 -5.61
CA SER E 261 -47.88 -9.09 -6.57
C SER E 261 -47.23 -9.37 -7.92
N ALA E 262 -48.05 -9.91 -8.83
CA ALA E 262 -47.69 -10.06 -10.23
C ALA E 262 -48.93 -10.44 -11.03
N ALA E 263 -49.02 -9.92 -12.26
CA ALA E 263 -50.07 -10.29 -13.18
C ALA E 263 -49.44 -11.21 -14.22
N VAL E 264 -49.98 -12.43 -14.39
CA VAL E 264 -49.37 -13.46 -15.22
C VAL E 264 -50.42 -14.11 -16.11
N ALA E 265 -49.95 -14.85 -17.13
CA ALA E 265 -50.84 -15.50 -18.06
C ALA E 265 -51.22 -16.88 -17.55
N ASP E 266 -52.22 -17.50 -18.20
CA ASP E 266 -52.65 -18.86 -17.87
C ASP E 266 -51.53 -19.88 -18.15
N TYR E 267 -50.59 -19.57 -19.06
CA TYR E 267 -49.63 -20.55 -19.57
C TYR E 267 -48.23 -19.97 -19.50
N THR E 268 -47.26 -20.80 -19.09
CA THR E 268 -45.85 -20.49 -19.27
C THR E 268 -45.18 -21.59 -20.08
N PRO E 269 -44.25 -21.21 -20.99
CA PRO E 269 -43.37 -22.19 -21.65
C PRO E 269 -42.21 -22.65 -20.77
N SER E 270 -41.99 -21.95 -19.64
CA SER E 270 -40.90 -22.27 -18.73
C SER E 270 -41.45 -23.19 -17.63
N ASN E 271 -41.82 -24.42 -18.02
CA ASN E 271 -42.11 -25.49 -17.08
C ASN E 271 -40.85 -26.35 -17.00
N ASN E 272 -39.97 -25.98 -16.06
CA ASN E 272 -38.54 -26.23 -16.19
C ASN E 272 -38.20 -27.71 -16.11
N LEU E 273 -38.96 -28.50 -15.34
CA LEU E 273 -38.60 -29.91 -15.18
C LEU E 273 -38.83 -30.65 -16.49
N ALA E 274 -39.86 -30.29 -17.25
CA ALA E 274 -40.20 -30.93 -18.52
C ALA E 274 -39.44 -30.33 -19.70
N ASN E 275 -39.24 -29.01 -19.71
CA ASN E 275 -38.99 -28.31 -20.97
C ASN E 275 -37.54 -27.94 -21.17
N TYR E 276 -36.71 -27.86 -20.12
CA TYR E 276 -35.38 -27.27 -20.23
C TYR E 276 -34.44 -28.19 -21.01
N ARG E 277 -33.74 -27.62 -22.03
CA ARG E 277 -32.81 -28.32 -22.92
C ARG E 277 -31.48 -27.56 -23.03
N GLY E 278 -31.15 -26.77 -22.01
CA GLY E 278 -29.91 -26.00 -21.96
C GLY E 278 -30.15 -24.55 -22.37
N TYR E 279 -29.12 -23.71 -22.19
CA TYR E 279 -29.17 -22.29 -22.52
C TYR E 279 -28.74 -22.10 -23.98
N ILE E 280 -29.62 -22.48 -24.90
CA ILE E 280 -29.40 -22.41 -26.33
C ILE E 280 -29.60 -20.97 -26.80
N THR E 281 -28.62 -20.46 -27.56
CA THR E 281 -28.54 -19.06 -27.94
C THR E 281 -29.07 -18.84 -29.36
N MET E 282 -29.69 -17.66 -29.54
CA MET E 282 -30.26 -17.24 -30.81
C MET E 282 -29.11 -17.05 -31.79
N ARG E 283 -29.42 -17.14 -33.08
CA ARG E 283 -28.42 -17.14 -34.13
C ARG E 283 -28.34 -15.77 -34.84
N ALA F 2 -42.68 -31.93 -60.55
CA ALA F 2 -42.38 -32.74 -59.36
C ALA F 2 -41.42 -31.93 -58.49
N ASP F 3 -40.24 -31.57 -59.04
CA ASP F 3 -39.07 -31.24 -58.21
C ASP F 3 -39.30 -30.06 -57.27
N PHE F 4 -38.75 -30.18 -56.06
CA PHE F 4 -38.84 -29.17 -55.01
C PHE F 4 -37.44 -28.69 -54.67
N LYS F 5 -37.20 -27.39 -54.74
CA LYS F 5 -35.86 -26.86 -54.54
C LYS F 5 -35.47 -26.80 -53.06
N PHE F 6 -34.25 -27.31 -52.77
CA PHE F 6 -33.65 -27.17 -51.46
C PHE F 6 -33.31 -25.71 -51.22
N GLU F 7 -34.05 -25.05 -50.33
CA GLU F 7 -33.97 -23.59 -50.18
C GLU F 7 -33.91 -23.26 -48.68
N PRO F 8 -32.76 -23.51 -48.01
CA PRO F 8 -32.67 -23.23 -46.59
C PRO F 8 -32.61 -21.75 -46.28
N MET F 9 -33.57 -21.35 -45.42
CA MET F 9 -33.83 -19.97 -45.07
C MET F 9 -34.25 -19.81 -43.59
N ARG F 10 -34.06 -18.59 -43.07
CA ARG F 10 -34.52 -18.19 -41.74
C ARG F 10 -35.53 -17.06 -41.96
N SER F 11 -36.77 -17.22 -41.47
CA SER F 11 -37.81 -16.22 -41.56
C SER F 11 -37.87 -15.46 -40.25
N LEU F 12 -38.29 -14.19 -40.30
CA LEU F 12 -38.62 -13.45 -39.09
C LEU F 12 -39.94 -12.72 -39.29
N ILE F 13 -40.83 -12.85 -38.31
CA ILE F 13 -42.08 -12.11 -38.32
C ILE F 13 -42.10 -11.17 -37.13
N TYR F 14 -42.44 -9.90 -37.39
CA TYR F 14 -42.40 -8.88 -36.35
C TYR F 14 -43.79 -8.76 -35.72
N VAL F 15 -44.01 -9.43 -34.60
CA VAL F 15 -45.33 -9.50 -33.99
C VAL F 15 -45.50 -8.37 -32.97
N ASP F 16 -46.32 -7.38 -33.33
CA ASP F 16 -46.60 -6.26 -32.46
C ASP F 16 -47.80 -6.61 -31.58
N CYS F 17 -48.03 -5.78 -30.54
CA CYS F 17 -49.25 -5.80 -29.74
C CYS F 17 -49.61 -4.36 -29.36
N VAL F 18 -50.69 -3.85 -29.96
CA VAL F 18 -50.91 -2.40 -30.03
C VAL F 18 -51.55 -1.86 -28.75
N SER F 19 -51.77 -2.73 -27.75
CA SER F 19 -52.50 -2.33 -26.57
C SER F 19 -52.35 -3.43 -25.51
N GLU F 20 -52.13 -3.02 -24.25
CA GLU F 20 -51.96 -3.99 -23.19
C GLU F 20 -53.25 -4.78 -22.92
N ASP F 21 -54.39 -4.21 -23.30
CA ASP F 21 -55.64 -4.91 -23.09
C ASP F 21 -55.76 -6.12 -24.02
N TYR F 22 -54.98 -6.12 -25.11
CA TYR F 22 -54.98 -7.18 -26.09
C TYR F 22 -53.97 -8.27 -25.75
N ARG F 23 -53.01 -7.97 -24.87
CA ARG F 23 -51.86 -8.86 -24.68
C ARG F 23 -52.34 -10.25 -24.24
N PRO F 24 -53.19 -10.39 -23.19
CA PRO F 24 -53.64 -11.72 -22.75
C PRO F 24 -54.17 -12.59 -23.89
N LYS F 25 -54.97 -11.96 -24.77
CA LYS F 25 -55.71 -12.65 -25.82
C LYS F 25 -54.80 -13.05 -26.97
N LEU F 26 -53.91 -12.13 -27.37
CA LEU F 26 -52.96 -12.38 -28.44
C LEU F 26 -51.95 -13.44 -27.99
N GLN F 27 -51.49 -13.32 -26.74
CA GLN F 27 -50.52 -14.25 -26.21
C GLN F 27 -51.13 -15.65 -26.15
N ARG F 28 -52.39 -15.73 -25.69
CA ARG F 28 -53.15 -16.98 -25.69
C ARG F 28 -53.17 -17.58 -27.09
N TRP F 29 -53.57 -16.79 -28.09
CA TRP F 29 -53.70 -17.33 -29.43
C TRP F 29 -52.37 -17.94 -29.85
N ILE F 30 -51.29 -17.17 -29.66
CA ILE F 30 -49.97 -17.59 -30.10
C ILE F 30 -49.61 -18.94 -29.49
N TYR F 31 -49.77 -19.08 -28.16
CA TYR F 31 -49.22 -20.24 -27.46
C TYR F 31 -50.23 -21.41 -27.43
N LYS F 32 -51.52 -21.12 -27.55
CA LYS F 32 -52.55 -22.16 -27.48
C LYS F 32 -52.91 -22.71 -28.86
N VAL F 33 -52.84 -21.84 -29.88
CA VAL F 33 -53.42 -22.14 -31.19
C VAL F 33 -52.34 -22.11 -32.29
N ALA F 34 -51.57 -21.02 -32.36
CA ALA F 34 -50.65 -20.84 -33.47
C ALA F 34 -49.62 -21.98 -33.50
N ILE F 35 -49.12 -22.38 -32.33
CA ILE F 35 -48.09 -23.39 -32.27
C ILE F 35 -48.59 -24.72 -32.86
N PRO F 36 -49.62 -25.38 -32.30
CA PRO F 36 -50.04 -26.69 -32.81
C PRO F 36 -50.54 -26.65 -34.27
N ASP F 37 -51.30 -25.61 -34.65
CA ASP F 37 -51.72 -25.44 -36.03
C ASP F 37 -50.50 -25.40 -36.95
N SER F 38 -49.44 -24.69 -36.50
CA SER F 38 -48.20 -24.51 -37.24
C SER F 38 -47.45 -25.84 -37.41
N ILE F 39 -47.23 -26.55 -36.30
CA ILE F 39 -46.44 -27.76 -36.29
C ILE F 39 -47.18 -28.86 -37.07
N SER F 40 -48.51 -28.82 -36.98
CA SER F 40 -49.36 -29.70 -37.76
C SER F 40 -49.06 -29.57 -39.26
N GLN F 41 -48.59 -28.40 -39.71
CA GLN F 41 -48.43 -28.16 -41.15
C GLN F 41 -47.00 -28.39 -41.63
N PHE F 42 -46.01 -27.87 -40.89
CA PHE F 42 -44.67 -27.72 -41.45
C PHE F 42 -43.62 -28.55 -40.69
N GLU F 43 -44.05 -29.41 -39.76
CA GLU F 43 -43.12 -30.23 -38.99
C GLU F 43 -42.10 -30.92 -39.89
N PRO F 44 -42.48 -31.54 -41.02
CA PRO F 44 -41.54 -32.28 -41.85
C PRO F 44 -40.49 -31.50 -42.64
N TYR F 45 -40.66 -30.18 -42.76
CA TYR F 45 -39.70 -29.39 -43.56
C TYR F 45 -39.32 -28.09 -42.86
N VAL F 46 -39.56 -27.98 -41.57
CA VAL F 46 -39.03 -26.89 -40.77
C VAL F 46 -38.21 -27.49 -39.64
N THR F 47 -36.95 -27.04 -39.52
CA THR F 47 -36.02 -27.60 -38.57
C THR F 47 -36.05 -26.85 -37.24
N LYS F 48 -36.56 -25.60 -37.21
CA LYS F 48 -36.62 -24.87 -35.96
C LYS F 48 -37.69 -23.78 -36.02
N TYR F 49 -38.60 -23.83 -35.04
CA TYR F 49 -39.70 -22.89 -34.89
C TYR F 49 -39.61 -22.32 -33.49
N ALA F 50 -39.49 -21.00 -33.37
CA ALA F 50 -39.26 -20.40 -32.06
C ALA F 50 -39.82 -18.99 -31.99
N PHE F 51 -40.12 -18.57 -30.75
CA PHE F 51 -40.62 -17.24 -30.42
C PHE F 51 -39.65 -16.54 -29.48
N TYR F 52 -39.27 -15.30 -29.80
CA TYR F 52 -38.38 -14.53 -28.93
C TYR F 52 -39.17 -13.34 -28.39
N PRO F 53 -39.75 -13.42 -27.15
CA PRO F 53 -40.54 -12.34 -26.58
C PRO F 53 -39.70 -11.08 -26.53
N SER F 54 -40.28 -9.95 -26.94
CA SER F 54 -39.52 -8.71 -26.95
C SER F 54 -39.49 -8.14 -25.54
N PHE F 55 -38.34 -7.57 -25.18
CA PHE F 55 -38.21 -6.79 -23.96
C PHE F 55 -39.17 -5.59 -24.01
N PRO F 56 -39.46 -4.96 -22.85
CA PRO F 56 -40.29 -3.76 -22.79
C PRO F 56 -39.82 -2.72 -23.80
N ILE F 57 -40.80 -2.12 -24.48
CA ILE F 57 -40.50 -1.11 -25.49
C ILE F 57 -39.65 -0.01 -24.83
N PRO F 58 -38.45 0.30 -25.38
CA PRO F 58 -37.61 1.35 -24.80
C PRO F 58 -38.12 2.73 -25.22
N PRO F 59 -37.69 3.82 -24.54
CA PRO F 59 -37.97 5.19 -24.97
C PRO F 59 -37.75 5.45 -26.46
N GLN F 60 -38.81 5.91 -27.14
CA GLN F 60 -38.79 6.26 -28.56
C GLN F 60 -38.72 5.01 -29.45
N GLY F 61 -38.95 3.82 -28.88
CA GLY F 61 -39.00 2.59 -29.65
C GLY F 61 -40.12 2.61 -30.69
N ASP F 62 -41.24 3.27 -30.35
CA ASP F 62 -42.38 3.46 -31.24
C ASP F 62 -41.93 3.94 -32.64
N ARG F 63 -40.84 4.73 -32.70
CA ARG F 63 -40.35 5.31 -33.95
C ARG F 63 -39.56 4.30 -34.79
N PHE F 64 -39.26 3.12 -34.20
CA PHE F 64 -38.52 2.05 -34.88
C PHE F 64 -39.44 0.86 -35.19
N GLY F 65 -40.75 1.08 -35.14
CA GLY F 65 -41.71 0.03 -35.40
C GLY F 65 -41.55 -1.16 -34.44
N TYR F 66 -41.41 -0.84 -33.16
CA TYR F 66 -41.01 -1.83 -32.16
C TYR F 66 -42.16 -2.82 -31.97
N ALA F 67 -41.88 -4.10 -32.24
CA ALA F 67 -42.84 -5.18 -32.02
C ALA F 67 -42.95 -5.47 -30.52
N ARG F 68 -44.08 -5.08 -29.94
CA ARG F 68 -44.29 -5.16 -28.50
C ARG F 68 -44.71 -6.57 -28.06
N MET F 69 -44.70 -7.57 -28.94
CA MET F 69 -45.05 -8.90 -28.48
C MET F 69 -43.84 -9.83 -28.60
N GLN F 70 -43.40 -10.13 -29.83
CA GLN F 70 -42.28 -11.05 -30.03
C GLN F 70 -41.77 -10.98 -31.47
N LEU F 71 -40.67 -11.70 -31.70
CA LEU F 71 -40.23 -12.14 -33.02
C LEU F 71 -40.64 -13.58 -33.21
N THR F 72 -41.04 -13.93 -34.44
CA THR F 72 -41.37 -15.31 -34.76
C THR F 72 -40.42 -15.82 -35.85
N GLU F 73 -39.67 -16.87 -35.49
CA GLU F 73 -38.48 -17.33 -36.20
C GLU F 73 -38.65 -18.77 -36.65
N HIS F 74 -38.75 -18.94 -37.97
CA HIS F 74 -38.77 -20.26 -38.58
C HIS F 74 -37.47 -20.53 -39.33
N HIS F 75 -37.03 -21.80 -39.35
CA HIS F 75 -35.97 -22.24 -40.23
C HIS F 75 -36.52 -23.27 -41.22
N TRP F 76 -36.54 -22.88 -42.50
CA TRP F 76 -37.21 -23.61 -43.58
C TRP F 76 -36.19 -24.42 -44.36
N LEU F 77 -36.59 -25.60 -44.86
CA LEU F 77 -35.81 -26.31 -45.86
C LEU F 77 -36.32 -26.06 -47.28
N VAL F 78 -37.55 -25.51 -47.42
CA VAL F 78 -38.10 -25.15 -48.73
C VAL F 78 -38.87 -23.83 -48.65
N SER F 79 -39.08 -23.19 -49.82
CA SER F 79 -39.80 -21.94 -49.91
C SER F 79 -41.26 -22.16 -49.52
N ASP F 80 -41.74 -21.54 -48.43
CA ASP F 80 -43.13 -21.67 -48.01
C ASP F 80 -44.07 -21.00 -49.01
N LEU F 81 -43.50 -20.18 -49.92
CA LEU F 81 -44.27 -19.46 -50.92
C LEU F 81 -44.34 -20.22 -52.25
N ASP F 82 -43.71 -21.40 -52.34
CA ASP F 82 -43.97 -22.28 -53.47
C ASP F 82 -45.49 -22.50 -53.50
N PRO F 83 -46.15 -22.24 -54.67
CA PRO F 83 -47.60 -22.36 -54.80
C PRO F 83 -48.19 -23.70 -54.39
N ARG F 84 -47.39 -24.78 -54.51
CA ARG F 84 -47.86 -26.12 -54.22
C ARG F 84 -48.08 -26.31 -52.71
N LEU F 85 -47.48 -25.42 -51.92
CA LEU F 85 -47.53 -25.47 -50.47
C LEU F 85 -48.77 -24.76 -49.94
N GLU F 86 -49.54 -24.12 -50.82
CA GLU F 86 -50.81 -23.52 -50.44
C GLU F 86 -51.84 -24.59 -50.02
N ILE F 87 -51.66 -25.84 -50.42
CA ILE F 87 -52.62 -26.88 -50.11
C ILE F 87 -52.25 -27.58 -48.80
N LYS F 88 -53.21 -27.57 -47.86
CA LYS F 88 -53.07 -28.14 -46.53
C LYS F 88 -54.32 -28.97 -46.25
N ALA F 89 -54.17 -30.18 -45.73
CA ALA F 89 -55.34 -30.93 -45.31
C ALA F 89 -56.17 -30.13 -44.30
N ILE F 90 -55.53 -29.85 -43.15
CA ILE F 90 -56.09 -28.98 -42.12
C ILE F 90 -55.49 -27.61 -42.31
N ALA F 91 -56.37 -26.60 -42.29
CA ALA F 91 -55.98 -25.19 -42.28
C ALA F 91 -55.93 -24.65 -40.85
N GLU F 92 -55.22 -23.52 -40.72
CA GLU F 92 -54.90 -22.85 -39.46
C GLU F 92 -56.11 -22.06 -38.98
N THR F 93 -56.21 -21.84 -37.67
CA THR F 93 -57.15 -20.87 -37.12
C THR F 93 -56.39 -19.55 -36.94
N PHE F 94 -56.81 -18.53 -37.70
CA PHE F 94 -56.18 -17.22 -37.73
C PHE F 94 -57.26 -16.15 -37.81
N PRO F 95 -57.94 -15.80 -36.69
CA PRO F 95 -59.03 -14.83 -36.73
C PRO F 95 -58.61 -13.43 -37.18
N MET F 96 -59.56 -12.68 -37.74
CA MET F 96 -59.36 -11.27 -38.00
C MET F 96 -58.82 -10.58 -36.73
N ASP F 97 -59.25 -11.00 -35.55
CA ASP F 97 -58.93 -10.35 -34.29
C ASP F 97 -57.42 -10.27 -34.07
N VAL F 98 -56.69 -11.31 -34.53
CA VAL F 98 -55.24 -11.34 -34.35
C VAL F 98 -54.62 -10.15 -35.08
N LEU F 99 -55.20 -9.79 -36.22
CA LEU F 99 -54.71 -8.68 -37.03
C LEU F 99 -55.00 -7.35 -36.34
N VAL F 100 -56.12 -7.27 -35.59
CA VAL F 100 -56.44 -6.07 -34.83
C VAL F 100 -55.39 -5.89 -33.72
N TRP F 101 -55.09 -7.02 -33.05
CA TRP F 101 -54.22 -7.04 -31.88
C TRP F 101 -52.81 -6.66 -32.30
N GLN F 102 -52.36 -7.15 -33.47
CA GLN F 102 -51.01 -6.92 -33.96
C GLN F 102 -50.90 -5.55 -34.62
N GLY F 103 -52.04 -5.00 -35.07
CA GLY F 103 -52.10 -3.63 -35.58
C GLY F 103 -52.14 -3.55 -37.11
N GLN F 104 -52.26 -4.72 -37.75
CA GLN F 104 -52.59 -4.83 -39.17
C GLN F 104 -53.90 -4.12 -39.49
N ILE F 105 -54.85 -4.11 -38.56
CA ILE F 105 -56.14 -3.45 -38.70
C ILE F 105 -56.42 -2.59 -37.47
N PRO F 106 -57.10 -1.43 -37.61
CA PRO F 106 -57.46 -0.61 -36.42
C PRO F 106 -58.85 -0.88 -35.81
N ALA F 107 -59.17 -0.23 -34.68
CA ALA F 107 -60.57 -0.23 -34.24
C ALA F 107 -61.26 0.99 -34.83
N ALA F 131 -54.91 5.23 -36.40
CA ALA F 131 -56.18 4.72 -36.98
C ALA F 131 -56.03 4.51 -38.49
N GLU F 132 -54.96 3.79 -38.89
CA GLU F 132 -54.60 3.56 -40.29
C GLU F 132 -54.26 2.10 -40.64
N GLY F 133 -53.46 1.36 -39.85
CA GLY F 133 -53.23 -0.06 -40.13
C GLY F 133 -51.82 -0.28 -40.70
N ASN F 134 -51.21 -1.42 -40.33
CA ASN F 134 -49.79 -1.62 -40.49
C ASN F 134 -49.56 -2.94 -41.24
N PRO F 135 -48.56 -3.01 -42.15
CA PRO F 135 -48.41 -4.21 -42.99
C PRO F 135 -47.87 -5.33 -42.11
N PHE F 136 -48.03 -6.56 -42.59
CA PHE F 136 -47.53 -7.76 -41.93
C PHE F 136 -46.12 -8.07 -42.42
N ILE F 137 -45.11 -7.82 -41.57
CA ILE F 137 -43.74 -7.94 -42.03
C ILE F 137 -43.19 -9.33 -41.75
N PHE F 138 -42.92 -10.06 -42.85
CA PHE F 138 -42.47 -11.44 -42.86
C PHE F 138 -41.23 -11.51 -43.76
N ALA F 139 -40.03 -11.43 -43.16
CA ALA F 139 -38.80 -11.32 -43.92
C ALA F 139 -38.11 -12.67 -44.05
N PHE F 140 -37.79 -13.09 -45.28
CA PHE F 140 -37.00 -14.29 -45.46
C PHE F 140 -35.52 -13.96 -45.62
N LEU F 141 -34.65 -14.78 -45.00
CA LEU F 141 -33.21 -14.56 -44.97
C LEU F 141 -32.46 -15.85 -45.28
N PRO F 142 -31.17 -15.79 -45.66
CA PRO F 142 -30.32 -16.98 -45.65
C PRO F 142 -30.12 -17.35 -44.19
N MET F 143 -29.86 -18.63 -43.92
CA MET F 143 -29.77 -19.09 -42.54
C MET F 143 -28.60 -18.45 -41.78
N TRP F 144 -27.58 -17.94 -42.51
CA TRP F 144 -26.39 -17.34 -41.92
C TRP F 144 -26.28 -15.88 -42.34
N TRP F 145 -25.84 -15.06 -41.37
CA TRP F 145 -25.65 -13.64 -41.62
C TRP F 145 -24.65 -13.46 -42.75
N GLU F 146 -24.95 -12.49 -43.61
CA GLU F 146 -24.16 -12.22 -44.81
C GLU F 146 -22.99 -11.30 -44.46
N LYS F 147 -23.22 -10.31 -43.59
CA LYS F 147 -22.18 -9.36 -43.21
C LYS F 147 -22.01 -9.34 -41.69
N ASP F 148 -20.75 -9.43 -41.26
CA ASP F 148 -20.36 -9.34 -39.87
C ASP F 148 -19.49 -8.11 -39.74
N LEU F 149 -20.06 -7.04 -39.20
CA LEU F 149 -19.48 -5.70 -39.31
C LEU F 149 -18.91 -5.23 -37.97
N LYS F 150 -19.14 -5.99 -36.89
CA LYS F 150 -18.56 -5.62 -35.61
C LYS F 150 -18.78 -6.73 -34.62
N GLY F 151 -17.73 -7.01 -33.84
CA GLY F 151 -17.87 -7.87 -32.67
C GLY F 151 -17.67 -9.35 -33.00
N LYS F 152 -17.16 -9.64 -34.20
CA LYS F 152 -16.79 -11.00 -34.57
C LYS F 152 -16.02 -11.68 -33.42
N GLY F 153 -16.34 -12.95 -33.16
CA GLY F 153 -15.65 -13.76 -32.18
C GLY F 153 -16.24 -13.65 -30.78
N ARG F 154 -17.25 -12.78 -30.61
CA ARG F 154 -17.95 -12.66 -29.33
C ARG F 154 -18.68 -13.95 -29.00
N THR F 155 -18.53 -14.40 -27.74
CA THR F 155 -19.18 -15.61 -27.24
C THR F 155 -20.26 -15.25 -26.22
N ILE F 156 -20.91 -16.31 -25.77
CA ILE F 156 -21.95 -16.15 -24.77
C ILE F 156 -21.32 -15.78 -23.43
N GLU F 157 -20.10 -16.29 -23.15
CA GLU F 157 -19.41 -15.97 -21.91
C GLU F 157 -19.07 -14.48 -21.82
N ASP F 158 -19.05 -13.76 -22.95
CA ASP F 158 -18.68 -12.36 -22.93
C ASP F 158 -19.78 -11.53 -22.25
N GLY F 159 -20.96 -12.12 -22.02
CA GLY F 159 -22.01 -11.45 -21.27
C GLY F 159 -23.35 -11.45 -22.02
N ALA F 160 -24.36 -10.99 -21.24
CA ALA F 160 -25.75 -10.92 -21.67
C ALA F 160 -25.98 -9.76 -22.62
N ASN F 161 -26.67 -10.06 -23.73
CA ASN F 161 -26.79 -9.18 -24.89
C ASN F 161 -28.23 -8.62 -24.96
N TYR F 162 -28.35 -7.29 -25.14
CA TYR F 162 -29.60 -6.62 -25.52
C TYR F 162 -29.62 -6.58 -27.05
N ARG F 163 -30.29 -7.57 -27.66
CA ARG F 163 -30.16 -7.82 -29.09
C ARG F 163 -31.26 -7.06 -29.83
N PHE F 164 -30.88 -5.95 -30.47
CA PHE F 164 -31.83 -5.12 -31.17
C PHE F 164 -31.88 -5.54 -32.64
N ASN F 165 -32.94 -6.28 -32.98
CA ASN F 165 -33.16 -6.75 -34.33
C ASN F 165 -34.03 -5.74 -35.06
N MET F 166 -33.56 -5.24 -36.19
CA MET F 166 -34.27 -4.19 -36.89
C MET F 166 -34.21 -4.47 -38.38
N THR F 167 -35.37 -4.41 -39.03
CA THR F 167 -35.46 -4.55 -40.49
C THR F 167 -35.92 -3.21 -41.08
N ILE F 168 -35.43 -2.89 -42.29
CA ILE F 168 -35.75 -1.63 -42.94
C ILE F 168 -35.94 -1.86 -44.43
N GLY F 169 -36.84 -1.05 -45.01
CA GLY F 169 -37.07 -1.04 -46.44
C GLY F 169 -37.23 0.39 -46.94
N PHE F 170 -36.50 0.72 -48.00
CA PHE F 170 -36.41 2.11 -48.44
C PHE F 170 -37.69 2.49 -49.14
N PRO F 171 -38.18 3.75 -48.97
CA PRO F 171 -39.49 4.17 -49.48
C PRO F 171 -39.58 3.93 -50.98
N GLU F 172 -40.80 3.96 -51.50
CA GLU F 172 -41.00 3.65 -52.91
C GLU F 172 -40.32 4.72 -53.77
N GLY F 173 -39.69 4.27 -54.87
CA GLY F 173 -38.95 5.13 -55.79
C GLY F 173 -37.60 5.62 -55.25
N VAL F 174 -37.05 4.98 -54.22
CA VAL F 174 -35.67 5.21 -53.78
C VAL F 174 -34.77 4.10 -54.31
N ASP F 175 -33.70 4.48 -55.02
CA ASP F 175 -32.78 3.53 -55.59
C ASP F 175 -32.18 2.66 -54.47
N LYS F 176 -32.20 1.34 -54.66
CA LYS F 176 -31.82 0.39 -53.63
C LYS F 176 -30.32 0.43 -53.36
N ALA F 177 -29.54 0.56 -54.44
CA ALA F 177 -28.09 0.66 -54.35
C ALA F 177 -27.71 1.89 -53.52
N GLU F 178 -28.47 2.96 -53.68
CA GLU F 178 -28.22 4.23 -53.00
C GLU F 178 -28.56 4.11 -51.51
N GLY F 179 -29.64 3.38 -51.20
CA GLY F 179 -30.01 3.11 -49.82
C GLY F 179 -28.98 2.21 -49.11
N GLU F 180 -28.55 1.15 -49.79
CA GLU F 180 -27.46 0.31 -49.32
C GLU F 180 -26.23 1.17 -48.98
N LYS F 181 -25.84 2.05 -49.90
CA LYS F 181 -24.66 2.90 -49.74
C LYS F 181 -24.83 3.78 -48.50
N TRP F 182 -26.02 4.36 -48.31
CA TRP F 182 -26.31 5.14 -47.12
C TRP F 182 -26.11 4.31 -45.85
N LEU F 183 -26.75 3.15 -45.82
CA LEU F 183 -26.75 2.31 -44.64
C LEU F 183 -25.31 1.97 -44.21
N PHE F 184 -24.49 1.53 -45.16
CA PHE F 184 -23.20 0.94 -44.83
C PHE F 184 -22.11 2.00 -44.71
N GLU F 185 -22.29 3.15 -45.37
CA GLU F 185 -21.28 4.18 -45.35
C GLU F 185 -21.58 5.25 -44.30
N LYS F 186 -22.86 5.47 -43.94
CA LYS F 186 -23.19 6.53 -43.00
C LYS F 186 -23.61 5.97 -41.63
N VAL F 187 -24.51 4.97 -41.64
CA VAL F 187 -25.15 4.49 -40.43
C VAL F 187 -24.21 3.59 -39.65
N VAL F 188 -23.74 2.52 -40.31
CA VAL F 188 -22.94 1.50 -39.67
C VAL F 188 -21.73 2.10 -38.96
N PRO F 189 -20.95 3.03 -39.58
CA PRO F 189 -19.79 3.62 -38.91
C PRO F 189 -20.07 4.24 -37.53
N ILE F 190 -21.32 4.70 -37.31
CA ILE F 190 -21.69 5.27 -36.03
C ILE F 190 -21.79 4.17 -34.98
N LEU F 191 -22.29 3.00 -35.43
CA LEU F 191 -22.39 1.81 -34.61
C LEU F 191 -21.00 1.32 -34.26
N GLN F 192 -20.09 1.35 -35.25
CA GLN F 192 -18.73 0.88 -35.06
C GLN F 192 -17.96 1.80 -34.11
N ALA F 193 -18.29 3.09 -34.13
CA ALA F 193 -17.63 4.08 -33.27
C ALA F 193 -18.05 3.91 -31.81
N ALA F 194 -19.30 3.51 -31.59
CA ALA F 194 -19.88 3.46 -30.25
C ALA F 194 -19.37 2.24 -29.47
N PRO F 195 -18.58 2.42 -28.38
CA PRO F 195 -18.21 1.29 -27.53
C PRO F 195 -19.40 0.59 -26.87
N GLU F 196 -20.55 1.27 -26.78
CA GLU F 196 -21.76 0.73 -26.15
C GLU F 196 -22.40 -0.35 -27.00
N CYS F 197 -22.01 -0.40 -28.30
CA CYS F 197 -22.53 -1.35 -29.28
C CYS F 197 -21.52 -2.49 -29.47
N THR F 198 -21.92 -3.71 -29.07
CA THR F 198 -21.02 -4.84 -28.95
C THR F 198 -21.00 -5.70 -30.22
N ARG F 199 -21.97 -5.51 -31.13
CA ARG F 199 -22.13 -6.40 -32.27
C ARG F 199 -22.98 -5.74 -33.36
N VAL F 200 -22.61 -5.99 -34.62
CA VAL F 200 -23.41 -5.56 -35.76
C VAL F 200 -23.39 -6.64 -36.85
N LEU F 201 -24.61 -7.03 -37.27
CA LEU F 201 -24.83 -8.10 -38.23
C LEU F 201 -25.90 -7.68 -39.23
N ALA F 202 -25.76 -8.11 -40.49
CA ALA F 202 -26.72 -7.75 -41.52
C ALA F 202 -26.83 -8.83 -42.60
N SER F 203 -28.07 -9.09 -43.02
CA SER F 203 -28.38 -9.93 -44.16
C SER F 203 -29.33 -9.14 -45.05
N ALA F 204 -29.25 -9.40 -46.36
CA ALA F 204 -30.17 -8.79 -47.31
C ALA F 204 -31.40 -9.68 -47.41
N VAL F 205 -32.57 -9.06 -47.37
CA VAL F 205 -33.84 -9.75 -47.40
C VAL F 205 -34.02 -10.41 -48.77
N LYS F 206 -34.45 -11.69 -48.78
CA LYS F 206 -34.89 -12.38 -49.97
C LYS F 206 -36.27 -11.84 -50.37
N LYS F 207 -36.21 -10.98 -51.41
CA LYS F 207 -37.35 -10.23 -51.90
C LYS F 207 -38.08 -11.07 -52.93
N ASP F 208 -37.29 -11.91 -53.61
CA ASP F 208 -37.72 -12.89 -54.60
C ASP F 208 -38.66 -13.96 -54.02
N ILE F 209 -38.91 -13.99 -52.70
CA ILE F 209 -39.66 -15.08 -52.10
C ILE F 209 -41.12 -14.68 -51.89
N ASN F 210 -41.36 -13.54 -51.20
CA ASN F 210 -42.70 -13.14 -50.79
C ASN F 210 -42.95 -11.65 -50.99
N GLY F 211 -42.11 -10.98 -51.81
CA GLY F 211 -42.26 -9.55 -52.08
C GLY F 211 -42.28 -8.68 -50.82
N CYS F 212 -41.57 -9.12 -49.77
CA CYS F 212 -41.46 -8.33 -48.56
C CYS F 212 -40.89 -6.96 -48.94
N VAL F 213 -41.45 -5.87 -48.38
CA VAL F 213 -41.02 -4.52 -48.74
C VAL F 213 -39.67 -4.20 -48.12
N MET F 214 -39.22 -4.98 -47.12
CA MET F 214 -37.97 -4.70 -46.44
C MET F 214 -36.78 -5.12 -47.32
N ASP F 215 -35.64 -4.47 -47.10
CA ASP F 215 -34.43 -4.69 -47.88
C ASP F 215 -33.32 -5.32 -47.06
N TRP F 216 -33.20 -4.92 -45.79
CA TRP F 216 -32.14 -5.38 -44.89
C TRP F 216 -32.75 -5.84 -43.59
N VAL F 217 -32.05 -6.78 -42.94
CA VAL F 217 -32.28 -7.06 -41.53
C VAL F 217 -30.94 -6.93 -40.82
N LEU F 218 -30.94 -6.21 -39.70
CA LEU F 218 -29.75 -6.03 -38.91
C LEU F 218 -30.04 -6.43 -37.47
N GLU F 219 -29.00 -6.93 -36.81
CA GLU F 219 -29.06 -7.09 -35.37
C GLU F 219 -27.87 -6.33 -34.81
N ILE F 220 -28.17 -5.52 -33.79
CA ILE F 220 -27.24 -4.56 -33.23
C ILE F 220 -27.29 -4.77 -31.73
N TRP F 221 -26.19 -5.24 -31.13
CA TRP F 221 -26.25 -5.59 -29.71
C TRP F 221 -25.77 -4.43 -28.85
N PHE F 222 -26.38 -4.33 -27.66
CA PHE F 222 -25.94 -3.42 -26.61
C PHE F 222 -25.84 -4.22 -25.33
N GLU F 223 -25.44 -3.52 -24.27
CA GLU F 223 -25.42 -4.13 -22.94
C GLU F 223 -26.82 -4.06 -22.34
N ASN F 224 -27.57 -3.00 -22.67
CA ASN F 224 -28.85 -2.67 -22.03
C ASN F 224 -29.58 -1.57 -22.81
N GLN F 225 -30.79 -1.28 -22.36
CA GLN F 225 -31.65 -0.25 -22.94
C GLN F 225 -30.97 1.12 -23.06
N SER F 226 -30.19 1.53 -22.05
CA SER F 226 -29.56 2.84 -22.08
C SER F 226 -28.49 2.92 -23.18
N GLY F 227 -27.70 1.83 -23.32
CA GLY F 227 -26.75 1.70 -24.41
C GLY F 227 -27.46 1.85 -25.75
N TRP F 228 -28.59 1.15 -25.90
CA TRP F 228 -29.40 1.24 -27.10
C TRP F 228 -29.77 2.71 -27.38
N TYR F 229 -30.27 3.39 -26.35
CA TYR F 229 -30.75 4.76 -26.47
C TYR F 229 -29.61 5.68 -26.88
N LYS F 230 -28.50 5.59 -26.12
CA LYS F 230 -27.37 6.49 -26.31
C LYS F 230 -26.93 6.45 -27.78
N VAL F 231 -26.93 5.26 -28.38
CA VAL F 231 -26.42 5.10 -29.74
C VAL F 231 -27.51 5.37 -30.78
N MET F 232 -28.66 4.72 -30.65
CA MET F 232 -29.66 4.69 -31.73
C MET F 232 -30.49 5.97 -31.77
N VAL F 233 -30.41 6.76 -30.69
CA VAL F 233 -31.08 8.05 -30.63
C VAL F 233 -30.04 9.19 -30.65
N ASP F 234 -29.15 9.23 -29.63
CA ASP F 234 -28.24 10.37 -29.44
C ASP F 234 -27.12 10.37 -30.46
N ASP F 235 -26.33 9.30 -30.57
CA ASP F 235 -25.24 9.27 -31.55
C ASP F 235 -25.77 9.49 -32.97
N MET F 236 -27.02 9.08 -33.22
CA MET F 236 -27.59 9.07 -34.56
C MET F 236 -28.14 10.45 -34.93
N LYS F 237 -28.19 11.40 -33.98
CA LYS F 237 -28.62 12.75 -34.31
C LYS F 237 -27.62 13.36 -35.28
N ALA F 238 -26.36 12.92 -35.17
CA ALA F 238 -25.24 13.34 -36.00
C ALA F 238 -25.53 13.12 -37.48
N LEU F 239 -26.50 12.27 -37.83
CA LEU F 239 -26.71 11.90 -39.22
C LEU F 239 -27.43 13.00 -39.99
N GLU F 240 -26.92 13.17 -41.20
CA GLU F 240 -27.54 13.93 -42.27
C GLU F 240 -28.92 13.36 -42.50
N LYS F 241 -29.97 14.19 -42.48
CA LYS F 241 -31.33 13.70 -42.73
C LYS F 241 -31.53 13.47 -44.22
N PRO F 242 -31.70 12.23 -44.74
CA PRO F 242 -31.73 12.03 -46.19
C PRO F 242 -32.97 12.64 -46.82
N SER F 243 -32.90 12.84 -48.14
CA SER F 243 -33.92 13.54 -48.88
C SER F 243 -35.25 12.76 -48.89
N TRP F 244 -35.18 11.44 -48.76
CA TRP F 244 -36.34 10.55 -48.82
C TRP F 244 -36.95 10.30 -47.43
N ALA F 245 -36.39 10.94 -46.39
CA ALA F 245 -36.75 10.65 -45.00
C ALA F 245 -38.26 10.72 -44.82
N GLN F 246 -38.83 9.76 -44.09
CA GLN F 246 -40.24 9.73 -43.76
C GLN F 246 -40.48 10.14 -42.31
N GLN F 247 -39.43 10.50 -41.54
CA GLN F 247 -39.56 11.14 -40.24
C GLN F 247 -38.29 11.93 -39.98
N ASP F 248 -38.30 12.80 -38.96
CA ASP F 248 -37.21 13.76 -38.81
C ASP F 248 -35.94 13.08 -38.34
N ALA F 249 -36.10 12.06 -37.47
CA ALA F 249 -34.96 11.45 -36.78
C ALA F 249 -34.70 10.04 -37.33
N PHE F 250 -33.45 9.60 -37.20
CA PHE F 250 -33.11 8.20 -37.44
C PHE F 250 -34.13 7.30 -36.73
N PRO F 251 -34.71 6.26 -37.40
CA PRO F 251 -34.25 5.74 -38.69
C PRO F 251 -34.77 6.32 -40.01
N PHE F 252 -35.45 7.47 -39.95
CA PHE F 252 -35.87 8.23 -41.13
C PHE F 252 -36.88 7.45 -41.98
N LEU F 253 -37.54 6.43 -41.39
CA LEU F 253 -38.45 5.57 -42.13
C LEU F 253 -39.74 5.44 -41.33
N LYS F 254 -40.83 5.18 -42.06
CA LYS F 254 -42.16 5.18 -41.47
C LYS F 254 -42.31 4.01 -40.49
N PRO F 255 -42.58 4.29 -39.19
CA PRO F 255 -42.74 3.22 -38.19
C PRO F 255 -43.73 2.14 -38.64
N TYR F 256 -43.30 0.89 -38.53
CA TYR F 256 -44.13 -0.31 -38.71
C TYR F 256 -44.40 -0.59 -40.20
N HIS F 257 -44.02 0.36 -41.08
CA HIS F 257 -44.26 0.26 -42.51
C HIS F 257 -42.96 0.03 -43.28
N ASN F 258 -41.95 0.87 -42.98
CA ASN F 258 -40.65 0.77 -43.60
C ASN F 258 -39.56 0.45 -42.58
N VAL F 259 -39.92 0.33 -41.29
CA VAL F 259 -39.00 -0.17 -40.28
C VAL F 259 -39.80 -0.90 -39.20
N CYS F 260 -39.34 -2.11 -38.84
CA CYS F 260 -39.81 -2.81 -37.65
C CYS F 260 -38.59 -3.30 -36.87
N SER F 261 -38.80 -3.56 -35.59
CA SER F 261 -37.69 -3.88 -34.72
C SER F 261 -38.17 -4.67 -33.51
N ALA F 262 -37.21 -5.18 -32.73
CA ALA F 262 -37.45 -5.76 -31.43
C ALA F 262 -36.12 -5.96 -30.71
N ALA F 263 -36.14 -5.77 -29.39
CA ALA F 263 -34.98 -6.06 -28.56
C ALA F 263 -35.29 -7.35 -27.81
N VAL F 264 -34.42 -8.36 -27.93
CA VAL F 264 -34.67 -9.69 -27.38
C VAL F 264 -33.43 -10.21 -26.66
N ALA F 265 -33.60 -11.26 -25.88
CA ALA F 265 -32.52 -11.85 -25.11
C ALA F 265 -31.82 -12.91 -25.95
N ASP F 266 -30.66 -13.39 -25.47
CA ASP F 266 -29.89 -14.43 -26.14
C ASP F 266 -30.66 -15.76 -26.19
N TYR F 267 -31.61 -15.97 -25.26
CA TYR F 267 -32.26 -17.27 -25.05
C TYR F 267 -33.75 -17.09 -25.01
N THR F 268 -34.47 -18.04 -25.62
CA THR F 268 -35.91 -18.18 -25.42
C THR F 268 -36.21 -19.58 -24.92
N PRO F 269 -37.19 -19.72 -23.99
CA PRO F 269 -37.73 -21.03 -23.61
C PRO F 269 -38.72 -21.60 -24.63
N SER F 270 -39.16 -20.74 -25.57
CA SER F 270 -40.16 -21.12 -26.55
C SER F 270 -39.44 -21.55 -27.83
N ASN F 271 -38.75 -22.70 -27.75
CA ASN F 271 -38.20 -23.38 -28.91
C ASN F 271 -39.17 -24.51 -29.26
N ASN F 272 -40.15 -24.17 -30.11
CA ASN F 272 -41.46 -24.82 -30.10
C ASN F 272 -41.37 -26.28 -30.57
N LEU F 273 -40.44 -26.60 -31.48
CA LEU F 273 -40.40 -27.97 -32.00
C LEU F 273 -39.94 -28.94 -30.91
N ALA F 274 -39.01 -28.48 -30.04
CA ALA F 274 -38.46 -29.31 -28.97
C ALA F 274 -39.31 -29.26 -27.69
N ASN F 275 -39.90 -28.10 -27.37
CA ASN F 275 -40.31 -27.84 -26.00
C ASN F 275 -41.82 -28.02 -25.79
N TYR F 276 -42.66 -27.92 -26.82
CA TYR F 276 -44.10 -27.81 -26.63
C TYR F 276 -44.73 -29.11 -26.13
N ARG F 277 -45.52 -29.04 -25.03
CA ARG F 277 -46.20 -30.18 -24.40
C ARG F 277 -47.69 -29.89 -24.16
N GLY F 278 -48.25 -28.97 -24.95
CA GLY F 278 -49.65 -28.58 -24.85
C GLY F 278 -49.81 -27.28 -24.06
N TYR F 279 -51.05 -26.74 -24.07
CA TYR F 279 -51.36 -25.49 -23.37
C TYR F 279 -51.79 -25.81 -21.95
N ILE F 280 -50.79 -26.15 -21.11
CA ILE F 280 -50.98 -26.51 -19.71
C ILE F 280 -51.17 -25.22 -18.89
N THR F 281 -52.24 -25.22 -18.07
CA THR F 281 -52.67 -24.02 -17.35
C THR F 281 -52.17 -24.04 -15.89
N MET F 282 -51.89 -22.85 -15.39
CA MET F 282 -51.42 -22.60 -14.04
C MET F 282 -52.53 -23.02 -13.08
N ARG F 283 -52.12 -23.38 -11.85
CA ARG F 283 -53.06 -23.87 -10.87
C ARG F 283 -53.47 -22.84 -9.83
N ALA G 2 -54.27 -29.09 8.07
CA ALA G 2 -53.12 -28.91 7.14
C ALA G 2 -52.86 -30.27 6.51
N ASP G 3 -52.55 -31.31 7.33
CA ASP G 3 -51.82 -32.49 6.84
C ASP G 3 -52.52 -33.23 5.72
N PHE G 4 -51.72 -33.71 4.75
CA PHE G 4 -52.19 -34.46 3.59
C PHE G 4 -51.53 -35.84 3.60
N LYS G 5 -52.33 -36.90 3.60
CA LYS G 5 -51.79 -38.23 3.79
C LYS G 5 -51.16 -38.78 2.50
N PHE G 6 -49.95 -39.34 2.66
CA PHE G 6 -49.28 -40.06 1.59
C PHE G 6 -50.06 -41.33 1.28
N GLU G 7 -50.73 -41.36 0.11
CA GLU G 7 -51.65 -42.43 -0.21
C GLU G 7 -51.39 -42.89 -1.64
N PRO G 8 -50.31 -43.64 -1.89
CA PRO G 8 -50.00 -44.07 -3.25
C PRO G 8 -50.95 -45.16 -3.72
N MET G 9 -51.58 -44.85 -4.87
CA MET G 9 -52.62 -45.66 -5.47
C MET G 9 -52.54 -45.66 -7.00
N ARG G 10 -53.14 -46.70 -7.62
CA ARG G 10 -53.31 -46.81 -9.06
C ARG G 10 -54.83 -46.83 -9.30
N SER G 11 -55.34 -45.89 -10.12
CA SER G 11 -56.76 -45.82 -10.47
C SER G 11 -56.92 -46.46 -11.84
N LEU G 12 -58.10 -47.02 -12.10
CA LEU G 12 -58.48 -47.44 -13.44
C LEU G 12 -59.88 -46.98 -13.75
N ILE G 13 -60.05 -46.38 -14.94
CA ILE G 13 -61.37 -45.98 -15.39
C ILE G 13 -61.70 -46.77 -16.66
N TYR G 14 -62.89 -47.36 -16.69
CA TYR G 14 -63.28 -48.21 -17.79
C TYR G 14 -64.07 -47.36 -18.80
N VAL G 15 -63.37 -46.89 -19.85
CA VAL G 15 -63.97 -45.98 -20.81
C VAL G 15 -64.57 -46.76 -21.97
N ASP G 16 -65.91 -46.80 -22.01
CA ASP G 16 -66.63 -47.47 -23.07
C ASP G 16 -66.86 -46.50 -24.21
N CYS G 17 -67.29 -47.02 -25.37
CA CYS G 17 -67.78 -46.26 -26.50
C CYS G 17 -68.93 -47.02 -27.15
N VAL G 18 -70.16 -46.51 -26.99
CA VAL G 18 -71.36 -47.34 -27.19
C VAL G 18 -71.75 -47.40 -28.67
N SER G 19 -70.98 -46.77 -29.56
CA SER G 19 -71.33 -46.72 -30.96
C SER G 19 -70.15 -46.22 -31.77
N GLU G 20 -69.91 -46.83 -32.94
CA GLU G 20 -68.78 -46.45 -33.76
C GLU G 20 -68.91 -45.02 -34.30
N ASP G 21 -70.15 -44.53 -34.39
CA ASP G 21 -70.35 -43.18 -34.88
C ASP G 21 -69.87 -42.15 -33.86
N TYR G 22 -69.73 -42.57 -32.60
CA TYR G 22 -69.27 -41.70 -31.53
C TYR G 22 -67.75 -41.73 -31.38
N ARG G 23 -67.09 -42.74 -31.95
CA ARG G 23 -65.68 -42.97 -31.67
C ARG G 23 -64.85 -41.74 -32.05
N PRO G 24 -64.94 -41.19 -33.27
CA PRO G 24 -64.15 -40.01 -33.65
C PRO G 24 -64.23 -38.87 -32.63
N LYS G 25 -65.45 -38.61 -32.12
CA LYS G 25 -65.73 -37.47 -31.27
C LYS G 25 -65.22 -37.68 -29.85
N LEU G 26 -65.45 -38.90 -29.33
CA LEU G 26 -65.00 -39.25 -27.99
C LEU G 26 -63.48 -39.31 -27.96
N GLN G 27 -62.89 -39.90 -29.01
CA GLN G 27 -61.44 -40.03 -29.09
C GLN G 27 -60.81 -38.65 -29.15
N ARG G 28 -61.40 -37.75 -29.96
CA ARG G 28 -61.00 -36.35 -30.02
C ARG G 28 -61.01 -35.73 -28.63
N TRP G 29 -62.13 -35.85 -27.91
CA TRP G 29 -62.22 -35.21 -26.60
C TRP G 29 -61.07 -35.69 -25.73
N ILE G 30 -60.89 -37.01 -25.68
CA ILE G 30 -59.90 -37.62 -24.81
C ILE G 30 -58.53 -37.05 -25.09
N TYR G 31 -58.12 -37.01 -26.37
CA TYR G 31 -56.73 -36.71 -26.72
C TYR G 31 -56.51 -35.20 -26.89
N LYS G 32 -57.56 -34.45 -27.21
CA LYS G 32 -57.42 -33.00 -27.46
C LYS G 32 -57.68 -32.18 -26.19
N VAL G 33 -58.57 -32.68 -25.32
CA VAL G 33 -59.09 -31.90 -24.22
C VAL G 33 -58.79 -32.56 -22.87
N ALA G 34 -59.11 -33.84 -22.70
CA ALA G 34 -59.01 -34.48 -21.41
C ALA G 34 -57.57 -34.46 -20.91
N ILE G 35 -56.61 -34.69 -21.81
CA ILE G 35 -55.22 -34.78 -21.42
C ILE G 35 -54.74 -33.43 -20.83
N PRO G 36 -54.76 -32.32 -21.60
CA PRO G 36 -54.24 -31.05 -21.07
C PRO G 36 -55.00 -30.51 -19.85
N ASP G 37 -56.34 -30.62 -19.85
CA ASP G 37 -57.15 -30.25 -18.70
C ASP G 37 -56.68 -31.03 -17.47
N SER G 38 -56.39 -32.34 -17.66
CA SER G 38 -55.98 -33.25 -16.60
C SER G 38 -54.60 -32.86 -16.04
N ILE G 39 -53.62 -32.70 -16.94
CA ILE G 39 -52.25 -32.45 -16.54
C ILE G 39 -52.15 -31.07 -15.88
N SER G 40 -52.97 -30.15 -16.38
CA SER G 40 -53.09 -28.82 -15.80
C SER G 40 -53.45 -28.91 -14.32
N GLN G 41 -54.16 -29.97 -13.91
CA GLN G 41 -54.66 -30.03 -12.54
C GLN G 41 -53.76 -30.86 -11.62
N PHE G 42 -53.29 -32.04 -12.07
CA PHE G 42 -52.73 -33.01 -11.14
C PHE G 42 -51.25 -33.31 -11.42
N GLU G 43 -50.60 -32.54 -12.31
CA GLU G 43 -49.20 -32.76 -12.63
C GLU G 43 -48.33 -32.91 -11.37
N PRO G 44 -48.48 -32.06 -10.33
CA PRO G 44 -47.63 -32.11 -9.16
C PRO G 44 -47.81 -33.28 -8.19
N TYR G 45 -48.90 -34.04 -8.30
CA TYR G 45 -49.14 -35.14 -7.38
C TYR G 45 -49.61 -36.41 -8.09
N VAL G 46 -49.42 -36.49 -9.41
CA VAL G 46 -49.61 -37.73 -10.13
C VAL G 46 -48.31 -38.06 -10.85
N THR G 47 -47.81 -39.28 -10.66
CA THR G 47 -46.53 -39.69 -11.22
C THR G 47 -46.71 -40.35 -12.60
N LYS G 48 -47.90 -40.86 -12.93
CA LYS G 48 -48.09 -41.47 -14.24
C LYS G 48 -49.56 -41.45 -14.66
N TYR G 49 -49.79 -40.89 -15.85
CA TYR G 49 -51.10 -40.78 -16.45
C TYR G 49 -51.02 -41.42 -17.82
N ALA G 50 -51.86 -42.43 -18.08
CA ALA G 50 -51.74 -43.18 -19.32
C ALA G 50 -53.08 -43.75 -19.76
N PHE G 51 -53.20 -43.96 -21.08
CA PHE G 51 -54.36 -44.55 -21.71
C PHE G 51 -53.96 -45.85 -22.42
N TYR G 52 -54.71 -46.93 -22.17
CA TYR G 52 -54.45 -48.20 -22.82
C TYR G 52 -55.65 -48.50 -23.73
N PRO G 53 -55.58 -48.21 -25.06
CA PRO G 53 -56.68 -48.45 -25.98
C PRO G 53 -57.05 -49.92 -25.93
N SER G 54 -58.36 -50.22 -25.87
CA SER G 54 -58.79 -51.60 -25.80
C SER G 54 -58.73 -52.19 -27.20
N PHE G 55 -58.32 -53.46 -27.29
CA PHE G 55 -58.42 -54.25 -28.50
C PHE G 55 -59.89 -54.36 -28.91
N PRO G 56 -60.17 -54.74 -30.17
CA PRO G 56 -61.54 -54.97 -30.64
C PRO G 56 -62.30 -55.87 -29.69
N ILE G 57 -63.55 -55.49 -29.42
CA ILE G 57 -64.39 -56.27 -28.51
C ILE G 57 -64.44 -57.71 -29.03
N PRO G 58 -64.08 -58.72 -28.23
CA PRO G 58 -64.13 -60.12 -28.67
C PRO G 58 -65.56 -60.64 -28.62
N PRO G 59 -65.86 -61.77 -29.29
CA PRO G 59 -67.14 -62.46 -29.14
C PRO G 59 -67.63 -62.61 -27.70
N GLN G 60 -68.84 -62.09 -27.44
CA GLN G 60 -69.50 -62.16 -26.14
C GLN G 60 -68.83 -61.25 -25.10
N GLY G 61 -67.96 -60.34 -25.55
CA GLY G 61 -67.34 -59.36 -24.66
C GLY G 61 -68.38 -58.44 -24.03
N ASP G 62 -69.46 -58.13 -24.78
CA ASP G 62 -70.58 -57.33 -24.30
C ASP G 62 -71.06 -57.79 -22.92
N ARG G 63 -70.96 -59.10 -22.64
CA ARG G 63 -71.46 -59.69 -21.39
C ARG G 63 -70.49 -59.46 -20.23
N PHE G 64 -69.27 -58.94 -20.52
CA PHE G 64 -68.25 -58.67 -19.52
C PHE G 64 -68.07 -57.15 -19.33
N GLY G 65 -69.04 -56.36 -19.80
CA GLY G 65 -68.96 -54.92 -19.69
C GLY G 65 -67.73 -54.35 -20.38
N TYR G 66 -67.47 -54.83 -21.60
CA TYR G 66 -66.21 -54.56 -22.29
C TYR G 66 -66.17 -53.09 -22.66
N ALA G 67 -65.16 -52.38 -22.15
CA ALA G 67 -64.93 -50.97 -22.49
C ALA G 67 -64.32 -50.88 -23.89
N ARG G 68 -65.14 -50.41 -24.84
CA ARG G 68 -64.78 -50.39 -26.25
C ARG G 68 -63.90 -49.20 -26.60
N MET G 69 -63.43 -48.40 -25.64
CA MET G 69 -62.55 -47.30 -26.01
C MET G 69 -61.16 -47.53 -25.40
N GLN G 70 -61.04 -47.48 -24.06
CA GLN G 70 -59.75 -47.63 -23.41
C GLN G 70 -59.90 -47.87 -21.91
N LEU G 71 -58.76 -48.13 -21.27
CA LEU G 71 -58.58 -47.98 -19.84
C LEU G 71 -57.86 -46.66 -19.59
N THR G 72 -58.23 -45.96 -18.50
CA THR G 72 -57.55 -44.75 -18.12
C THR G 72 -56.92 -44.94 -16.72
N GLU G 73 -55.58 -44.80 -16.69
CA GLU G 73 -54.75 -45.27 -15.61
C GLU G 73 -53.95 -44.10 -15.03
N HIS G 74 -54.29 -43.74 -13.79
CA HIS G 74 -53.54 -42.75 -13.03
C HIS G 74 -52.75 -43.41 -11.90
N HIS G 75 -51.57 -42.87 -11.59
CA HIS G 75 -50.85 -43.21 -10.36
C HIS G 75 -50.76 -41.98 -9.46
N TRP G 76 -51.45 -42.05 -8.30
CA TRP G 76 -51.66 -40.92 -7.41
C TRP G 76 -50.68 -41.00 -6.25
N LEU G 77 -50.26 -39.83 -5.73
CA LEU G 77 -49.56 -39.77 -4.46
C LEU G 77 -50.49 -39.42 -3.31
N VAL G 78 -51.70 -38.90 -3.61
CA VAL G 78 -52.70 -38.59 -2.59
C VAL G 78 -54.11 -38.97 -3.10
N SER G 79 -55.06 -39.12 -2.14
CA SER G 79 -56.45 -39.43 -2.45
C SER G 79 -57.08 -38.27 -3.22
N ASP G 80 -57.49 -38.49 -4.48
CA ASP G 80 -58.11 -37.42 -5.27
C ASP G 80 -59.49 -37.07 -4.71
N LEU G 81 -60.00 -37.90 -3.79
CA LEU G 81 -61.31 -37.69 -3.18
C LEU G 81 -61.20 -36.94 -1.84
N ASP G 82 -59.98 -36.56 -1.42
CA ASP G 82 -59.84 -35.61 -0.34
C ASP G 82 -60.67 -34.38 -0.72
N PRO G 83 -61.60 -33.92 0.15
CA PRO G 83 -62.49 -32.78 -0.16
C PRO G 83 -61.77 -31.49 -0.55
N ARG G 84 -60.54 -31.31 -0.05
CA ARG G 84 -59.79 -30.09 -0.28
C ARG G 84 -59.31 -30.01 -1.73
N LEU G 85 -59.34 -31.16 -2.43
CA LEU G 85 -58.89 -31.27 -3.81
C LEU G 85 -60.00 -30.91 -4.79
N GLU G 86 -61.23 -30.68 -4.26
CA GLU G 86 -62.33 -30.20 -5.09
C GLU G 86 -62.08 -28.81 -5.67
N ILE G 87 -61.19 -28.01 -5.05
CA ILE G 87 -61.02 -26.65 -5.54
C ILE G 87 -59.89 -26.57 -6.56
N LYS G 88 -60.22 -26.04 -7.74
CA LYS G 88 -59.30 -25.93 -8.87
C LYS G 88 -59.38 -24.51 -9.42
N ALA G 89 -58.23 -23.87 -9.66
CA ALA G 89 -58.26 -22.58 -10.33
C ALA G 89 -59.00 -22.68 -11.68
N ILE G 90 -58.44 -23.50 -12.58
CA ILE G 90 -59.05 -23.86 -13.85
C ILE G 90 -59.76 -25.19 -13.68
N ALA G 91 -61.02 -25.22 -14.14
CA ALA G 91 -61.82 -26.43 -14.20
C ALA G 91 -61.73 -27.06 -15.60
N GLU G 92 -62.09 -28.35 -15.64
CA GLU G 92 -62.01 -29.22 -16.81
C GLU G 92 -63.21 -28.94 -17.73
N THR G 93 -63.04 -29.21 -19.03
CA THR G 93 -64.18 -29.27 -19.94
C THR G 93 -64.59 -30.75 -20.04
N PHE G 94 -65.81 -31.04 -19.59
CA PHE G 94 -66.36 -32.39 -19.54
C PHE G 94 -67.83 -32.35 -19.95
N PRO G 95 -68.17 -32.25 -21.26
CA PRO G 95 -69.55 -32.14 -21.69
C PRO G 95 -70.43 -33.34 -21.35
N MET G 96 -71.73 -33.09 -21.20
CA MET G 96 -72.74 -34.14 -21.12
C MET G 96 -72.48 -35.17 -22.22
N ASP G 97 -72.09 -34.72 -23.42
CA ASP G 97 -71.97 -35.60 -24.59
C ASP G 97 -71.01 -36.76 -24.32
N VAL G 98 -69.95 -36.51 -23.54
CA VAL G 98 -68.97 -37.55 -23.26
C VAL G 98 -69.65 -38.71 -22.54
N LEU G 99 -70.62 -38.39 -21.69
CA LEU G 99 -71.36 -39.39 -20.93
C LEU G 99 -72.29 -40.18 -21.84
N VAL G 100 -72.81 -39.54 -22.89
CA VAL G 100 -73.64 -40.23 -23.87
C VAL G 100 -72.79 -41.25 -24.61
N TRP G 101 -71.59 -40.79 -25.01
CA TRP G 101 -70.67 -41.56 -25.83
C TRP G 101 -70.18 -42.78 -25.07
N GLN G 102 -69.92 -42.60 -23.77
CA GLN G 102 -69.38 -43.66 -22.92
C GLN G 102 -70.49 -44.60 -22.46
N GLY G 103 -71.73 -44.08 -22.44
CA GLY G 103 -72.90 -44.89 -22.18
C GLY G 103 -73.47 -44.70 -20.76
N GLN G 104 -72.88 -43.75 -20.02
CA GLN G 104 -73.42 -43.27 -18.76
C GLN G 104 -74.86 -42.75 -18.94
N ILE G 105 -75.17 -42.18 -20.12
CA ILE G 105 -76.49 -41.65 -20.46
C ILE G 105 -76.92 -42.17 -21.83
N PRO G 106 -78.23 -42.41 -22.07
CA PRO G 106 -78.70 -42.90 -23.38
C PRO G 106 -79.19 -41.86 -24.38
N ALA G 107 -79.67 -42.35 -25.56
CA ALA G 107 -80.48 -41.73 -26.62
C ALA G 107 -80.95 -40.29 -26.29
N GLU G 132 -81.37 -47.12 -20.45
CA GLU G 132 -81.25 -46.90 -18.97
C GLU G 132 -79.93 -46.25 -18.53
N GLY G 133 -78.76 -46.63 -19.06
CA GLY G 133 -77.52 -45.94 -18.70
C GLY G 133 -76.66 -46.72 -17.72
N ASN G 134 -75.36 -46.43 -17.73
CA ASN G 134 -74.35 -47.29 -17.13
C ASN G 134 -73.49 -46.48 -16.18
N PRO G 135 -73.11 -47.03 -15.01
CA PRO G 135 -72.41 -46.23 -14.00
C PRO G 135 -71.00 -45.95 -14.51
N PHE G 136 -70.37 -44.92 -13.92
CA PHE G 136 -68.99 -44.57 -14.23
C PHE G 136 -68.03 -45.33 -13.29
N ILE G 137 -67.32 -46.33 -13.82
CA ILE G 137 -66.52 -47.18 -12.97
C ILE G 137 -65.09 -46.66 -12.87
N PHE G 138 -64.74 -46.22 -11.66
CA PHE G 138 -63.47 -45.61 -11.32
C PHE G 138 -62.91 -46.34 -10.09
N ALA G 139 -62.03 -47.31 -10.30
CA ALA G 139 -61.57 -48.19 -9.23
C ALA G 139 -60.22 -47.75 -8.71
N PHE G 140 -60.10 -47.53 -7.39
CA PHE G 140 -58.80 -47.24 -6.81
C PHE G 140 -58.14 -48.50 -6.26
N LEU G 141 -56.82 -48.64 -6.47
CA LEU G 141 -56.07 -49.84 -6.12
C LEU G 141 -54.76 -49.46 -5.44
N PRO G 142 -54.11 -50.39 -4.69
CA PRO G 142 -52.73 -50.18 -4.27
C PRO G 142 -51.88 -50.26 -5.53
N MET G 143 -50.73 -49.59 -5.53
CA MET G 143 -49.94 -49.53 -6.73
C MET G 143 -49.40 -50.90 -7.19
N TRP G 144 -49.37 -51.89 -6.28
CA TRP G 144 -48.87 -53.24 -6.57
C TRP G 144 -49.97 -54.26 -6.34
N TRP G 145 -50.00 -55.25 -7.23
CA TRP G 145 -50.97 -56.32 -7.15
C TRP G 145 -50.80 -57.03 -5.80
N GLU G 146 -51.95 -57.38 -5.20
CA GLU G 146 -52.00 -57.98 -3.89
C GLU G 146 -51.82 -59.49 -4.00
N LYS G 147 -52.41 -60.12 -5.04
CA LYS G 147 -52.29 -61.56 -5.23
C LYS G 147 -51.75 -61.88 -6.61
N ASP G 148 -50.74 -62.77 -6.63
CA ASP G 148 -50.13 -63.26 -7.86
C ASP G 148 -50.40 -64.75 -7.91
N LEU G 149 -51.38 -65.15 -8.73
CA LEU G 149 -51.96 -66.47 -8.64
C LEU G 149 -51.54 -67.36 -9.81
N LYS G 150 -50.83 -66.81 -10.79
CA LYS G 150 -50.34 -67.63 -11.88
C LYS G 150 -49.39 -66.82 -12.72
N GLY G 151 -48.29 -67.46 -13.13
CA GLY G 151 -47.41 -66.91 -14.15
C GLY G 151 -46.33 -65.99 -13.57
N LYS G 152 -46.16 -66.01 -12.23
CA LYS G 152 -45.06 -65.29 -11.60
C LYS G 152 -43.75 -65.50 -12.36
N GLY G 153 -42.98 -64.42 -12.54
CA GLY G 153 -41.66 -64.52 -13.14
C GLY G 153 -41.66 -64.36 -14.68
N ARG G 154 -42.88 -64.27 -15.26
CA ARG G 154 -43.02 -64.02 -16.68
C ARG G 154 -42.48 -62.63 -17.01
N THR G 155 -41.69 -62.55 -18.10
CA THR G 155 -41.12 -61.31 -18.60
C THR G 155 -41.77 -60.92 -19.92
N ILE G 156 -41.31 -59.77 -20.41
CA ILE G 156 -41.78 -59.26 -21.68
C ILE G 156 -41.23 -60.13 -22.81
N GLU G 157 -40.01 -60.67 -22.64
CA GLU G 157 -39.39 -61.51 -23.66
C GLU G 157 -40.18 -62.81 -23.84
N ASP G 158 -41.03 -63.19 -22.88
CA ASP G 158 -41.78 -64.43 -23.00
C ASP G 158 -42.87 -64.31 -24.09
N GLY G 159 -43.14 -63.09 -24.56
CA GLY G 159 -44.06 -62.91 -25.66
C GLY G 159 -45.17 -61.88 -25.36
N ALA G 160 -45.90 -61.57 -26.45
CA ALA G 160 -46.95 -60.55 -26.47
C ALA G 160 -48.22 -61.06 -25.78
N ASN G 161 -48.77 -60.24 -24.89
CA ASN G 161 -49.82 -60.63 -23.95
C ASN G 161 -51.15 -59.99 -24.36
N TYR G 162 -52.23 -60.79 -24.41
CA TYR G 162 -53.60 -60.31 -24.50
C TYR G 162 -54.10 -60.14 -23.07
N ARG G 163 -54.00 -58.91 -22.56
CA ARG G 163 -54.17 -58.65 -21.14
C ARG G 163 -55.62 -58.29 -20.86
N PHE G 164 -56.38 -59.25 -20.31
CA PHE G 164 -57.79 -59.04 -20.04
C PHE G 164 -57.97 -58.53 -18.60
N ASN G 165 -58.21 -57.22 -18.49
CA ASN G 165 -58.42 -56.58 -17.20
C ASN G 165 -59.91 -56.55 -16.92
N MET G 166 -60.31 -57.08 -15.78
CA MET G 166 -61.72 -57.21 -15.48
C MET G 166 -61.93 -56.86 -14.00
N THR G 167 -62.91 -55.98 -13.74
CA THR G 167 -63.30 -55.64 -12.38
C THR G 167 -64.73 -56.14 -12.14
N ILE G 168 -65.02 -56.57 -10.90
CA ILE G 168 -66.31 -57.12 -10.55
C ILE G 168 -66.72 -56.64 -9.17
N GLY G 169 -68.05 -56.48 -9.01
CA GLY G 169 -68.64 -56.16 -7.72
C GLY G 169 -69.89 -57.01 -7.52
N PHE G 170 -69.98 -57.66 -6.36
CA PHE G 170 -71.04 -58.62 -6.11
C PHE G 170 -72.35 -57.87 -5.87
N PRO G 171 -73.49 -58.39 -6.35
CA PRO G 171 -74.77 -57.68 -6.29
C PRO G 171 -75.12 -57.30 -4.86
N GLU G 172 -76.07 -56.39 -4.72
CA GLU G 172 -76.37 -55.86 -3.39
C GLU G 172 -76.94 -56.96 -2.51
N GLY G 173 -76.53 -56.97 -1.23
CA GLY G 173 -76.94 -57.96 -0.25
C GLY G 173 -76.31 -59.36 -0.45
N VAL G 174 -75.19 -59.46 -1.21
CA VAL G 174 -74.38 -60.67 -1.27
C VAL G 174 -73.16 -60.52 -0.36
N ASP G 175 -72.98 -61.47 0.57
CA ASP G 175 -71.89 -61.41 1.52
C ASP G 175 -70.56 -61.39 0.75
N LYS G 176 -69.67 -60.44 1.12
CA LYS G 176 -68.45 -60.20 0.38
C LYS G 176 -67.46 -61.33 0.56
N ALA G 177 -67.38 -61.86 1.79
CA ALA G 177 -66.50 -62.97 2.12
C ALA G 177 -66.89 -64.18 1.28
N GLU G 178 -68.19 -64.36 1.06
CA GLU G 178 -68.74 -65.48 0.32
C GLU G 178 -68.40 -65.35 -1.17
N GLY G 179 -68.50 -64.12 -1.68
CA GLY G 179 -68.13 -63.80 -3.06
C GLY G 179 -66.63 -64.02 -3.30
N GLU G 180 -65.79 -63.50 -2.40
CA GLU G 180 -64.36 -63.74 -2.41
C GLU G 180 -64.08 -65.25 -2.50
N LYS G 181 -64.72 -66.04 -1.63
CA LYS G 181 -64.50 -67.47 -1.56
C LYS G 181 -64.86 -68.12 -2.90
N TRP G 182 -65.99 -67.70 -3.49
CA TRP G 182 -66.39 -68.19 -4.81
C TRP G 182 -65.31 -67.89 -5.85
N LEU G 183 -64.89 -66.63 -5.90
CA LEU G 183 -63.96 -66.16 -6.92
C LEU G 183 -62.68 -66.99 -6.87
N PHE G 184 -62.10 -67.15 -5.69
CA PHE G 184 -60.75 -67.68 -5.57
C PHE G 184 -60.75 -69.20 -5.50
N GLU G 185 -61.86 -69.79 -5.07
CA GLU G 185 -61.92 -71.25 -4.90
C GLU G 185 -62.60 -71.91 -6.09
N LYS G 186 -63.47 -71.21 -6.83
CA LYS G 186 -64.15 -71.82 -7.97
C LYS G 186 -63.64 -71.29 -9.31
N VAL G 187 -63.52 -69.97 -9.43
CA VAL G 187 -63.24 -69.33 -10.72
C VAL G 187 -61.76 -69.46 -11.06
N VAL G 188 -60.90 -68.97 -10.17
CA VAL G 188 -59.47 -68.90 -10.41
C VAL G 188 -58.90 -70.27 -10.78
N PRO G 189 -59.26 -71.39 -10.10
CA PRO G 189 -58.75 -72.71 -10.46
C PRO G 189 -58.95 -73.11 -11.92
N ILE G 190 -60.00 -72.57 -12.57
CA ILE G 190 -60.26 -72.86 -13.97
C ILE G 190 -59.23 -72.15 -14.83
N LEU G 191 -58.85 -70.94 -14.40
CA LEU G 191 -57.80 -70.15 -15.03
C LEU G 191 -56.47 -70.86 -14.89
N GLN G 192 -56.22 -71.41 -13.69
CA GLN G 192 -54.98 -72.09 -13.38
C GLN G 192 -54.86 -73.38 -14.19
N ALA G 193 -56.00 -74.04 -14.46
CA ALA G 193 -56.03 -75.29 -15.20
C ALA G 193 -55.74 -75.05 -16.68
N ALA G 194 -56.17 -73.91 -17.21
CA ALA G 194 -56.08 -73.61 -18.63
C ALA G 194 -54.65 -73.25 -19.04
N PRO G 195 -53.97 -74.05 -19.87
CA PRO G 195 -52.67 -73.66 -20.42
C PRO G 195 -52.72 -72.39 -21.28
N GLU G 196 -53.91 -72.03 -21.79
CA GLU G 196 -54.11 -70.87 -22.64
C GLU G 196 -53.96 -69.56 -21.85
N CYS G 197 -54.06 -69.66 -20.51
CA CYS G 197 -53.99 -68.54 -19.60
C CYS G 197 -52.61 -68.44 -18.97
N THR G 198 -51.87 -67.36 -19.29
CA THR G 198 -50.45 -67.22 -18.99
C THR G 198 -50.21 -66.50 -17.67
N ARG G 199 -51.24 -65.83 -17.12
CA ARG G 199 -51.05 -64.96 -15.96
C ARG G 199 -52.38 -64.67 -15.28
N VAL G 200 -52.35 -64.59 -13.94
CA VAL G 200 -53.52 -64.18 -13.15
C VAL G 200 -53.06 -63.32 -11.98
N LEU G 201 -53.69 -62.14 -11.87
CA LEU G 201 -53.36 -61.13 -10.88
C LEU G 201 -54.64 -60.53 -10.31
N ALA G 202 -54.62 -60.17 -9.02
CA ALA G 202 -55.81 -59.60 -8.37
C ALA G 202 -55.45 -58.66 -7.24
N SER G 203 -56.18 -57.55 -7.17
CA SER G 203 -56.12 -56.61 -6.06
C SER G 203 -57.56 -56.37 -5.60
N ALA G 204 -57.72 -56.09 -4.31
CA ALA G 204 -59.02 -55.71 -3.78
C ALA G 204 -59.16 -54.20 -3.91
N VAL G 205 -60.34 -53.79 -4.37
CA VAL G 205 -60.65 -52.39 -4.64
C VAL G 205 -60.69 -51.63 -3.31
N LYS G 206 -60.05 -50.45 -3.27
CA LYS G 206 -60.22 -49.48 -2.19
C LYS G 206 -61.59 -48.80 -2.32
N LYS G 207 -62.49 -49.29 -1.46
CA LYS G 207 -63.90 -48.94 -1.47
C LYS G 207 -64.10 -47.69 -0.60
N ASP G 208 -63.21 -47.59 0.40
CA ASP G 208 -63.12 -46.48 1.34
C ASP G 208 -62.76 -45.15 0.65
N ILE G 209 -62.48 -45.12 -0.66
CA ILE G 209 -61.97 -43.91 -1.30
C ILE G 209 -63.09 -43.14 -1.99
N ASN G 210 -63.87 -43.83 -2.86
CA ASN G 210 -64.87 -43.19 -3.71
C ASN G 210 -66.16 -44.00 -3.80
N GLY G 211 -66.36 -44.94 -2.87
CA GLY G 211 -67.56 -45.79 -2.85
C GLY G 211 -67.79 -46.56 -4.15
N CYS G 212 -66.72 -46.91 -4.85
CA CYS G 212 -66.83 -47.71 -6.07
C CYS G 212 -67.54 -49.02 -5.73
N VAL G 213 -68.51 -49.43 -6.56
CA VAL G 213 -69.31 -50.62 -6.27
C VAL G 213 -68.49 -51.90 -6.48
N MET G 214 -67.37 -51.81 -7.18
CA MET G 214 -66.58 -53.00 -7.48
C MET G 214 -65.80 -53.44 -6.24
N ASP G 215 -65.48 -54.74 -6.19
CA ASP G 215 -64.81 -55.35 -5.06
C ASP G 215 -63.41 -55.84 -5.42
N TRP G 216 -63.24 -56.35 -6.65
CA TRP G 216 -61.98 -56.91 -7.11
C TRP G 216 -61.62 -56.31 -8.47
N VAL G 217 -60.31 -56.28 -8.75
CA VAL G 217 -59.82 -56.09 -10.09
C VAL G 217 -58.87 -57.23 -10.38
N LEU G 218 -59.04 -57.86 -11.56
CA LEU G 218 -58.17 -58.95 -11.97
C LEU G 218 -57.63 -58.65 -13.35
N GLU G 219 -56.42 -59.14 -13.61
CA GLU G 219 -55.90 -59.16 -14.96
C GLU G 219 -55.55 -60.61 -15.24
N ILE G 220 -55.99 -61.08 -16.41
CA ILE G 220 -55.92 -62.48 -16.80
C ILE G 220 -55.35 -62.48 -18.21
N TRP G 221 -54.14 -63.02 -18.40
CA TRP G 221 -53.51 -62.91 -19.71
C TRP G 221 -53.76 -64.16 -20.53
N PHE G 222 -53.86 -63.93 -21.85
CA PHE G 222 -53.93 -65.00 -22.84
C PHE G 222 -52.89 -64.68 -23.92
N GLU G 223 -52.81 -65.58 -24.89
CA GLU G 223 -51.97 -65.35 -26.07
C GLU G 223 -52.74 -64.47 -27.05
N ASN G 224 -54.08 -64.64 -27.10
CA ASN G 224 -54.92 -64.02 -28.12
C ASN G 224 -56.39 -64.16 -27.75
N GLN G 225 -57.23 -63.53 -28.59
CA GLN G 225 -58.68 -63.54 -28.43
C GLN G 225 -59.28 -64.95 -28.29
N SER G 226 -58.77 -65.92 -29.06
CA SER G 226 -59.32 -67.28 -29.03
C SER G 226 -59.03 -67.95 -27.70
N GLY G 227 -57.80 -67.77 -27.18
CA GLY G 227 -57.44 -68.22 -25.85
C GLY G 227 -58.39 -67.63 -24.81
N TRP G 228 -58.64 -66.32 -24.91
CA TRP G 228 -59.58 -65.65 -24.02
C TRP G 228 -60.94 -66.36 -24.08
N TYR G 229 -61.44 -66.59 -25.29
CA TYR G 229 -62.76 -67.15 -25.51
C TYR G 229 -62.83 -68.57 -24.93
N LYS G 230 -61.85 -69.39 -25.30
CA LYS G 230 -61.81 -70.80 -24.91
C LYS G 230 -61.97 -70.91 -23.39
N VAL G 231 -61.30 -70.02 -22.65
CA VAL G 231 -61.27 -70.12 -21.20
C VAL G 231 -62.47 -69.40 -20.58
N MET G 232 -62.70 -68.13 -20.94
CA MET G 232 -63.63 -67.26 -20.22
C MET G 232 -65.08 -67.54 -20.62
N VAL G 233 -65.26 -68.26 -21.73
CA VAL G 233 -66.58 -68.68 -22.17
C VAL G 233 -66.75 -70.19 -22.02
N ASP G 234 -65.92 -70.99 -22.72
CA ASP G 234 -66.11 -72.44 -22.80
C ASP G 234 -65.73 -73.14 -21.49
N ASP G 235 -64.48 -72.96 -21.00
CA ASP G 235 -64.09 -73.60 -19.75
C ASP G 235 -65.01 -73.18 -18.60
N MET G 236 -65.58 -71.98 -18.67
CA MET G 236 -66.34 -71.38 -17.58
C MET G 236 -67.78 -71.87 -17.59
N LYS G 237 -68.21 -72.60 -18.63
CA LYS G 237 -69.55 -73.18 -18.63
C LYS G 237 -69.65 -74.21 -17.51
N ALA G 238 -68.52 -74.82 -17.18
CA ALA G 238 -68.37 -75.81 -16.12
C ALA G 238 -68.83 -75.26 -14.77
N LEU G 239 -68.92 -73.93 -14.62
CA LEU G 239 -69.19 -73.34 -13.31
C LEU G 239 -70.66 -73.48 -12.95
N GLU G 240 -70.83 -73.82 -11.67
CA GLU G 240 -72.10 -73.78 -10.97
C GLU G 240 -72.65 -72.36 -11.10
N LYS G 241 -73.89 -72.18 -11.56
CA LYS G 241 -74.48 -70.85 -11.65
C LYS G 241 -74.91 -70.37 -10.27
N PRO G 242 -74.28 -69.34 -9.65
CA PRO G 242 -74.60 -69.03 -8.25
C PRO G 242 -76.01 -68.45 -8.12
N SER G 243 -76.52 -68.47 -6.89
CA SER G 243 -77.91 -68.12 -6.60
C SER G 243 -78.15 -66.63 -6.87
N TRP G 244 -77.10 -65.80 -6.77
CA TRP G 244 -77.21 -64.35 -6.93
C TRP G 244 -76.99 -63.90 -8.38
N ALA G 245 -76.78 -64.87 -9.29
CA ALA G 245 -76.38 -64.57 -10.67
C ALA G 245 -77.31 -63.55 -11.29
N GLN G 246 -76.74 -62.57 -12.01
CA GLN G 246 -77.52 -61.56 -12.74
C GLN G 246 -77.55 -61.88 -14.24
N GLN G 247 -76.90 -62.95 -14.71
CA GLN G 247 -77.06 -63.44 -16.09
C GLN G 247 -76.75 -64.93 -16.08
N ASP G 248 -77.06 -65.64 -17.16
CA ASP G 248 -77.00 -67.10 -17.12
C ASP G 248 -75.56 -67.59 -17.07
N ALA G 249 -74.65 -66.89 -17.79
CA ALA G 249 -73.31 -67.37 -18.01
C ALA G 249 -72.31 -66.53 -17.21
N PHE G 250 -71.16 -67.15 -16.90
CA PHE G 250 -70.03 -66.41 -16.37
C PHE G 250 -69.80 -65.15 -17.21
N PRO G 251 -69.61 -63.95 -16.61
CA PRO G 251 -69.35 -63.76 -15.17
C PRO G 251 -70.50 -63.62 -14.17
N PHE G 252 -71.73 -63.92 -14.59
CA PHE G 252 -72.90 -64.00 -13.71
C PHE G 252 -73.24 -62.63 -13.09
N LEU G 253 -72.75 -61.54 -13.71
CA LEU G 253 -72.92 -60.20 -13.16
C LEU G 253 -73.39 -59.27 -14.26
N LYS G 254 -74.11 -58.21 -13.86
CA LYS G 254 -74.78 -57.34 -14.80
C LYS G 254 -73.73 -56.56 -15.62
N PRO G 255 -73.71 -56.71 -16.96
CA PRO G 255 -72.74 -55.99 -17.79
C PRO G 255 -72.72 -54.49 -17.52
N TYR G 256 -71.51 -53.95 -17.33
CA TYR G 256 -71.23 -52.52 -17.23
C TYR G 256 -71.64 -51.96 -15.88
N HIS G 257 -72.36 -52.75 -15.06
CA HIS G 257 -72.88 -52.32 -13.77
C HIS G 257 -72.13 -53.02 -12.62
N ASN G 258 -72.02 -54.37 -12.71
CA ASN G 258 -71.31 -55.14 -11.73
C ASN G 258 -70.09 -55.84 -12.32
N VAL G 259 -69.83 -55.65 -13.63
CA VAL G 259 -68.58 -56.09 -14.24
C VAL G 259 -68.23 -55.17 -15.40
N CYS G 260 -66.98 -54.72 -15.43
CA CYS G 260 -66.41 -54.04 -16.60
C CYS G 260 -65.06 -54.70 -16.90
N SER G 261 -64.61 -54.54 -18.15
CA SER G 261 -63.42 -55.22 -18.58
C SER G 261 -62.81 -54.49 -19.77
N ALA G 262 -61.60 -54.94 -20.14
CA ALA G 262 -60.93 -54.52 -21.36
C ALA G 262 -59.73 -55.44 -21.61
N ALA G 263 -59.49 -55.71 -22.89
CA ALA G 263 -58.31 -56.46 -23.29
C ALA G 263 -57.35 -55.46 -23.92
N VAL G 264 -56.11 -55.37 -23.39
CA VAL G 264 -55.17 -54.34 -23.80
C VAL G 264 -53.78 -54.95 -24.05
N ALA G 265 -52.93 -54.17 -24.70
CA ALA G 265 -51.58 -54.63 -25.04
C ALA G 265 -50.64 -54.31 -23.89
N ASP G 266 -49.43 -54.88 -23.95
CA ASP G 266 -48.40 -54.64 -22.93
C ASP G 266 -47.92 -53.19 -22.96
N TYR G 267 -48.07 -52.50 -24.11
CA TYR G 267 -47.44 -51.18 -24.31
C TYR G 267 -48.49 -50.20 -24.83
N THR G 268 -48.44 -48.98 -24.28
CA THR G 268 -49.17 -47.88 -24.89
C THR G 268 -48.21 -46.76 -25.26
N PRO G 269 -48.45 -46.10 -26.42
CA PRO G 269 -47.75 -44.87 -26.77
C PRO G 269 -48.30 -43.62 -26.03
N SER G 270 -49.49 -43.79 -25.41
CA SER G 270 -50.13 -42.69 -24.71
C SER G 270 -49.76 -42.76 -23.23
N ASN G 271 -48.46 -42.52 -22.93
CA ASN G 271 -48.00 -42.31 -21.57
C ASN G 271 -47.89 -40.79 -21.37
N ASN G 272 -49.00 -40.19 -20.91
CA ASN G 272 -49.34 -38.82 -21.23
C ASN G 272 -48.38 -37.82 -20.56
N LEU G 273 -47.85 -38.15 -19.37
CA LEU G 273 -47.01 -37.18 -18.69
C LEU G 273 -45.68 -37.01 -19.43
N ALA G 274 -45.16 -38.09 -20.02
CA ALA G 274 -43.91 -38.07 -20.76
C ALA G 274 -44.09 -37.66 -22.23
N ASN G 275 -45.17 -38.10 -22.88
CA ASN G 275 -45.19 -38.18 -24.33
C ASN G 275 -45.97 -37.06 -24.98
N TYR G 276 -46.91 -36.38 -24.28
CA TYR G 276 -47.84 -35.46 -24.93
C TYR G 276 -47.13 -34.20 -25.42
N ARG G 277 -47.34 -33.84 -26.71
CA ARG G 277 -46.71 -32.68 -27.38
C ARG G 277 -47.79 -31.85 -28.11
N GLY G 278 -49.05 -31.94 -27.66
CA GLY G 278 -50.15 -31.18 -28.22
C GLY G 278 -50.99 -32.01 -29.18
N TYR G 279 -52.14 -31.46 -29.63
CA TYR G 279 -53.04 -32.15 -30.54
C TYR G 279 -52.64 -31.87 -31.99
N ILE G 280 -51.52 -32.47 -32.41
CA ILE G 280 -50.93 -32.30 -33.74
C ILE G 280 -51.71 -33.17 -34.74
N THR G 281 -52.13 -32.56 -35.84
CA THR G 281 -53.03 -33.18 -36.81
C THR G 281 -52.29 -33.77 -38.01
N MET G 282 -52.85 -34.85 -38.54
CA MET G 282 -52.34 -35.54 -39.72
C MET G 282 -52.44 -34.61 -40.91
N ARG G 283 -51.55 -34.81 -41.90
CA ARG G 283 -51.46 -33.87 -43.00
C ARG G 283 -52.15 -34.40 -44.28
N ALA H 2 -21.08 -39.15 -56.03
CA ALA H 2 -21.22 -38.51 -54.71
C ALA H 2 -22.67 -38.06 -54.60
N ASP H 3 -23.16 -37.19 -55.53
CA ASP H 3 -24.31 -36.32 -55.24
C ASP H 3 -25.58 -37.07 -54.87
N PHE H 4 -26.32 -36.53 -53.88
CA PHE H 4 -27.57 -37.09 -53.41
C PHE H 4 -28.68 -36.05 -53.61
N LYS H 5 -29.73 -36.43 -54.33
CA LYS H 5 -30.77 -35.48 -54.69
C LYS H 5 -31.73 -35.20 -53.54
N PHE H 6 -31.99 -33.89 -53.31
CA PHE H 6 -33.01 -33.46 -52.37
C PHE H 6 -34.38 -33.84 -52.92
N GLU H 7 -35.03 -34.82 -52.29
CA GLU H 7 -36.23 -35.42 -52.84
C GLU H 7 -37.28 -35.54 -51.71
N PRO H 8 -37.90 -34.44 -51.29
CA PRO H 8 -38.86 -34.48 -50.20
C PRO H 8 -40.17 -35.13 -50.62
N MET H 9 -40.51 -36.19 -49.85
CA MET H 9 -41.65 -37.05 -50.11
C MET H 9 -42.33 -37.51 -48.82
N ARG H 10 -43.59 -37.93 -48.94
CA ARG H 10 -44.37 -38.56 -47.89
C ARG H 10 -44.71 -39.96 -48.38
N SER H 11 -44.34 -41.00 -47.61
CA SER H 11 -44.64 -42.40 -47.91
C SER H 11 -45.86 -42.80 -47.11
N LEU H 12 -46.64 -43.75 -47.62
CA LEU H 12 -47.67 -44.41 -46.84
C LEU H 12 -47.59 -45.92 -47.05
N ILE H 13 -47.61 -46.67 -45.95
CA ILE H 13 -47.65 -48.13 -46.02
C ILE H 13 -48.98 -48.59 -45.40
N TYR H 14 -49.67 -49.48 -46.13
CA TYR H 14 -50.97 -49.93 -45.70
C TYR H 14 -50.81 -51.23 -44.91
N VAL H 15 -50.78 -51.13 -43.57
CA VAL H 15 -50.48 -52.28 -42.74
C VAL H 15 -51.78 -52.96 -42.33
N ASP H 16 -52.02 -54.14 -42.91
CA ASP H 16 -53.21 -54.93 -42.58
C ASP H 16 -52.88 -55.85 -41.41
N CYS H 17 -53.94 -56.43 -40.83
CA CYS H 17 -53.84 -57.51 -39.85
C CYS H 17 -54.98 -58.50 -40.10
N VAL H 18 -54.64 -59.68 -40.62
CA VAL H 18 -55.62 -60.54 -41.27
C VAL H 18 -56.41 -61.37 -40.25
N SER H 19 -56.13 -61.20 -38.95
CA SER H 19 -56.76 -62.01 -37.93
C SER H 19 -56.52 -61.40 -36.56
N GLU H 20 -57.55 -61.37 -35.72
CA GLU H 20 -57.42 -60.78 -34.40
C GLU H 20 -56.44 -61.58 -33.52
N ASP H 21 -56.24 -62.86 -33.83
CA ASP H 21 -55.30 -63.64 -33.05
C ASP H 21 -53.86 -63.20 -33.30
N TYR H 22 -53.63 -62.49 -34.41
CA TYR H 22 -52.32 -62.00 -34.78
C TYR H 22 -52.06 -60.61 -34.23
N ARG H 23 -53.12 -59.90 -33.82
CA ARG H 23 -53.00 -58.48 -33.52
C ARG H 23 -51.96 -58.26 -32.40
N PRO H 24 -52.05 -58.95 -31.24
CA PRO H 24 -51.06 -58.74 -30.18
C PRO H 24 -49.61 -58.82 -30.65
N LYS H 25 -49.33 -59.81 -31.51
CA LYS H 25 -47.98 -60.13 -31.94
C LYS H 25 -47.46 -59.14 -32.97
N LEU H 26 -48.33 -58.77 -33.92
CA LEU H 26 -47.97 -57.80 -34.96
C LEU H 26 -47.79 -56.44 -34.32
N GLN H 27 -48.70 -56.09 -33.41
CA GLN H 27 -48.64 -54.79 -32.75
C GLN H 27 -47.36 -54.68 -31.93
N ARG H 28 -47.02 -55.77 -31.22
CA ARG H 28 -45.76 -55.88 -30.50
C ARG H 28 -44.58 -55.63 -31.43
N TRP H 29 -44.52 -56.33 -32.56
CA TRP H 29 -43.38 -56.18 -33.45
C TRP H 29 -43.24 -54.72 -33.85
N ILE H 30 -44.36 -54.12 -34.26
CA ILE H 30 -44.34 -52.75 -34.76
C ILE H 30 -43.76 -51.82 -33.70
N TYR H 31 -44.24 -51.90 -32.45
CA TYR H 31 -43.94 -50.90 -31.44
C TYR H 31 -42.64 -51.25 -30.68
N LYS H 32 -42.29 -52.53 -30.61
CA LYS H 32 -41.12 -52.96 -29.85
C LYS H 32 -39.87 -53.05 -30.70
N VAL H 33 -40.04 -53.37 -31.99
CA VAL H 33 -38.91 -53.70 -32.86
C VAL H 33 -38.84 -52.75 -34.06
N ALA H 34 -39.94 -52.56 -34.78
CA ALA H 34 -39.89 -51.80 -36.03
C ALA H 34 -39.44 -50.37 -35.76
N ILE H 35 -39.92 -49.77 -34.68
CA ILE H 35 -39.62 -48.38 -34.39
C ILE H 35 -38.11 -48.20 -34.18
N PRO H 36 -37.47 -48.83 -33.18
CA PRO H 36 -36.05 -48.61 -32.93
C PRO H 36 -35.13 -49.02 -34.08
N ASP H 37 -35.42 -50.17 -34.73
CA ASP H 37 -34.69 -50.58 -35.92
C ASP H 37 -34.75 -49.48 -36.98
N SER H 38 -35.94 -48.88 -37.14
CA SER H 38 -36.21 -47.85 -38.15
C SER H 38 -35.44 -46.56 -37.84
N ILE H 39 -35.55 -46.06 -36.60
CA ILE H 39 -34.95 -44.80 -36.21
C ILE H 39 -33.43 -44.93 -36.23
N SER H 40 -32.96 -46.12 -35.87
CA SER H 40 -31.55 -46.45 -35.94
C SER H 40 -31.00 -46.21 -37.35
N GLN H 41 -31.85 -46.35 -38.39
CA GLN H 41 -31.36 -46.29 -39.75
C GLN H 41 -31.55 -44.92 -40.39
N PHE H 42 -32.72 -44.28 -40.23
CA PHE H 42 -33.09 -43.16 -41.07
C PHE H 42 -33.28 -41.86 -40.28
N GLU H 43 -32.94 -41.85 -38.98
CA GLU H 43 -33.10 -40.66 -38.15
C GLU H 43 -32.54 -39.41 -38.84
N PRO H 44 -31.32 -39.45 -39.45
CA PRO H 44 -30.72 -38.26 -40.04
C PRO H 44 -31.34 -37.69 -41.32
N TYR H 45 -32.21 -38.46 -41.99
CA TYR H 45 -32.78 -37.99 -43.25
C TYR H 45 -34.27 -38.26 -43.36
N VAL H 46 -34.93 -38.54 -42.22
CA VAL H 46 -36.38 -38.56 -42.16
C VAL H 46 -36.81 -37.56 -41.09
N THR H 47 -37.74 -36.67 -41.46
CA THR H 47 -38.18 -35.60 -40.56
C THR H 47 -39.39 -36.02 -39.74
N LYS H 48 -40.15 -37.04 -40.18
CA LYS H 48 -41.30 -37.47 -39.41
C LYS H 48 -41.68 -38.91 -39.73
N TYR H 49 -41.74 -39.71 -38.67
CA TYR H 49 -42.10 -41.12 -38.73
C TYR H 49 -43.25 -41.30 -37.77
N ALA H 50 -44.38 -41.80 -38.29
CA ALA H 50 -45.58 -41.89 -37.48
C ALA H 50 -46.48 -43.04 -37.92
N PHE H 51 -47.28 -43.53 -36.97
CA PHE H 51 -48.27 -44.59 -37.18
C PHE H 51 -49.66 -44.06 -36.87
N TYR H 52 -50.61 -44.31 -37.80
CA TYR H 52 -51.99 -43.89 -37.58
C TYR H 52 -52.84 -45.15 -37.46
N PRO H 53 -53.16 -45.63 -36.24
CA PRO H 53 -53.96 -46.85 -36.06
C PRO H 53 -55.29 -46.68 -36.76
N SER H 54 -55.71 -47.71 -37.51
CA SER H 54 -56.96 -47.61 -38.24
C SER H 54 -58.11 -47.86 -37.27
N PHE H 55 -59.20 -47.12 -37.45
CA PHE H 55 -60.45 -47.38 -36.77
C PHE H 55 -60.94 -48.78 -37.14
N PRO H 56 -61.88 -49.36 -36.34
CA PRO H 56 -62.46 -50.66 -36.65
C PRO H 56 -62.97 -50.70 -38.08
N ILE H 57 -62.70 -51.83 -38.73
CA ILE H 57 -63.10 -52.00 -40.13
C ILE H 57 -64.62 -51.77 -40.22
N PRO H 58 -65.09 -50.82 -41.08
CA PRO H 58 -66.51 -50.56 -41.23
C PRO H 58 -67.15 -51.63 -42.11
N PRO H 59 -68.50 -51.74 -42.11
CA PRO H 59 -69.21 -52.64 -43.03
C PRO H 59 -68.76 -52.55 -44.49
N GLN H 60 -68.34 -53.69 -45.04
CA GLN H 60 -67.91 -53.82 -46.44
C GLN H 60 -66.55 -53.16 -46.69
N GLY H 61 -65.83 -52.81 -45.60
CA GLY H 61 -64.49 -52.27 -45.72
C GLY H 61 -63.52 -53.27 -46.38
N ASP H 62 -63.75 -54.57 -46.14
CA ASP H 62 -62.98 -55.66 -46.76
C ASP H 62 -62.84 -55.45 -48.28
N ARG H 63 -63.86 -54.85 -48.91
CA ARG H 63 -63.90 -54.66 -50.36
C ARG H 63 -63.04 -53.47 -50.81
N PHE H 64 -62.53 -52.67 -49.85
CA PHE H 64 -61.68 -51.52 -50.11
C PHE H 64 -60.24 -51.77 -49.66
N GLY H 65 -59.90 -53.05 -49.44
CA GLY H 65 -58.56 -53.42 -48.98
C GLY H 65 -58.20 -52.74 -47.67
N TYR H 66 -59.13 -52.78 -46.71
CA TYR H 66 -59.03 -52.00 -45.50
C TYR H 66 -57.91 -52.57 -44.65
N ALA H 67 -56.89 -51.73 -44.37
CA ALA H 67 -55.78 -52.10 -43.50
C ALA H 67 -56.25 -52.08 -42.04
N ARG H 68 -56.37 -53.27 -41.47
CA ARG H 68 -56.96 -53.45 -40.14
C ARG H 68 -55.93 -53.18 -39.03
N MET H 69 -54.72 -52.69 -39.36
CA MET H 69 -53.78 -52.39 -38.28
C MET H 69 -53.52 -50.88 -38.24
N GLN H 70 -52.86 -50.33 -39.27
CA GLN H 70 -52.53 -48.92 -39.27
C GLN H 70 -52.07 -48.46 -40.66
N LEU H 71 -51.86 -47.14 -40.76
CA LEU H 71 -51.04 -46.54 -41.81
C LEU H 71 -49.66 -46.24 -41.24
N THR H 72 -48.62 -46.41 -42.06
CA THR H 72 -47.28 -46.08 -41.65
C THR H 72 -46.72 -44.99 -42.57
N GLU H 73 -46.38 -43.85 -41.95
CA GLU H 73 -46.19 -42.57 -42.62
C GLU H 73 -44.79 -42.06 -42.33
N HIS H 74 -43.97 -42.03 -43.38
CA HIS H 74 -42.65 -41.42 -43.32
C HIS H 74 -42.61 -40.13 -44.13
N HIS H 75 -41.82 -39.15 -43.66
CA HIS H 75 -41.47 -37.98 -44.45
C HIS H 75 -39.96 -37.98 -44.72
N TRP H 76 -39.60 -38.17 -46.00
CA TRP H 76 -38.23 -38.41 -46.44
C TRP H 76 -37.63 -37.12 -46.96
N LEU H 77 -36.31 -36.94 -46.77
CA LEU H 77 -35.58 -35.88 -47.46
C LEU H 77 -34.87 -36.43 -48.72
N VAL H 78 -34.71 -37.77 -48.82
CA VAL H 78 -34.11 -38.41 -49.99
C VAL H 78 -34.85 -39.69 -50.34
N SER H 79 -34.66 -40.15 -51.60
CA SER H 79 -35.31 -41.37 -52.09
C SER H 79 -34.73 -42.57 -51.35
N ASP H 80 -35.57 -43.29 -50.58
CA ASP H 80 -35.09 -44.48 -49.85
C ASP H 80 -34.72 -45.61 -50.82
N LEU H 81 -35.11 -45.46 -52.10
CA LEU H 81 -34.83 -46.47 -53.12
C LEU H 81 -33.55 -46.14 -53.90
N ASP H 82 -32.87 -45.06 -53.58
CA ASP H 82 -31.52 -44.84 -54.08
C ASP H 82 -30.73 -46.09 -53.69
N PRO H 83 -30.05 -46.77 -54.67
CA PRO H 83 -29.32 -48.02 -54.41
C PRO H 83 -28.26 -47.93 -53.32
N ARG H 84 -27.71 -46.72 -53.11
CA ARG H 84 -26.64 -46.54 -52.14
C ARG H 84 -27.16 -46.67 -50.71
N LEU H 85 -28.49 -46.55 -50.56
CA LEU H 85 -29.14 -46.59 -49.26
C LEU H 85 -29.43 -48.04 -48.84
N GLU H 86 -29.18 -48.99 -49.73
CA GLU H 86 -29.32 -50.41 -49.38
C GLU H 86 -28.31 -50.86 -48.33
N ILE H 87 -27.19 -50.13 -48.17
CA ILE H 87 -26.16 -50.52 -47.23
C ILE H 87 -26.41 -49.89 -45.86
N LYS H 88 -26.50 -50.77 -44.85
CA LYS H 88 -26.75 -50.40 -43.47
C LYS H 88 -25.78 -51.16 -42.59
N ALA H 89 -25.15 -50.50 -41.63
CA ALA H 89 -24.31 -51.22 -40.68
C ALA H 89 -25.13 -52.30 -39.95
N ILE H 90 -26.18 -51.84 -39.24
CA ILE H 90 -27.14 -52.72 -38.60
C ILE H 90 -28.35 -52.84 -39.51
N ALA H 91 -28.78 -54.09 -39.73
CA ALA H 91 -29.99 -54.40 -40.45
C ALA H 91 -31.16 -54.63 -39.47
N GLU H 92 -32.37 -54.51 -40.04
CA GLU H 92 -33.65 -54.58 -39.37
C GLU H 92 -34.00 -56.03 -39.04
N THR H 93 -34.80 -56.23 -37.99
CA THR H 93 -35.41 -57.54 -37.74
C THR H 93 -36.82 -57.52 -38.33
N PHE H 94 -37.04 -58.38 -39.33
CA PHE H 94 -38.28 -58.45 -40.08
C PHE H 94 -38.64 -59.92 -40.33
N PRO H 95 -39.22 -60.65 -39.36
CA PRO H 95 -39.54 -62.07 -39.52
C PRO H 95 -40.54 -62.35 -40.64
N MET H 96 -40.44 -63.57 -41.19
CA MET H 96 -41.45 -64.08 -42.10
C MET H 96 -42.85 -63.84 -41.54
N ASP H 97 -42.99 -64.04 -40.21
CA ASP H 97 -44.27 -64.01 -39.54
C ASP H 97 -45.00 -62.68 -39.76
N VAL H 98 -44.26 -61.58 -39.86
CA VAL H 98 -44.88 -60.27 -40.05
C VAL H 98 -45.67 -60.26 -41.35
N LEU H 99 -45.12 -60.96 -42.36
CA LEU H 99 -45.78 -61.03 -43.66
C LEU H 99 -47.05 -61.89 -43.60
N VAL H 100 -47.03 -62.90 -42.73
CA VAL H 100 -48.22 -63.73 -42.52
C VAL H 100 -49.32 -62.90 -41.89
N TRP H 101 -48.92 -62.11 -40.88
CA TRP H 101 -49.83 -61.32 -40.05
C TRP H 101 -50.48 -60.24 -40.90
N GLN H 102 -49.69 -59.63 -41.79
CA GLN H 102 -50.16 -58.52 -42.63
C GLN H 102 -50.93 -59.04 -43.83
N GLY H 103 -50.67 -60.30 -44.20
CA GLY H 103 -51.45 -60.98 -45.24
C GLY H 103 -50.72 -61.05 -46.59
N GLN H 104 -49.45 -60.60 -46.61
CA GLN H 104 -48.54 -60.82 -47.72
C GLN H 104 -48.39 -62.32 -48.03
N ILE H 105 -48.49 -63.19 -47.00
CA ILE H 105 -48.43 -64.64 -47.15
C ILE H 105 -49.62 -65.25 -46.38
N PRO H 106 -50.14 -66.44 -46.77
CA PRO H 106 -50.96 -67.27 -45.86
C PRO H 106 -50.19 -68.31 -45.01
N ALA H 107 -50.87 -68.97 -44.07
CA ALA H 107 -50.35 -70.23 -43.52
C ALA H 107 -51.09 -71.39 -44.22
N ALA H 131 -56.59 -67.59 -48.65
CA ALA H 131 -55.34 -68.39 -48.84
C ALA H 131 -54.78 -68.10 -50.24
N GLU H 132 -54.45 -66.80 -50.46
CA GLU H 132 -53.80 -66.36 -51.71
C GLU H 132 -52.58 -65.44 -51.49
N GLY H 133 -52.67 -64.36 -50.69
CA GLY H 133 -51.49 -63.53 -50.49
C GLY H 133 -51.60 -62.18 -51.20
N ASN H 134 -51.14 -61.12 -50.52
CA ASN H 134 -51.48 -59.76 -50.88
C ASN H 134 -50.18 -58.96 -51.03
N PRO H 135 -50.08 -58.04 -52.00
CA PRO H 135 -48.82 -57.33 -52.22
C PRO H 135 -48.61 -56.34 -51.08
N PHE H 136 -47.36 -55.90 -50.92
CA PHE H 136 -46.99 -54.91 -49.93
C PHE H 136 -47.09 -53.51 -50.52
N ILE H 137 -48.10 -52.73 -50.13
CA ILE H 137 -48.34 -51.45 -50.78
C ILE H 137 -47.64 -50.33 -50.02
N PHE H 138 -46.64 -49.74 -50.70
CA PHE H 138 -45.79 -48.68 -50.18
C PHE H 138 -45.79 -47.53 -51.18
N ALA H 139 -46.61 -46.52 -50.96
CA ALA H 139 -46.84 -45.47 -51.95
C ALA H 139 -46.03 -44.23 -51.61
N PHE H 140 -45.23 -43.75 -52.57
CA PHE H 140 -44.53 -42.49 -52.35
C PHE H 140 -45.29 -41.30 -52.95
N LEU H 141 -45.31 -40.17 -52.23
CA LEU H 141 -46.09 -38.99 -52.60
C LEU H 141 -45.24 -37.73 -52.45
N PRO H 142 -45.62 -36.60 -53.09
CA PRO H 142 -45.05 -35.31 -52.74
C PRO H 142 -45.58 -34.97 -51.35
N MET H 143 -44.84 -34.17 -50.60
CA MET H 143 -45.22 -33.92 -49.20
C MET H 143 -46.56 -33.18 -49.07
N TRP H 144 -47.01 -32.49 -50.15
CA TRP H 144 -48.27 -31.73 -50.16
C TRP H 144 -49.22 -32.29 -51.21
N TRP H 145 -50.50 -32.29 -50.84
CA TRP H 145 -51.54 -32.76 -51.73
C TRP H 145 -51.53 -31.94 -53.01
N GLU H 146 -51.73 -32.64 -54.14
CA GLU H 146 -51.67 -32.03 -55.45
C GLU H 146 -53.02 -31.43 -55.82
N LYS H 147 -54.12 -32.11 -55.44
CA LYS H 147 -55.46 -31.62 -55.74
C LYS H 147 -56.30 -31.50 -54.47
N ASP H 148 -56.93 -30.33 -54.31
CA ASP H 148 -57.84 -30.05 -53.20
C ASP H 148 -59.22 -29.84 -53.81
N LEU H 149 -60.08 -30.85 -53.70
CA LEU H 149 -61.28 -30.90 -54.51
C LEU H 149 -62.53 -30.65 -53.68
N LYS H 150 -62.40 -30.54 -52.36
CA LYS H 150 -63.55 -30.22 -51.53
C LYS H 150 -63.07 -29.92 -50.13
N GLY H 151 -63.66 -28.88 -49.54
CA GLY H 151 -63.52 -28.63 -48.12
C GLY H 151 -62.30 -27.79 -47.78
N LYS H 152 -61.68 -27.18 -48.80
CA LYS H 152 -60.59 -26.23 -48.58
C LYS H 152 -60.92 -25.28 -47.42
N GLY H 153 -59.93 -25.01 -46.56
CA GLY H 153 -60.10 -24.02 -45.51
C GLY H 153 -60.65 -24.60 -44.21
N ARG H 154 -61.06 -25.88 -44.24
CA ARG H 154 -61.55 -26.57 -43.04
C ARG H 154 -60.42 -26.67 -42.02
N THR H 155 -60.77 -26.36 -40.76
CA THR H 155 -59.84 -26.41 -39.64
C THR H 155 -60.19 -27.57 -38.69
N ILE H 156 -59.34 -27.66 -37.67
CA ILE H 156 -59.53 -28.68 -36.67
C ILE H 156 -60.75 -28.32 -35.81
N GLU H 157 -61.00 -27.01 -35.60
CA GLU H 157 -62.12 -26.56 -34.80
C GLU H 157 -63.44 -26.92 -35.47
N ASP H 158 -63.45 -27.21 -36.78
CA ASP H 158 -64.69 -27.53 -37.47
C ASP H 158 -65.20 -28.91 -37.04
N GLY H 159 -64.39 -29.69 -36.33
CA GLY H 159 -64.85 -30.96 -35.76
C GLY H 159 -63.94 -32.13 -36.13
N ALA H 160 -64.27 -33.26 -35.46
CA ALA H 160 -63.52 -34.50 -35.54
C ALA H 160 -63.82 -35.23 -36.85
N ASN H 161 -62.75 -35.67 -37.53
CA ASN H 161 -62.80 -36.15 -38.90
C ASN H 161 -62.61 -37.68 -38.92
N TYR H 162 -63.49 -38.39 -39.65
CA TYR H 162 -63.29 -39.79 -40.03
C TYR H 162 -62.57 -39.79 -41.36
N ARG H 163 -61.24 -39.92 -41.32
CA ARG H 163 -60.38 -39.66 -42.47
C ARG H 163 -60.16 -40.97 -43.22
N PHE H 164 -60.85 -41.13 -44.35
CA PHE H 164 -60.75 -42.34 -45.14
C PHE H 164 -59.67 -42.17 -46.21
N ASN H 165 -58.50 -42.77 -45.94
CA ASN H 165 -57.39 -42.71 -46.87
C ASN H 165 -57.44 -43.95 -47.76
N MET H 166 -57.46 -43.73 -49.07
CA MET H 166 -57.63 -44.84 -49.99
C MET H 166 -56.71 -44.62 -51.17
N THR H 167 -55.96 -45.68 -51.53
CA THR H 167 -55.11 -45.67 -52.71
C THR H 167 -55.65 -46.67 -53.72
N ILE H 168 -55.51 -46.36 -55.02
CA ILE H 168 -56.02 -47.20 -56.08
C ILE H 168 -55.02 -47.25 -57.22
N GLY H 169 -54.99 -48.41 -57.89
CA GLY H 169 -54.21 -48.60 -59.11
C GLY H 169 -55.06 -49.36 -60.14
N PHE H 170 -55.12 -48.81 -61.37
CA PHE H 170 -56.01 -49.36 -62.37
C PHE H 170 -55.44 -50.68 -62.89
N PRO H 171 -56.29 -51.68 -63.19
CA PRO H 171 -55.83 -53.01 -63.57
C PRO H 171 -54.89 -52.94 -64.77
N GLU H 172 -54.18 -54.04 -65.00
CA GLU H 172 -53.19 -54.04 -66.07
C GLU H 172 -53.88 -53.89 -67.42
N GLY H 173 -53.25 -53.11 -68.32
CA GLY H 173 -53.78 -52.83 -69.64
C GLY H 173 -54.92 -51.82 -69.66
N VAL H 174 -55.15 -51.05 -68.58
CA VAL H 174 -56.10 -49.95 -68.58
C VAL H 174 -55.35 -48.62 -68.72
N ASP H 175 -55.72 -47.83 -69.72
CA ASP H 175 -55.06 -46.57 -69.99
C ASP H 175 -55.19 -45.67 -68.76
N LYS H 176 -54.06 -45.08 -68.32
CA LYS H 176 -54.00 -44.34 -67.07
C LYS H 176 -54.77 -43.02 -67.17
N ALA H 177 -54.65 -42.36 -68.34
CA ALA H 177 -55.35 -41.12 -68.60
C ALA H 177 -56.86 -41.33 -68.51
N GLU H 178 -57.30 -42.51 -68.98
CA GLU H 178 -58.71 -42.86 -69.03
C GLU H 178 -59.22 -43.13 -67.61
N GLY H 179 -58.40 -43.80 -66.80
CA GLY H 179 -58.70 -44.05 -65.39
C GLY H 179 -58.79 -42.76 -64.58
N GLU H 180 -57.79 -41.87 -64.76
CA GLU H 180 -57.81 -40.53 -64.19
C GLU H 180 -59.13 -39.83 -64.51
N LYS H 181 -59.51 -39.84 -65.80
CA LYS H 181 -60.71 -39.15 -66.25
C LYS H 181 -61.95 -39.73 -65.57
N TRP H 182 -62.02 -41.06 -65.46
CA TRP H 182 -63.09 -41.72 -64.73
C TRP H 182 -63.16 -41.22 -63.27
N LEU H 183 -62.03 -41.28 -62.60
CA LEU H 183 -61.96 -40.97 -61.17
C LEU H 183 -62.48 -39.56 -60.92
N PHE H 184 -62.00 -38.58 -61.70
CA PHE H 184 -62.22 -37.17 -61.37
C PHE H 184 -63.53 -36.67 -61.95
N GLU H 185 -64.02 -37.31 -63.02
CA GLU H 185 -65.24 -36.85 -63.68
C GLU H 185 -66.44 -37.65 -63.24
N LYS H 186 -66.28 -38.89 -62.77
CA LYS H 186 -67.44 -39.71 -62.39
C LYS H 186 -67.53 -39.89 -60.86
N VAL H 187 -66.38 -40.24 -60.23
CA VAL H 187 -66.36 -40.64 -58.83
C VAL H 187 -66.43 -39.42 -57.93
N VAL H 188 -65.47 -38.51 -58.10
CA VAL H 188 -65.31 -37.36 -57.23
C VAL H 188 -66.60 -36.55 -57.16
N PRO H 189 -67.32 -36.26 -58.28
CA PRO H 189 -68.60 -35.52 -58.20
C PRO H 189 -69.63 -36.08 -57.24
N ILE H 190 -69.59 -37.39 -56.98
CA ILE H 190 -70.52 -38.01 -56.04
C ILE H 190 -70.14 -37.63 -54.61
N LEU H 191 -68.81 -37.53 -54.39
CA LEU H 191 -68.27 -37.08 -53.12
C LEU H 191 -68.62 -35.62 -52.90
N GLN H 192 -68.53 -34.81 -53.96
CA GLN H 192 -68.81 -33.39 -53.90
C GLN H 192 -70.30 -33.14 -53.65
N ALA H 193 -71.16 -34.03 -54.16
CA ALA H 193 -72.61 -33.91 -54.01
C ALA H 193 -73.02 -34.24 -52.57
N ALA H 194 -72.30 -35.17 -51.94
CA ALA H 194 -72.68 -35.67 -50.62
C ALA H 194 -72.33 -34.66 -49.52
N PRO H 195 -73.33 -34.08 -48.81
CA PRO H 195 -73.03 -33.24 -47.65
C PRO H 195 -72.32 -34.01 -46.51
N GLU H 196 -72.42 -35.35 -46.50
CA GLU H 196 -71.81 -36.19 -45.48
C GLU H 196 -70.29 -36.21 -45.60
N CYS H 197 -69.78 -35.82 -46.80
CA CYS H 197 -68.37 -35.82 -47.12
C CYS H 197 -67.79 -34.40 -46.99
N THR H 198 -66.89 -34.20 -46.01
CA THR H 198 -66.44 -32.89 -45.58
C THR H 198 -65.16 -32.46 -46.29
N ARG H 199 -64.47 -33.38 -46.97
CA ARG H 199 -63.15 -33.10 -47.54
C ARG H 199 -62.79 -34.14 -48.60
N VAL H 200 -62.12 -33.68 -49.66
CA VAL H 200 -61.57 -34.56 -50.69
C VAL H 200 -60.21 -34.03 -51.15
N LEU H 201 -59.20 -34.94 -51.10
CA LEU H 201 -57.82 -34.63 -51.43
C LEU H 201 -57.23 -35.76 -52.26
N ALA H 202 -56.32 -35.42 -53.19
CA ALA H 202 -55.70 -36.43 -54.05
C ALA H 202 -54.28 -36.00 -54.46
N SER H 203 -53.37 -36.98 -54.44
CA SER H 203 -52.03 -36.85 -55.00
C SER H 203 -51.83 -38.04 -55.94
N ALA H 204 -51.02 -37.82 -56.98
CA ALA H 204 -50.64 -38.90 -57.87
C ALA H 204 -49.40 -39.57 -57.30
N VAL H 205 -49.42 -40.90 -57.29
CA VAL H 205 -48.36 -41.71 -56.73
C VAL H 205 -47.10 -41.53 -57.58
N LYS H 206 -45.94 -41.31 -56.92
CA LYS H 206 -44.64 -41.36 -57.56
C LYS H 206 -44.28 -42.82 -57.84
N LYS H 207 -44.45 -43.15 -59.14
CA LYS H 207 -44.31 -44.51 -59.65
C LYS H 207 -42.85 -44.74 -60.00
N ASP H 208 -42.19 -43.65 -60.39
CA ASP H 208 -40.78 -43.57 -60.70
C ASP H 208 -39.86 -43.92 -59.51
N ILE H 209 -40.40 -44.17 -58.31
CA ILE H 209 -39.56 -44.35 -57.13
C ILE H 209 -39.36 -45.82 -56.83
N ASN H 210 -40.47 -46.58 -56.70
CA ASN H 210 -40.44 -47.97 -56.24
C ASN H 210 -41.39 -48.86 -57.04
N GLY H 211 -41.84 -48.40 -58.21
CA GLY H 211 -42.75 -49.17 -59.07
C GLY H 211 -44.04 -49.63 -58.38
N CYS H 212 -44.50 -48.82 -57.41
CA CYS H 212 -45.76 -49.12 -56.74
C CYS H 212 -46.86 -49.20 -57.79
N VAL H 213 -47.72 -50.22 -57.70
CA VAL H 213 -48.76 -50.46 -58.71
C VAL H 213 -49.87 -49.41 -58.60
N MET H 214 -49.96 -48.69 -57.49
CA MET H 214 -51.03 -47.72 -57.30
C MET H 214 -50.74 -46.45 -58.11
N ASP H 215 -51.82 -45.74 -58.45
CA ASP H 215 -51.76 -44.56 -59.29
C ASP H 215 -52.14 -43.29 -58.53
N TRP H 216 -53.12 -43.40 -57.64
CA TRP H 216 -53.64 -42.26 -56.89
C TRP H 216 -53.69 -42.60 -55.40
N VAL H 217 -53.58 -41.56 -54.57
CA VAL H 217 -53.95 -41.65 -53.17
C VAL H 217 -54.96 -40.55 -52.90
N LEU H 218 -56.05 -40.90 -52.23
CA LEU H 218 -57.09 -39.95 -51.89
C LEU H 218 -57.36 -40.04 -50.39
N GLU H 219 -57.73 -38.90 -49.82
CA GLU H 219 -58.29 -38.89 -48.49
C GLU H 219 -59.64 -38.21 -48.61
N ILE H 220 -60.65 -38.85 -48.01
CA ILE H 220 -62.04 -38.47 -48.14
C ILE H 220 -62.60 -38.46 -46.73
N TRP H 221 -62.98 -37.27 -46.22
CA TRP H 221 -63.39 -37.21 -44.82
C TRP H 221 -64.89 -37.32 -44.69
N PHE H 222 -65.32 -37.93 -43.58
CA PHE H 222 -66.70 -37.98 -43.17
C PHE H 222 -66.77 -37.53 -41.72
N GLU H 223 -68.01 -37.51 -41.18
CA GLU H 223 -68.22 -37.26 -39.77
C GLU H 223 -67.97 -38.55 -38.99
N ASN H 224 -68.34 -39.69 -39.61
CA ASN H 224 -68.38 -41.00 -38.94
C ASN H 224 -68.54 -42.13 -39.95
N GLN H 225 -68.49 -43.35 -39.43
CA GLN H 225 -68.62 -44.58 -40.22
C GLN H 225 -69.90 -44.60 -41.06
N SER H 226 -71.04 -44.11 -40.54
CA SER H 226 -72.29 -44.15 -41.28
C SER H 226 -72.24 -43.23 -42.49
N GLY H 227 -71.67 -42.03 -42.31
CA GLY H 227 -71.41 -41.11 -43.41
C GLY H 227 -70.56 -41.78 -44.48
N TRP H 228 -69.48 -42.45 -44.04
CA TRP H 228 -68.63 -43.19 -44.95
C TRP H 228 -69.46 -44.18 -45.77
N TYR H 229 -70.28 -44.97 -45.07
CA TYR H 229 -71.08 -46.02 -45.69
C TYR H 229 -72.06 -45.41 -46.69
N LYS H 230 -72.82 -44.41 -46.24
CA LYS H 230 -73.87 -43.80 -47.02
C LYS H 230 -73.31 -43.38 -48.38
N VAL H 231 -72.09 -42.82 -48.38
CA VAL H 231 -71.51 -42.26 -49.59
C VAL H 231 -70.77 -43.33 -50.40
N MET H 232 -69.85 -44.07 -49.75
CA MET H 232 -68.89 -44.91 -50.46
C MET H 232 -69.52 -46.25 -50.89
N VAL H 233 -70.69 -46.55 -50.31
CA VAL H 233 -71.44 -47.74 -50.69
C VAL H 233 -72.72 -47.35 -51.43
N ASP H 234 -73.63 -46.60 -50.75
CA ASP H 234 -74.97 -46.33 -51.28
C ASP H 234 -74.92 -45.32 -52.41
N ASP H 235 -74.38 -44.10 -52.20
CA ASP H 235 -74.32 -43.12 -53.27
C ASP H 235 -73.57 -43.66 -54.49
N MET H 236 -72.62 -44.58 -54.27
CA MET H 236 -71.72 -45.06 -55.31
C MET H 236 -72.37 -46.17 -56.12
N LYS H 237 -73.55 -46.67 -55.69
CA LYS H 237 -74.26 -47.66 -56.48
C LYS H 237 -74.67 -47.05 -57.81
N ALA H 238 -74.91 -45.72 -57.79
CA ALA H 238 -75.29 -44.92 -58.95
C ALA H 238 -74.27 -45.05 -60.08
N LEU H 239 -73.04 -45.51 -59.79
CA LEU H 239 -71.98 -45.49 -60.79
C LEU H 239 -72.15 -46.63 -61.78
N GLU H 240 -71.91 -46.26 -63.04
CA GLU H 240 -71.72 -47.16 -64.16
C GLU H 240 -70.61 -48.13 -63.79
N LYS H 241 -70.83 -49.45 -63.90
CA LYS H 241 -69.78 -50.42 -63.62
C LYS H 241 -68.79 -50.47 -64.79
N PRO H 242 -67.52 -50.04 -64.68
CA PRO H 242 -66.65 -49.94 -65.84
C PRO H 242 -66.29 -51.33 -66.39
N SER H 243 -65.83 -51.34 -67.64
CA SER H 243 -65.57 -52.56 -68.37
C SER H 243 -64.41 -53.34 -67.74
N TRP H 244 -63.49 -52.64 -67.05
CA TRP H 244 -62.30 -53.25 -66.47
C TRP H 244 -62.53 -53.70 -65.01
N ALA H 245 -63.77 -53.53 -64.51
CA ALA H 245 -64.07 -53.74 -63.10
C ALA H 245 -63.59 -55.12 -62.64
N GLN H 246 -62.97 -55.18 -61.46
CA GLN H 246 -62.53 -56.43 -60.85
C GLN H 246 -63.48 -56.89 -59.75
N GLN H 247 -64.53 -56.13 -59.44
CA GLN H 247 -65.62 -56.57 -58.56
C GLN H 247 -66.86 -55.78 -58.95
N ASP H 248 -68.03 -56.21 -58.46
CA ASP H 248 -69.29 -55.68 -58.98
C ASP H 248 -69.50 -54.25 -58.54
N ALA H 249 -69.08 -53.93 -57.30
CA ALA H 249 -69.40 -52.67 -56.67
C ALA H 249 -68.17 -51.76 -56.59
N PHE H 250 -68.41 -50.45 -56.55
CA PHE H 250 -67.35 -49.50 -56.21
C PHE H 250 -66.58 -50.00 -54.98
N PRO H 251 -65.22 -50.01 -54.98
CA PRO H 251 -64.38 -49.34 -55.97
C PRO H 251 -63.97 -50.05 -57.27
N PHE H 252 -64.60 -51.20 -57.58
CA PHE H 252 -64.43 -51.89 -58.85
C PHE H 252 -63.01 -52.42 -59.03
N LEU H 253 -62.25 -52.55 -57.93
CA LEU H 253 -60.85 -52.95 -57.99
C LEU H 253 -60.60 -54.05 -56.95
N LYS H 254 -59.59 -54.87 -57.24
CA LYS H 254 -59.34 -56.06 -56.45
C LYS H 254 -58.87 -55.67 -55.04
N PRO H 255 -59.61 -56.07 -53.98
CA PRO H 255 -59.21 -55.73 -52.60
C PRO H 255 -57.76 -56.11 -52.31
N TYR H 256 -57.02 -55.16 -51.74
CA TYR H 256 -55.67 -55.34 -51.19
C TYR H 256 -54.62 -55.43 -52.30
N HIS H 257 -55.07 -55.53 -53.57
CA HIS H 257 -54.18 -55.68 -54.72
C HIS H 257 -54.17 -54.40 -55.57
N ASN H 258 -55.37 -53.89 -55.90
CA ASN H 258 -55.52 -52.67 -56.67
C ASN H 258 -56.21 -51.58 -55.87
N VAL H 259 -56.60 -51.87 -54.62
CA VAL H 259 -57.09 -50.84 -53.71
C VAL H 259 -56.76 -51.22 -52.28
N CYS H 260 -56.19 -50.27 -51.53
CA CYS H 260 -56.05 -50.38 -50.08
C CYS H 260 -56.56 -49.09 -49.45
N SER H 261 -56.90 -49.17 -48.17
CA SER H 261 -57.53 -48.05 -47.51
C SER H 261 -57.33 -48.15 -46.00
N ALA H 262 -57.73 -47.07 -45.31
CA ALA H 262 -57.82 -47.04 -43.86
C ALA H 262 -58.58 -45.78 -43.44
N ALA H 263 -59.37 -45.91 -42.38
CA ALA H 263 -60.04 -44.78 -41.78
C ALA H 263 -59.31 -44.46 -40.49
N VAL H 264 -58.82 -43.22 -40.33
CA VAL H 264 -57.95 -42.86 -39.21
C VAL H 264 -58.41 -41.53 -38.60
N ALA H 265 -57.90 -41.24 -37.40
CA ALA H 265 -58.26 -40.02 -36.70
C ALA H 265 -57.34 -38.89 -37.12
N ASP H 266 -57.71 -37.65 -36.73
CA ASP H 266 -56.90 -36.46 -37.00
C ASP H 266 -55.55 -36.54 -36.25
N TYR H 267 -55.49 -37.29 -35.14
CA TYR H 267 -54.33 -37.27 -34.24
C TYR H 267 -53.86 -38.68 -33.96
N THR H 268 -52.53 -38.85 -33.95
CA THR H 268 -51.93 -40.06 -33.40
C THR H 268 -50.96 -39.68 -32.27
N PRO H 269 -50.93 -40.50 -31.19
CA PRO H 269 -49.90 -40.37 -30.17
C PRO H 269 -48.57 -41.00 -30.58
N SER H 270 -48.59 -41.79 -31.67
CA SER H 270 -47.40 -42.49 -32.16
C SER H 270 -46.73 -41.63 -33.24
N ASN H 271 -46.19 -40.47 -32.80
CA ASN H 271 -45.32 -39.67 -33.64
C ASN H 271 -43.88 -39.99 -33.22
N ASN H 272 -43.31 -40.99 -33.90
CA ASN H 272 -42.29 -41.85 -33.30
C ASN H 272 -40.98 -41.10 -33.08
N LEU H 273 -40.66 -40.12 -33.92
CA LEU H 273 -39.38 -39.44 -33.79
C LEU H 273 -39.37 -38.59 -32.50
N ALA H 274 -40.51 -38.00 -32.15
CA ALA H 274 -40.64 -37.15 -30.96
C ALA H 274 -40.96 -37.97 -29.69
N ASN H 275 -41.79 -39.01 -29.81
CA ASN H 275 -42.53 -39.50 -28.65
C ASN H 275 -41.97 -40.79 -28.10
N TYR H 276 -41.19 -41.57 -28.86
CA TYR H 276 -40.77 -42.90 -28.42
C TYR H 276 -39.78 -42.84 -27.27
N ARG H 277 -40.09 -43.60 -26.16
CA ARG H 277 -39.27 -43.65 -24.94
C ARG H 277 -38.98 -45.11 -24.54
N GLY H 278 -39.02 -46.03 -25.52
CA GLY H 278 -38.75 -47.45 -25.29
C GLY H 278 -40.05 -48.23 -25.15
N TYR H 279 -39.93 -49.57 -25.13
CA TYR H 279 -41.09 -50.46 -25.02
C TYR H 279 -41.40 -50.72 -23.55
N ILE H 280 -42.01 -49.70 -22.92
CA ILE H 280 -42.38 -49.71 -21.52
C ILE H 280 -43.66 -50.52 -21.35
N THR H 281 -43.62 -51.44 -20.37
CA THR H 281 -44.71 -52.40 -20.17
C THR H 281 -45.64 -51.98 -19.04
N MET H 282 -46.92 -52.30 -19.22
CA MET H 282 -47.96 -52.00 -18.26
C MET H 282 -47.69 -52.76 -16.97
N ARG H 283 -48.20 -52.27 -15.86
CA ARG H 283 -47.95 -52.86 -14.56
C ARG H 283 -49.13 -53.72 -14.06
N ALA I 2 -8.13 32.99 29.53
CA ALA I 2 -6.94 33.48 30.22
C ALA I 2 -6.59 32.47 31.31
N ASP I 3 -7.51 32.18 32.24
CA ASP I 3 -7.15 31.64 33.56
C ASP I 3 -6.42 30.30 33.49
N PHE I 4 -5.40 30.14 34.37
CA PHE I 4 -4.61 28.92 34.45
C PHE I 4 -4.75 28.33 35.85
N LYS I 5 -5.16 27.06 35.94
CA LYS I 5 -5.48 26.47 37.22
C LYS I 5 -4.23 26.06 38.00
N PHE I 6 -4.21 26.44 39.30
CA PHE I 6 -3.20 26.00 40.23
C PHE I 6 -3.35 24.51 40.46
N GLU I 7 -2.41 23.72 39.94
CA GLU I 7 -2.56 22.26 39.94
C GLU I 7 -1.24 21.63 40.38
N PRO I 8 -0.92 21.67 41.68
CA PRO I 8 0.34 21.12 42.16
C PRO I 8 0.34 19.59 42.14
N MET I 9 1.35 19.07 41.42
CA MET I 9 1.51 17.65 41.14
C MET I 9 2.98 17.22 41.14
N ARG I 10 3.21 15.92 41.36
CA ARG I 10 4.52 15.28 41.23
C ARG I 10 4.39 14.26 40.10
N SER I 11 5.25 14.38 39.06
CA SER I 11 5.28 13.46 37.94
C SER I 11 6.40 12.46 38.19
N LEU I 12 6.26 11.25 37.65
CA LEU I 12 7.36 10.30 37.63
C LEU I 12 7.43 9.66 36.24
N ILE I 13 8.64 9.63 35.68
CA ILE I 13 8.87 8.97 34.41
C ILE I 13 9.82 7.80 34.64
N TYR I 14 9.47 6.63 34.13
CA TYR I 14 10.25 5.43 34.35
C TYR I 14 11.20 5.26 33.16
N VAL I 15 12.45 5.70 33.32
CA VAL I 15 13.42 5.70 32.24
C VAL I 15 14.22 4.40 32.26
N ASP I 16 13.95 3.53 31.29
CA ASP I 16 14.65 2.27 31.16
C ASP I 16 15.90 2.48 30.29
N CYS I 17 16.79 1.47 30.29
CA CYS I 17 17.92 1.38 29.38
C CYS I 17 18.13 -0.10 29.02
N VAL I 18 17.79 -0.45 27.77
CA VAL I 18 17.55 -1.84 27.40
C VAL I 18 18.84 -2.59 27.11
N SER I 19 19.99 -1.92 27.26
CA SER I 19 21.27 -2.52 26.92
C SER I 19 22.40 -1.65 27.46
N GLU I 20 23.43 -2.29 28.00
CA GLU I 20 24.55 -1.56 28.57
C GLU I 20 25.34 -0.80 27.48
N ASP I 21 25.23 -1.25 26.23
CA ASP I 21 25.94 -0.57 25.15
C ASP I 21 25.31 0.80 24.88
N TYR I 22 24.05 0.99 25.32
CA TYR I 22 23.31 2.22 25.12
C TYR I 22 23.51 3.19 26.27
N ARG I 23 23.99 2.69 27.43
CA ARG I 23 23.99 3.50 28.64
C ARG I 23 24.80 4.79 28.44
N PRO I 24 26.06 4.75 27.95
CA PRO I 24 26.84 5.97 27.76
C PRO I 24 26.10 7.06 26.99
N LYS I 25 25.40 6.64 25.92
CA LYS I 25 24.77 7.55 24.98
C LYS I 25 23.49 8.15 25.55
N LEU I 26 22.69 7.29 26.20
CA LEU I 26 21.44 7.72 26.81
C LEU I 26 21.73 8.64 27.99
N GLN I 27 22.75 8.26 28.80
CA GLN I 27 23.12 9.05 29.95
C GLN I 27 23.59 10.44 29.51
N ARG I 28 24.42 10.46 28.44
CA ARG I 28 24.87 11.70 27.84
C ARG I 28 23.65 12.56 27.45
N TRP I 29 22.70 12.00 26.71
CA TRP I 29 21.57 12.79 26.25
C TRP I 29 20.87 13.42 27.46
N ILE I 30 20.61 12.60 28.47
CA ILE I 30 19.87 13.04 29.63
C ILE I 30 20.57 14.24 30.28
N TYR I 31 21.88 14.13 30.52
CA TYR I 31 22.59 15.10 31.35
C TYR I 31 23.11 16.27 30.50
N LYS I 32 23.33 16.07 29.20
CA LYS I 32 23.90 17.11 28.35
C LYS I 32 22.81 17.93 27.66
N VAL I 33 21.67 17.27 27.35
CA VAL I 33 20.66 17.87 26.48
C VAL I 33 19.32 18.01 27.20
N ALA I 34 18.82 16.92 27.81
CA ALA I 34 17.48 16.94 28.36
C ALA I 34 17.35 18.01 29.44
N ILE I 35 18.38 18.14 30.28
CA ILE I 35 18.31 19.06 31.39
C ILE I 35 18.16 20.51 30.88
N PRO I 36 19.11 21.07 30.12
CA PRO I 36 18.99 22.47 29.68
C PRO I 36 17.76 22.77 28.81
N ASP I 37 17.44 21.86 27.87
CA ASP I 37 16.21 21.99 27.08
C ASP I 37 15.00 22.11 28.01
N SER I 38 14.98 21.27 29.08
CA SER I 38 13.87 21.19 30.03
C SER I 38 13.76 22.48 30.83
N ILE I 39 14.86 22.94 31.43
CA ILE I 39 14.86 24.08 32.32
C ILE I 39 14.54 25.35 31.52
N SER I 40 15.03 25.36 30.28
CA SER I 40 14.72 26.42 29.34
C SER I 40 13.20 26.60 29.18
N GLN I 41 12.42 25.53 29.36
CA GLN I 41 10.99 25.59 29.08
C GLN I 41 10.15 25.83 30.33
N PHE I 42 10.45 25.12 31.44
CA PHE I 42 9.50 25.02 32.54
C PHE I 42 10.04 25.63 33.83
N GLU I 43 11.19 26.31 33.79
CA GLU I 43 11.79 26.91 34.97
C GLU I 43 10.77 27.72 35.76
N PRO I 44 9.90 28.56 35.15
CA PRO I 44 8.99 29.41 35.90
C PRO I 44 7.81 28.74 36.60
N TYR I 45 7.51 27.49 36.26
CA TYR I 45 6.34 26.82 36.84
C TYR I 45 6.65 25.39 37.27
N VAL I 46 7.93 25.04 37.40
CA VAL I 46 8.32 23.79 38.03
C VAL I 46 9.25 24.13 39.19
N THR I 47 8.91 23.62 40.38
CA THR I 47 9.65 23.95 41.59
C THR I 47 10.76 22.94 41.85
N LYS I 48 10.70 21.73 41.26
CA LYS I 48 11.76 20.76 41.47
C LYS I 48 11.82 19.74 40.34
N TYR I 49 13.01 19.65 39.74
CA TYR I 49 13.30 18.75 38.64
C TYR I 49 14.50 17.92 39.07
N ALA I 50 14.34 16.59 39.09
CA ALA I 50 15.39 15.75 39.63
C ALA I 50 15.37 14.36 38.99
N PHE I 51 16.55 13.73 39.00
CA PHE I 51 16.77 12.39 38.48
C PHE I 51 17.26 11.47 39.61
N TYR I 52 16.63 10.30 39.77
CA TYR I 52 17.04 9.34 40.77
C TYR I 52 17.57 8.11 40.05
N PRO I 53 18.91 7.95 39.86
CA PRO I 53 19.48 6.79 39.17
C PRO I 53 19.04 5.53 39.88
N SER I 54 18.61 4.53 39.09
CA SER I 54 18.17 3.28 39.68
C SER I 54 19.38 2.45 40.06
N PHE I 55 19.29 1.77 41.20
CA PHE I 55 20.26 0.74 41.59
C PHE I 55 20.29 -0.36 40.53
N PRO I 56 21.35 -1.19 40.51
CA PRO I 56 21.43 -2.33 39.60
C PRO I 56 20.18 -3.20 39.68
N ILE I 57 19.71 -3.61 38.50
CA ILE I 57 18.51 -4.41 38.42
C ILE I 57 18.68 -5.64 39.31
N PRO I 58 17.78 -5.89 40.29
CA PRO I 58 17.88 -7.08 41.14
C PRO I 58 17.40 -8.31 40.41
N PRO I 59 17.71 -9.53 40.90
CA PRO I 59 17.14 -10.77 40.37
C PRO I 59 15.62 -10.74 40.16
N GLN I 60 15.21 -11.02 38.92
CA GLN I 60 13.82 -11.07 38.51
C GLN I 60 13.17 -9.69 38.45
N GLY I 61 13.99 -8.62 38.51
CA GLY I 61 13.49 -7.27 38.38
C GLY I 61 12.84 -7.03 37.00
N ASP I 62 13.38 -7.70 35.97
CA ASP I 62 12.84 -7.66 34.61
C ASP I 62 11.32 -7.86 34.60
N ARG I 63 10.80 -8.67 35.54
CA ARG I 63 9.37 -9.02 35.61
C ARG I 63 8.54 -7.90 36.23
N PHE I 64 9.19 -6.88 36.79
CA PHE I 64 8.53 -5.73 37.41
C PHE I 64 8.71 -4.47 36.56
N GLY I 65 9.11 -4.63 35.30
CA GLY I 65 9.34 -3.50 34.42
C GLY I 65 10.39 -2.55 34.95
N TYR I 66 11.51 -3.12 35.42
CA TYR I 66 12.50 -2.35 36.17
C TYR I 66 13.19 -1.38 35.21
N ALA I 67 13.08 -0.08 35.52
CA ALA I 67 13.75 0.97 34.76
C ALA I 67 15.25 0.98 35.11
N ARG I 68 16.07 0.53 34.16
CA ARG I 68 17.48 0.33 34.38
C ARG I 68 18.28 1.63 34.23
N MET I 69 17.63 2.78 34.09
CA MET I 69 18.40 4.02 34.01
C MET I 69 18.10 4.90 35.22
N GLN I 70 16.87 5.42 35.32
CA GLN I 70 16.51 6.32 36.42
C GLN I 70 15.00 6.50 36.50
N LEU I 71 14.59 7.21 37.56
CA LEU I 71 13.31 7.88 37.65
C LEU I 71 13.50 9.35 37.34
N THR I 72 12.53 9.96 36.65
CA THR I 72 12.58 11.38 36.38
C THR I 72 11.36 12.05 37.01
N GLU I 73 11.66 12.99 37.93
CA GLU I 73 10.73 13.51 38.92
C GLU I 73 10.61 15.02 38.75
N HIS I 74 9.43 15.45 38.31
CA HIS I 74 9.09 16.86 38.25
C HIS I 74 8.05 17.22 39.32
N HIS I 75 8.14 18.44 39.87
CA HIS I 75 7.08 19.00 40.68
C HIS I 75 6.51 20.23 39.97
N TRP I 76 5.23 20.11 39.56
CA TRP I 76 4.56 21.07 38.69
C TRP I 76 3.67 21.98 39.53
N LEU I 77 3.55 23.25 39.12
CA LEU I 77 2.52 24.13 39.65
C LEU I 77 1.29 24.18 38.73
N VAL I 78 1.42 23.74 37.47
CA VAL I 78 0.30 23.67 36.53
C VAL I 78 0.36 22.39 35.70
N SER I 79 -0.79 21.99 35.13
CA SER I 79 -0.87 20.81 34.28
C SER I 79 -0.06 21.03 33.00
N ASP I 80 1.00 20.24 32.79
CA ASP I 80 1.82 20.36 31.58
C ASP I 80 1.02 19.91 30.35
N LEU I 81 -0.15 19.28 30.55
CA LEU I 81 -1.00 18.82 29.45
C LEU I 81 -2.08 19.84 29.11
N ASP I 82 -2.12 20.99 29.79
CA ASP I 82 -2.94 22.10 29.32
C ASP I 82 -2.52 22.37 27.87
N PRO I 83 -3.47 22.38 26.90
CA PRO I 83 -3.15 22.59 25.47
C PRO I 83 -2.35 23.85 25.16
N ARG I 84 -2.51 24.89 26.00
CA ARG I 84 -1.85 26.17 25.76
C ARG I 84 -0.35 26.07 26.00
N LEU I 85 0.07 25.00 26.69
CA LEU I 85 1.46 24.78 27.03
C LEU I 85 2.20 24.06 25.90
N GLU I 86 1.47 23.63 24.87
CA GLU I 86 2.10 23.06 23.68
C GLU I 86 2.96 24.07 22.92
N ILE I 87 2.75 25.37 23.10
CA ILE I 87 3.51 26.34 22.32
C ILE I 87 4.77 26.77 23.08
N LYS I 88 5.93 26.57 22.43
CA LYS I 88 7.23 26.84 22.99
C LYS I 88 8.04 27.63 21.96
N ALA I 89 8.69 28.71 22.36
CA ALA I 89 9.59 29.38 21.45
C ALA I 89 10.66 28.41 20.93
N ILE I 90 11.46 27.88 21.87
CA ILE I 90 12.44 26.85 21.60
C ILE I 90 11.83 25.51 21.97
N ALA I 91 11.96 24.56 21.04
CA ALA I 91 11.60 23.16 21.25
C ALA I 91 12.81 22.33 21.67
N GLU I 92 12.50 21.18 22.25
CA GLU I 92 13.43 20.22 22.85
C GLU I 92 14.09 19.39 21.73
N THR I 93 15.32 18.91 21.99
CA THR I 93 15.95 17.94 21.11
C THR I 93 15.69 16.56 21.71
N PHE I 94 14.96 15.72 20.95
CA PHE I 94 14.55 14.40 21.40
C PHE I 94 14.67 13.40 20.25
N PRO I 95 15.87 12.88 19.93
CA PRO I 95 16.07 11.94 18.83
C PRO I 95 15.28 10.64 18.95
N MET I 96 14.96 10.05 17.80
CA MET I 96 14.46 8.70 17.69
C MET I 96 15.23 7.76 18.62
N ASP I 97 16.56 7.95 18.62
CA ASP I 97 17.50 7.03 19.26
C ASP I 97 17.18 6.88 20.75
N VAL I 98 16.71 7.97 21.39
CA VAL I 98 16.41 7.92 22.81
C VAL I 98 15.33 6.88 23.08
N LEU I 99 14.37 6.77 22.14
CA LEU I 99 13.30 5.81 22.27
C LEU I 99 13.79 4.37 22.08
N VAL I 100 14.83 4.19 21.26
CA VAL I 100 15.43 2.88 21.08
C VAL I 100 16.10 2.46 22.38
N TRP I 101 16.83 3.42 22.97
CA TRP I 101 17.66 3.19 24.14
C TRP I 101 16.77 2.85 25.33
N GLN I 102 15.62 3.55 25.44
CA GLN I 102 14.72 3.38 26.58
C GLN I 102 13.82 2.15 26.36
N GLY I 103 13.65 1.75 25.10
CA GLY I 103 12.96 0.52 24.77
C GLY I 103 11.53 0.73 24.26
N GLN I 104 11.17 2.02 24.08
CA GLN I 104 9.95 2.40 23.39
C GLN I 104 9.90 1.80 21.98
N ILE I 105 11.07 1.64 21.31
CA ILE I 105 11.14 0.93 20.02
C ILE I 105 12.27 -0.08 20.07
N PRO I 106 12.25 -1.19 19.30
CA PRO I 106 13.44 -2.05 19.09
C PRO I 106 14.33 -1.71 17.89
N ALA I 107 15.50 -2.36 17.79
CA ALA I 107 16.52 -1.91 16.83
C ALA I 107 16.21 -2.31 15.36
N ALA I 131 12.18 -7.75 22.10
CA ALA I 131 12.09 -7.38 20.66
C ALA I 131 10.65 -6.97 20.30
N GLU I 132 10.00 -6.11 21.15
CA GLU I 132 8.58 -5.80 21.02
C GLU I 132 8.23 -4.30 21.11
N GLY I 133 8.75 -3.54 22.06
CA GLY I 133 8.45 -2.11 22.14
C GLY I 133 7.52 -1.80 23.31
N ASN I 134 7.87 -0.77 24.11
CA ASN I 134 7.34 -0.57 25.43
C ASN I 134 6.78 0.84 25.54
N PRO I 135 5.65 1.06 26.25
CA PRO I 135 5.04 2.38 26.30
C PRO I 135 5.92 3.28 27.18
N PHE I 136 5.74 4.59 27.01
CA PHE I 136 6.41 5.60 27.81
C PHE I 136 5.55 5.94 29.03
N ILE I 137 5.97 5.50 30.21
CA ILE I 137 5.13 5.65 31.39
C ILE I 137 5.47 6.95 32.12
N PHE I 138 4.49 7.87 32.12
CA PHE I 138 4.60 9.20 32.70
C PHE I 138 3.39 9.40 33.62
N ALA I 139 3.59 9.17 34.94
CA ALA I 139 2.49 9.17 35.89
C ALA I 139 2.42 10.49 36.63
N PHE I 140 1.23 11.12 36.62
CA PHE I 140 1.03 12.31 37.45
C PHE I 140 0.40 11.95 38.80
N LEU I 141 0.87 12.60 39.88
CA LEU I 141 0.43 12.31 41.23
C LEU I 141 0.17 13.61 41.99
N PRO I 142 -0.60 13.58 43.10
CA PRO I 142 -0.65 14.70 44.03
C PRO I 142 0.73 14.75 44.70
N MET I 143 1.13 15.95 45.14
CA MET I 143 2.48 16.10 45.64
C MET I 143 2.76 15.27 46.91
N TRP I 144 1.68 14.89 47.64
CA TRP I 144 1.77 14.12 48.89
C TRP I 144 1.08 12.78 48.74
N TRP I 145 1.72 11.78 49.35
CA TRP I 145 1.19 10.42 49.32
C TRP I 145 -0.19 10.42 49.96
N GLU I 146 -1.08 9.64 49.33
CA GLU I 146 -2.47 9.58 49.73
C GLU I 146 -2.65 8.55 50.85
N LYS I 147 -1.92 7.43 50.78
CA LYS I 147 -2.02 6.39 51.80
C LYS I 147 -0.65 6.08 52.39
N ASP I 148 -0.60 6.05 53.73
CA ASP I 148 0.58 5.67 54.48
C ASP I 148 0.25 4.38 55.22
N LEU I 149 0.74 3.25 54.72
CA LEU I 149 0.24 1.96 55.13
C LEU I 149 1.24 1.21 55.99
N LYS I 150 2.46 1.74 56.14
CA LYS I 150 3.43 1.10 57.02
C LYS I 150 4.62 2.00 57.18
N GLY I 151 5.11 2.08 58.42
CA GLY I 151 6.39 2.71 58.69
C GLY I 151 6.26 4.21 58.94
N LYS I 152 5.03 4.70 59.13
CA LYS I 152 4.81 6.09 59.52
C LYS I 152 5.79 6.51 60.62
N GLY I 153 6.34 7.73 60.49
CA GLY I 153 7.20 8.29 61.53
C GLY I 153 8.68 7.95 61.34
N ARG I 154 8.98 7.09 60.36
CA ARG I 154 10.36 6.76 60.02
C ARG I 154 11.08 8.00 59.51
N THR I 155 12.31 8.20 60.04
CA THR I 155 13.18 9.30 59.66
C THR I 155 14.39 8.80 58.87
N ILE I 156 15.19 9.78 58.47
CA ILE I 156 16.41 9.46 57.74
C ILE I 156 17.42 8.82 58.68
N GLU I 157 17.41 9.21 59.96
CA GLU I 157 18.33 8.67 60.95
C GLU I 157 18.06 7.17 61.17
N ASP I 158 16.86 6.67 60.80
CA ASP I 158 16.55 5.26 61.02
C ASP I 158 17.36 4.38 60.07
N GLY I 159 18.02 4.96 59.07
CA GLY I 159 18.91 4.19 58.21
C GLY I 159 18.61 4.38 56.72
N ALA I 160 19.54 3.79 55.95
CA ALA I 160 19.55 3.88 54.48
C ALA I 160 18.51 2.94 53.88
N ASN I 161 17.73 3.48 52.93
CA ASN I 161 16.52 2.84 52.43
C ASN I 161 16.76 2.37 51.00
N TYR I 162 16.39 1.10 50.70
CA TYR I 162 16.28 0.57 49.34
C TYR I 162 14.84 0.81 48.91
N ARG I 163 14.62 1.93 48.20
CA ARG I 163 13.29 2.45 47.94
C ARG I 163 12.77 1.89 46.62
N PHE I 164 11.87 0.90 46.70
CA PHE I 164 11.32 0.27 45.51
C PHE I 164 10.03 0.98 45.09
N ASN I 165 10.16 1.82 44.05
CA ASN I 165 9.04 2.58 43.53
C ASN I 165 8.43 1.77 42.38
N MET I 166 7.14 1.48 42.47
CA MET I 166 6.51 0.62 41.51
C MET I 166 5.13 1.18 41.19
N THR I 167 4.84 1.29 39.88
CA THR I 167 3.53 1.70 39.40
C THR I 167 2.88 0.53 38.68
N ILE I 168 1.55 0.42 38.78
CA ILE I 168 0.80 -0.67 38.18
C ILE I 168 -0.51 -0.14 37.60
N GLY I 169 -0.93 -0.79 36.50
CA GLY I 169 -2.23 -0.52 35.90
C GLY I 169 -2.89 -1.84 35.52
N PHE I 170 -4.16 -2.01 35.94
CA PHE I 170 -4.84 -3.28 35.77
C PHE I 170 -5.20 -3.47 34.29
N PRO I 171 -5.11 -4.71 33.75
CA PRO I 171 -5.31 -4.96 32.33
C PRO I 171 -6.67 -4.45 31.88
N GLU I 172 -6.84 -4.37 30.57
CA GLU I 172 -8.09 -3.87 30.00
C GLU I 172 -9.24 -4.81 30.38
N GLY I 173 -10.39 -4.20 30.70
CA GLY I 173 -11.59 -4.92 31.10
C GLY I 173 -11.55 -5.44 32.53
N VAL I 174 -10.61 -4.99 33.40
CA VAL I 174 -10.60 -5.37 34.81
C VAL I 174 -11.17 -4.22 35.64
N ASP I 175 -12.20 -4.53 36.44
CA ASP I 175 -12.86 -3.53 37.24
C ASP I 175 -11.85 -2.92 38.20
N LYS I 176 -11.82 -1.57 38.26
CA LYS I 176 -10.79 -0.84 39.00
C LYS I 176 -10.98 -1.02 40.50
N ALA I 177 -12.25 -0.98 40.94
CA ALA I 177 -12.59 -1.14 42.34
C ALA I 177 -12.10 -2.51 42.83
N GLU I 178 -12.23 -3.51 41.96
CA GLU I 178 -11.86 -4.89 42.27
C GLU I 178 -10.35 -5.04 42.36
N GLY I 179 -9.63 -4.35 41.46
CA GLY I 179 -8.16 -4.32 41.47
C GLY I 179 -7.63 -3.62 42.72
N GLU I 180 -8.20 -2.45 43.05
CA GLU I 180 -7.91 -1.75 44.29
C GLU I 180 -8.06 -2.68 45.48
N LYS I 181 -9.20 -3.39 45.55
CA LYS I 181 -9.51 -4.28 46.67
C LYS I 181 -8.46 -5.39 46.76
N TRP I 182 -8.07 -5.97 45.62
CA TRP I 182 -7.01 -6.96 45.59
C TRP I 182 -5.71 -6.39 46.17
N LEU I 183 -5.30 -5.24 45.65
CA LEU I 183 -4.02 -4.65 46.01
C LEU I 183 -3.93 -4.45 47.53
N PHE I 184 -4.98 -3.84 48.11
CA PHE I 184 -4.90 -3.36 49.49
C PHE I 184 -5.27 -4.43 50.48
N GLU I 185 -6.06 -5.43 50.05
CA GLU I 185 -6.53 -6.47 50.95
C GLU I 185 -5.70 -7.74 50.82
N LYS I 186 -5.04 -7.99 49.69
CA LYS I 186 -4.24 -9.21 49.53
C LYS I 186 -2.74 -8.94 49.52
N VAL I 187 -2.31 -7.93 48.75
CA VAL I 187 -0.91 -7.68 48.51
C VAL I 187 -0.27 -6.98 49.70
N VAL I 188 -0.82 -5.82 50.06
CA VAL I 188 -0.26 -4.96 51.08
C VAL I 188 -0.08 -5.73 52.40
N PRO I 189 -1.04 -6.55 52.88
CA PRO I 189 -0.86 -7.30 54.12
C PRO I 189 0.40 -8.17 54.19
N ILE I 190 0.90 -8.62 53.03
CA ILE I 190 2.11 -9.41 52.98
C ILE I 190 3.32 -8.53 53.28
N LEU I 191 3.24 -7.29 52.77
CA LEU I 191 4.25 -6.26 53.02
C LEU I 191 4.25 -5.90 54.49
N GLN I 192 3.05 -5.77 55.08
CA GLN I 192 2.90 -5.40 56.48
C GLN I 192 3.42 -6.50 57.40
N ALA I 193 3.28 -7.77 56.96
CA ALA I 193 3.73 -8.91 57.74
C ALA I 193 5.26 -9.01 57.74
N ALA I 194 5.89 -8.61 56.65
CA ALA I 194 7.33 -8.79 56.45
C ALA I 194 8.13 -7.77 57.26
N PRO I 195 8.92 -8.21 58.28
CA PRO I 195 9.83 -7.29 58.97
C PRO I 195 10.90 -6.68 58.04
N GLU I 196 11.17 -7.31 56.89
CA GLU I 196 12.17 -6.85 55.95
C GLU I 196 11.72 -5.59 55.21
N CYS I 197 10.41 -5.30 55.26
CA CYS I 197 9.78 -4.16 54.60
C CYS I 197 9.54 -3.05 55.62
N THR I 198 10.23 -1.91 55.45
CA THR I 198 10.29 -0.84 56.43
C THR I 198 9.24 0.24 56.18
N ARG I 199 8.62 0.26 55.00
CA ARG I 199 7.74 1.36 54.61
C ARG I 199 6.85 0.96 53.44
N VAL I 200 5.58 1.44 53.45
CA VAL I 200 4.68 1.28 52.33
C VAL I 200 3.85 2.55 52.15
N LEU I 201 3.86 3.07 50.91
CA LEU I 201 3.20 4.31 50.54
C LEU I 201 2.49 4.14 49.19
N ALA I 202 1.35 4.81 49.01
CA ALA I 202 0.59 4.69 47.78
C ALA I 202 -0.20 5.96 47.48
N SER I 203 -0.20 6.34 46.19
CA SER I 203 -1.03 7.39 45.66
C SER I 203 -1.75 6.82 44.44
N ALA I 204 -2.97 7.30 44.17
CA ALA I 204 -3.69 6.94 42.98
C ALA I 204 -3.28 7.90 41.86
N VAL I 205 -3.03 7.33 40.69
CA VAL I 205 -2.53 8.07 39.53
C VAL I 205 -3.64 9.02 39.04
N LYS I 206 -3.28 10.28 38.76
CA LYS I 206 -4.13 11.21 38.04
C LYS I 206 -4.19 10.81 36.55
N LYS I 207 -5.32 10.17 36.23
CA LYS I 207 -5.56 9.56 34.92
C LYS I 207 -6.19 10.62 34.02
N ASP I 208 -6.91 11.55 34.66
CA ASP I 208 -7.55 12.70 34.06
C ASP I 208 -6.54 13.68 33.43
N ILE I 209 -5.23 13.46 33.57
CA ILE I 209 -4.25 14.46 33.12
C ILE I 209 -3.71 14.10 31.74
N ASN I 210 -3.20 12.87 31.57
CA ASN I 210 -2.47 12.45 30.37
C ASN I 210 -2.87 11.03 29.94
N GLY I 211 -3.98 10.50 30.45
CA GLY I 211 -4.46 9.17 30.09
C GLY I 211 -3.45 8.06 30.39
N CYS I 212 -2.58 8.26 31.41
CA CYS I 212 -1.64 7.24 31.79
C CYS I 212 -2.39 5.96 32.12
N VAL I 213 -1.90 4.81 31.64
CA VAL I 213 -2.59 3.54 31.81
C VAL I 213 -2.48 3.05 33.25
N MET I 214 -1.54 3.59 34.02
CA MET I 214 -1.33 3.11 35.38
C MET I 214 -2.42 3.64 36.30
N ASP I 215 -2.66 2.92 37.41
CA ASP I 215 -3.72 3.23 38.35
C ASP I 215 -3.14 3.64 39.72
N TRP I 216 -2.05 2.98 40.14
CA TRP I 216 -1.43 3.22 41.44
C TRP I 216 0.06 3.45 41.26
N VAL I 217 0.63 4.21 42.20
CA VAL I 217 2.06 4.25 42.40
C VAL I 217 2.32 3.91 43.86
N LEU I 218 3.26 3.01 44.10
CA LEU I 218 3.63 2.62 45.45
C LEU I 218 5.13 2.74 45.61
N GLU I 219 5.54 3.05 46.82
CA GLU I 219 6.93 2.93 47.20
C GLU I 219 6.97 2.01 48.40
N ILE I 220 7.88 1.03 48.32
CA ILE I 220 7.97 -0.04 49.29
C ILE I 220 9.43 -0.15 49.67
N TRP I 221 9.77 0.15 50.93
CA TRP I 221 11.18 0.21 51.28
C TRP I 221 11.65 -1.10 51.88
N PHE I 222 12.93 -1.42 51.61
CA PHE I 222 13.62 -2.52 52.23
C PHE I 222 14.95 -2.00 52.77
N GLU I 223 15.70 -2.91 53.38
CA GLU I 223 17.05 -2.59 53.83
C GLU I 223 18.01 -2.70 52.65
N ASN I 224 17.73 -3.66 51.74
CA ASN I 224 18.65 -4.04 50.66
C ASN I 224 17.93 -4.94 49.66
N GLN I 225 18.66 -5.26 48.58
CA GLN I 225 18.20 -6.12 47.51
C GLN I 225 17.63 -7.47 48.00
N SER I 226 18.27 -8.10 48.98
CA SER I 226 17.83 -9.41 49.47
C SER I 226 16.48 -9.31 50.17
N GLY I 227 16.32 -8.25 50.99
CA GLY I 227 15.03 -7.95 51.60
C GLY I 227 13.95 -7.79 50.53
N TRP I 228 14.26 -7.03 49.48
CA TRP I 228 13.35 -6.86 48.36
C TRP I 228 12.94 -8.22 47.80
N TYR I 229 13.95 -9.07 47.53
CA TYR I 229 13.73 -10.37 46.91
C TYR I 229 12.85 -11.25 47.80
N LYS I 230 13.26 -11.35 49.08
CA LYS I 230 12.61 -12.23 50.03
C LYS I 230 11.11 -11.94 50.05
N VAL I 231 10.74 -10.65 49.99
CA VAL I 231 9.34 -10.26 50.13
C VAL I 231 8.62 -10.29 48.77
N MET I 232 9.18 -9.62 47.76
CA MET I 232 8.47 -9.33 46.50
C MET I 232 8.47 -10.56 45.58
N VAL I 233 9.33 -11.54 45.89
CA VAL I 233 9.36 -12.79 45.15
C VAL I 233 8.85 -13.95 46.03
N ASP I 234 9.54 -14.22 47.15
CA ASP I 234 9.28 -15.41 47.96
C ASP I 234 7.97 -15.27 48.75
N ASP I 235 7.82 -14.23 49.59
CA ASP I 235 6.58 -14.06 50.35
C ASP I 235 5.37 -13.98 49.42
N MET I 236 5.57 -13.48 48.19
CA MET I 236 4.48 -13.20 47.27
C MET I 236 4.07 -14.45 46.51
N LYS I 237 4.81 -15.55 46.64
CA LYS I 237 4.40 -16.81 46.02
C LYS I 237 3.09 -17.28 46.64
N ALA I 238 2.90 -16.91 47.93
CA ALA I 238 1.73 -17.22 48.72
C ALA I 238 0.45 -16.70 48.05
N LEU I 239 0.56 -15.75 47.12
CA LEU I 239 -0.62 -15.09 46.56
C LEU I 239 -1.31 -15.98 45.54
N GLU I 240 -2.64 -16.00 45.66
CA GLU I 240 -3.56 -16.53 44.68
C GLU I 240 -3.27 -15.85 43.35
N LYS I 241 -3.06 -16.61 42.27
CA LYS I 241 -2.88 -16.02 40.96
C LYS I 241 -4.21 -15.51 40.40
N PRO I 242 -4.45 -14.20 40.23
CA PRO I 242 -5.78 -13.73 39.84
C PRO I 242 -6.11 -14.14 38.40
N SER I 243 -7.41 -14.08 38.08
CA SER I 243 -7.93 -14.57 36.82
C SER I 243 -7.42 -13.72 35.65
N TRP I 244 -7.09 -12.45 35.91
CA TRP I 244 -6.67 -11.50 34.87
C TRP I 244 -5.14 -11.49 34.70
N ALA I 245 -4.43 -12.34 35.44
CA ALA I 245 -2.97 -12.30 35.51
C ALA I 245 -2.37 -12.32 34.09
N GLN I 246 -1.35 -11.48 33.84
CA GLN I 246 -0.64 -11.45 32.58
C GLN I 246 0.72 -12.16 32.68
N GLN I 247 1.09 -12.68 33.86
CA GLN I 247 2.25 -13.55 34.03
C GLN I 247 1.98 -14.43 35.25
N ASP I 248 2.79 -15.48 35.43
CA ASP I 248 2.47 -16.50 36.42
C ASP I 248 2.65 -15.97 37.83
N ALA I 249 3.69 -15.13 38.02
CA ALA I 249 4.12 -14.72 39.34
C ALA I 249 3.77 -13.25 39.59
N PHE I 250 3.61 -12.89 40.87
CA PHE I 250 3.52 -11.50 41.27
C PHE I 250 4.64 -10.69 40.57
N PRO I 251 4.35 -9.53 39.95
CA PRO I 251 3.09 -8.79 40.09
C PRO I 251 1.89 -9.08 39.16
N PHE I 252 1.96 -10.19 38.41
CA PHE I 252 0.83 -10.68 37.62
C PHE I 252 0.45 -9.71 36.50
N LEU I 253 1.36 -8.81 36.12
CA LEU I 253 1.10 -7.77 35.12
C LEU I 253 2.24 -7.74 34.12
N LYS I 254 1.92 -7.28 32.91
CA LYS I 254 2.85 -7.34 31.79
C LYS I 254 4.03 -6.39 32.04
N PRO I 255 5.29 -6.90 32.12
CA PRO I 255 6.45 -6.05 32.36
C PRO I 255 6.51 -4.87 31.39
N TYR I 256 6.71 -3.67 31.95
CA TYR I 256 7.00 -2.44 31.22
C TYR I 256 5.73 -1.86 30.57
N HIS I 257 4.63 -2.63 30.57
CA HIS I 257 3.38 -2.23 29.94
C HIS I 257 2.31 -1.92 31.01
N ASN I 258 2.13 -2.84 31.97
CA ASN I 258 1.18 -2.66 33.06
C ASN I 258 1.89 -2.59 34.41
N VAL I 259 3.22 -2.70 34.44
CA VAL I 259 3.99 -2.45 35.65
C VAL I 259 5.37 -1.92 35.27
N CYS I 260 5.78 -0.83 35.92
CA CYS I 260 7.16 -0.36 35.87
C CYS I 260 7.62 -0.08 37.29
N SER I 261 8.94 -0.06 37.48
CA SER I 261 9.49 0.04 38.81
C SER I 261 10.90 0.59 38.75
N ALA I 262 11.43 0.89 39.95
CA ALA I 262 12.84 1.20 40.14
C ALA I 262 13.16 1.18 41.63
N ALA I 263 14.37 0.74 41.96
CA ALA I 263 14.88 0.81 43.31
C ALA I 263 15.89 1.95 43.35
N VAL I 264 15.68 2.94 44.24
CA VAL I 264 16.50 4.15 44.25
C VAL I 264 16.92 4.48 45.69
N ALA I 265 17.89 5.39 45.80
CA ALA I 265 18.40 5.78 47.11
C ALA I 265 17.57 6.94 47.66
N ASP I 266 17.77 7.27 48.94
CA ASP I 266 17.10 8.38 49.61
C ASP I 266 17.51 9.72 48.98
N TYR I 267 18.69 9.80 48.35
CA TYR I 267 19.30 11.06 47.94
C TYR I 267 19.76 10.93 46.50
N THR I 268 19.58 12.00 45.74
CA THR I 268 20.24 12.16 44.45
C THR I 268 21.05 13.44 44.43
N PRO I 269 22.25 13.43 43.79
CA PRO I 269 22.99 14.65 43.51
C PRO I 269 22.44 15.44 42.30
N SER I 270 21.55 14.79 41.52
CA SER I 270 20.98 15.42 40.34
C SER I 270 19.64 16.06 40.70
N ASN I 271 19.71 17.12 41.51
CA ASN I 271 18.57 17.99 41.77
C ASN I 271 18.72 19.21 40.87
N ASN I 272 18.16 19.10 39.67
CA ASN I 272 18.67 19.78 38.49
C ASN I 272 18.48 21.29 38.57
N LEU I 273 17.40 21.75 39.22
CA LEU I 273 17.15 23.21 39.24
C LEU I 273 18.20 23.90 40.10
N ALA I 274 18.66 23.25 41.19
CA ALA I 274 19.65 23.81 42.10
C ALA I 274 21.09 23.54 41.63
N ASN I 275 21.36 22.36 41.08
CA ASN I 275 22.72 21.84 41.08
C ASN I 275 23.41 21.97 39.73
N TYR I 276 22.68 22.11 38.61
CA TYR I 276 23.28 21.98 37.28
C TYR I 276 24.18 23.18 36.97
N ARG I 277 25.43 22.90 36.51
CA ARG I 277 26.46 23.91 36.19
C ARG I 277 27.05 23.65 34.79
N GLY I 278 26.28 22.97 33.92
CA GLY I 278 26.71 22.68 32.57
C GLY I 278 27.25 21.25 32.45
N TYR I 279 27.51 20.81 31.20
CA TYR I 279 28.02 19.47 30.93
C TYR I 279 29.55 19.49 30.97
N ILE I 280 30.08 19.55 32.19
CA ILE I 280 31.52 19.60 32.46
C ILE I 280 32.10 18.19 32.34
N THR I 281 33.18 18.08 31.56
CA THR I 281 33.79 16.80 31.20
C THR I 281 34.98 16.47 32.10
N MET I 282 35.14 15.16 32.34
CA MET I 282 36.22 14.65 33.16
C MET I 282 37.55 14.93 32.45
N ARG I 283 38.63 15.00 33.22
CA ARG I 283 39.93 15.37 32.69
C ARG I 283 40.85 14.15 32.51
N ALA J 2 58.46 25.83 58.46
CA ALA J 2 57.33 26.67 58.04
C ALA J 2 56.89 26.18 56.67
N ASP J 3 57.79 26.19 55.66
CA ASP J 3 57.39 26.22 54.26
C ASP J 3 56.53 25.04 53.83
N PHE J 4 55.51 25.34 53.00
CA PHE J 4 54.61 24.33 52.45
C PHE J 4 54.73 24.32 50.93
N LYS J 5 55.10 23.16 50.37
CA LYS J 5 55.42 23.09 48.95
C LYS J 5 54.16 23.08 48.08
N PHE J 6 54.18 23.93 47.04
CA PHE J 6 53.14 23.91 46.02
C PHE J 6 53.26 22.62 45.21
N GLU J 7 52.30 21.71 45.39
CA GLU J 7 52.41 20.37 44.84
C GLU J 7 51.07 19.99 44.19
N PRO J 8 50.75 20.55 43.01
CA PRO J 8 49.48 20.26 42.37
C PRO J 8 49.43 18.85 41.78
N MET J 9 48.41 18.12 42.24
CA MET J 9 48.20 16.71 41.94
C MET J 9 46.72 16.36 41.77
N ARG J 10 46.44 15.24 41.07
CA ARG J 10 45.13 14.64 40.96
C ARG J 10 45.22 13.26 41.62
N SER J 11 44.37 13.00 42.64
CA SER J 11 44.30 11.72 43.32
C SER J 11 43.16 10.93 42.71
N LEU J 12 43.26 9.59 42.73
CA LEU J 12 42.13 8.73 42.40
C LEU J 12 42.04 7.62 43.45
N ILE J 13 40.83 7.41 43.96
CA ILE J 13 40.58 6.30 44.89
C ILE J 13 39.59 5.34 44.23
N TYR J 14 39.93 4.06 44.25
CA TYR J 14 39.12 3.06 43.57
C TYR J 14 38.15 2.45 44.60
N VAL J 15 36.91 2.96 44.63
CA VAL J 15 35.95 2.57 45.64
C VAL J 15 35.10 1.41 45.13
N ASP J 16 35.35 0.22 45.69
CA ASP J 16 34.61 -0.97 45.33
C ASP J 16 33.38 -1.08 46.23
N CYS J 17 32.45 -1.97 45.85
CA CYS J 17 31.32 -2.38 46.68
C CYS J 17 31.09 -3.87 46.46
N VAL J 18 31.42 -4.69 47.48
CA VAL J 18 31.63 -6.12 47.27
C VAL J 18 30.30 -6.89 47.28
N SER J 19 29.18 -6.19 47.42
CA SER J 19 27.89 -6.85 47.51
C SER J 19 26.78 -5.81 47.35
N GLU J 20 25.73 -6.17 46.62
CA GLU J 20 24.63 -5.25 46.39
C GLU J 20 23.86 -4.95 47.69
N ASP J 21 23.96 -5.84 48.67
CA ASP J 21 23.27 -5.59 49.94
C ASP J 21 23.94 -4.46 50.71
N TYR J 22 25.21 -4.17 50.36
CA TYR J 22 25.96 -3.12 51.02
C TYR J 22 25.78 -1.76 50.32
N ARG J 23 25.29 -1.78 49.07
CA ARG J 23 25.31 -0.58 48.25
C ARG J 23 24.53 0.56 48.94
N PRO J 24 23.27 0.35 49.39
CA PRO J 24 22.53 1.44 50.03
C PRO J 24 23.30 2.14 51.16
N LYS J 25 23.98 1.33 51.98
CA LYS J 25 24.64 1.80 53.19
C LYS J 25 25.95 2.53 52.87
N LEU J 26 26.72 1.96 51.93
CA LEU J 26 27.98 2.57 51.52
C LEU J 26 27.70 3.87 50.78
N GLN J 27 26.69 3.84 49.90
CA GLN J 27 26.33 5.01 49.12
C GLN J 27 25.89 6.14 50.06
N ARG J 28 25.07 5.78 51.06
CA ARG J 28 24.66 6.71 52.10
C ARG J 28 25.87 7.34 52.77
N TRP J 29 26.81 6.52 53.24
CA TRP J 29 27.95 7.06 53.95
C TRP J 29 28.66 8.09 53.06
N ILE J 30 28.92 7.71 51.81
CA ILE J 30 29.67 8.53 50.90
C ILE J 30 29.02 9.89 50.75
N TYR J 31 27.69 9.91 50.49
CA TYR J 31 27.01 11.15 50.08
C TYR J 31 26.51 11.93 51.30
N LYS J 32 26.26 11.25 52.43
CA LYS J 32 25.72 11.91 53.61
C LYS J 32 26.82 12.38 54.57
N VAL J 33 27.94 11.63 54.61
CA VAL J 33 28.95 11.82 55.65
C VAL J 33 30.31 12.18 55.05
N ALA J 34 30.78 11.40 54.06
CA ALA J 34 32.13 11.59 53.55
C ALA J 34 32.28 12.99 52.96
N ILE J 35 31.28 13.45 52.24
CA ILE J 35 31.37 14.75 51.56
C ILE J 35 31.55 15.88 52.58
N PRO J 36 30.61 16.13 53.51
CA PRO J 36 30.76 17.24 54.45
C PRO J 36 31.98 17.16 55.36
N ASP J 37 32.28 15.96 55.89
CA ASP J 37 33.49 15.73 56.68
C ASP J 37 34.72 16.16 55.87
N SER J 38 34.73 15.80 54.55
CA SER J 38 35.85 16.06 53.64
C SER J 38 36.01 17.55 53.40
N ILE J 39 34.91 18.24 53.02
CA ILE J 39 34.97 19.63 52.64
C ILE J 39 35.30 20.48 53.85
N SER J 40 34.80 20.03 55.01
CA SER J 40 35.14 20.65 56.28
C SER J 40 36.65 20.71 56.48
N GLN J 41 37.41 19.77 55.92
CA GLN J 41 38.83 19.67 56.19
C GLN J 41 39.69 20.36 55.13
N PHE J 42 39.39 20.13 53.83
CA PHE J 42 40.35 20.44 52.78
C PHE J 42 39.84 21.51 51.80
N GLU J 43 38.69 22.14 52.10
CA GLU J 43 38.13 23.18 51.23
C GLU J 43 39.19 24.20 50.78
N PRO J 44 40.05 24.71 51.67
CA PRO J 44 41.01 25.76 51.29
C PRO J 44 42.19 25.36 50.40
N TYR J 45 42.46 24.06 50.24
CA TYR J 45 43.61 23.63 49.46
C TYR J 45 43.27 22.47 48.52
N VAL J 46 41.99 22.23 48.28
CA VAL J 46 41.56 21.34 47.22
C VAL J 46 40.66 22.13 46.29
N THR J 47 40.97 22.11 44.99
CA THR J 47 40.26 22.90 43.99
C THR J 47 39.12 22.11 43.37
N LYS J 48 39.14 20.76 43.45
CA LYS J 48 38.04 19.99 42.88
C LYS J 48 37.96 18.62 43.55
N TYR J 49 36.77 18.32 44.06
CA TYR J 49 36.44 17.09 44.75
C TYR J 49 35.22 16.52 44.04
N ALA J 50 35.35 15.30 43.51
CA ALA J 50 34.28 14.75 42.67
C ALA J 50 34.26 13.22 42.75
N PHE J 51 33.07 12.67 42.51
CA PHE J 51 32.80 11.25 42.46
C PHE J 51 32.30 10.86 41.08
N TYR J 52 32.90 9.82 40.48
CA TYR J 52 32.46 9.33 39.19
C TYR J 52 31.90 7.93 39.39
N PRO J 53 30.56 7.76 39.53
CA PRO J 53 29.95 6.43 39.75
C PRO J 53 30.35 5.52 38.60
N SER J 54 30.74 4.29 38.93
CA SER J 54 31.17 3.36 37.90
C SER J 54 29.93 2.78 37.23
N PHE J 55 30.00 2.58 35.92
CA PHE J 55 29.00 1.84 35.18
C PHE J 55 28.95 0.41 35.72
N PRO J 56 27.85 -0.34 35.43
CA PRO J 56 27.73 -1.74 35.85
C PRO J 56 28.97 -2.52 35.43
N ILE J 57 29.41 -3.38 36.34
CA ILE J 57 30.59 -4.19 36.10
C ILE J 57 30.38 -4.99 34.81
N PRO J 58 31.29 -4.88 33.80
CA PRO J 58 31.14 -5.61 32.55
C PRO J 58 31.56 -7.07 32.75
N PRO J 59 31.21 -7.98 31.82
CA PRO J 59 31.76 -9.34 31.79
C PRO J 59 33.27 -9.42 31.99
N GLN J 60 33.68 -10.18 33.02
CA GLN J 60 35.08 -10.43 33.36
C GLN J 60 35.75 -9.19 33.94
N GLY J 61 34.96 -8.17 34.32
CA GLY J 61 35.49 -6.99 34.99
C GLY J 61 36.15 -7.33 36.33
N ASP J 62 35.60 -8.33 37.02
CA ASP J 62 36.13 -8.85 38.28
C ASP J 62 37.65 -9.09 38.19
N ARG J 63 38.15 -9.47 36.98
CA ARG J 63 39.55 -9.81 36.78
C ARG J 63 40.43 -8.55 36.66
N PHE J 64 39.80 -7.36 36.55
CA PHE J 64 40.49 -6.09 36.42
C PHE J 64 40.35 -5.25 37.69
N GLY J 65 39.94 -5.89 38.79
CA GLY J 65 39.76 -5.19 40.06
C GLY J 65 38.73 -4.07 39.94
N TYR J 66 37.60 -4.38 39.31
CA TYR J 66 36.63 -3.37 38.92
C TYR J 66 35.98 -2.82 40.18
N ALA J 67 36.12 -1.50 40.40
CA ALA J 67 35.47 -0.81 41.50
C ALA J 67 33.99 -0.63 41.20
N ARG J 68 33.15 -1.39 41.92
CA ARG J 68 31.72 -1.45 41.65
C ARG J 68 30.97 -0.28 42.30
N MET J 69 31.66 0.71 42.86
CA MET J 69 30.92 1.84 43.42
C MET J 69 31.25 3.11 42.64
N GLN J 70 32.51 3.59 42.72
CA GLN J 70 32.90 4.82 42.05
C GLN J 70 34.40 5.00 42.03
N LEU J 71 34.84 6.05 41.32
CA LEU J 71 36.14 6.67 41.49
C LEU J 71 35.98 7.91 42.34
N THR J 72 36.97 8.18 43.21
CA THR J 72 36.95 9.39 44.01
C THR J 72 38.19 10.23 43.67
N GLU J 73 37.92 11.45 43.19
CA GLU J 73 38.88 12.29 42.47
C GLU J 73 39.03 13.62 43.19
N HIS J 74 40.21 13.81 43.78
CA HIS J 74 40.59 15.08 44.38
C HIS J 74 41.64 15.79 43.52
N HIS J 75 41.59 17.13 43.48
CA HIS J 75 42.67 17.94 42.95
C HIS J 75 43.29 18.77 44.07
N TRP J 76 44.55 18.45 44.40
CA TRP J 76 45.25 18.98 45.56
C TRP J 76 46.17 20.11 45.15
N LEU J 77 46.34 21.11 46.03
CA LEU J 77 47.39 22.10 45.87
C LEU J 77 48.61 21.75 46.73
N VAL J 78 48.47 20.84 47.71
CA VAL J 78 49.59 20.39 48.54
C VAL J 78 49.48 18.88 48.81
N SER J 79 50.61 18.26 49.20
CA SER J 79 50.66 16.84 49.51
C SER J 79 49.84 16.57 50.78
N ASP J 80 48.76 15.79 50.67
CA ASP J 80 47.92 15.47 51.83
C ASP J 80 48.68 14.56 52.80
N LEU J 81 49.83 14.02 52.36
CA LEU J 81 50.65 13.14 53.20
C LEU J 81 51.76 13.91 53.92
N ASP J 82 51.84 15.23 53.73
CA ASP J 82 52.69 16.05 54.60
C ASP J 82 52.26 15.73 56.04
N PRO J 83 53.20 15.35 56.93
CA PRO J 83 52.89 14.99 58.32
C PRO J 83 52.12 16.05 59.12
N ARG J 84 52.31 17.32 58.75
CA ARG J 84 51.69 18.42 59.47
C ARG J 84 50.17 18.46 59.23
N LEU J 85 49.74 17.78 58.16
CA LEU J 85 48.35 17.75 57.75
C LEU J 85 47.57 16.65 58.48
N GLU J 86 48.27 15.83 59.28
CA GLU J 86 47.61 14.83 60.11
C GLU J 86 46.74 15.46 61.20
N ILE J 87 47.01 16.72 61.58
CA ILE J 87 46.25 17.33 62.67
C ILE J 87 45.04 18.09 62.10
N LYS J 88 43.85 17.73 62.62
CA LYS J 88 42.58 18.29 62.19
C LYS J 88 41.79 18.72 63.42
N ALA J 89 41.21 19.91 63.40
CA ALA J 89 40.33 20.30 64.48
C ALA J 89 39.20 19.27 64.64
N ILE J 90 38.37 19.14 63.58
CA ILE J 90 37.35 18.11 63.49
C ILE J 90 37.91 16.95 62.68
N ALA J 91 37.74 15.75 63.21
CA ALA J 91 38.07 14.50 62.51
C ALA J 91 36.84 13.91 61.81
N GLU J 92 37.15 13.02 60.83
CA GLU J 92 36.15 12.40 59.96
C GLU J 92 35.43 11.27 60.69
N THR J 93 34.20 10.95 60.28
CA THR J 93 33.55 9.70 60.69
C THR J 93 33.81 8.67 59.58
N PHE J 94 34.56 7.61 59.94
CA PHE J 94 34.98 6.57 59.00
C PHE J 94 34.87 5.20 59.67
N PRO J 95 33.67 4.60 59.79
CA PRO J 95 33.51 3.32 60.48
C PRO J 95 34.26 2.15 59.82
N MET J 96 34.60 1.17 60.66
CA MET J 96 35.02 -0.15 60.23
C MET J 96 34.20 -0.62 59.03
N ASP J 97 32.88 -0.42 59.12
CA ASP J 97 31.93 -1.02 58.18
C ASP J 97 32.23 -0.59 56.76
N VAL J 98 32.72 0.65 56.57
CA VAL J 98 33.00 1.14 55.22
C VAL J 98 34.05 0.25 54.57
N LEU J 99 35.00 -0.23 55.37
CA LEU J 99 36.08 -1.07 54.87
C LEU J 99 35.56 -2.47 54.52
N VAL J 100 34.53 -2.92 55.24
CA VAL J 100 33.90 -4.20 54.93
C VAL J 100 33.20 -4.10 53.57
N TRP J 101 32.50 -2.98 53.39
CA TRP J 101 31.65 -2.73 52.23
C TRP J 101 32.53 -2.61 50.99
N GLN J 102 33.69 -1.95 51.13
CA GLN J 102 34.59 -1.70 50.01
C GLN J 102 35.46 -2.93 49.72
N GLY J 103 35.61 -3.79 50.74
CA GLY J 103 36.27 -5.08 50.57
C GLY J 103 37.70 -5.11 51.10
N GLN J 104 38.11 -3.99 51.74
CA GLN J 104 39.33 -3.92 52.53
C GLN J 104 39.37 -5.00 53.61
N ILE J 105 38.20 -5.34 54.17
CA ILE J 105 38.06 -6.35 55.22
C ILE J 105 36.94 -7.32 54.84
N PRO J 106 37.02 -8.62 55.21
CA PRO J 106 35.92 -9.58 54.95
C PRO J 106 34.91 -9.76 56.09
N ALA J 107 33.90 -10.64 55.91
CA ALA J 107 32.97 -10.98 56.97
C ALA J 107 31.79 -9.99 56.90
N ALA J 131 37.48 -14.33 51.11
CA ALA J 131 37.63 -14.16 52.58
C ALA J 131 39.09 -13.84 52.94
N GLU J 132 39.67 -12.82 52.27
CA GLU J 132 41.06 -12.40 52.46
C GLU J 132 41.25 -10.88 52.64
N GLY J 133 40.63 -10.01 51.84
CA GLY J 133 40.76 -8.58 52.04
C GLY J 133 41.65 -7.91 51.00
N ASN J 134 41.32 -6.65 50.67
CA ASN J 134 41.86 -5.99 49.49
C ASN J 134 42.46 -4.65 49.90
N PRO J 135 43.60 -4.23 49.33
CA PRO J 135 44.26 -3.01 49.79
C PRO J 135 43.43 -1.81 49.35
N PHE J 136 43.65 -0.67 50.02
CA PHE J 136 43.01 0.58 49.68
C PHE J 136 43.87 1.35 48.67
N ILE J 137 43.43 1.41 47.40
CA ILE J 137 44.25 1.97 46.36
C ILE J 137 43.93 3.46 46.19
N PHE J 138 44.93 4.29 46.52
CA PHE J 138 44.86 5.75 46.50
C PHE J 138 46.06 6.26 45.70
N ALA J 139 45.86 6.55 44.41
CA ALA J 139 46.96 6.85 43.51
C ALA J 139 47.09 8.36 43.32
N PHE J 140 48.29 8.91 43.56
CA PHE J 140 48.51 10.31 43.26
C PHE J 140 49.14 10.50 41.88
N LEU J 141 48.69 11.53 41.15
CA LEU J 141 49.12 11.79 39.77
C LEU J 141 49.43 13.28 39.59
N PRO J 142 50.20 13.67 38.54
CA PRO J 142 50.26 15.07 38.13
C PRO J 142 48.89 15.41 37.57
N MET J 143 48.51 16.69 37.64
CA MET J 143 47.16 17.07 37.26
C MET J 143 46.85 16.80 35.78
N TRP J 144 47.90 16.70 34.93
CA TRP J 144 47.77 16.47 33.49
C TRP J 144 48.41 15.16 33.09
N TRP J 145 47.77 14.49 32.14
CA TRP J 145 48.27 13.23 31.63
C TRP J 145 49.67 13.45 31.04
N GLU J 146 50.54 12.47 31.29
CA GLU J 146 51.94 12.54 30.88
C GLU J 146 52.08 12.05 29.45
N LYS J 147 51.33 11.00 29.07
CA LYS J 147 51.41 10.45 27.73
C LYS J 147 50.04 10.40 27.07
N ASP J 148 49.99 10.90 25.83
CA ASP J 148 48.80 10.86 25.00
C ASP J 148 49.10 9.97 23.80
N LEU J 149 48.59 8.74 23.83
CA LEU J 149 49.07 7.70 22.92
C LEU J 149 48.04 7.36 21.85
N LYS J 150 46.84 7.92 21.95
CA LYS J 150 45.86 7.69 20.91
C LYS J 150 44.68 8.63 21.12
N GLY J 151 44.19 9.19 20.01
CA GLY J 151 42.93 9.89 20.00
C GLY J 151 43.07 11.37 20.36
N LYS J 152 44.31 11.88 20.38
CA LYS J 152 44.54 13.31 20.55
C LYS J 152 43.61 14.10 19.64
N GLY J 153 43.03 15.21 20.16
CA GLY J 153 42.20 16.09 19.36
C GLY J 153 40.72 15.71 19.36
N ARG J 154 40.39 14.56 19.96
CA ARG J 154 39.01 14.15 20.15
C ARG J 154 38.30 15.14 21.08
N THR J 155 37.07 15.53 20.68
CA THR J 155 36.23 16.45 21.44
C THR J 155 35.03 15.72 22.04
N ILE J 156 34.25 16.50 22.77
CA ILE J 156 33.05 15.96 23.37
C ILE J 156 32.00 15.74 22.28
N GLU J 157 32.00 16.57 21.24
CA GLU J 157 31.05 16.42 20.14
C GLU J 157 31.28 15.10 19.39
N ASP J 158 32.46 14.47 19.54
CA ASP J 158 32.73 13.23 18.82
C ASP J 158 31.91 12.07 19.41
N GLY J 159 31.28 12.27 20.56
CA GLY J 159 30.38 11.27 21.10
C GLY J 159 30.71 10.91 22.55
N ALA J 160 29.76 10.13 23.11
CA ALA J 160 29.78 9.64 24.47
C ALA J 160 30.80 8.52 24.65
N ASN J 161 31.60 8.65 25.72
CA ASN J 161 32.80 7.85 25.93
C ASN J 161 32.55 6.85 27.07
N TYR J 162 32.88 5.56 26.86
CA TYR J 162 33.00 4.55 27.92
C TYR J 162 34.45 4.58 28.40
N ARG J 163 34.69 5.33 29.48
CA ARG J 163 36.04 5.69 29.90
C ARG J 163 36.53 4.64 30.90
N PHE J 164 37.40 3.73 30.44
CA PHE J 164 37.92 2.67 31.28
C PHE J 164 39.22 3.13 31.94
N ASN J 165 39.13 3.50 33.22
CA ASN J 165 40.27 3.94 33.98
C ASN J 165 40.84 2.74 34.72
N MET J 166 42.13 2.48 34.51
CA MET J 166 42.72 1.27 35.07
C MET J 166 44.11 1.63 35.57
N THR J 167 44.40 1.23 36.82
CA THR J 167 45.72 1.39 37.40
C THR J 167 46.34 0.01 37.62
N ILE J 168 47.66 -0.07 37.46
CA ILE J 168 48.38 -1.34 37.60
C ILE J 168 49.69 -1.11 38.33
N GLY J 169 50.10 -2.13 39.09
CA GLY J 169 51.39 -2.16 39.75
C GLY J 169 52.02 -3.54 39.60
N PHE J 170 53.27 -3.56 39.14
CA PHE J 170 53.91 -4.82 38.78
C PHE J 170 54.27 -5.57 40.06
N PRO J 171 54.16 -6.92 40.07
CA PRO J 171 54.34 -7.72 41.29
C PRO J 171 55.71 -7.45 41.89
N GLU J 172 55.88 -7.86 43.15
CA GLU J 172 57.13 -7.62 43.83
C GLU J 172 58.27 -8.38 43.14
N GLY J 173 59.44 -7.71 43.07
CA GLY J 173 60.63 -8.23 42.42
C GLY J 173 60.56 -8.22 40.88
N VAL J 174 59.65 -7.47 40.27
CA VAL J 174 59.64 -7.26 38.82
C VAL J 174 60.22 -5.88 38.51
N ASP J 175 61.25 -5.86 37.65
CA ASP J 175 61.93 -4.62 37.30
C ASP J 175 60.91 -3.66 36.67
N LYS J 176 60.89 -2.41 37.14
CA LYS J 176 59.88 -1.43 36.74
C LYS J 176 60.06 -1.01 35.29
N ALA J 177 61.33 -0.83 34.89
CA ALA J 177 61.68 -0.46 33.52
C ALA J 177 61.18 -1.53 32.55
N GLU J 178 61.28 -2.79 32.97
CA GLU J 178 60.90 -3.94 32.17
C GLU J 178 59.38 -4.01 32.03
N GLY J 179 58.66 -3.70 33.12
CA GLY J 179 57.21 -3.63 33.12
C GLY J 179 56.70 -2.49 32.21
N GLU J 180 57.30 -1.31 32.37
CA GLU J 180 57.04 -0.18 31.48
C GLU J 180 57.18 -0.59 30.02
N LYS J 181 58.30 -1.25 29.69
CA LYS J 181 58.60 -1.65 28.33
C LYS J 181 57.53 -2.61 27.82
N TRP J 182 57.11 -3.58 28.66
CA TRP J 182 56.02 -4.48 28.30
C TRP J 182 54.75 -3.70 27.98
N LEU J 183 54.36 -2.81 28.89
CA LEU J 183 53.10 -2.09 28.77
C LEU J 183 53.05 -1.33 27.45
N PHE J 184 54.13 -0.57 27.14
CA PHE J 184 54.05 0.40 26.06
C PHE J 184 54.41 -0.23 24.71
N GLU J 185 55.17 -1.34 24.75
CA GLU J 185 55.61 -1.98 23.52
C GLU J 185 54.74 -3.16 23.15
N LYS J 186 54.06 -3.81 24.11
CA LYS J 186 53.23 -4.98 23.79
C LYS J 186 51.73 -4.68 23.90
N VAL J 187 51.33 -4.03 25.00
CA VAL J 187 49.93 -3.85 25.34
C VAL J 187 49.33 -2.73 24.50
N VAL J 188 49.93 -1.54 24.61
CA VAL J 188 49.39 -0.34 24.00
C VAL J 188 49.18 -0.53 22.50
N PRO J 189 50.11 -1.13 21.72
CA PRO J 189 49.89 -1.34 20.28
C PRO J 189 48.61 -2.07 19.91
N ILE J 190 48.11 -2.93 20.82
CA ILE J 190 46.87 -3.64 20.57
C ILE J 190 45.68 -2.68 20.68
N LEU J 191 45.81 -1.73 21.62
CA LEU J 191 44.84 -0.66 21.81
C LEU J 191 44.83 0.24 20.58
N GLN J 192 46.03 0.54 20.07
CA GLN J 192 46.18 1.42 18.91
C GLN J 192 45.62 0.75 17.65
N ALA J 193 45.72 -0.58 17.58
CA ALA J 193 45.25 -1.34 16.43
C ALA J 193 43.72 -1.39 16.39
N ALA J 194 43.09 -1.41 17.58
CA ALA J 194 41.66 -1.59 17.69
C ALA J 194 40.91 -0.31 17.33
N PRO J 195 40.12 -0.27 16.23
CA PRO J 195 39.27 0.88 15.96
C PRO J 195 38.20 1.13 17.04
N GLU J 196 37.89 0.11 17.86
CA GLU J 196 36.89 0.19 18.91
C GLU J 196 37.38 1.05 20.07
N CYS J 197 38.71 1.27 20.13
CA CYS J 197 39.36 2.06 21.19
C CYS J 197 39.65 3.47 20.68
N THR J 198 38.98 4.47 21.27
CA THR J 198 38.95 5.84 20.76
C THR J 198 40.02 6.72 21.39
N ARG J 199 40.64 6.27 22.49
CA ARG J 199 41.55 7.11 23.26
C ARG J 199 42.41 6.27 24.19
N VAL J 200 43.69 6.68 24.34
CA VAL J 200 44.60 6.06 25.29
C VAL J 200 45.47 7.13 25.95
N LEU J 201 45.49 7.12 27.29
CA LEU J 201 46.16 8.11 28.12
C LEU J 201 46.86 7.40 29.27
N ALA J 202 48.03 7.93 29.70
CA ALA J 202 48.78 7.32 30.78
C ALA J 202 49.59 8.35 31.56
N SER J 203 49.59 8.20 32.88
CA SER J 203 50.45 8.94 33.79
C SER J 203 51.14 7.93 34.68
N ALA J 204 52.37 8.26 35.11
CA ALA J 204 53.09 7.44 36.07
C ALA J 204 52.71 7.90 37.47
N VAL J 205 52.42 6.92 38.33
CA VAL J 205 51.96 7.17 39.69
C VAL J 205 53.09 7.81 40.50
N LYS J 206 52.78 8.87 41.25
CA LYS J 206 53.65 9.44 42.27
C LYS J 206 53.70 8.50 43.48
N LYS J 207 54.81 7.75 43.53
CA LYS J 207 55.04 6.68 44.49
C LYS J 207 55.67 7.29 45.74
N ASP J 208 56.43 8.37 45.50
CA ASP J 208 57.08 9.20 46.50
C ASP J 208 56.09 9.87 47.47
N ILE J 209 54.77 9.76 47.27
CA ILE J 209 53.81 10.51 48.06
C ILE J 209 53.25 9.67 49.19
N ASN J 210 52.72 8.48 48.85
CA ASN J 210 51.99 7.64 49.81
C ASN J 210 52.34 6.16 49.67
N GLY J 211 53.44 5.84 48.98
CA GLY J 211 53.88 4.46 48.79
C GLY J 211 52.83 3.56 48.13
N CYS J 212 51.98 4.15 47.28
CA CYS J 212 50.99 3.38 46.55
C CYS J 212 51.73 2.32 45.73
N VAL J 213 51.21 1.08 45.73
CA VAL J 213 51.88 -0.03 45.07
C VAL J 213 51.76 0.08 43.55
N MET J 214 50.82 0.90 43.06
CA MET J 214 50.60 1.01 41.62
C MET J 214 51.70 1.84 40.97
N ASP J 215 51.93 1.59 39.67
CA ASP J 215 53.00 2.21 38.91
C ASP J 215 52.45 3.13 37.81
N TRP J 216 51.33 2.72 37.17
CA TRP J 216 50.73 3.45 36.06
C TRP J 216 49.24 3.64 36.32
N VAL J 217 48.71 4.70 35.75
CA VAL J 217 47.27 4.85 35.59
C VAL J 217 47.02 5.12 34.12
N LEU J 218 46.05 4.39 33.56
CA LEU J 218 45.68 4.57 32.16
C LEU J 218 44.18 4.80 32.08
N GLU J 219 43.78 5.58 31.08
CA GLU J 219 42.38 5.65 30.71
C GLU J 219 42.32 5.27 29.24
N ILE J 220 41.39 4.36 28.95
CA ILE J 220 41.28 3.74 27.64
C ILE J 220 39.81 3.84 27.27
N TRP J 221 39.47 4.61 26.23
CA TRP J 221 38.07 4.85 25.94
C TRP J 221 37.57 3.89 24.89
N PHE J 222 36.28 3.53 25.02
CA PHE J 222 35.55 2.76 24.03
C PHE J 222 34.25 3.50 23.75
N GLU J 223 33.45 2.93 22.85
CA GLU J 223 32.12 3.43 22.57
C GLU J 223 31.17 2.89 23.65
N ASN J 224 31.42 1.64 24.10
CA ASN J 224 30.50 0.89 24.95
C ASN J 224 31.19 -0.35 25.53
N GLN J 225 30.46 -1.03 26.40
CA GLN J 225 30.90 -2.25 27.07
C GLN J 225 31.42 -3.32 26.09
N SER J 226 30.75 -3.51 24.94
CA SER J 226 31.15 -4.53 23.98
C SER J 226 32.49 -4.20 23.35
N GLY J 227 32.69 -2.92 22.99
CA GLY J 227 33.99 -2.43 22.55
C GLY J 227 35.08 -2.74 23.57
N TRP J 228 34.79 -2.43 24.84
CA TRP J 228 35.71 -2.73 25.93
C TRP J 228 36.07 -4.21 25.91
N TYR J 229 35.05 -5.07 25.84
CA TYR J 229 35.23 -6.51 25.91
C TYR J 229 36.06 -6.99 24.74
N LYS J 230 35.66 -6.58 23.52
CA LYS J 230 36.28 -7.04 22.29
C LYS J 230 37.79 -6.81 22.38
N VAL J 231 38.20 -5.66 22.92
CA VAL J 231 39.61 -5.29 22.94
C VAL J 231 40.33 -5.87 24.17
N MET J 232 39.78 -5.63 25.38
CA MET J 232 40.50 -5.88 26.63
C MET J 232 40.46 -7.36 27.00
N VAL J 233 39.57 -8.12 26.35
CA VAL J 233 39.50 -9.56 26.55
C VAL J 233 39.97 -10.29 25.29
N ASP J 234 39.27 -10.10 24.14
CA ASP J 234 39.50 -10.88 22.94
C ASP J 234 40.82 -10.49 22.25
N ASP J 235 41.00 -9.21 21.88
CA ASP J 235 42.25 -8.81 21.23
C ASP J 235 43.45 -9.13 22.11
N MET J 236 43.27 -9.14 23.44
CA MET J 236 44.37 -9.26 24.39
C MET J 236 44.75 -10.73 24.60
N LYS J 237 43.96 -11.67 24.07
CA LYS J 237 44.33 -13.08 24.14
C LYS J 237 45.64 -13.31 23.39
N ALA J 238 45.84 -12.49 22.34
CA ALA J 238 47.01 -12.51 21.49
C ALA J 238 48.30 -12.32 22.28
N LEU J 239 48.21 -11.78 23.51
CA LEU J 239 49.41 -11.42 24.25
C LEU J 239 50.10 -12.65 24.83
N GLU J 240 51.43 -12.58 24.69
CA GLU J 240 52.38 -13.43 25.38
C GLU J 240 52.10 -13.33 26.87
N LYS J 241 51.91 -14.47 27.56
CA LYS J 241 51.67 -14.44 29.01
C LYS J 241 53.00 -14.22 29.73
N PRO J 242 53.26 -13.07 30.40
CA PRO J 242 54.60 -12.83 30.96
C PRO J 242 54.92 -13.79 32.11
N SER J 243 56.21 -13.89 32.41
CA SER J 243 56.71 -14.85 33.37
C SER J 243 56.23 -14.52 34.79
N TRP J 244 55.94 -13.24 35.06
CA TRP J 244 55.53 -12.77 36.38
C TRP J 244 54.01 -12.80 36.56
N ALA J 245 53.27 -13.28 35.55
CA ALA J 245 51.82 -13.18 35.53
C ALA J 245 51.22 -13.73 36.81
N GLN J 246 50.22 -13.05 37.37
CA GLN J 246 49.49 -13.49 38.56
C GLN J 246 48.12 -14.07 38.18
N GLN J 247 47.75 -14.07 36.89
CA GLN J 247 46.56 -14.79 36.40
C GLN J 247 46.80 -15.12 34.94
N ASP J 248 45.98 -16.01 34.36
CA ASP J 248 46.30 -16.55 33.04
C ASP J 248 46.11 -15.50 31.96
N ALA J 249 45.09 -14.65 32.11
CA ALA J 249 44.68 -13.73 31.07
C ALA J 249 45.07 -12.29 31.42
N PHE J 250 45.25 -11.46 30.38
CA PHE J 250 45.36 -10.03 30.56
C PHE J 250 44.28 -9.53 31.52
N PRO J 251 44.59 -8.70 32.55
CA PRO J 251 45.88 -8.00 32.69
C PRO J 251 47.05 -8.66 33.42
N PHE J 252 46.96 -9.98 33.69
CA PHE J 252 48.06 -10.77 34.23
C PHE J 252 48.46 -10.32 35.64
N LEU J 253 47.56 -9.61 36.34
CA LEU J 253 47.86 -9.06 37.65
C LEU J 253 46.72 -9.38 38.61
N LYS J 254 47.04 -9.45 39.90
CA LYS J 254 46.11 -9.91 40.91
C LYS J 254 44.96 -8.90 41.07
N PRO J 255 43.69 -9.31 40.80
CA PRO J 255 42.56 -8.39 40.95
C PRO J 255 42.52 -7.68 42.30
N TYR J 256 42.36 -6.36 42.26
CA TYR J 256 42.11 -5.50 43.41
C TYR J 256 43.39 -5.25 44.21
N HIS J 257 44.47 -5.99 43.89
CA HIS J 257 45.75 -5.90 44.60
C HIS J 257 46.82 -5.23 43.73
N ASN J 258 46.96 -5.71 42.49
CA ASN J 258 47.91 -5.15 41.54
C ASN J 258 47.23 -4.55 40.33
N VAL J 259 45.88 -4.61 40.28
CA VAL J 259 45.12 -3.88 39.27
C VAL J 259 43.76 -3.51 39.84
N CYS J 260 43.38 -2.23 39.67
CA CYS J 260 42.02 -1.78 39.92
C CYS J 260 41.58 -0.97 38.70
N SER J 261 40.26 -0.84 38.55
CA SER J 261 39.72 -0.22 37.36
C SER J 261 38.32 0.30 37.63
N ALA J 262 37.81 1.06 36.66
CA ALA J 262 36.42 1.49 36.62
C ALA J 262 36.11 2.07 35.24
N ALA J 263 34.89 1.82 34.78
CA ALA J 263 34.39 2.42 33.55
C ALA J 263 33.41 3.51 33.96
N VAL J 264 33.65 4.75 33.52
CA VAL J 264 32.87 5.91 33.97
C VAL J 264 32.47 6.77 32.78
N ALA J 265 31.52 7.69 33.02
CA ALA J 265 31.01 8.55 31.97
C ALA J 265 31.87 9.82 31.90
N ASP J 266 31.66 10.61 30.83
CA ASP J 266 32.36 11.88 30.64
C ASP J 266 32.00 12.89 31.74
N TYR J 267 30.81 12.75 32.34
CA TYR J 267 30.24 13.77 33.22
C TYR J 267 29.76 13.13 34.50
N THR J 268 30.01 13.83 35.63
CA THR J 268 29.35 13.48 36.88
C THR J 268 28.58 14.68 37.40
N PRO J 269 27.38 14.44 38.00
CA PRO J 269 26.66 15.47 38.75
C PRO J 269 27.23 15.70 40.15
N SER J 270 28.09 14.78 40.60
CA SER J 270 28.69 14.87 41.93
C SER J 270 30.05 15.57 41.83
N ASN J 271 30.00 16.86 41.48
CA ASN J 271 31.17 17.73 41.56
C ASN J 271 31.05 18.52 42.87
N ASN J 272 31.62 17.94 43.94
CA ASN J 272 31.11 18.15 45.29
C ASN J 272 31.36 19.58 45.78
N LEU J 273 32.44 20.22 45.33
CA LEU J 273 32.75 21.55 45.85
C LEU J 273 31.73 22.56 45.32
N ALA J 274 31.26 22.38 44.09
CA ALA J 274 30.29 23.28 43.45
C ALA J 274 28.85 22.92 43.79
N ASN J 275 28.53 21.61 43.89
CA ASN J 275 27.15 21.18 43.73
C ASN J 275 26.48 20.86 45.06
N TYR J 276 27.22 20.56 46.14
CA TYR J 276 26.62 19.95 47.33
C TYR J 276 25.74 20.94 48.10
N ARG J 277 24.47 20.55 48.40
CA ARG J 277 23.48 21.37 49.11
C ARG J 277 22.85 20.57 50.27
N GLY J 278 23.57 19.56 50.78
CA GLY J 278 23.11 18.75 51.90
C GLY J 278 22.53 17.42 51.40
N TYR J 279 22.24 16.51 52.35
CA TYR J 279 21.69 15.20 52.05
C TYR J 279 20.17 15.27 52.04
N ILE J 280 19.62 15.88 50.98
CA ILE J 280 18.19 16.10 50.82
C ILE J 280 17.54 14.81 50.34
N THR J 281 16.44 14.41 51.02
CA THR J 281 15.81 13.12 50.84
C THR J 281 14.59 13.20 49.91
N MET J 282 14.39 12.12 49.16
CA MET J 282 13.31 11.99 48.21
C MET J 282 11.99 12.00 48.99
N ARG J 283 10.92 12.42 48.32
CA ARG J 283 9.63 12.56 48.96
C ARG J 283 8.67 11.39 48.65
N ALA K 2 12.44 -24.20 0.17
CA ALA K 2 12.62 -22.74 0.08
C ALA K 2 13.56 -22.47 -1.08
N ASP K 3 14.78 -23.04 -1.08
CA ASP K 3 15.92 -22.46 -1.82
C ASP K 3 15.67 -22.38 -3.33
N PHE K 4 16.12 -21.27 -3.94
CA PHE K 4 15.98 -21.04 -5.38
C PHE K 4 17.36 -20.92 -6.02
N LYS K 5 17.62 -21.75 -7.02
CA LYS K 5 18.96 -21.83 -7.58
C LYS K 5 19.26 -20.67 -8.55
N PHE K 6 20.43 -20.04 -8.35
CA PHE K 6 20.96 -19.06 -9.28
C PHE K 6 21.32 -19.75 -10.59
N GLU K 7 20.52 -19.50 -11.64
CA GLU K 7 20.65 -20.23 -12.89
C GLU K 7 20.61 -19.25 -14.07
N PRO K 8 21.70 -18.50 -14.30
CA PRO K 8 21.71 -17.51 -15.38
C PRO K 8 21.78 -18.16 -16.75
N MET K 9 20.76 -17.79 -17.56
CA MET K 9 20.52 -18.36 -18.88
C MET K 9 20.02 -17.31 -19.88
N ARG K 10 20.20 -17.59 -21.18
CA ARG K 10 19.65 -16.82 -22.29
C ARG K 10 18.69 -17.76 -23.04
N SER K 11 17.42 -17.37 -23.17
CA SER K 11 16.41 -18.13 -23.90
C SER K 11 16.28 -17.54 -25.30
N LEU K 12 15.91 -18.36 -26.28
CA LEU K 12 15.52 -17.86 -27.59
C LEU K 12 14.25 -18.56 -28.04
N ILE K 13 13.28 -17.77 -28.51
CA ILE K 13 12.04 -18.31 -29.07
C ILE K 13 11.97 -17.92 -30.54
N TYR K 14 11.70 -18.90 -31.40
CA TYR K 14 11.70 -18.67 -32.83
C TYR K 14 10.26 -18.38 -33.28
N VAL K 15 9.92 -17.09 -33.40
CA VAL K 15 8.55 -16.69 -33.69
C VAL K 15 8.35 -16.55 -35.19
N ASP K 16 7.59 -17.49 -35.77
CA ASP K 16 7.27 -17.47 -37.18
C ASP K 16 6.00 -16.66 -37.41
N CYS K 17 5.72 -16.34 -38.68
CA CYS K 17 4.45 -15.77 -39.11
C CYS K 17 4.10 -16.35 -40.49
N VAL K 18 3.08 -17.22 -40.53
CA VAL K 18 2.90 -18.15 -41.64
C VAL K 18 2.20 -17.49 -42.82
N SER K 19 1.88 -16.21 -42.71
CA SER K 19 1.13 -15.52 -43.76
C SER K 19 1.17 -14.02 -43.51
N GLU K 20 1.33 -13.24 -44.57
CA GLU K 20 1.39 -11.78 -44.42
C GLU K 20 0.06 -11.20 -43.93
N ASP K 21 -1.04 -11.93 -44.16
CA ASP K 21 -2.33 -11.43 -43.71
C ASP K 21 -2.44 -11.49 -42.18
N TYR K 22 -1.57 -12.31 -41.55
CA TYR K 22 -1.55 -12.46 -40.11
C TYR K 22 -0.60 -11.47 -39.44
N ARG K 23 0.30 -10.87 -40.21
CA ARG K 23 1.39 -10.09 -39.63
C ARG K 23 0.84 -8.95 -38.77
N PRO K 24 -0.08 -8.09 -39.27
CA PRO K 24 -0.61 -6.99 -38.45
C PRO K 24 -1.11 -7.43 -37.07
N LYS K 25 -1.81 -8.59 -37.04
CA LYS K 25 -2.49 -9.07 -35.86
C LYS K 25 -1.51 -9.69 -34.86
N LEU K 26 -0.56 -10.48 -35.38
CA LEU K 26 0.44 -11.12 -34.55
C LEU K 26 1.38 -10.06 -33.98
N GLN K 27 1.76 -9.09 -34.83
CA GLN K 27 2.66 -8.03 -34.41
C GLN K 27 2.00 -7.21 -33.30
N ARG K 28 0.71 -6.90 -33.49
CA ARG K 28 -0.10 -6.24 -32.47
C ARG K 28 -0.04 -7.01 -31.16
N TRP K 29 -0.34 -8.31 -31.19
CA TRP K 29 -0.38 -9.07 -29.96
C TRP K 29 0.96 -8.96 -29.24
N ILE K 30 2.04 -9.16 -29.98
CA ILE K 30 3.37 -9.17 -29.41
C ILE K 30 3.64 -7.86 -28.70
N TYR K 31 3.38 -6.72 -29.35
CA TYR K 31 3.83 -5.41 -28.86
C TYR K 31 2.80 -4.79 -27.91
N LYS K 32 1.52 -5.16 -28.06
CA LYS K 32 0.46 -4.55 -27.26
C LYS K 32 0.15 -5.36 -26.02
N VAL K 33 0.33 -6.69 -26.09
CA VAL K 33 -0.15 -7.59 -25.06
C VAL K 33 1.01 -8.40 -24.45
N ALA K 34 1.83 -9.03 -25.28
CA ALA K 34 2.84 -9.96 -24.77
C ALA K 34 3.81 -9.21 -23.86
N ILE K 35 4.21 -8.00 -24.26
CA ILE K 35 5.20 -7.27 -23.50
C ILE K 35 4.70 -6.96 -22.09
N PRO K 36 3.60 -6.21 -21.89
CA PRO K 36 3.15 -5.88 -20.54
C PRO K 36 2.79 -7.08 -19.66
N ASP K 37 2.09 -8.08 -20.24
CA ASP K 37 1.79 -9.31 -19.53
C ASP K 37 3.10 -9.94 -19.03
N SER K 38 4.15 -9.93 -19.89
CA SER K 38 5.44 -10.54 -19.61
C SER K 38 6.17 -9.80 -18.47
N ILE K 39 6.28 -8.48 -18.59
CA ILE K 39 7.03 -7.67 -17.65
C ILE K 39 6.33 -7.69 -16.29
N SER K 40 5.01 -7.72 -16.34
CA SER K 40 4.20 -7.86 -15.14
C SER K 40 4.61 -9.11 -14.35
N GLN K 41 5.12 -10.14 -15.01
CA GLN K 41 5.39 -11.40 -14.32
C GLN K 41 6.85 -11.55 -13.90
N PHE K 42 7.81 -11.22 -14.79
CA PHE K 42 9.19 -11.65 -14.60
C PHE K 42 10.15 -10.47 -14.44
N GLU K 43 9.65 -9.24 -14.30
CA GLU K 43 10.49 -8.07 -14.13
C GLU K 43 11.56 -8.30 -13.05
N PRO K 44 11.25 -8.87 -11.88
CA PRO K 44 12.23 -9.02 -10.80
C PRO K 44 13.34 -10.05 -10.98
N TYR K 45 13.21 -10.96 -11.96
CA TYR K 45 14.21 -12.00 -12.13
C TYR K 45 14.58 -12.21 -13.60
N VAL K 46 14.26 -11.23 -14.46
CA VAL K 46 14.78 -11.22 -15.81
C VAL K 46 15.49 -9.89 -16.00
N THR K 47 16.75 -9.95 -16.46
CA THR K 47 17.57 -8.76 -16.62
C THR K 47 17.44 -8.16 -18.02
N LYS K 48 17.00 -8.94 -19.02
CA LYS K 48 16.84 -8.38 -20.35
C LYS K 48 15.84 -9.19 -21.16
N TYR K 49 14.85 -8.47 -21.68
CA TYR K 49 13.78 -8.99 -22.50
C TYR K 49 13.79 -8.19 -23.78
N ALA K 50 13.94 -8.88 -24.93
CA ALA K 50 14.11 -8.16 -26.19
C ALA K 50 13.61 -8.98 -27.37
N PHE K 51 13.22 -8.25 -28.42
CA PHE K 51 12.74 -8.83 -29.67
C PHE K 51 13.65 -8.40 -30.83
N TYR K 52 14.09 -9.37 -31.64
CA TYR K 52 14.93 -9.06 -32.79
C TYR K 52 14.14 -9.40 -34.04
N PRO K 53 13.47 -8.42 -34.71
CA PRO K 53 12.68 -8.68 -35.92
C PRO K 53 13.56 -9.34 -36.96
N SER K 54 13.05 -10.39 -37.60
CA SER K 54 13.83 -11.08 -38.61
C SER K 54 13.77 -10.28 -39.91
N PHE K 55 14.88 -10.24 -40.61
CA PHE K 55 14.94 -9.72 -41.98
C PHE K 55 14.01 -10.54 -42.87
N PRO K 56 13.65 -10.01 -44.05
CA PRO K 56 12.83 -10.74 -45.02
C PRO K 56 13.40 -12.13 -45.29
N ILE K 57 12.50 -13.11 -45.35
CA ILE K 57 12.91 -14.48 -45.57
C ILE K 57 13.73 -14.55 -46.86
N PRO K 58 14.99 -15.06 -46.82
CA PRO K 58 15.80 -15.16 -48.02
C PRO K 58 15.37 -16.36 -48.86
N PRO K 59 15.78 -16.43 -50.15
CA PRO K 59 15.54 -17.61 -50.99
C PRO K 59 15.89 -18.94 -50.32
N GLN K 60 14.89 -19.84 -50.25
CA GLN K 60 15.03 -21.17 -49.69
C GLN K 60 15.17 -21.14 -48.16
N GLY K 61 14.87 -20.00 -47.54
CA GLY K 61 14.87 -19.90 -46.09
C GLY K 61 13.83 -20.83 -45.45
N ASP K 62 12.70 -21.05 -46.15
CA ASP K 62 11.64 -21.96 -45.73
C ASP K 62 12.22 -23.32 -45.30
N ARG K 63 13.33 -23.75 -45.94
CA ARG K 63 13.93 -25.05 -45.68
C ARG K 63 14.76 -25.06 -44.39
N PHE K 64 14.99 -23.87 -43.80
CA PHE K 64 15.75 -23.71 -42.55
C PHE K 64 14.83 -23.34 -41.39
N GLY K 65 13.52 -23.54 -41.56
CA GLY K 65 12.56 -23.18 -40.53
C GLY K 65 12.62 -21.71 -40.15
N TYR K 66 12.67 -20.85 -41.18
CA TYR K 66 12.96 -19.44 -41.00
C TYR K 66 11.77 -18.79 -40.31
N ALA K 67 12.02 -18.22 -39.12
CA ALA K 67 11.00 -17.48 -38.38
C ALA K 67 10.79 -16.11 -39.02
N ARG K 68 9.63 -15.96 -39.67
CA ARG K 68 9.31 -14.78 -40.45
C ARG K 68 8.83 -13.60 -39.59
N MET K 69 8.87 -13.72 -38.25
CA MET K 69 8.44 -12.59 -37.45
C MET K 69 9.63 -12.05 -36.65
N GLN K 70 10.16 -12.83 -35.69
CA GLN K 70 11.25 -12.36 -34.84
C GLN K 70 11.88 -13.50 -34.06
N LEU K 71 12.98 -13.17 -33.36
CA LEU K 71 13.49 -13.92 -32.24
C LEU K 71 13.04 -13.24 -30.95
N THR K 72 12.73 -14.04 -29.93
CA THR K 72 12.39 -13.50 -28.62
C THR K 72 13.39 -14.00 -27.58
N GLU K 73 14.07 -13.02 -26.96
CA GLU K 73 15.31 -13.24 -26.22
C GLU K 73 15.13 -12.75 -24.78
N HIS K 74 15.13 -13.71 -23.86
CA HIS K 74 15.12 -13.42 -22.44
C HIS K 74 16.47 -13.75 -21.80
N HIS K 75 16.86 -12.96 -20.78
CA HIS K 75 17.98 -13.31 -19.92
C HIS K 75 17.46 -13.52 -18.49
N TRP K 76 17.56 -14.77 -18.03
CA TRP K 76 16.95 -15.24 -16.79
C TRP K 76 18.00 -15.29 -15.69
N LEU K 77 17.58 -15.02 -14.45
CA LEU K 77 18.40 -15.30 -13.28
C LEU K 77 18.04 -16.63 -12.63
N VAL K 78 16.84 -17.18 -12.95
CA VAL K 78 16.39 -18.47 -12.43
C VAL K 78 15.66 -19.26 -13.52
N SER K 79 15.56 -20.60 -13.32
CA SER K 79 14.90 -21.48 -14.29
C SER K 79 13.41 -21.16 -14.32
N ASP K 80 12.88 -20.69 -15.46
CA ASP K 80 11.45 -20.40 -15.56
C ASP K 80 10.62 -21.68 -15.50
N LEU K 81 11.28 -22.85 -15.62
CA LEU K 81 10.61 -24.14 -15.57
C LEU K 81 10.62 -24.74 -14.17
N ASP K 82 11.20 -24.05 -13.18
CA ASP K 82 11.00 -24.43 -11.79
C ASP K 82 9.49 -24.49 -11.56
N PRO K 83 8.94 -25.61 -11.05
CA PRO K 83 7.49 -25.78 -10.86
C PRO K 83 6.83 -24.70 -10.02
N ARG K 84 7.59 -24.09 -9.10
CA ARG K 84 7.05 -23.10 -8.19
C ARG K 84 6.72 -21.80 -8.91
N LEU K 85 7.30 -21.64 -10.12
CA LEU K 85 7.11 -20.44 -10.93
C LEU K 85 5.86 -20.55 -11.78
N GLU K 86 5.18 -21.72 -11.77
CA GLU K 86 3.91 -21.87 -12.46
C GLU K 86 2.81 -21.00 -11.84
N ILE K 87 2.95 -20.58 -10.57
CA ILE K 87 1.92 -19.80 -9.92
C ILE K 87 2.17 -18.30 -10.12
N LYS K 88 1.16 -17.63 -10.68
CA LYS K 88 1.19 -16.22 -11.02
C LYS K 88 -0.13 -15.62 -10.53
N ALA K 89 -0.08 -14.46 -9.85
CA ALA K 89 -1.32 -13.80 -9.49
C ALA K 89 -2.15 -13.51 -10.75
N ILE K 90 -1.56 -12.70 -11.65
CA ILE K 90 -2.13 -12.43 -12.96
C ILE K 90 -1.49 -13.35 -13.98
N ALA K 91 -2.35 -13.98 -14.79
CA ALA K 91 -1.93 -14.78 -15.93
C ALA K 91 -1.96 -13.95 -17.22
N GLU K 92 -1.24 -14.48 -18.21
CA GLU K 92 -1.00 -13.87 -19.51
C GLU K 92 -2.22 -14.07 -20.41
N THR K 93 -2.42 -13.17 -21.38
CA THR K 93 -3.39 -13.40 -22.45
C THR K 93 -2.63 -13.97 -23.65
N PHE K 94 -3.00 -15.22 -24.01
CA PHE K 94 -2.35 -15.96 -25.09
C PHE K 94 -3.40 -16.70 -25.90
N PRO K 95 -4.14 -16.05 -26.83
CA PRO K 95 -5.19 -16.70 -27.62
C PRO K 95 -4.71 -17.86 -28.49
N MET K 96 -5.61 -18.80 -28.76
CA MET K 96 -5.41 -19.83 -29.75
C MET K 96 -4.84 -19.23 -31.03
N ASP K 97 -5.35 -18.04 -31.41
CA ASP K 97 -5.04 -17.41 -32.69
C ASP K 97 -3.55 -17.21 -32.86
N VAL K 98 -2.83 -16.92 -31.76
CA VAL K 98 -1.39 -16.66 -31.85
C VAL K 98 -0.68 -17.91 -32.38
N LEU K 99 -1.20 -19.09 -31.99
CA LEU K 99 -0.62 -20.35 -32.42
C LEU K 99 -0.91 -20.61 -33.90
N VAL K 100 -2.05 -20.12 -34.39
CA VAL K 100 -2.38 -20.23 -35.80
C VAL K 100 -1.40 -19.38 -36.62
N TRP K 101 -1.18 -18.16 -36.12
CA TRP K 101 -0.39 -17.14 -36.79
C TRP K 101 1.05 -17.60 -36.85
N GLN K 102 1.56 -18.22 -35.78
CA GLN K 102 2.95 -18.64 -35.69
C GLN K 102 3.16 -19.97 -36.40
N GLY K 103 2.07 -20.75 -36.56
CA GLY K 103 2.10 -21.96 -37.37
C GLY K 103 2.16 -23.24 -36.52
N GLN K 104 2.06 -23.06 -35.18
CA GLN K 104 1.84 -24.17 -34.26
C GLN K 104 0.59 -24.97 -34.62
N ILE K 105 -0.45 -24.30 -35.16
CA ILE K 105 -1.64 -24.97 -35.68
C ILE K 105 -1.95 -24.44 -37.08
N PRO K 106 -2.57 -25.24 -37.99
CA PRO K 106 -3.25 -24.66 -39.18
C PRO K 106 -4.75 -24.33 -38.99
N ALA K 107 -5.37 -23.64 -39.95
CA ALA K 107 -6.74 -23.16 -39.77
C ALA K 107 -7.71 -24.21 -40.32
N ALA K 131 0.16 -27.33 -44.00
CA ALA K 131 -1.10 -27.66 -43.27
C ALA K 131 -0.85 -28.94 -42.46
N GLU K 132 0.16 -28.87 -41.57
CA GLU K 132 0.42 -29.93 -40.56
C GLU K 132 0.62 -29.41 -39.12
N GLY K 133 1.35 -28.33 -38.90
CA GLY K 133 1.49 -27.79 -37.53
C GLY K 133 2.89 -28.03 -37.00
N ASN K 134 3.44 -26.99 -36.32
CA ASN K 134 4.86 -26.89 -36.07
C ASN K 134 5.10 -26.69 -34.57
N PRO K 135 6.16 -27.29 -33.98
CA PRO K 135 6.34 -27.24 -32.55
C PRO K 135 6.77 -25.82 -32.18
N PHE K 136 6.61 -25.48 -30.89
CA PHE K 136 7.03 -24.20 -30.35
C PHE K 136 8.47 -24.31 -29.82
N ILE K 137 9.43 -23.71 -30.54
CA ILE K 137 10.82 -23.90 -30.21
C ILE K 137 11.31 -22.81 -29.25
N PHE K 138 11.64 -23.22 -28.03
CA PHE K 138 12.06 -22.37 -26.92
C PHE K 138 13.35 -22.96 -26.34
N ALA K 139 14.50 -22.43 -26.77
CA ALA K 139 15.79 -23.02 -26.43
C ALA K 139 16.44 -22.25 -25.29
N PHE K 140 16.84 -22.99 -24.23
CA PHE K 140 17.60 -22.35 -23.16
C PHE K 140 19.10 -22.54 -23.35
N LEU K 141 19.88 -21.49 -23.08
CA LEU K 141 21.33 -21.47 -23.30
C LEU K 141 22.04 -20.89 -22.09
N PRO K 142 23.37 -21.13 -21.92
CA PRO K 142 24.17 -20.35 -20.99
C PRO K 142 24.28 -18.95 -21.56
N MET K 143 24.46 -17.95 -20.70
CA MET K 143 24.44 -16.57 -21.17
C MET K 143 25.56 -16.25 -22.17
N TRP K 144 26.65 -17.04 -22.18
CA TRP K 144 27.81 -16.84 -23.05
C TRP K 144 27.98 -18.03 -23.98
N TRP K 145 28.36 -17.71 -25.22
CA TRP K 145 28.62 -18.72 -26.22
C TRP K 145 29.73 -19.65 -25.72
N GLU K 146 29.53 -20.94 -25.99
CA GLU K 146 30.43 -21.99 -25.51
C GLU K 146 31.59 -22.16 -26.48
N LYS K 147 31.32 -22.06 -27.80
CA LYS K 147 32.36 -22.24 -28.79
C LYS K 147 32.41 -21.04 -29.74
N ASP K 148 33.64 -20.53 -29.93
CA ASP K 148 33.90 -19.42 -30.84
C ASP K 148 34.80 -19.95 -31.94
N LEU K 149 34.23 -20.23 -33.11
CA LEU K 149 34.90 -21.02 -34.12
C LEU K 149 35.34 -20.19 -35.31
N LYS K 150 34.98 -18.91 -35.34
CA LYS K 150 35.45 -18.04 -36.42
C LYS K 150 35.11 -16.61 -36.09
N GLY K 151 36.07 -15.73 -36.37
CA GLY K 151 35.81 -14.30 -36.35
C GLY K 151 36.00 -13.68 -34.96
N LYS K 152 36.60 -14.42 -34.03
CA LYS K 152 36.94 -13.89 -32.73
C LYS K 152 37.56 -12.50 -32.83
N GLY K 153 37.16 -11.59 -31.93
CA GLY K 153 37.74 -10.27 -31.85
C GLY K 153 37.05 -9.25 -32.74
N ARG K 154 36.08 -9.70 -33.57
CA ARG K 154 35.33 -8.80 -34.44
C ARG K 154 34.52 -7.83 -33.60
N THR K 155 34.57 -6.55 -34.00
CA THR K 155 33.84 -5.48 -33.33
C THR K 155 32.69 -4.97 -34.21
N ILE K 156 31.97 -4.02 -33.62
CA ILE K 156 30.87 -3.41 -34.33
C ILE K 156 31.42 -2.52 -35.45
N GLU K 157 32.59 -1.90 -35.23
CA GLU K 157 33.21 -1.05 -36.23
C GLU K 157 33.60 -1.84 -37.47
N ASP K 158 33.71 -3.16 -37.38
CA ASP K 158 34.12 -3.95 -38.54
C ASP K 158 32.99 -4.00 -39.57
N GLY K 159 31.78 -3.55 -39.21
CA GLY K 159 30.70 -3.45 -40.17
C GLY K 159 29.42 -4.15 -39.71
N ALA K 160 28.36 -3.89 -40.50
CA ALA K 160 27.01 -4.36 -40.27
C ALA K 160 26.87 -5.85 -40.63
N ASN K 161 26.26 -6.60 -39.71
CA ASN K 161 26.27 -8.06 -39.73
C ASN K 161 24.88 -8.57 -40.10
N TYR K 162 24.79 -9.52 -41.06
CA TYR K 162 23.60 -10.33 -41.33
C TYR K 162 23.72 -11.59 -40.47
N ARG K 163 23.08 -11.55 -39.29
CA ARG K 163 23.30 -12.53 -38.25
C ARG K 163 22.30 -13.66 -38.39
N PHE K 164 22.76 -14.80 -38.93
CA PHE K 164 21.90 -15.95 -39.14
C PHE K 164 21.94 -16.88 -37.93
N ASN K 165 20.91 -16.79 -37.10
CA ASN K 165 20.79 -17.62 -35.91
C ASN K 165 19.99 -18.86 -36.26
N MET K 166 20.59 -20.03 -36.01
CA MET K 166 19.97 -21.27 -36.43
C MET K 166 20.15 -22.29 -35.32
N THR K 167 19.04 -22.96 -34.95
CA THR K 167 19.07 -24.04 -33.98
C THR K 167 18.71 -25.34 -34.70
N ILE K 168 19.31 -26.46 -34.25
CA ILE K 168 19.07 -27.75 -34.87
C ILE K 168 18.99 -28.82 -33.79
N GLY K 169 18.17 -29.84 -34.07
CA GLY K 169 18.07 -31.02 -33.24
C GLY K 169 18.05 -32.27 -34.13
N PHE K 170 18.89 -33.24 -33.79
CA PHE K 170 19.05 -34.40 -34.64
C PHE K 170 17.84 -35.31 -34.50
N PRO K 171 17.40 -35.96 -35.60
CA PRO K 171 16.16 -36.73 -35.61
C PRO K 171 16.22 -37.82 -34.54
N GLU K 172 15.05 -38.39 -34.24
CA GLU K 172 14.97 -39.38 -33.19
C GLU K 172 15.78 -40.63 -33.61
N GLY K 173 16.46 -41.21 -32.61
CA GLY K 173 17.31 -42.38 -32.79
C GLY K 173 18.64 -42.08 -33.46
N VAL K 174 19.08 -40.81 -33.54
CA VAL K 174 20.42 -40.47 -34.01
C VAL K 174 21.33 -40.17 -32.83
N ASP K 175 22.46 -40.87 -32.76
CA ASP K 175 23.40 -40.70 -31.67
C ASP K 175 23.88 -39.24 -31.63
N LYS K 176 23.82 -38.62 -30.43
CA LYS K 176 24.09 -37.20 -30.27
C LYS K 176 25.56 -36.87 -30.52
N ALA K 177 26.44 -37.75 -30.02
CA ALA K 177 27.88 -37.60 -30.19
C ALA K 177 28.22 -37.59 -31.68
N GLU K 178 27.51 -38.44 -32.44
CA GLU K 178 27.74 -38.60 -33.86
C GLU K 178 27.27 -37.37 -34.63
N GLY K 179 26.13 -36.81 -34.21
CA GLY K 179 25.60 -35.58 -34.79
C GLY K 179 26.53 -34.39 -34.52
N GLU K 180 26.96 -34.25 -33.26
CA GLU K 180 27.97 -33.27 -32.89
C GLU K 180 29.19 -33.37 -33.81
N LYS K 181 29.72 -34.58 -33.99
CA LYS K 181 30.92 -34.82 -34.78
C LYS K 181 30.66 -34.38 -36.23
N TRP K 182 29.50 -34.71 -36.79
CA TRP K 182 29.12 -34.27 -38.13
C TRP K 182 29.15 -32.74 -38.22
N LEU K 183 28.45 -32.09 -37.28
CA LEU K 183 28.31 -30.65 -37.31
C LEU K 183 29.66 -29.95 -37.34
N PHE K 184 30.57 -30.36 -36.44
CA PHE K 184 31.78 -29.59 -36.19
C PHE K 184 32.90 -30.01 -37.14
N GLU K 185 32.83 -31.23 -37.66
CA GLU K 185 33.89 -31.76 -38.52
C GLU K 185 33.53 -31.63 -39.99
N LYS K 186 32.24 -31.60 -40.36
CA LYS K 186 31.86 -31.51 -41.76
C LYS K 186 31.28 -30.15 -42.13
N VAL K 187 30.36 -29.64 -41.30
CA VAL K 187 29.58 -28.45 -41.63
C VAL K 187 30.43 -27.20 -41.38
N VAL K 188 30.91 -27.05 -40.15
CA VAL K 188 31.60 -25.84 -39.73
C VAL K 188 32.78 -25.53 -40.65
N PRO K 189 33.63 -26.51 -41.06
CA PRO K 189 34.75 -26.23 -41.97
C PRO K 189 34.37 -25.53 -43.28
N ILE K 190 33.13 -25.73 -43.74
CA ILE K 190 32.66 -25.07 -44.96
C ILE K 190 32.43 -23.58 -44.69
N LEU K 191 31.94 -23.31 -43.48
CA LEU K 191 31.74 -21.95 -43.00
C LEU K 191 33.09 -21.27 -42.84
N GLN K 192 34.07 -22.00 -42.31
CA GLN K 192 35.42 -21.48 -42.08
C GLN K 192 36.12 -21.19 -43.41
N ALA K 193 35.82 -21.99 -44.44
CA ALA K 193 36.41 -21.84 -45.76
C ALA K 193 35.86 -20.62 -46.48
N ALA K 194 34.59 -20.29 -46.25
CA ALA K 194 33.91 -19.22 -46.96
C ALA K 194 34.33 -17.84 -46.43
N PRO K 195 35.02 -17.01 -47.25
CA PRO K 195 35.32 -15.63 -46.82
C PRO K 195 34.06 -14.78 -46.60
N GLU K 196 32.95 -15.19 -47.18
CA GLU K 196 31.66 -14.52 -47.11
C GLU K 196 31.07 -14.59 -45.67
N CYS K 197 31.56 -15.57 -44.89
CA CYS K 197 31.11 -15.85 -43.53
C CYS K 197 32.09 -15.24 -42.52
N THR K 198 31.63 -14.24 -41.76
CA THR K 198 32.47 -13.40 -40.93
C THR K 198 32.57 -13.90 -39.49
N ARG K 199 31.68 -14.83 -39.09
CA ARG K 199 31.59 -15.24 -37.69
C ARG K 199 30.86 -16.56 -37.56
N VAL K 200 31.32 -17.40 -36.61
CA VAL K 200 30.64 -18.65 -36.28
C VAL K 200 30.72 -18.88 -34.76
N LEU K 201 29.53 -19.10 -34.17
CA LEU K 201 29.35 -19.25 -32.73
C LEU K 201 28.39 -20.40 -32.46
N ALA K 202 28.61 -21.13 -31.34
CA ALA K 202 27.75 -22.25 -31.00
C ALA K 202 27.70 -22.47 -29.48
N SER K 203 26.48 -22.75 -29.00
CA SER K 203 26.24 -23.19 -27.64
C SER K 203 25.40 -24.47 -27.72
N ALA K 204 25.59 -25.35 -26.74
CA ALA K 204 24.76 -26.55 -26.64
C ALA K 204 23.52 -26.20 -25.82
N VAL K 205 22.37 -26.65 -26.32
CA VAL K 205 21.09 -26.35 -25.72
C VAL K 205 20.98 -27.05 -24.35
N LYS K 206 20.51 -26.32 -23.33
CA LYS K 206 20.12 -26.90 -22.05
C LYS K 206 18.78 -27.64 -22.23
N LYS K 207 18.93 -28.97 -22.32
CA LYS K 207 17.86 -29.91 -22.62
C LYS K 207 17.18 -30.30 -21.32
N ASP K 208 17.99 -30.29 -20.26
CA ASP K 208 17.59 -30.56 -18.88
C ASP K 208 16.58 -29.53 -18.34
N ILE K 209 16.23 -28.46 -19.09
CA ILE K 209 15.41 -27.39 -18.54
C ILE K 209 13.95 -27.57 -18.95
N ASN K 210 13.69 -27.72 -20.27
CA ASN K 210 12.34 -27.74 -20.81
C ASN K 210 12.16 -28.81 -21.88
N GLY K 211 13.06 -29.79 -21.96
CA GLY K 211 12.97 -30.88 -22.93
C GLY K 211 12.92 -30.40 -24.38
N CYS K 212 13.54 -29.24 -24.68
CA CYS K 212 13.58 -28.72 -26.03
C CYS K 212 14.26 -29.78 -26.91
N VAL K 213 13.69 -30.04 -28.10
CA VAL K 213 14.19 -31.10 -28.98
C VAL K 213 15.51 -30.69 -29.62
N MET K 214 15.85 -29.39 -29.60
CA MET K 214 17.05 -28.93 -30.27
C MET K 214 18.28 -29.27 -29.42
N ASP K 215 19.43 -29.39 -30.10
CA ASP K 215 20.69 -29.80 -29.48
C ASP K 215 21.72 -28.67 -29.49
N TRP K 216 21.73 -27.87 -30.58
CA TRP K 216 22.69 -26.80 -30.76
C TRP K 216 21.97 -25.52 -31.15
N VAL K 217 22.59 -24.39 -30.81
CA VAL K 217 22.24 -23.12 -31.41
C VAL K 217 23.52 -22.52 -31.97
N LEU K 218 23.43 -22.05 -33.21
CA LEU K 218 24.57 -21.42 -33.86
C LEU K 218 24.16 -20.05 -34.38
N GLU K 219 25.13 -19.14 -34.40
CA GLU K 219 24.95 -17.90 -35.12
C GLU K 219 26.10 -17.83 -36.11
N ILE K 220 25.75 -17.51 -37.36
CA ILE K 220 26.66 -17.54 -38.48
C ILE K 220 26.48 -16.21 -39.22
N TRP K 221 27.50 -15.36 -39.22
CA TRP K 221 27.30 -14.03 -39.78
C TRP K 221 27.75 -13.98 -41.23
N PHE K 222 27.05 -13.15 -41.99
CA PHE K 222 27.42 -12.80 -43.36
C PHE K 222 27.40 -11.28 -43.48
N GLU K 223 27.73 -10.81 -44.68
CA GLU K 223 27.63 -9.40 -44.98
C GLU K 223 26.17 -9.08 -45.35
N ASN K 224 25.49 -10.04 -46.00
CA ASN K 224 24.18 -9.83 -46.60
C ASN K 224 23.55 -11.16 -47.02
N GLN K 225 22.30 -11.05 -47.49
CA GLN K 225 21.52 -12.19 -47.96
C GLN K 225 22.25 -13.06 -49.00
N SER K 226 22.96 -12.43 -49.94
CA SER K 226 23.64 -13.18 -51.01
C SER K 226 24.78 -14.01 -50.44
N GLY K 227 25.56 -13.42 -49.51
CA GLY K 227 26.58 -14.14 -48.78
C GLY K 227 25.98 -15.37 -48.08
N TRP K 228 24.85 -15.15 -47.40
CA TRP K 228 24.14 -16.24 -46.74
C TRP K 228 23.83 -17.35 -47.75
N TYR K 229 23.26 -16.97 -48.90
CA TYR K 229 22.83 -17.92 -49.92
C TYR K 229 24.02 -18.70 -50.46
N LYS K 230 25.07 -17.95 -50.86
CA LYS K 230 26.23 -18.53 -51.50
C LYS K 230 26.78 -19.66 -50.63
N VAL K 231 26.81 -19.45 -49.30
CA VAL K 231 27.43 -20.40 -48.39
C VAL K 231 26.43 -21.48 -47.98
N MET K 232 25.24 -21.09 -47.48
CA MET K 232 24.35 -22.02 -46.79
C MET K 232 23.55 -22.87 -47.78
N VAL K 233 23.55 -22.45 -49.05
CA VAL K 233 22.91 -23.22 -50.10
C VAL K 233 23.97 -23.82 -51.03
N ASP K 234 24.77 -22.96 -51.72
CA ASP K 234 25.67 -23.41 -52.78
C ASP K 234 26.87 -24.16 -52.21
N ASP K 235 27.66 -23.54 -51.31
CA ASP K 235 28.82 -24.22 -50.75
C ASP K 235 28.41 -25.54 -50.06
N MET K 236 27.18 -25.59 -49.53
CA MET K 236 26.72 -26.70 -48.72
C MET K 236 26.23 -27.86 -49.58
N LYS K 237 26.11 -27.66 -50.90
CA LYS K 237 25.74 -28.76 -51.78
C LYS K 237 26.84 -29.82 -51.74
N ALA K 238 28.08 -29.36 -51.51
CA ALA K 238 29.28 -30.18 -51.42
C ALA K 238 29.14 -31.25 -50.33
N LEU K 239 28.21 -31.09 -49.39
CA LEU K 239 28.11 -32.00 -48.25
C LEU K 239 27.49 -33.33 -48.64
N GLU K 240 28.14 -34.36 -48.08
CA GLU K 240 27.65 -35.73 -48.05
C GLU K 240 26.26 -35.70 -47.43
N LYS K 241 25.24 -36.28 -48.09
CA LYS K 241 23.89 -36.30 -47.52
C LYS K 241 23.82 -37.39 -46.45
N PRO K 242 23.67 -37.10 -45.13
CA PRO K 242 23.76 -38.16 -44.13
C PRO K 242 22.58 -39.12 -44.21
N SER K 243 22.76 -40.30 -43.61
CA SER K 243 21.79 -41.38 -43.71
C SER K 243 20.48 -41.02 -43.02
N TRP K 244 20.54 -40.13 -42.01
CA TRP K 244 19.36 -39.74 -41.23
C TRP K 244 18.63 -38.53 -41.81
N ALA K 245 19.11 -38.02 -42.96
CA ALA K 245 18.62 -36.78 -43.54
C ALA K 245 17.10 -36.80 -43.65
N GLN K 246 16.45 -35.68 -43.31
CA GLN K 246 15.00 -35.54 -43.44
C GLN K 246 14.65 -34.69 -44.67
N GLN K 247 15.64 -34.16 -45.41
CA GLN K 247 15.40 -33.50 -46.69
C GLN K 247 16.69 -33.64 -47.51
N ASP K 248 16.62 -33.33 -48.80
CA ASP K 248 17.71 -33.67 -49.71
C ASP K 248 18.92 -32.78 -49.46
N ALA K 249 18.66 -31.50 -49.15
CA ALA K 249 19.71 -30.49 -49.08
C ALA K 249 19.98 -30.09 -47.64
N PHE K 250 21.21 -29.61 -47.38
CA PHE K 250 21.51 -28.95 -46.12
C PHE K 250 20.40 -27.93 -45.79
N PRO K 251 19.85 -27.90 -44.54
CA PRO K 251 20.40 -28.59 -43.37
C PRO K 251 20.02 -30.04 -43.05
N PHE K 252 19.37 -30.74 -44.00
CA PHE K 252 19.07 -32.16 -43.89
C PHE K 252 18.12 -32.48 -42.74
N LEU K 253 17.39 -31.45 -42.25
CA LEU K 253 16.52 -31.60 -41.10
C LEU K 253 15.16 -30.98 -41.42
N LYS K 254 14.13 -31.50 -40.75
CA LYS K 254 12.77 -31.14 -41.06
C LYS K 254 12.50 -29.68 -40.71
N PRO K 255 12.13 -28.81 -41.69
CA PRO K 255 11.87 -27.40 -41.42
C PRO K 255 10.90 -27.20 -40.28
N TYR K 256 11.28 -26.32 -39.33
CA TYR K 256 10.42 -25.84 -38.25
C TYR K 256 10.26 -26.88 -37.13
N HIS K 257 10.73 -28.11 -37.38
CA HIS K 257 10.60 -29.23 -36.44
C HIS K 257 11.97 -29.59 -35.84
N ASN K 258 12.96 -29.77 -36.71
CA ASN K 258 14.32 -30.10 -36.29
C ASN K 258 15.31 -29.01 -36.67
N VAL K 259 14.83 -27.94 -37.31
CA VAL K 259 15.66 -26.75 -37.54
C VAL K 259 14.75 -25.51 -37.58
N CYS K 260 15.14 -24.48 -36.82
CA CYS K 260 14.55 -23.15 -36.96
C CYS K 260 15.70 -22.15 -37.06
N SER K 261 15.37 -20.98 -37.60
CA SER K 261 16.39 -19.99 -37.88
C SER K 261 15.78 -18.61 -37.97
N ALA K 262 16.67 -17.60 -38.03
CA ALA K 262 16.30 -16.24 -38.34
C ALA K 262 17.57 -15.42 -38.64
N ALA K 263 17.45 -14.49 -39.57
CA ALA K 263 18.52 -13.57 -39.87
C ALA K 263 18.12 -12.22 -39.27
N VAL K 264 18.97 -11.65 -38.40
CA VAL K 264 18.62 -10.46 -37.65
C VAL K 264 19.77 -9.45 -37.67
N ALA K 265 19.48 -8.21 -37.28
CA ALA K 265 20.48 -7.16 -37.28
C ALA K 265 21.24 -7.15 -35.96
N ASP K 266 22.34 -6.39 -35.91
CA ASP K 266 23.13 -6.23 -34.69
C ASP K 266 22.33 -5.52 -33.59
N TYR K 267 21.31 -4.71 -33.97
CA TYR K 267 20.63 -3.81 -33.05
C TYR K 267 19.12 -3.99 -33.17
N THR K 268 18.46 -4.00 -32.01
CA THR K 268 17.02 -3.86 -31.99
C THR K 268 16.63 -2.65 -31.14
N PRO K 269 15.58 -1.91 -31.57
CA PRO K 269 14.98 -0.87 -30.72
C PRO K 269 14.04 -1.44 -29.65
N SER K 270 13.68 -2.73 -29.79
CA SER K 270 12.75 -3.38 -28.87
C SER K 270 13.54 -4.09 -27.79
N ASN K 271 14.20 -3.30 -26.93
CA ASN K 271 14.81 -3.79 -25.70
C ASN K 271 13.84 -3.48 -24.56
N ASN K 272 12.94 -4.43 -24.30
CA ASN K 272 11.62 -4.12 -23.78
C ASN K 272 11.66 -3.63 -22.35
N LEU K 273 12.64 -4.09 -21.54
CA LEU K 273 12.65 -3.68 -20.13
C LEU K 273 13.02 -2.21 -20.02
N ALA K 274 13.91 -1.72 -20.91
CA ALA K 274 14.35 -0.33 -20.90
C ALA K 274 13.42 0.59 -21.70
N ASN K 275 12.88 0.12 -22.83
CA ASN K 275 12.41 1.04 -23.86
C ASN K 275 10.90 1.17 -23.89
N TYR K 276 10.12 0.21 -23.35
CA TYR K 276 8.68 0.19 -23.55
C TYR K 276 7.99 1.33 -22.79
N ARG K 277 7.11 2.10 -23.50
CA ARG K 277 6.38 3.25 -22.94
C ARG K 277 4.87 3.14 -23.22
N GLY K 278 4.38 1.90 -23.46
CA GLY K 278 2.98 1.65 -23.77
C GLY K 278 2.78 1.48 -25.28
N TYR K 279 1.56 1.05 -25.67
CA TYR K 279 1.23 0.83 -27.09
C TYR K 279 0.69 2.11 -27.70
N ILE K 280 1.61 3.06 -27.94
CA ILE K 280 1.30 4.39 -28.47
C ILE K 280 1.09 4.26 -29.98
N THR K 281 -0.03 4.83 -30.47
CA THR K 281 -0.48 4.67 -31.84
C THR K 281 -0.08 5.86 -32.71
N MET K 282 0.21 5.53 -33.98
CA MET K 282 0.61 6.51 -34.97
C MET K 282 -0.57 7.44 -35.22
N ARG K 283 -0.25 8.67 -35.67
CA ARG K 283 -1.24 9.72 -35.80
C ARG K 283 -1.69 9.91 -37.26
N ALA L 2 14.94 38.81 -36.44
CA ALA L 2 14.92 38.02 -35.18
C ALA L 2 13.83 36.98 -35.33
N ASP L 3 12.57 37.40 -35.55
CA ASP L 3 11.40 36.58 -35.24
C ASP L 3 11.36 35.25 -35.99
N PHE L 4 10.92 34.21 -35.28
CA PHE L 4 10.80 32.85 -35.80
C PHE L 4 9.33 32.43 -35.69
N LYS L 5 8.73 32.04 -36.82
CA LYS L 5 7.30 31.77 -36.84
C LYS L 5 6.97 30.39 -36.27
N PHE L 6 5.97 30.36 -35.37
CA PHE L 6 5.40 29.12 -34.87
C PHE L 6 4.69 28.40 -36.01
N GLU L 7 5.28 27.28 -36.47
CA GLU L 7 4.81 26.60 -37.67
C GLU L 7 4.72 25.11 -37.39
N PRO L 8 3.71 24.64 -36.63
CA PRO L 8 3.61 23.23 -36.29
C PRO L 8 3.19 22.39 -37.47
N MET L 9 4.05 21.39 -37.76
CA MET L 9 3.94 20.52 -38.92
C MET L 9 4.35 19.08 -38.60
N ARG L 10 3.87 18.13 -39.43
CA ARG L 10 4.28 16.74 -39.41
C ARG L 10 4.93 16.46 -40.76
N SER L 11 6.19 16.00 -40.77
CA SER L 11 6.93 15.66 -41.98
C SER L 11 6.84 14.15 -42.17
N LEU L 12 6.90 13.70 -43.41
CA LEU L 12 7.07 12.28 -43.71
C LEU L 12 8.14 12.12 -44.78
N ILE L 13 9.08 11.22 -44.54
CA ILE L 13 10.09 10.88 -45.53
C ILE L 13 9.90 9.42 -45.93
N TYR L 14 9.87 9.17 -47.23
CA TYR L 14 9.61 7.84 -47.75
C TYR L 14 10.96 7.16 -48.01
N VAL L 15 11.43 6.34 -47.05
CA VAL L 15 12.75 5.74 -47.13
C VAL L 15 12.65 4.36 -47.78
N ASP L 16 13.14 4.28 -49.01
CA ASP L 16 13.15 3.02 -49.75
C ASP L 16 14.45 2.27 -49.43
N CYS L 17 14.49 0.99 -49.84
CA CYS L 17 15.70 0.18 -49.83
C CYS L 17 15.66 -0.72 -51.06
N VAL L 18 16.53 -0.42 -52.05
CA VAL L 18 16.35 -0.92 -53.41
C VAL L 18 16.88 -2.34 -53.57
N SER L 19 17.38 -2.95 -52.49
CA SER L 19 17.99 -4.26 -52.58
C SER L 19 18.20 -4.82 -51.18
N GLU L 20 17.92 -6.12 -51.01
CA GLU L 20 18.06 -6.73 -49.70
C GLU L 20 19.53 -6.77 -49.25
N ASP L 21 20.46 -6.74 -50.21
CA ASP L 21 21.87 -6.76 -49.84
C ASP L 21 22.29 -5.43 -49.19
N TYR L 22 21.49 -4.38 -49.40
CA TYR L 22 21.74 -3.08 -48.81
C TYR L 22 21.10 -2.91 -47.43
N ARG L 23 20.13 -3.76 -47.11
CA ARG L 23 19.29 -3.55 -45.95
C ARG L 23 20.15 -3.47 -44.68
N PRO L 24 21.04 -4.45 -44.39
CA PRO L 24 21.85 -4.40 -43.16
C PRO L 24 22.55 -3.06 -42.96
N LYS L 25 23.12 -2.53 -44.06
CA LYS L 25 23.96 -1.35 -44.02
C LYS L 25 23.14 -0.07 -43.87
N LEU L 26 22.02 0.01 -44.59
CA LEU L 26 21.14 1.17 -44.52
C LEU L 26 20.48 1.20 -43.15
N GLN L 27 20.05 0.04 -42.66
CA GLN L 27 19.39 -0.05 -41.37
C GLN L 27 20.35 0.38 -40.27
N ARG L 28 21.60 -0.10 -40.37
CA ARG L 28 22.68 0.32 -39.47
C ARG L 28 22.81 1.84 -39.47
N TRP L 29 22.93 2.45 -40.66
CA TRP L 29 23.15 3.89 -40.72
C TRP L 29 22.01 4.59 -39.98
N ILE L 30 20.78 4.20 -40.29
CA ILE L 30 19.60 4.83 -39.74
C ILE L 30 19.65 4.81 -38.22
N TYR L 31 19.90 3.62 -37.63
CA TYR L 31 19.72 3.44 -36.19
C TYR L 31 21.00 3.79 -35.42
N LYS L 32 22.16 3.71 -36.07
CA LYS L 32 23.43 3.97 -35.38
C LYS L 32 23.87 5.43 -35.52
N VAL L 33 23.53 6.06 -36.66
CA VAL L 33 24.08 7.34 -37.02
C VAL L 33 22.98 8.41 -37.19
N ALA L 34 21.95 8.12 -37.97
CA ALA L 34 20.95 9.13 -38.30
C ALA L 34 20.27 9.64 -37.04
N ILE L 35 19.96 8.73 -36.10
CA ILE L 35 19.23 9.12 -34.91
C ILE L 35 20.03 10.12 -34.08
N PRO L 36 21.24 9.79 -33.57
CA PRO L 36 21.98 10.72 -32.72
C PRO L 36 22.38 12.03 -33.43
N ASP L 37 22.82 11.95 -34.69
CA ASP L 37 23.09 13.14 -35.48
C ASP L 37 21.86 14.06 -35.51
N SER L 38 20.67 13.44 -35.68
CA SER L 38 19.39 14.14 -35.80
C SER L 38 19.02 14.83 -34.48
N ILE L 39 19.06 14.08 -33.37
CA ILE L 39 18.62 14.58 -32.08
C ILE L 39 19.58 15.66 -31.61
N SER L 40 20.86 15.48 -31.95
CA SER L 40 21.88 16.47 -31.68
C SER L 40 21.49 17.82 -32.28
N GLN L 41 20.72 17.85 -33.37
CA GLN L 41 20.44 19.08 -34.08
C GLN L 41 19.10 19.72 -33.68
N PHE L 42 18.03 18.91 -33.60
CA PHE L 42 16.67 19.45 -33.58
C PHE L 42 15.92 19.14 -32.28
N GLU L 43 16.60 18.56 -31.28
CA GLU L 43 15.96 18.22 -30.02
C GLU L 43 15.11 19.37 -29.47
N PRO L 44 15.59 20.63 -29.45
CA PRO L 44 14.83 21.72 -28.85
C PRO L 44 13.59 22.22 -29.57
N TYR L 45 13.40 21.84 -30.84
CA TYR L 45 12.25 22.33 -31.61
C TYR L 45 11.56 21.23 -32.40
N VAL L 46 11.82 19.97 -32.06
CA VAL L 46 11.05 18.85 -32.58
C VAL L 46 10.48 18.10 -31.38
N THR L 47 9.16 17.88 -31.39
CA THR L 47 8.46 17.26 -30.26
C THR L 47 8.36 15.75 -30.46
N LYS L 48 8.50 15.23 -31.70
CA LYS L 48 8.42 13.79 -31.88
C LYS L 48 9.16 13.37 -33.16
N TYR L 49 10.09 12.44 -32.98
CA TYR L 49 10.89 11.88 -34.06
C TYR L 49 10.72 10.37 -34.00
N ALA L 50 10.24 9.77 -35.09
CA ALA L 50 9.93 8.35 -35.08
C ALA L 50 10.10 7.73 -36.46
N PHE L 51 10.35 6.41 -36.44
CA PHE L 51 10.49 5.58 -37.63
C PHE L 51 9.41 4.50 -37.63
N TYR L 52 8.69 4.35 -38.75
CA TYR L 52 7.67 3.31 -38.87
C TYR L 52 8.15 2.33 -39.94
N PRO L 53 8.79 1.18 -39.56
CA PRO L 53 9.28 0.20 -40.53
C PRO L 53 8.13 -0.26 -41.40
N SER L 54 8.37 -0.32 -42.72
CA SER L 54 7.31 -0.72 -43.64
C SER L 54 7.19 -2.24 -43.60
N PHE L 55 5.96 -2.74 -43.66
CA PHE L 55 5.69 -4.15 -43.86
C PHE L 55 6.30 -4.61 -45.19
N PRO L 56 6.48 -5.93 -45.39
CA PRO L 56 6.96 -6.47 -46.66
C PRO L 56 6.18 -5.92 -47.83
N ILE L 57 6.92 -5.55 -48.88
CA ILE L 57 6.31 -4.99 -50.07
C ILE L 57 5.23 -5.96 -50.57
N PRO L 58 3.96 -5.53 -50.73
CA PRO L 58 2.91 -6.40 -51.23
C PRO L 58 3.02 -6.57 -52.73
N PRO L 59 2.34 -7.60 -53.33
CA PRO L 59 2.20 -7.71 -54.78
C PRO L 59 1.82 -6.41 -55.49
N GLN L 60 2.67 -6.01 -56.45
CA GLN L 60 2.46 -4.82 -57.27
C GLN L 60 2.69 -3.53 -56.48
N GLY L 61 3.27 -3.64 -55.28
CA GLY L 61 3.61 -2.46 -54.49
C GLY L 61 4.62 -1.56 -55.20
N ASP L 62 5.53 -2.18 -55.97
CA ASP L 62 6.53 -1.49 -56.78
C ASP L 62 5.89 -0.35 -57.59
N ARG L 63 4.63 -0.53 -58.02
CA ARG L 63 3.93 0.43 -58.88
C ARG L 63 3.40 1.62 -58.08
N PHE L 64 3.46 1.55 -56.73
CA PHE L 64 3.01 2.62 -55.85
C PHE L 64 4.19 3.30 -55.16
N GLY L 65 5.40 3.10 -55.70
CA GLY L 65 6.60 3.69 -55.11
C GLY L 65 6.80 3.25 -53.66
N TYR L 66 6.65 1.95 -53.42
CA TYR L 66 6.59 1.42 -52.07
C TYR L 66 7.97 1.55 -51.43
N ALA L 67 8.05 2.30 -50.32
CA ALA L 67 9.27 2.44 -49.55
C ALA L 67 9.52 1.16 -48.75
N ARG L 68 10.54 0.41 -49.17
CA ARG L 68 10.83 -0.90 -48.61
C ARG L 68 11.64 -0.81 -47.32
N MET L 69 11.87 0.38 -46.75
CA MET L 69 12.58 0.43 -45.50
C MET L 69 11.68 0.96 -44.39
N GLN L 70 11.27 2.24 -44.48
CA GLN L 70 10.42 2.82 -43.44
C GLN L 70 9.83 4.16 -43.90
N LEU L 71 8.95 4.69 -43.04
CA LEU L 71 8.59 6.10 -43.03
C LEU L 71 9.38 6.79 -41.93
N THR L 72 9.79 8.04 -42.18
CA THR L 72 10.46 8.83 -41.17
C THR L 72 9.64 10.08 -40.88
N GLU L 73 9.22 10.19 -39.60
CA GLU L 73 8.16 11.07 -39.16
C GLU L 73 8.68 12.02 -38.09
N HIS L 74 8.75 13.30 -38.46
CA HIS L 74 9.10 14.37 -37.54
C HIS L 74 7.88 15.24 -37.22
N HIS L 75 7.80 15.75 -35.98
CA HIS L 75 6.85 16.79 -35.64
C HIS L 75 7.60 18.06 -35.25
N TRP L 76 7.45 19.11 -36.08
CA TRP L 76 8.24 20.33 -36.02
C TRP L 76 7.44 21.41 -35.32
N LEU L 77 8.14 22.30 -34.58
CA LEU L 77 7.54 23.54 -34.11
C LEU L 77 7.87 24.72 -35.03
N VAL L 78 8.90 24.58 -35.90
CA VAL L 78 9.27 25.62 -36.86
C VAL L 78 9.65 24.99 -38.21
N SER L 79 9.62 25.82 -39.27
CA SER L 79 9.98 25.39 -40.61
C SER L 79 11.48 25.06 -40.65
N ASP L 80 11.81 23.78 -40.91
CA ASP L 80 13.22 23.36 -40.98
C ASP L 80 13.89 23.97 -42.21
N LEU L 81 13.10 24.56 -43.13
CA LEU L 81 13.61 25.16 -44.35
C LEU L 81 13.81 26.67 -44.19
N ASP L 82 13.54 27.23 -43.01
CA ASP L 82 13.97 28.59 -42.72
C ASP L 82 15.49 28.63 -42.96
N PRO L 83 15.98 29.56 -43.80
CA PRO L 83 17.42 29.63 -44.15
C PRO L 83 18.37 29.73 -42.97
N ARG L 84 17.89 30.30 -41.85
CA ARG L 84 18.73 30.51 -40.68
C ARG L 84 19.06 29.19 -40.00
N LEU L 85 18.27 28.15 -40.32
CA LEU L 85 18.42 26.83 -39.73
C LEU L 85 19.47 26.00 -40.48
N GLU L 86 19.99 26.53 -41.59
CA GLU L 86 21.09 25.89 -42.30
C GLU L 86 22.37 25.84 -41.47
N ILE L 87 22.53 26.70 -40.47
CA ILE L 87 23.76 26.74 -39.70
C ILE L 87 23.68 25.83 -38.49
N LYS L 88 24.64 24.90 -38.40
CA LYS L 88 24.73 23.89 -37.37
C LYS L 88 26.17 23.85 -36.87
N ALA L 89 26.38 23.87 -35.56
CA ALA L 89 27.72 23.66 -35.05
C ALA L 89 28.30 22.33 -35.58
N ILE L 90 27.62 21.23 -35.21
CA ILE L 90 27.95 19.90 -35.71
C ILE L 90 27.02 19.57 -36.86
N ALA L 91 27.63 19.08 -37.94
CA ALA L 91 26.91 18.56 -39.11
C ALA L 91 26.74 17.04 -39.02
N GLU L 92 25.77 16.56 -39.81
CA GLU L 92 25.33 15.17 -39.89
C GLU L 92 26.33 14.37 -40.72
N THR L 93 26.43 13.05 -40.47
CA THR L 93 27.11 12.15 -41.37
C THR L 93 26.05 11.53 -42.30
N PHE L 94 26.19 11.83 -43.60
CA PHE L 94 25.24 11.42 -44.62
C PHE L 94 25.98 11.00 -45.89
N PRO L 95 26.58 9.78 -45.95
CA PRO L 95 27.36 9.36 -47.11
C PRO L 95 26.53 9.25 -48.40
N MET L 96 27.23 9.42 -49.53
CA MET L 96 26.73 9.07 -50.84
C MET L 96 25.97 7.75 -50.79
N ASP L 97 26.54 6.76 -50.07
CA ASP L 97 26.07 5.39 -50.11
C ASP L 97 24.60 5.30 -49.68
N VAL L 98 24.18 6.15 -48.75
CA VAL L 98 22.80 6.11 -48.27
C VAL L 98 21.85 6.38 -49.42
N LEU L 99 22.26 7.28 -50.33
CA LEU L 99 21.44 7.64 -51.48
C LEU L 99 21.38 6.49 -52.49
N VAL L 100 22.45 5.69 -52.56
CA VAL L 100 22.46 4.51 -53.43
C VAL L 100 21.46 3.49 -52.89
N TRP L 101 21.51 3.31 -51.56
CA TRP L 101 20.73 2.30 -50.86
C TRP L 101 19.24 2.64 -50.97
N GLN L 102 18.91 3.93 -50.86
CA GLN L 102 17.52 4.39 -50.87
C GLN L 102 17.00 4.49 -52.32
N GLY L 103 17.93 4.64 -53.27
CA GLY L 103 17.58 4.60 -54.68
C GLY L 103 17.55 5.99 -55.34
N GLN L 104 17.95 7.01 -54.58
CA GLN L 104 18.22 8.34 -55.11
C GLN L 104 19.27 8.28 -56.21
N ILE L 105 20.24 7.35 -56.12
CA ILE L 105 21.28 7.13 -57.12
C ILE L 105 21.34 5.64 -57.49
N PRO L 106 21.66 5.26 -58.75
CA PRO L 106 21.73 3.84 -59.14
C PRO L 106 23.15 3.20 -59.10
N ALA L 107 23.34 1.99 -59.69
CA ALA L 107 24.59 1.68 -60.37
C ALA L 107 24.46 1.97 -61.87
N ALA L 131 18.95 2.32 -64.47
CA ALA L 131 20.06 3.29 -64.37
C ALA L 131 19.53 4.71 -64.55
N GLU L 132 18.48 5.06 -63.78
CA GLU L 132 18.02 6.42 -63.49
C GLU L 132 17.53 6.40 -62.04
N GLY L 133 17.77 7.46 -61.25
CA GLY L 133 17.46 7.42 -59.83
C GLY L 133 16.16 8.12 -59.48
N ASN L 134 15.91 8.22 -58.17
CA ASN L 134 14.58 8.52 -57.66
C ASN L 134 14.67 9.70 -56.72
N PRO L 135 13.68 10.64 -56.74
CA PRO L 135 13.80 11.86 -55.95
C PRO L 135 13.63 11.49 -54.48
N PHE L 136 14.10 12.39 -53.60
CA PHE L 136 13.97 12.25 -52.17
C PHE L 136 12.66 12.91 -51.71
N ILE L 137 11.65 12.09 -51.36
CA ILE L 137 10.34 12.65 -51.07
C ILE L 137 10.20 12.94 -49.58
N PHE L 138 10.08 14.23 -49.28
CA PHE L 138 10.01 14.80 -47.95
C PHE L 138 8.79 15.72 -47.89
N ALA L 139 7.66 15.21 -47.40
CA ALA L 139 6.40 15.93 -47.48
C ALA L 139 6.09 16.59 -46.14
N PHE L 140 5.84 17.91 -46.16
CA PHE L 140 5.41 18.58 -44.95
C PHE L 140 3.88 18.69 -44.89
N LEU L 141 3.31 18.48 -43.70
CA LEU L 141 1.86 18.47 -43.49
C LEU L 141 1.49 19.27 -42.26
N PRO L 142 0.21 19.69 -42.10
CA PRO L 142 -0.28 20.18 -40.82
C PRO L 142 -0.31 18.98 -39.89
N MET L 143 -0.18 19.21 -38.59
CA MET L 143 -0.07 18.10 -37.65
C MET L 143 -1.32 17.23 -37.61
N TRP L 144 -2.48 17.76 -38.06
CA TRP L 144 -3.77 17.05 -38.04
C TRP L 144 -4.30 16.90 -39.45
N TRP L 145 -4.89 15.73 -39.70
CA TRP L 145 -5.46 15.43 -41.00
C TRP L 145 -6.55 16.45 -41.31
N GLU L 146 -6.59 16.87 -42.58
CA GLU L 146 -7.49 17.91 -43.04
C GLU L 146 -8.84 17.30 -43.41
N LYS L 147 -8.84 16.10 -44.01
CA LYS L 147 -10.08 15.46 -44.43
C LYS L 147 -10.18 14.05 -43.84
N ASP L 148 -11.34 13.78 -43.23
CA ASP L 148 -11.66 12.47 -42.66
C ASP L 148 -12.83 11.91 -43.45
N LEU L 149 -12.55 10.98 -44.36
CA LEU L 149 -13.49 10.60 -45.39
C LEU L 149 -14.05 9.20 -45.16
N LYS L 150 -13.57 8.50 -44.13
CA LYS L 150 -14.14 7.21 -43.81
C LYS L 150 -13.56 6.72 -42.49
N GLY L 151 -14.44 6.17 -41.65
CA GLY L 151 -13.99 5.41 -40.50
C GLY L 151 -13.79 6.30 -39.26
N LYS L 152 -14.27 7.55 -39.31
CA LYS L 152 -14.25 8.42 -38.15
C LYS L 152 -14.73 7.67 -36.89
N GLY L 153 -14.04 7.87 -35.76
CA GLY L 153 -14.47 7.29 -34.50
C GLY L 153 -13.88 5.90 -34.22
N ARG L 154 -13.17 5.35 -35.20
CA ARG L 154 -12.46 4.08 -35.03
C ARG L 154 -11.37 4.24 -33.98
N THR L 155 -11.29 3.25 -33.08
CA THR L 155 -10.29 3.21 -32.02
C THR L 155 -9.28 2.09 -32.27
N ILE L 156 -8.32 2.04 -31.34
CA ILE L 156 -7.31 1.01 -31.42
C ILE L 156 -7.92 -0.35 -31.07
N GLU L 157 -8.92 -0.36 -30.17
CA GLU L 157 -9.58 -1.59 -29.75
C GLU L 157 -10.34 -2.21 -30.92
N ASP L 158 -10.64 -1.45 -31.99
CA ASP L 158 -11.39 -2.00 -33.12
C ASP L 158 -10.52 -2.98 -33.90
N GLY L 159 -9.20 -3.03 -33.63
CA GLY L 159 -8.34 -4.03 -34.24
C GLY L 159 -7.11 -3.42 -34.91
N ALA L 160 -6.23 -4.35 -35.31
CA ALA L 160 -4.92 -4.06 -35.89
C ALA L 160 -5.08 -3.62 -37.35
N ASN L 161 -4.41 -2.51 -37.71
CA ASN L 161 -4.61 -1.79 -38.94
C ASN L 161 -3.41 -2.00 -39.86
N TYR L 162 -3.65 -2.34 -41.15
CA TYR L 162 -2.67 -2.30 -42.22
C TYR L 162 -2.76 -0.91 -42.83
N ARG L 163 -1.88 0.00 -42.38
CA ARG L 163 -2.03 1.42 -42.65
C ARG L 163 -1.23 1.76 -43.90
N PHE L 164 -1.94 1.95 -45.03
CA PHE L 164 -1.29 2.25 -46.30
C PHE L 164 -1.20 3.76 -46.48
N ASN L 165 0.00 4.29 -46.24
CA ASN L 165 0.25 5.71 -46.40
C ASN L 165 0.79 5.95 -47.80
N MET L 166 0.12 6.84 -48.54
CA MET L 166 0.48 7.04 -49.93
C MET L 166 0.40 8.53 -50.22
N THR L 167 1.48 9.05 -50.84
CA THR L 167 1.52 10.44 -51.29
C THR L 167 1.57 10.46 -52.81
N ILE L 168 0.94 11.47 -53.42
CA ILE L 168 0.88 11.59 -54.87
C ILE L 168 1.04 13.05 -55.27
N GLY L 169 1.66 13.23 -56.45
CA GLY L 169 1.78 14.54 -57.08
C GLY L 169 1.48 14.43 -58.57
N PHE L 170 0.60 15.30 -59.06
CA PHE L 170 0.12 15.19 -60.42
C PHE L 170 1.22 15.62 -61.39
N PRO L 171 1.35 14.96 -62.56
CA PRO L 171 2.45 15.22 -63.49
C PRO L 171 2.50 16.69 -63.88
N GLU L 172 3.62 17.09 -64.47
CA GLU L 172 3.79 18.49 -64.82
C GLU L 172 2.77 18.90 -65.89
N GLY L 173 2.23 20.12 -65.75
CA GLY L 173 1.23 20.65 -66.65
C GLY L 173 -0.17 20.06 -66.45
N VAL L 174 -0.46 19.39 -65.32
CA VAL L 174 -1.81 18.96 -64.98
C VAL L 174 -2.41 19.91 -63.94
N ASP L 175 -3.58 20.46 -64.27
CA ASP L 175 -4.25 21.42 -63.40
C ASP L 175 -4.53 20.75 -62.05
N LYS L 176 -4.16 21.43 -60.95
CA LYS L 176 -4.21 20.85 -59.61
C LYS L 176 -5.67 20.66 -59.15
N ALA L 177 -6.51 21.64 -59.47
CA ALA L 177 -7.93 21.60 -59.13
C ALA L 177 -8.58 20.38 -59.78
N GLU L 178 -8.14 20.08 -61.02
CA GLU L 178 -8.67 18.99 -61.81
C GLU L 178 -8.24 17.64 -61.22
N GLY L 179 -6.97 17.57 -60.77
CA GLY L 179 -6.45 16.39 -60.11
C GLY L 179 -7.14 16.13 -58.77
N GLU L 180 -7.29 17.18 -57.95
CA GLU L 180 -8.08 17.13 -56.73
C GLU L 180 -9.47 16.53 -57.00
N LYS L 181 -10.15 17.06 -58.02
CA LYS L 181 -11.51 16.65 -58.36
C LYS L 181 -11.51 15.16 -58.71
N TRP L 182 -10.53 14.71 -59.51
CA TRP L 182 -10.40 13.29 -59.84
C TRP L 182 -10.25 12.45 -58.58
N LEU L 183 -9.31 12.84 -57.72
CA LEU L 183 -8.98 12.06 -56.54
C LEU L 183 -10.22 11.85 -55.67
N PHE L 184 -10.96 12.94 -55.40
CA PHE L 184 -11.99 12.90 -54.36
C PHE L 184 -13.32 12.44 -54.93
N GLU L 185 -13.52 12.61 -56.25
CA GLU L 185 -14.80 12.29 -56.87
C GLU L 185 -14.74 10.92 -57.54
N LYS L 186 -13.57 10.44 -57.96
CA LYS L 186 -13.49 9.15 -58.64
C LYS L 186 -12.83 8.07 -57.77
N VAL L 187 -11.69 8.40 -57.13
CA VAL L 187 -10.86 7.44 -56.44
C VAL L 187 -11.47 7.11 -55.08
N VAL L 188 -11.66 8.14 -54.26
CA VAL L 188 -12.10 7.97 -52.89
C VAL L 188 -13.41 7.16 -52.82
N PRO L 189 -14.43 7.42 -53.65
CA PRO L 189 -15.67 6.63 -53.60
C PRO L 189 -15.49 5.11 -53.72
N ILE L 190 -14.41 4.68 -54.37
CA ILE L 190 -14.14 3.25 -54.50
C ILE L 190 -13.67 2.71 -53.16
N LEU L 191 -12.90 3.54 -52.44
CA LEU L 191 -12.43 3.23 -51.10
C LEU L 191 -13.61 3.17 -50.14
N GLN L 192 -14.55 4.11 -50.31
CA GLN L 192 -15.73 4.19 -49.45
C GLN L 192 -16.66 3.00 -49.68
N ALA L 193 -16.69 2.50 -50.93
CA ALA L 193 -17.55 1.37 -51.29
C ALA L 193 -17.00 0.06 -50.72
N ALA L 194 -15.67 -0.04 -50.62
CA ALA L 194 -15.01 -1.28 -50.22
C ALA L 194 -15.13 -1.51 -48.71
N PRO L 195 -15.86 -2.57 -48.26
CA PRO L 195 -15.86 -2.94 -46.85
C PRO L 195 -14.48 -3.33 -46.31
N GLU L 196 -13.54 -3.70 -47.20
CA GLU L 196 -12.20 -4.12 -46.81
C GLU L 196 -11.36 -2.94 -46.32
N CYS L 197 -11.82 -1.71 -46.64
CA CYS L 197 -11.14 -0.46 -46.30
C CYS L 197 -11.80 0.17 -45.08
N THR L 198 -11.06 0.26 -43.96
CA THR L 198 -11.59 0.62 -42.66
C THR L 198 -11.45 2.12 -42.37
N ARG L 199 -10.63 2.84 -43.16
CA ARG L 199 -10.32 4.24 -42.85
C ARG L 199 -9.74 4.95 -44.07
N VAL L 200 -10.10 6.24 -44.23
CA VAL L 200 -9.53 7.08 -45.28
C VAL L 200 -9.31 8.49 -44.74
N LEU L 201 -8.06 8.98 -44.91
CA LEU L 201 -7.61 10.25 -44.40
C LEU L 201 -6.75 10.96 -45.45
N ALA L 202 -6.83 12.31 -45.49
CA ALA L 202 -6.08 13.06 -46.47
C ALA L 202 -5.72 14.46 -45.95
N SER L 203 -4.49 14.88 -46.23
CA SER L 203 -4.02 16.23 -46.00
C SER L 203 -3.39 16.72 -47.30
N ALA L 204 -3.47 18.03 -47.55
CA ALA L 204 -2.79 18.63 -48.68
C ALA L 204 -1.38 19.01 -48.25
N VAL L 205 -0.42 18.68 -49.11
CA VAL L 205 0.99 18.87 -48.84
C VAL L 205 1.30 20.38 -48.81
N LYS L 206 2.05 20.82 -47.79
CA LYS L 206 2.64 22.15 -47.76
C LYS L 206 3.81 22.23 -48.75
N LYS L 207 3.48 22.85 -49.90
CA LYS L 207 4.34 22.94 -51.07
C LYS L 207 5.23 24.17 -50.92
N ASP L 208 4.68 25.18 -50.21
CA ASP L 208 5.31 26.43 -49.85
C ASP L 208 6.53 26.24 -48.94
N ILE L 209 6.84 25.02 -48.48
CA ILE L 209 7.88 24.84 -47.48
C ILE L 209 9.20 24.42 -48.14
N ASN L 210 9.16 23.34 -48.96
CA ASN L 210 10.37 22.74 -49.52
C ASN L 210 10.19 22.35 -50.99
N GLY L 211 9.17 22.89 -51.66
CA GLY L 211 8.90 22.60 -53.07
C GLY L 211 8.71 21.11 -53.36
N CYS L 212 8.21 20.35 -52.40
CA CYS L 212 7.93 18.94 -52.61
C CYS L 212 6.95 18.82 -53.78
N VAL L 213 7.23 17.87 -54.69
CA VAL L 213 6.43 17.73 -55.90
C VAL L 213 5.06 17.13 -55.59
N MET L 214 4.90 16.52 -54.41
CA MET L 214 3.64 15.86 -54.06
C MET L 214 2.58 16.90 -53.70
N ASP L 215 1.32 16.52 -53.88
CA ASP L 215 0.18 17.40 -53.67
C ASP L 215 -0.69 16.93 -52.50
N TRP L 216 -0.84 15.61 -52.35
CA TRP L 216 -1.69 15.01 -51.33
C TRP L 216 -0.90 13.94 -50.58
N VAL L 217 -1.30 13.72 -49.33
CA VAL L 217 -0.93 12.53 -48.60
C VAL L 217 -2.21 11.89 -48.10
N LEU L 218 -2.33 10.57 -48.29
CA LEU L 218 -3.48 9.83 -47.82
C LEU L 218 -3.01 8.65 -47.00
N GLU L 219 -3.84 8.27 -46.03
CA GLU L 219 -3.66 7.01 -45.36
C GLU L 219 -4.97 6.27 -45.50
N ILE L 220 -4.85 5.00 -45.91
CA ILE L 220 -5.98 4.18 -46.27
C ILE L 220 -5.79 2.85 -45.55
N TRP L 221 -6.67 2.52 -44.60
CA TRP L 221 -6.41 1.35 -43.78
C TRP L 221 -7.15 0.15 -44.34
N PHE L 222 -6.52 -1.03 -44.16
CA PHE L 222 -7.12 -2.31 -44.45
C PHE L 222 -6.92 -3.20 -43.24
N GLU L 223 -7.44 -4.44 -43.37
CA GLU L 223 -7.23 -5.44 -42.34
C GLU L 223 -5.86 -6.08 -42.54
N ASN L 224 -5.44 -6.21 -43.82
CA ASN L 224 -4.26 -6.99 -44.20
C ASN L 224 -3.91 -6.72 -45.67
N GLN L 225 -2.80 -7.31 -46.09
CA GLN L 225 -2.30 -7.20 -47.45
C GLN L 225 -3.33 -7.56 -48.52
N SER L 226 -4.14 -8.62 -48.30
CA SER L 226 -5.12 -9.04 -49.29
C SER L 226 -6.21 -8.00 -49.48
N GLY L 227 -6.69 -7.43 -48.35
CA GLY L 227 -7.62 -6.31 -48.38
C GLY L 227 -7.05 -5.16 -49.21
N TRP L 228 -5.78 -4.82 -48.95
CA TRP L 228 -5.10 -3.79 -49.71
C TRP L 228 -5.16 -4.10 -51.20
N TYR L 229 -4.79 -5.34 -51.57
CA TYR L 229 -4.71 -5.77 -52.95
C TYR L 229 -6.09 -5.68 -53.61
N LYS L 230 -7.08 -6.29 -52.94
CA LYS L 230 -8.43 -6.40 -53.49
C LYS L 230 -8.91 -5.01 -53.90
N VAL L 231 -8.63 -4.00 -53.07
CA VAL L 231 -9.16 -2.66 -53.31
C VAL L 231 -8.25 -1.86 -54.25
N MET L 232 -6.95 -1.79 -53.93
CA MET L 232 -6.05 -0.84 -54.58
C MET L 232 -5.59 -1.33 -55.96
N VAL L 233 -5.82 -2.63 -56.22
CA VAL L 233 -5.51 -3.20 -57.52
C VAL L 233 -6.81 -3.57 -58.25
N ASP L 234 -7.62 -4.49 -57.67
CA ASP L 234 -8.79 -5.06 -58.36
C ASP L 234 -9.93 -4.04 -58.46
N ASP L 235 -10.42 -3.50 -57.34
CA ASP L 235 -11.51 -2.52 -57.38
C ASP L 235 -11.14 -1.33 -58.26
N MET L 236 -9.83 -1.00 -58.33
CA MET L 236 -9.37 0.20 -58.99
C MET L 236 -9.21 0.01 -60.49
N LYS L 237 -9.35 -1.24 -60.98
CA LYS L 237 -9.32 -1.48 -62.42
C LYS L 237 -10.50 -0.77 -63.08
N ALA L 238 -11.60 -0.65 -62.30
CA ALA L 238 -12.84 0.00 -62.71
C ALA L 238 -12.59 1.44 -63.15
N LEU L 239 -11.45 2.04 -62.77
CA LEU L 239 -11.25 3.46 -63.02
C LEU L 239 -10.89 3.72 -64.48
N GLU L 240 -11.52 4.79 -64.98
CA GLU L 240 -11.18 5.47 -66.22
C GLU L 240 -9.70 5.82 -66.16
N LYS L 241 -8.92 5.43 -67.18
CA LYS L 241 -7.50 5.78 -67.22
C LYS L 241 -7.35 7.24 -67.64
N PRO L 242 -6.89 8.19 -66.78
CA PRO L 242 -6.90 9.60 -67.18
C PRO L 242 -5.88 9.88 -68.28
N SER L 243 -6.06 11.01 -68.95
CA SER L 243 -5.29 11.35 -70.14
C SER L 243 -3.82 11.61 -69.78
N TRP L 244 -3.54 12.02 -68.53
CA TRP L 244 -2.20 12.35 -68.07
C TRP L 244 -1.48 11.14 -67.47
N ALA L 245 -2.11 9.96 -67.49
CA ALA L 245 -1.60 8.77 -66.81
C ALA L 245 -0.15 8.51 -67.19
N GLN L 246 0.70 8.18 -66.21
CA GLN L 246 2.09 7.82 -66.44
C GLN L 246 2.29 6.31 -66.33
N GLN L 247 1.24 5.52 -66.07
CA GLN L 247 1.28 4.07 -66.19
C GLN L 247 -0.15 3.60 -66.43
N ASP L 248 -0.32 2.33 -66.83
CA ASP L 248 -1.61 1.88 -67.33
C ASP L 248 -2.61 1.77 -66.18
N ALA L 249 -2.15 1.35 -65.01
CA ALA L 249 -3.04 1.00 -63.91
C ALA L 249 -2.95 2.06 -62.80
N PHE L 250 -4.03 2.17 -62.02
CA PHE L 250 -3.99 2.93 -60.78
C PHE L 250 -2.72 2.58 -59.99
N PRO L 251 -1.94 3.55 -59.48
CA PRO L 251 -2.33 4.97 -59.37
C PRO L 251 -2.06 5.94 -60.54
N PHE L 252 -1.69 5.41 -61.72
CA PHE L 252 -1.56 6.19 -62.94
C PHE L 252 -0.43 7.23 -62.84
N LEU L 253 0.51 7.03 -61.90
CA LEU L 253 1.58 7.99 -61.66
C LEU L 253 2.92 7.24 -61.59
N LYS L 254 3.99 7.96 -61.92
CA LYS L 254 5.30 7.35 -62.06
C LYS L 254 5.81 6.87 -60.70
N PRO L 255 6.07 5.55 -60.53
CA PRO L 255 6.56 5.02 -59.25
C PRO L 255 7.78 5.78 -58.73
N TYR L 256 7.72 6.17 -57.46
CA TYR L 256 8.83 6.75 -56.69
C TYR L 256 9.08 8.20 -57.07
N HIS L 257 8.42 8.68 -58.14
CA HIS L 257 8.61 10.03 -58.66
C HIS L 257 7.37 10.90 -58.40
N ASN L 258 6.20 10.37 -58.77
CA ASN L 258 4.93 11.06 -58.55
C ASN L 258 4.03 10.28 -57.59
N VAL L 259 4.48 9.12 -57.09
CA VAL L 259 3.79 8.42 -56.03
C VAL L 259 4.80 7.65 -55.19
N CYS L 260 4.71 7.79 -53.86
CA CYS L 260 5.41 6.94 -52.92
C CYS L 260 4.40 6.47 -51.88
N SER L 261 4.75 5.37 -51.21
CA SER L 261 3.82 4.74 -50.30
C SER L 261 4.57 3.89 -49.29
N ALA L 262 3.82 3.42 -48.28
CA ALA L 262 4.29 2.43 -47.34
C ALA L 262 3.10 1.91 -46.53
N ALA L 263 3.13 0.61 -46.21
CA ALA L 263 2.15 0.01 -45.34
C ALA L 263 2.83 -0.22 -44.00
N VAL L 264 2.27 0.34 -42.90
CA VAL L 264 2.93 0.35 -41.61
C VAL L 264 1.93 -0.05 -40.52
N ALA L 265 2.47 -0.38 -39.33
CA ALA L 265 1.64 -0.80 -38.22
C ALA L 265 1.20 0.42 -37.42
N ASP L 266 0.24 0.21 -36.51
CA ASP L 266 -0.27 1.25 -35.63
C ASP L 266 0.81 1.76 -34.67
N TYR L 267 1.81 0.92 -34.37
CA TYR L 267 2.77 1.18 -33.29
C TYR L 267 4.17 0.97 -33.83
N THR L 268 5.08 1.87 -33.41
CA THR L 268 6.50 1.64 -33.59
C THR L 268 7.21 1.68 -32.23
N PRO L 269 8.22 0.80 -32.04
CA PRO L 269 9.11 0.91 -30.88
C PRO L 269 10.19 1.98 -31.05
N SER L 270 10.34 2.49 -32.29
CA SER L 270 11.35 3.50 -32.59
C SER L 270 10.69 4.88 -32.50
N ASN L 271 10.32 5.27 -31.27
CA ASN L 271 9.91 6.63 -30.98
C ASN L 271 11.12 7.34 -30.36
N ASN L 272 11.94 7.95 -31.23
CA ASN L 272 13.36 8.09 -31.00
C ASN L 272 13.65 9.09 -29.88
N LEU L 273 12.80 10.10 -29.68
CA LEU L 273 13.10 11.10 -28.67
C LEU L 273 12.95 10.50 -27.28
N ALA L 274 11.99 9.58 -27.10
CA ALA L 274 11.73 8.93 -25.81
C ALA L 274 12.61 7.68 -25.60
N ASN L 275 12.87 6.91 -26.66
CA ASN L 275 13.24 5.52 -26.48
C ASN L 275 14.73 5.27 -26.67
N TYR L 276 15.47 6.13 -27.38
CA TYR L 276 16.83 5.80 -27.81
C TYR L 276 17.81 5.77 -26.62
N ARG L 277 18.59 4.66 -26.50
CA ARG L 277 19.56 4.41 -25.43
C ARG L 277 20.92 4.01 -26.00
N GLY L 278 21.20 4.38 -27.27
CA GLY L 278 22.46 4.07 -27.92
C GLY L 278 22.32 2.85 -28.84
N TYR L 279 23.36 2.59 -29.65
CA TYR L 279 23.39 1.47 -30.58
C TYR L 279 23.97 0.23 -29.88
N ILE L 280 23.15 -0.36 -29.01
CA ILE L 280 23.50 -1.54 -28.21
C ILE L 280 23.39 -2.79 -29.09
N THR L 281 24.45 -3.61 -29.08
CA THR L 281 24.59 -4.75 -29.98
C THR L 281 24.16 -6.06 -29.32
N MET L 282 23.60 -6.94 -30.17
CA MET L 282 23.13 -8.25 -29.75
C MET L 282 24.32 -9.07 -29.29
N ARG L 283 24.06 -10.04 -28.40
CA ARG L 283 25.12 -10.82 -27.79
C ARG L 283 25.27 -12.21 -28.44
N ALA M 2 -3.64 38.61 -22.59
CA ALA M 2 -3.59 37.14 -22.68
C ALA M 2 -2.31 36.78 -23.43
N ASP M 3 -2.13 37.27 -24.68
CA ASP M 3 -1.23 36.65 -25.65
C ASP M 3 0.23 36.54 -25.17
N PHE M 4 0.86 35.40 -25.47
CA PHE M 4 2.25 35.11 -25.14
C PHE M 4 3.02 34.84 -26.42
N LYS M 5 4.11 35.56 -26.64
CA LYS M 5 4.81 35.48 -27.91
C LYS M 5 5.70 34.23 -28.02
N PHE M 6 5.59 33.54 -29.15
CA PHE M 6 6.50 32.45 -29.49
C PHE M 6 7.91 33.00 -29.70
N GLU M 7 8.81 32.72 -28.77
CA GLU M 7 10.12 33.35 -28.75
C GLU M 7 11.19 32.29 -28.50
N PRO M 8 11.51 31.45 -29.49
CA PRO M 8 12.50 30.40 -29.29
C PRO M 8 13.92 30.95 -29.21
N MET M 9 14.56 30.60 -28.07
CA MET M 9 15.86 31.10 -27.68
C MET M 9 16.69 30.03 -26.96
N ARG M 10 18.02 30.21 -26.96
CA ARG M 10 18.98 29.42 -26.22
C ARG M 10 19.66 30.38 -25.24
N SER M 11 19.59 30.07 -23.93
CA SER M 11 20.23 30.86 -22.88
C SER M 11 21.54 30.18 -22.53
N LEU M 12 22.53 30.96 -22.07
CA LEU M 12 23.73 30.41 -21.47
C LEU M 12 24.05 31.18 -20.18
N ILE M 13 24.32 30.44 -19.11
CA ILE M 13 24.75 31.04 -17.85
C ILE M 13 26.16 30.57 -17.54
N TYR M 14 27.03 31.52 -17.20
CA TYR M 14 28.43 31.21 -16.98
C TYR M 14 28.66 30.98 -15.49
N VAL M 15 28.65 29.72 -15.06
CA VAL M 15 28.72 29.38 -13.64
C VAL M 15 30.17 29.17 -13.22
N ASP M 16 30.69 30.14 -12.46
CA ASP M 16 32.05 30.06 -11.95
C ASP M 16 32.04 29.32 -10.60
N CYS M 17 33.24 28.94 -10.15
CA CYS M 17 33.48 28.44 -8.79
C CYS M 17 34.82 28.98 -8.29
N VAL M 18 34.79 29.92 -7.35
CA VAL M 18 35.93 30.80 -7.09
C VAL M 18 36.96 30.14 -6.19
N SER M 19 36.75 28.89 -5.80
CA SER M 19 37.65 28.21 -4.88
C SER M 19 37.31 26.73 -4.86
N GLU M 20 38.34 25.88 -4.83
CA GLU M 20 38.13 24.44 -4.83
C GLU M 20 37.43 23.97 -3.54
N ASP M 21 37.56 24.76 -2.46
CA ASP M 21 36.92 24.35 -1.22
C ASP M 21 35.41 24.52 -1.32
N TYR M 22 34.93 25.30 -2.29
CA TYR M 22 33.52 25.52 -2.51
C TYR M 22 32.91 24.49 -3.48
N ARG M 23 33.76 23.80 -4.25
CA ARG M 23 33.27 22.98 -5.35
C ARG M 23 32.29 21.92 -4.86
N PRO M 24 32.61 21.10 -3.83
CA PRO M 24 31.68 20.06 -3.38
C PRO M 24 30.28 20.60 -3.10
N LYS M 25 30.22 21.78 -2.46
CA LYS M 25 28.98 22.37 -1.97
C LYS M 25 28.15 22.97 -3.10
N LEU M 26 28.85 23.68 -4.00
CA LEU M 26 28.19 24.30 -5.15
C LEU M 26 27.70 23.20 -6.10
N GLN M 27 28.53 22.18 -6.31
CA GLN M 27 28.17 21.08 -7.20
C GLN M 27 26.94 20.36 -6.65
N ARG M 28 26.93 20.11 -5.34
CA ARG M 28 25.79 19.54 -4.64
C ARG M 28 24.53 20.38 -4.92
N TRP M 29 24.60 21.69 -4.68
CA TRP M 29 23.41 22.52 -4.85
C TRP M 29 22.88 22.35 -6.27
N ILE M 30 23.77 22.45 -7.24
CA ILE M 30 23.39 22.42 -8.64
C ILE M 30 22.63 21.13 -8.94
N TYR M 31 23.19 19.97 -8.53
CA TYR M 31 22.69 18.68 -8.99
C TYR M 31 21.58 18.16 -8.06
N LYS M 32 21.56 18.60 -6.80
CA LYS M 32 20.58 18.11 -5.85
C LYS M 32 19.33 19.01 -5.80
N VAL M 33 19.53 20.31 -6.02
CA VAL M 33 18.51 21.31 -5.73
C VAL M 33 18.11 22.10 -6.98
N ALA M 34 19.10 22.65 -7.71
CA ALA M 34 18.81 23.53 -8.83
C ALA M 34 17.99 22.81 -9.89
N ILE M 35 18.33 21.54 -10.16
CA ILE M 35 17.67 20.80 -11.22
C ILE M 35 16.18 20.63 -10.91
N PRO M 36 15.77 19.96 -9.81
CA PRO M 36 14.35 19.75 -9.54
C PRO M 36 13.53 21.04 -9.36
N ASP M 37 14.09 22.02 -8.64
CA ASP M 37 13.45 23.33 -8.50
C ASP M 37 13.19 23.93 -9.88
N SER M 38 14.17 23.79 -10.80
CA SER M 38 14.11 24.33 -12.16
C SER M 38 13.02 23.64 -12.99
N ILE M 39 13.04 22.30 -13.02
CA ILE M 39 12.14 21.52 -13.84
C ILE M 39 10.70 21.69 -13.33
N SER M 40 10.59 21.82 -12.00
CA SER M 40 9.33 22.11 -11.36
C SER M 40 8.69 23.37 -11.94
N GLN M 41 9.50 24.32 -12.43
CA GLN M 41 8.97 25.61 -12.86
C GLN M 41 8.73 25.68 -14.37
N PHE M 42 9.68 25.21 -15.18
CA PHE M 42 9.70 25.55 -16.61
C PHE M 42 9.54 24.32 -17.52
N GLU M 43 9.25 23.14 -16.95
CA GLU M 43 9.10 21.92 -17.75
C GLU M 43 8.20 22.14 -18.96
N PRO M 44 7.03 22.80 -18.84
CA PRO M 44 6.10 22.94 -19.96
C PRO M 44 6.49 23.88 -21.10
N TYR M 45 7.51 24.72 -20.91
CA TYR M 45 7.89 25.67 -21.94
C TYR M 45 9.41 25.74 -22.14
N VAL M 46 10.14 24.75 -21.65
CA VAL M 46 11.54 24.58 -21.98
C VAL M 46 11.72 23.19 -22.58
N THR M 47 12.35 23.14 -23.76
CA THR M 47 12.53 21.88 -24.48
C THR M 47 13.84 21.20 -24.11
N LYS M 48 14.83 21.95 -23.59
CA LYS M 48 16.10 21.32 -23.24
C LYS M 48 16.84 22.13 -22.17
N TYR M 49 17.16 21.43 -21.08
CA TYR M 49 17.88 21.99 -19.95
C TYR M 49 19.10 21.11 -19.73
N ALA M 50 20.29 21.73 -19.78
CA ALA M 50 21.52 20.95 -19.71
C ALA M 50 22.66 21.74 -19.08
N PHE M 51 23.61 20.99 -18.50
CA PHE M 51 24.82 21.52 -17.91
C PHE M 51 26.03 20.96 -18.63
N TYR M 52 26.96 21.85 -19.02
CA TYR M 52 28.19 21.42 -19.65
C TYR M 52 29.35 21.73 -18.70
N PRO M 53 29.84 20.76 -17.89
CA PRO M 53 30.93 21.01 -16.95
C PRO M 53 32.14 21.52 -17.71
N SER M 54 32.78 22.57 -17.18
CA SER M 54 33.93 23.14 -17.86
C SER M 54 35.14 22.26 -17.59
N PHE M 55 35.99 22.09 -18.60
CA PHE M 55 37.30 21.49 -18.44
C PHE M 55 38.12 22.31 -17.45
N PRO M 56 39.21 21.73 -16.90
CA PRO M 56 40.11 22.46 -16.02
C PRO M 56 40.55 23.77 -16.64
N ILE M 57 40.55 24.81 -15.80
CA ILE M 57 40.92 26.14 -16.26
C ILE M 57 42.31 26.06 -16.91
N PRO M 58 42.47 26.49 -18.18
CA PRO M 58 43.78 26.45 -18.83
C PRO M 58 44.64 27.61 -18.36
N PRO M 59 45.97 27.58 -18.60
CA PRO M 59 46.86 28.72 -18.35
C PRO M 59 46.33 30.05 -18.88
N GLN M 60 46.20 31.03 -17.96
CA GLN M 60 45.77 32.39 -18.26
C GLN M 60 44.26 32.44 -18.56
N GLY M 61 43.53 31.36 -18.26
CA GLY M 61 42.08 31.35 -18.42
C GLY M 61 41.39 32.38 -17.52
N ASP M 62 41.97 32.64 -16.34
CA ASP M 62 41.50 33.65 -15.40
C ASP M 62 41.22 34.98 -16.11
N ARG M 63 42.00 35.30 -17.16
CA ARG M 63 41.91 36.57 -17.86
C ARG M 63 40.74 36.59 -18.86
N PHE M 64 40.09 35.43 -19.07
CA PHE M 64 38.96 35.30 -19.99
C PHE M 64 37.66 35.05 -19.22
N GLY M 65 37.68 35.34 -17.90
CA GLY M 65 36.51 35.13 -17.06
C GLY M 65 36.04 33.68 -17.08
N TYR M 66 37.00 32.76 -16.94
CA TYR M 66 36.75 31.35 -17.17
C TYR M 66 35.86 30.84 -16.05
N ALA M 67 34.67 30.33 -16.43
CA ALA M 67 33.74 29.73 -15.48
C ALA M 67 34.25 28.34 -15.09
N ARG M 68 34.72 28.23 -13.84
CA ARG M 68 35.39 27.03 -13.36
C ARG M 68 34.38 25.97 -12.91
N MET M 69 33.07 26.16 -13.14
CA MET M 69 32.14 25.11 -12.77
C MET M 69 31.48 24.53 -14.03
N GLN M 70 30.66 25.32 -14.73
CA GLN M 70 29.95 24.83 -15.91
C GLN M 70 29.32 25.97 -16.70
N LEU M 71 28.77 25.59 -17.85
CA LEU M 71 27.77 26.38 -18.57
C LEU M 71 26.39 25.81 -18.27
N THR M 72 25.39 26.69 -18.15
CA THR M 72 24.02 26.25 -17.95
C THR M 72 23.16 26.74 -19.12
N GLU M 73 22.58 25.76 -19.83
CA GLU M 73 22.02 25.93 -21.16
C GLU M 73 20.55 25.54 -21.15
N HIS M 74 19.70 26.55 -21.35
CA HIS M 74 18.28 26.33 -21.52
C HIS M 74 17.84 26.60 -22.96
N HIS M 75 16.84 25.85 -23.45
CA HIS M 75 16.16 26.19 -24.69
C HIS M 75 14.70 26.53 -24.41
N TRP M 76 14.35 27.81 -24.63
CA TRP M 76 13.08 28.39 -24.22
C TRP M 76 12.14 28.45 -25.42
N LEU M 77 10.84 28.29 -25.15
CA LEU M 77 9.82 28.59 -26.15
C LEU M 77 9.23 29.99 -25.97
N VAL M 78 9.42 30.60 -24.78
CA VAL M 78 8.97 31.96 -24.49
C VAL M 78 10.01 32.71 -23.67
N SER M 79 9.92 34.05 -23.67
CA SER M 79 10.84 34.92 -22.92
C SER M 79 10.63 34.71 -21.43
N ASP M 80 11.65 34.20 -20.72
CA ASP M 80 11.55 33.99 -19.27
C ASP M 80 11.46 35.33 -18.54
N LEU M 81 11.76 36.44 -19.24
CA LEU M 81 11.72 37.77 -18.66
C LEU M 81 10.37 38.47 -18.90
N ASP M 82 9.42 37.80 -19.57
CA ASP M 82 8.05 38.29 -19.58
C ASP M 82 7.65 38.45 -18.12
N PRO M 83 7.15 39.65 -17.70
CA PRO M 83 6.79 39.90 -16.30
C PRO M 83 5.81 38.91 -15.67
N ARG M 84 4.95 38.31 -16.52
CA ARG M 84 3.92 37.40 -16.04
C ARG M 84 4.53 36.09 -15.57
N LEU M 85 5.79 35.83 -15.97
CA LEU M 85 6.50 34.61 -15.63
C LEU M 85 7.21 34.74 -14.29
N GLU M 86 7.17 35.93 -13.68
CA GLU M 86 7.69 36.12 -12.32
C GLU M 86 6.88 35.34 -11.28
N ILE M 87 5.64 34.97 -11.59
CA ILE M 87 4.80 34.29 -10.61
C ILE M 87 4.96 32.77 -10.74
N LYS M 88 5.30 32.15 -9.59
CA LYS M 88 5.56 30.74 -9.47
C LYS M 88 4.80 30.23 -8.27
N ALA M 89 4.10 29.10 -8.40
CA ALA M 89 3.48 28.52 -7.21
C ALA M 89 4.55 28.23 -6.14
N ILE M 90 5.50 27.37 -6.50
CA ILE M 90 6.67 27.06 -5.68
C ILE M 90 7.82 27.88 -6.21
N ALA M 91 8.52 28.53 -5.27
CA ALA M 91 9.78 29.24 -5.57
C ALA M 91 10.99 28.34 -5.29
N GLU M 92 12.12 28.74 -5.89
CA GLU M 92 13.38 28.01 -5.91
C GLU M 92 14.09 28.19 -4.57
N THR M 93 14.95 27.22 -4.21
CA THR M 93 15.90 27.42 -3.12
C THR M 93 17.22 27.88 -3.73
N PHE M 94 17.61 29.12 -3.39
CA PHE M 94 18.77 29.78 -3.96
C PHE M 94 19.49 30.57 -2.87
N PRO M 95 20.28 29.92 -1.99
CA PRO M 95 20.93 30.61 -0.88
C PRO M 95 21.91 31.68 -1.30
N MET M 96 22.11 32.69 -0.41
CA MET M 96 23.19 33.64 -0.50
C MET M 96 24.50 32.92 -0.87
N ASP M 97 24.74 31.76 -0.25
CA ASP M 97 26.01 31.06 -0.32
C ASP M 97 26.37 30.72 -1.77
N VAL M 98 25.35 30.42 -2.60
CA VAL M 98 25.60 30.06 -3.98
C VAL M 98 26.28 31.23 -4.69
N LEU M 99 25.90 32.44 -4.34
CA LEU M 99 26.44 33.65 -4.94
C LEU M 99 27.87 33.88 -4.48
N VAL M 100 28.20 33.46 -3.25
CA VAL M 100 29.56 33.53 -2.76
C VAL M 100 30.45 32.59 -3.56
N TRP M 101 29.92 31.37 -3.76
CA TRP M 101 30.64 30.28 -4.39
C TRP M 101 30.91 30.62 -5.84
N GLN M 102 29.94 31.24 -6.51
CA GLN M 102 30.05 31.57 -7.94
C GLN M 102 30.86 32.85 -8.13
N GLY M 103 30.91 33.69 -7.08
CA GLY M 103 31.76 34.88 -7.04
C GLY M 103 31.01 36.17 -7.28
N GLN M 104 29.66 36.07 -7.39
CA GLN M 104 28.77 37.21 -7.39
C GLN M 104 28.97 38.08 -6.14
N ILE M 105 29.32 37.47 -5.00
CA ILE M 105 29.54 38.16 -3.75
C ILE M 105 30.87 37.67 -3.16
N PRO M 106 31.61 38.52 -2.38
CA PRO M 106 32.64 38.04 -1.45
C PRO M 106 32.13 37.67 -0.04
N ALA M 107 32.81 36.78 0.69
CA ALA M 107 32.12 35.95 1.70
C ALA M 107 31.69 36.79 2.91
N ALA M 108 32.63 37.61 3.42
CA ALA M 108 32.26 38.86 4.02
C ALA M 108 32.63 39.94 3.01
N ALA M 131 36.03 42.91 -1.34
CA ALA M 131 34.57 43.17 -1.33
C ALA M 131 34.21 43.96 -2.60
N GLU M 132 34.60 43.45 -3.80
CA GLU M 132 33.85 43.64 -5.03
C GLU M 132 33.61 42.26 -5.70
N GLY M 133 32.37 42.01 -6.11
CA GLY M 133 32.06 40.74 -6.75
C GLY M 133 31.88 40.83 -8.25
N ASN M 134 31.23 39.80 -8.81
CA ASN M 134 31.21 39.57 -10.25
C ASN M 134 29.76 39.46 -10.71
N PRO M 135 29.38 40.03 -11.86
CA PRO M 135 27.98 40.06 -12.27
C PRO M 135 27.55 38.65 -12.65
N PHE M 136 26.24 38.40 -12.65
CA PHE M 136 25.66 37.15 -13.07
C PHE M 136 25.36 37.19 -14.57
N ILE M 137 26.15 36.49 -15.37
CA ILE M 137 26.04 36.62 -16.82
C ILE M 137 25.10 35.55 -17.37
N PHE M 138 23.97 36.03 -17.90
CA PHE M 138 22.87 35.21 -18.42
C PHE M 138 22.53 35.72 -19.83
N ALA M 139 23.08 35.08 -20.86
CA ALA M 139 22.97 35.59 -22.22
C ALA M 139 21.89 34.86 -23.00
N PHE M 140 20.94 35.61 -23.57
CA PHE M 140 19.95 35.00 -24.44
C PHE M 140 20.35 35.08 -25.91
N LEU M 141 20.12 33.99 -26.66
CA LEU M 141 20.53 33.86 -28.05
C LEU M 141 19.39 33.29 -28.88
N PRO M 142 19.43 33.45 -30.23
CA PRO M 142 18.55 32.68 -31.10
C PRO M 142 19.03 31.24 -31.04
N MET M 143 18.14 30.28 -31.29
CA MET M 143 18.51 28.89 -31.09
C MET M 143 19.61 28.41 -32.05
N TRP M 144 19.80 29.14 -33.17
CA TRP M 144 20.80 28.80 -34.19
C TRP M 144 21.82 29.91 -34.34
N TRP M 145 23.07 29.48 -34.53
CA TRP M 145 24.16 30.43 -34.70
C TRP M 145 23.87 31.31 -35.91
N GLU M 146 24.20 32.60 -35.76
CA GLU M 146 23.92 33.59 -36.77
C GLU M 146 25.04 33.62 -37.80
N LYS M 147 26.29 33.47 -37.35
CA LYS M 147 27.44 33.51 -38.26
C LYS M 147 28.29 32.26 -38.11
N ASP M 148 28.60 31.64 -39.26
CA ASP M 148 29.45 30.47 -39.32
C ASP M 148 30.70 30.86 -40.11
N LEU M 149 31.80 31.09 -39.39
CA LEU M 149 32.93 31.80 -39.95
C LEU M 149 34.12 30.87 -40.19
N LYS M 150 34.00 29.60 -39.75
CA LYS M 150 35.07 28.66 -40.03
C LYS M 150 34.59 27.27 -39.65
N GLY M 151 34.90 26.31 -40.52
CA GLY M 151 34.76 24.90 -40.16
C GLY M 151 33.37 24.35 -40.48
N LYS M 152 32.57 25.11 -41.24
CA LYS M 152 31.28 24.62 -41.72
C LYS M 152 31.37 23.18 -42.21
N GLY M 153 30.39 22.35 -41.85
CA GLY M 153 30.28 21.00 -42.36
C GLY M 153 31.06 19.97 -41.52
N ARG M 154 31.80 20.45 -40.50
CA ARG M 154 32.51 19.57 -39.59
C ARG M 154 31.50 18.71 -38.83
N THR M 155 31.82 17.41 -38.74
CA THR M 155 31.00 16.43 -38.05
C THR M 155 31.67 15.95 -36.77
N ILE M 156 30.93 15.08 -36.09
CA ILE M 156 31.44 14.50 -34.86
C ILE M 156 32.55 13.52 -35.19
N GLU M 157 32.45 12.82 -36.36
CA GLU M 157 33.47 11.87 -36.78
C GLU M 157 34.81 12.57 -37.03
N ASP M 158 34.82 13.90 -37.24
CA ASP M 158 36.07 14.59 -37.53
C ASP M 158 36.94 14.65 -36.27
N GLY M 159 36.40 14.31 -35.10
CA GLY M 159 37.19 14.22 -33.89
C GLY M 159 36.61 15.05 -32.74
N ALA M 160 37.21 14.80 -31.56
CA ALA M 160 36.86 15.41 -30.28
C ALA M 160 37.29 16.86 -30.20
N ASN M 161 36.36 17.72 -29.77
CA ASN M 161 36.48 19.17 -29.88
C ASN M 161 36.70 19.76 -28.47
N TYR M 162 37.70 20.65 -28.33
CA TYR M 162 37.87 21.52 -27.16
C TYR M 162 37.11 22.81 -27.48
N ARG M 163 35.86 22.88 -26.99
CA ARG M 163 34.92 23.91 -27.42
C ARG M 163 35.02 25.10 -26.47
N PHE M 164 35.68 26.17 -26.92
CA PHE M 164 35.86 27.36 -26.11
C PHE M 164 34.73 28.35 -26.37
N ASN M 165 33.76 28.38 -25.44
CA ASN M 165 32.63 29.28 -25.54
C ASN M 165 32.98 30.56 -24.78
N MET M 166 32.87 31.69 -25.46
CA MET M 166 33.30 32.94 -24.87
C MET M 166 32.30 34.02 -25.25
N THR M 167 31.84 34.78 -24.25
CA THR M 167 30.95 35.91 -24.47
C THR M 167 31.69 37.19 -24.09
N ILE M 168 31.41 38.28 -24.80
CA ILE M 168 32.09 39.55 -24.57
C ILE M 168 31.08 40.69 -24.70
N GLY M 169 31.31 41.74 -23.90
CA GLY M 169 30.56 42.98 -23.98
C GLY M 169 31.49 44.17 -23.88
N PHE M 170 31.34 45.12 -24.81
CA PHE M 170 32.28 46.21 -24.92
C PHE M 170 32.05 47.19 -23.78
N PRO M 171 33.12 47.80 -23.22
CA PRO M 171 32.99 48.66 -22.04
C PRO M 171 32.02 49.79 -22.31
N GLU M 172 31.59 50.46 -21.24
CA GLU M 172 30.62 51.51 -21.37
C GLU M 172 31.21 52.67 -22.19
N GLY M 173 30.34 53.26 -23.03
CA GLY M 173 30.70 54.34 -23.93
C GLY M 173 31.55 53.91 -25.13
N VAL M 174 31.60 52.61 -25.48
CA VAL M 174 32.23 52.15 -26.71
C VAL M 174 31.16 51.85 -27.76
N ASP M 175 31.28 52.49 -28.93
CA ASP M 175 30.30 52.33 -30.00
C ASP M 175 30.24 50.85 -30.39
N LYS M 176 29.02 50.30 -30.47
CA LYS M 176 28.82 48.87 -30.68
C LYS M 176 29.22 48.44 -32.08
N ALA M 177 28.89 49.29 -33.06
CA ALA M 177 29.23 49.02 -34.46
C ALA M 177 30.75 48.93 -34.61
N GLU M 178 31.45 49.78 -33.85
CA GLU M 178 32.91 49.86 -33.90
C GLU M 178 33.53 48.61 -33.26
N GLY M 179 32.94 48.15 -32.16
CA GLY M 179 33.37 46.92 -31.48
C GLY M 179 33.14 45.70 -32.36
N GLU M 180 31.94 45.60 -32.96
CA GLU M 180 31.66 44.57 -33.95
C GLU M 180 32.73 44.54 -35.04
N LYS M 181 33.05 45.71 -35.61
CA LYS M 181 34.01 45.84 -36.69
C LYS M 181 35.39 45.33 -36.22
N TRP M 182 35.80 45.70 -35.00
CA TRP M 182 37.04 45.20 -34.43
C TRP M 182 37.04 43.67 -34.36
N LEU M 183 35.98 43.13 -33.77
CA LEU M 183 35.89 41.70 -33.53
C LEU M 183 36.05 40.92 -34.84
N PHE M 184 35.31 41.32 -35.88
CA PHE M 184 35.18 40.50 -37.08
C PHE M 184 36.30 40.78 -38.07
N GLU M 185 36.89 41.98 -38.01
CA GLU M 185 37.91 42.37 -38.97
C GLU M 185 39.31 42.18 -38.39
N LYS M 186 39.49 42.21 -37.07
CA LYS M 186 40.82 42.04 -36.48
C LYS M 186 41.01 40.70 -35.79
N VAL M 187 40.02 40.31 -34.96
CA VAL M 187 40.16 39.15 -34.09
C VAL M 187 39.95 37.86 -34.88
N VAL M 188 38.78 37.76 -35.52
CA VAL M 188 38.36 36.55 -36.20
C VAL M 188 39.41 36.11 -37.23
N PRO M 189 39.98 37.00 -38.06
CA PRO M 189 41.01 36.57 -39.03
C PRO M 189 42.21 35.82 -38.44
N ILE M 190 42.52 36.07 -37.16
CA ILE M 190 43.61 35.37 -36.50
C ILE M 190 43.21 33.92 -36.23
N LEU M 191 41.92 33.75 -35.90
CA LEU M 191 41.32 32.45 -35.69
C LEU M 191 41.30 31.68 -37.01
N GLN M 192 40.96 32.38 -38.09
CA GLN M 192 40.86 31.77 -39.41
C GLN M 192 42.24 31.36 -39.93
N ALA M 193 43.28 32.12 -39.54
CA ALA M 193 44.65 31.85 -39.96
C ALA M 193 45.20 30.62 -39.25
N ALA M 194 44.79 30.40 -38.00
CA ALA M 194 45.34 29.35 -37.16
C ALA M 194 44.80 27.98 -37.57
N PRO M 195 45.65 27.05 -38.09
CA PRO M 195 45.22 25.67 -38.32
C PRO M 195 44.78 24.94 -37.04
N GLU M 196 45.22 25.43 -35.87
CA GLU M 196 44.89 24.81 -34.59
C GLU M 196 43.43 25.02 -34.21
N CYS M 197 42.78 25.99 -34.88
CA CYS M 197 41.39 26.37 -34.63
C CYS M 197 40.49 25.75 -35.70
N THR M 198 39.61 24.82 -35.29
CA THR M 198 38.85 23.97 -36.19
C THR M 198 37.47 24.55 -36.51
N ARG M 199 37.01 25.56 -35.74
CA ARG M 199 35.65 26.04 -35.87
C ARG M 199 35.51 27.43 -35.25
N VAL M 200 34.69 28.29 -35.88
CA VAL M 200 34.35 29.59 -35.32
C VAL M 200 32.87 29.90 -35.61
N LEU M 201 32.15 30.24 -34.53
CA LEU M 201 30.72 30.50 -34.56
C LEU M 201 30.39 31.72 -33.71
N ALA M 202 29.38 32.50 -34.13
CA ALA M 202 29.02 33.70 -33.39
C ALA M 202 27.53 34.02 -33.55
N SER M 203 26.92 34.42 -32.44
CA SER M 203 25.57 34.96 -32.41
C SER M 203 25.64 36.28 -31.64
N ALA M 204 24.76 37.22 -32.01
CA ALA M 204 24.63 38.45 -31.27
C ALA M 204 23.63 38.24 -30.13
N VAL M 205 24.00 38.74 -28.96
CA VAL M 205 23.21 38.58 -27.75
C VAL M 205 21.91 39.37 -27.88
N LYS M 206 20.78 38.75 -27.52
CA LYS M 206 19.50 39.43 -27.35
C LYS M 206 19.54 40.24 -26.06
N LYS M 207 19.74 41.56 -26.26
CA LYS M 207 19.97 42.53 -25.21
C LYS M 207 18.62 43.05 -24.72
N ASP M 208 17.67 43.06 -25.67
CA ASP M 208 16.28 43.43 -25.49
C ASP M 208 15.54 42.52 -24.49
N ILE M 209 16.16 41.44 -23.98
CA ILE M 209 15.44 40.47 -23.18
C ILE M 209 15.65 40.73 -21.68
N ASN M 210 16.92 40.83 -21.25
CA ASN M 210 17.29 40.91 -19.84
C ASN M 210 18.40 41.92 -19.58
N GLY M 211 18.67 42.83 -20.53
CA GLY M 211 19.70 43.84 -20.39
C GLY M 211 21.10 43.27 -20.09
N CYS M 212 21.37 42.07 -20.59
CA CYS M 212 22.68 41.46 -20.44
C CYS M 212 23.71 42.41 -21.04
N VAL M 213 24.84 42.63 -20.32
CA VAL M 213 25.84 43.60 -20.77
C VAL M 213 26.62 43.06 -21.96
N MET M 214 26.57 41.75 -22.22
CA MET M 214 27.34 41.15 -23.29
C MET M 214 26.71 41.46 -24.65
N ASP M 215 27.54 41.45 -25.69
CA ASP M 215 27.13 41.80 -27.03
C ASP M 215 27.20 40.60 -27.98
N TRP M 216 28.22 39.75 -27.81
CA TRP M 216 28.46 38.60 -28.68
C TRP M 216 28.66 37.36 -27.83
N VAL M 217 28.31 36.21 -28.42
CA VAL M 217 28.76 34.92 -27.93
C VAL M 217 29.45 34.22 -29.08
N LEU M 218 30.64 33.67 -28.80
CA LEU M 218 31.38 32.93 -29.80
C LEU M 218 31.74 31.56 -29.23
N GLU M 219 31.82 30.59 -30.13
CA GLU M 219 32.43 29.32 -29.79
C GLU M 219 33.54 29.10 -30.80
N ILE M 220 34.70 28.74 -30.25
CA ILE M 220 35.94 28.64 -31.01
C ILE M 220 36.55 27.31 -30.65
N TRP M 221 36.63 26.38 -31.61
CA TRP M 221 37.06 25.03 -31.27
C TRP M 221 38.56 24.88 -31.50
N PHE M 222 39.17 24.04 -30.66
CA PHE M 222 40.54 23.60 -30.81
C PHE M 222 40.56 22.09 -30.69
N GLU M 223 41.77 21.52 -30.83
CA GLU M 223 41.96 20.10 -30.61
C GLU M 223 42.11 19.87 -29.11
N ASN M 224 42.74 20.83 -28.40
CA ASN M 224 43.13 20.67 -27.01
C ASN M 224 43.55 22.01 -26.41
N GLN M 225 43.84 21.97 -25.10
CA GLN M 225 44.27 23.13 -24.33
C GLN M 225 45.45 23.89 -24.96
N SER M 226 46.44 23.16 -25.50
CA SER M 226 47.62 23.81 -26.06
C SER M 226 47.27 24.58 -27.32
N GLY M 227 46.42 23.99 -28.18
CA GLY M 227 45.87 24.67 -29.34
C GLY M 227 45.19 25.97 -28.92
N TRP M 228 44.35 25.88 -27.88
CA TRP M 228 43.68 27.06 -27.33
C TRP M 228 44.71 28.13 -26.97
N TYR M 229 45.74 27.72 -26.22
CA TYR M 229 46.76 28.63 -25.72
C TYR M 229 47.50 29.29 -26.89
N LYS M 230 47.98 28.45 -27.81
CA LYS M 230 48.81 28.91 -28.91
C LYS M 230 48.09 30.04 -29.64
N VAL M 231 46.77 29.90 -29.84
CA VAL M 231 46.01 30.86 -30.63
C VAL M 231 45.54 32.04 -29.78
N MET M 232 44.87 31.76 -28.64
CA MET M 232 44.14 32.79 -27.90
C MET M 232 45.08 33.64 -27.03
N VAL M 233 46.31 33.15 -26.85
CA VAL M 233 47.34 33.89 -26.13
C VAL M 233 48.43 34.36 -27.08
N ASP M 234 49.13 33.41 -27.74
CA ASP M 234 50.33 33.72 -28.52
C ASP M 234 49.97 34.41 -29.84
N ASP M 235 49.15 33.80 -30.69
CA ASP M 235 48.77 34.43 -31.96
C ASP M 235 48.13 35.81 -31.73
N MET M 236 47.46 35.98 -30.58
CA MET M 236 46.68 37.17 -30.30
C MET M 236 47.56 38.31 -29.78
N LYS M 237 48.84 38.03 -29.47
CA LYS M 237 49.75 39.10 -29.07
C LYS M 237 49.91 40.10 -30.21
N ALA M 238 49.79 39.58 -31.45
CA ALA M 238 49.88 40.35 -32.68
C ALA M 238 48.88 41.51 -32.70
N LEU M 239 47.83 41.46 -31.87
CA LEU M 239 46.76 42.43 -31.95
C LEU M 239 47.17 43.78 -31.36
N GLU M 240 46.74 44.79 -32.11
CA GLU M 240 46.74 46.19 -31.70
C GLU M 240 45.94 46.28 -30.40
N LYS M 241 46.51 46.86 -29.34
CA LYS M 241 45.77 47.00 -28.09
C LYS M 241 44.78 48.16 -28.21
N PRO M 242 43.44 47.95 -28.21
CA PRO M 242 42.52 49.07 -28.47
C PRO M 242 42.53 50.08 -27.33
N SER M 243 42.03 51.29 -27.64
CA SER M 243 42.09 52.43 -26.73
C SER M 243 41.21 52.18 -25.51
N TRP M 244 40.15 51.35 -25.65
CA TRP M 244 39.20 51.09 -24.58
C TRP M 244 39.61 49.89 -23.71
N ALA M 245 40.77 49.29 -24.00
CA ALA M 245 41.20 48.04 -23.37
C ALA M 245 41.11 48.15 -21.85
N GLN M 246 40.58 47.10 -21.20
CA GLN M 246 40.51 47.03 -19.75
C GLN M 246 41.58 46.10 -19.18
N GLN M 247 42.43 45.49 -20.01
CA GLN M 247 43.62 44.77 -19.59
C GLN M 247 44.61 44.77 -20.75
N ASP M 248 45.87 44.40 -20.49
CA ASP M 248 46.92 44.64 -21.47
C ASP M 248 46.78 43.71 -22.67
N ALA M 249 46.36 42.47 -22.41
CA ALA M 249 46.38 41.40 -23.41
C ALA M 249 44.96 41.06 -23.85
N PHE M 250 44.84 40.53 -25.08
CA PHE M 250 43.59 39.93 -25.51
C PHE M 250 43.05 39.00 -24.41
N PRO M 251 41.74 39.08 -24.04
CA PRO M 251 40.70 39.80 -24.78
C PRO M 251 40.43 41.29 -24.51
N PHE M 252 41.32 41.96 -23.77
CA PHE M 252 41.27 43.41 -23.56
C PHE M 252 40.03 43.85 -22.79
N LEU M 253 39.38 42.91 -22.08
CA LEU M 253 38.13 43.18 -21.38
C LEU M 253 38.22 42.64 -19.95
N LYS M 254 37.46 43.26 -19.05
CA LYS M 254 37.57 42.99 -17.63
C LYS M 254 37.08 41.57 -17.34
N PRO M 255 37.95 40.68 -16.79
CA PRO M 255 37.55 39.29 -16.49
C PRO M 255 36.27 39.24 -15.66
N TYR M 256 35.33 38.40 -16.11
CA TYR M 256 34.11 38.03 -15.39
C TYR M 256 33.06 39.13 -15.46
N HIS M 257 33.45 40.32 -15.94
CA HIS M 257 32.58 41.50 -16.01
C HIS M 257 32.19 41.81 -17.46
N ASN M 258 33.20 41.87 -18.35
CA ASN M 258 32.98 42.13 -19.76
C ASN M 258 33.42 40.95 -20.63
N VAL M 259 33.92 39.88 -20.02
CA VAL M 259 34.17 38.63 -20.74
C VAL M 259 34.02 37.46 -19.77
N CYS M 260 33.25 36.45 -20.20
CA CYS M 260 33.22 35.16 -19.52
C CYS M 260 33.40 34.08 -20.59
N SER M 261 33.82 32.90 -20.12
CA SER M 261 34.16 31.84 -21.05
C SER M 261 34.08 30.48 -20.35
N ALA M 262 34.20 29.43 -21.17
CA ALA M 262 34.36 28.07 -20.69
C ALA M 262 34.75 27.17 -21.85
N ALA M 263 35.61 26.19 -21.56
CA ALA M 263 35.98 25.18 -22.52
C ALA M 263 35.24 23.90 -22.12
N VAL M 264 34.45 23.33 -23.04
CA VAL M 264 33.57 22.20 -22.74
C VAL M 264 33.70 21.13 -23.83
N ALA M 265 33.19 19.95 -23.53
CA ALA M 265 33.25 18.82 -24.45
C ALA M 265 32.04 18.84 -25.37
N ASP M 266 32.07 18.00 -26.41
CA ASP M 266 30.95 17.86 -27.35
C ASP M 266 29.71 17.30 -26.65
N TYR M 267 29.89 16.53 -25.56
CA TYR M 267 28.83 15.74 -24.95
C TYR M 267 28.78 16.01 -23.45
N THR M 268 27.55 16.13 -22.93
CA THR M 268 27.34 16.11 -21.50
C THR M 268 26.36 14.98 -21.15
N PRO M 269 26.60 14.30 -20.01
CA PRO M 269 25.61 13.36 -19.46
C PRO M 269 24.46 14.06 -18.71
N SER M 270 24.63 15.38 -18.44
CA SER M 270 23.66 16.13 -17.69
C SER M 270 22.74 16.85 -18.69
N ASN M 271 21.93 16.06 -19.41
CA ASN M 271 20.83 16.58 -20.21
C ASN M 271 19.55 16.40 -19.40
N ASN M 272 19.23 17.41 -18.58
CA ASN M 272 18.52 17.24 -17.33
C ASN M 272 17.06 16.83 -17.55
N LEU M 273 16.44 17.28 -18.65
CA LEU M 273 15.01 16.97 -18.83
C LEU M 273 14.85 15.48 -19.13
N ALA M 274 15.80 14.87 -19.86
CA ALA M 274 15.76 13.47 -20.25
C ALA M 274 16.35 12.55 -19.17
N ASN M 275 17.42 12.99 -18.49
CA ASN M 275 18.30 12.04 -17.83
C ASN M 275 18.09 11.97 -16.33
N TYR M 276 17.50 13.01 -15.69
CA TYR M 276 17.57 13.12 -14.23
C TYR M 276 16.68 12.07 -13.55
N ARG M 277 17.25 11.32 -12.57
CA ARG M 277 16.58 10.26 -11.83
C ARG M 277 16.71 10.45 -10.31
N GLY M 278 16.95 11.69 -9.88
CA GLY M 278 17.12 12.01 -8.47
C GLY M 278 18.59 12.11 -8.09
N TYR M 279 18.84 12.59 -6.85
CA TYR M 279 20.20 12.75 -6.33
C TYR M 279 20.62 11.45 -5.64
N ILE M 280 20.94 10.44 -6.46
CA ILE M 280 21.36 9.11 -6.02
C ILE M 280 22.84 9.17 -5.60
N THR M 281 23.12 8.67 -4.38
CA THR M 281 24.43 8.81 -3.77
C THR M 281 25.29 7.56 -3.96
N MET M 282 26.60 7.81 -4.08
CA MET M 282 27.60 6.77 -4.23
C MET M 282 27.62 5.93 -2.97
N ARG M 283 28.04 4.67 -3.11
CA ARG M 283 27.95 3.71 -2.02
C ARG M 283 29.33 3.48 -1.34
N ALA N 2 28.41 -26.52 -16.50
CA ALA N 2 27.26 -25.60 -16.65
C ALA N 2 27.40 -24.54 -15.56
N ASP N 3 27.43 -24.93 -14.26
CA ASP N 3 27.07 -24.03 -13.17
C ASP N 3 27.89 -22.74 -13.11
N PHE N 4 27.19 -21.62 -12.82
CA PHE N 4 27.80 -20.31 -12.69
C PHE N 4 27.54 -19.76 -11.29
N LYS N 5 28.59 -19.42 -10.55
CA LYS N 5 28.44 -19.06 -9.15
C LYS N 5 27.94 -17.62 -8.98
N PHE N 6 26.93 -17.47 -8.10
CA PHE N 6 26.45 -16.17 -7.66
C PHE N 6 27.54 -15.46 -6.87
N GLU N 7 28.12 -14.41 -7.46
CA GLU N 7 29.30 -13.76 -6.88
C GLU N 7 29.11 -12.25 -6.92
N PRO N 8 28.27 -11.68 -6.05
CA PRO N 8 28.01 -10.23 -6.08
C PRO N 8 29.18 -9.44 -5.54
N MET N 9 29.65 -8.53 -6.43
CA MET N 9 30.85 -7.73 -6.21
C MET N 9 30.70 -6.31 -6.77
N ARG N 10 31.54 -5.38 -6.26
CA ARG N 10 31.67 -4.03 -6.76
C ARG N 10 33.11 -3.89 -7.24
N SER N 11 33.30 -3.53 -8.53
CA SER N 11 34.61 -3.31 -9.13
C SER N 11 34.90 -1.82 -9.10
N LEU N 12 36.17 -1.44 -9.04
CA LEU N 12 36.58 -0.06 -9.25
C LEU N 12 37.79 -0.04 -10.19
N ILE N 13 37.74 0.82 -11.20
CA ILE N 13 38.86 1.01 -12.10
C ILE N 13 39.33 2.46 -11.96
N TYR N 14 40.65 2.62 -11.78
CA TYR N 14 41.22 3.94 -11.55
C TYR N 14 41.67 4.52 -12.89
N VAL N 15 40.83 5.35 -13.51
CA VAL N 15 41.10 5.87 -14.85
C VAL N 15 41.84 7.20 -14.75
N ASP N 16 43.13 7.17 -15.09
CA ASP N 16 43.96 8.37 -15.09
C ASP N 16 43.85 9.06 -16.45
N CYS N 17 44.35 10.30 -16.52
CA CYS N 17 44.55 11.05 -17.75
C CYS N 17 45.83 11.86 -17.62
N VAL N 18 46.89 11.46 -18.34
CA VAL N 18 48.25 11.87 -18.01
C VAL N 18 48.59 13.24 -18.60
N SER N 19 47.63 13.88 -19.26
CA SER N 19 47.88 15.16 -19.91
C SER N 19 46.56 15.79 -20.32
N GLU N 20 46.45 17.11 -20.16
CA GLU N 20 45.22 17.80 -20.50
C GLU N 20 44.91 17.75 -22.00
N ASP N 21 45.96 17.58 -22.80
CA ASP N 21 45.77 17.54 -24.24
C ASP N 21 45.08 16.24 -24.64
N TYR N 22 45.11 15.23 -23.77
CA TYR N 22 44.48 13.95 -24.02
C TYR N 22 43.04 13.90 -23.53
N ARG N 23 42.66 14.85 -22.67
CA ARG N 23 41.38 14.74 -21.97
C ARG N 23 40.22 14.70 -22.98
N PRO N 24 40.11 15.63 -23.95
CA PRO N 24 39.01 15.58 -24.91
C PRO N 24 38.81 14.22 -25.58
N LYS N 25 39.93 13.59 -25.95
CA LYS N 25 39.93 12.36 -26.74
C LYS N 25 39.58 11.15 -25.88
N LEU N 26 40.15 11.10 -24.67
CA LEU N 26 39.90 10.02 -23.73
C LEU N 26 38.44 10.10 -23.25
N GLN N 27 37.99 11.33 -22.95
CA GLN N 27 36.63 11.53 -22.48
C GLN N 27 35.64 11.10 -23.56
N ARG N 28 35.92 11.49 -24.81
CA ARG N 28 35.15 11.05 -25.97
C ARG N 28 35.07 9.52 -26.00
N TRP N 29 36.21 8.84 -25.93
CA TRP N 29 36.20 7.40 -26.05
C TRP N 29 35.27 6.82 -24.97
N ILE N 30 35.46 7.27 -23.74
CA ILE N 30 34.72 6.76 -22.61
C ILE N 30 33.22 6.87 -22.86
N TYR N 31 32.75 8.07 -23.25
CA TYR N 31 31.32 8.37 -23.27
C TYR N 31 30.69 7.98 -24.62
N LYS N 32 31.49 7.94 -25.70
CA LYS N 32 30.96 7.63 -27.02
C LYS N 32 31.03 6.13 -27.34
N VAL N 33 32.07 5.47 -26.81
CA VAL N 33 32.41 4.12 -27.24
C VAL N 33 32.36 3.12 -26.09
N ALA N 34 33.03 3.44 -24.97
CA ALA N 34 33.16 2.47 -23.89
C ALA N 34 31.79 2.09 -23.35
N ILE N 35 30.89 3.08 -23.21
CA ILE N 35 29.59 2.81 -22.62
C ILE N 35 28.80 1.81 -23.47
N PRO N 36 28.48 2.09 -24.75
CA PRO N 36 27.67 1.16 -25.54
C PRO N 36 28.32 -0.22 -25.75
N ASP N 37 29.63 -0.24 -26.03
CA ASP N 37 30.37 -1.51 -26.14
C ASP N 37 30.19 -2.32 -24.85
N SER N 38 30.27 -1.63 -23.69
CA SER N 38 30.17 -2.25 -22.37
C SER N 38 28.76 -2.83 -22.13
N ILE N 39 27.73 -2.01 -22.34
CA ILE N 39 26.35 -2.40 -22.04
C ILE N 39 25.93 -3.52 -22.99
N SER N 40 26.44 -3.44 -24.22
CA SER N 40 26.23 -4.49 -25.21
C SER N 40 26.68 -5.85 -24.67
N GLN N 41 27.67 -5.88 -23.77
CA GLN N 41 28.25 -7.14 -23.33
C GLN N 41 27.66 -7.64 -22.01
N PHE N 42 27.50 -6.75 -21.01
CA PHE N 42 27.29 -7.21 -19.64
C PHE N 42 25.93 -6.76 -19.08
N GLU N 43 25.05 -6.17 -19.90
CA GLU N 43 23.75 -5.71 -19.45
C GLU N 43 23.02 -6.77 -18.62
N PRO N 44 22.98 -8.06 -19.04
CA PRO N 44 22.22 -9.07 -18.32
C PRO N 44 22.74 -9.54 -16.95
N TYR N 45 24.00 -9.22 -16.62
CA TYR N 45 24.56 -9.67 -15.35
C TYR N 45 25.34 -8.57 -14.61
N VAL N 46 25.11 -7.32 -15.00
CA VAL N 46 25.60 -6.19 -14.22
C VAL N 46 24.40 -5.32 -13.87
N THR N 47 24.26 -5.01 -12.56
CA THR N 47 23.12 -4.28 -12.07
C THR N 47 23.39 -2.76 -12.04
N LYS N 48 24.66 -2.34 -12.04
CA LYS N 48 24.94 -0.91 -12.04
C LYS N 48 26.33 -0.63 -12.62
N TYR N 49 26.34 0.25 -13.62
CA TYR N 49 27.54 0.67 -14.32
C TYR N 49 27.56 2.19 -14.24
N ALA N 50 28.64 2.75 -13.66
CA ALA N 50 28.67 4.19 -13.43
C ALA N 50 30.10 4.73 -13.45
N PHE N 51 30.21 6.03 -13.78
CA PHE N 51 31.47 6.77 -13.80
C PHE N 51 31.40 7.93 -12.80
N TYR N 52 32.42 8.06 -11.95
CA TYR N 52 32.49 9.14 -10.99
C TYR N 52 33.67 10.04 -11.38
N PRO N 53 33.46 11.16 -12.11
CA PRO N 53 34.55 12.04 -12.56
C PRO N 53 35.31 12.52 -11.34
N SER N 54 36.64 12.49 -11.41
CA SER N 54 37.44 12.91 -10.28
C SER N 54 37.49 14.44 -10.27
N PHE N 55 37.43 15.02 -9.06
CA PHE N 55 37.70 16.43 -8.85
C PHE N 55 39.11 16.76 -9.32
N PRO N 56 39.43 18.07 -9.52
CA PRO N 56 40.77 18.50 -9.87
C PRO N 56 41.80 17.91 -8.93
N ILE N 57 42.91 17.43 -9.52
CA ILE N 57 43.97 16.83 -8.74
C ILE N 57 44.40 17.84 -7.67
N PRO N 58 44.38 17.49 -6.36
CA PRO N 58 44.81 18.40 -5.31
C PRO N 58 46.33 18.44 -5.24
N PRO N 59 46.90 19.47 -4.56
CA PRO N 59 48.35 19.51 -4.29
C PRO N 59 48.92 18.20 -3.75
N GLN N 60 49.93 17.69 -4.46
CA GLN N 60 50.66 16.48 -4.10
C GLN N 60 49.83 15.23 -4.34
N GLY N 61 48.70 15.35 -5.05
CA GLY N 61 47.88 14.20 -5.40
C GLY N 61 48.64 13.19 -6.27
N ASP N 62 49.55 13.71 -7.12
CA ASP N 62 50.41 12.91 -7.98
C ASP N 62 51.09 11.77 -7.19
N ARG N 63 51.38 12.01 -5.89
CA ARG N 63 52.08 11.05 -5.05
C ARG N 63 51.14 9.96 -4.52
N PHE N 64 49.82 10.10 -4.75
CA PHE N 64 48.80 9.14 -4.33
C PHE N 64 48.21 8.40 -5.54
N GLY N 65 48.91 8.48 -6.69
CA GLY N 65 48.42 7.85 -7.91
C GLY N 65 47.03 8.36 -8.31
N TYR N 66 46.86 9.68 -8.27
CA TYR N 66 45.55 10.29 -8.41
C TYR N 66 45.09 10.10 -9.85
N ALA N 67 43.94 9.42 -10.01
CA ALA N 67 43.32 9.23 -11.31
C ALA N 67 42.64 10.54 -11.74
N ARG N 68 43.24 11.20 -12.74
CA ARG N 68 42.82 12.51 -13.16
C ARG N 68 41.62 12.46 -14.12
N MET N 69 41.01 11.29 -14.33
CA MET N 69 39.85 11.26 -15.19
C MET N 69 38.60 10.88 -14.40
N GLN N 70 38.55 9.63 -13.90
CA GLN N 70 37.39 9.17 -13.17
C GLN N 70 37.68 7.85 -12.44
N LEU N 71 36.67 7.42 -11.66
CA LEU N 71 36.53 6.05 -11.20
C LEU N 71 35.48 5.38 -12.08
N THR N 72 35.70 4.09 -12.38
CA THR N 72 34.73 3.32 -13.13
C THR N 72 34.25 2.14 -12.28
N GLU N 73 32.92 2.14 -12.02
CA GLU N 73 32.30 1.36 -10.98
C GLU N 73 31.24 0.45 -11.59
N HIS N 74 31.53 -0.87 -11.53
CA HIS N 74 30.57 -1.89 -11.92
C HIS N 74 30.06 -2.65 -10.71
N HIS N 75 28.78 -3.07 -10.76
CA HIS N 75 28.25 -4.03 -9.79
C HIS N 75 27.86 -5.32 -10.50
N TRP N 76 28.60 -6.39 -10.16
CA TRP N 76 28.55 -7.67 -10.87
C TRP N 76 27.68 -8.65 -10.10
N LEU N 77 26.98 -9.53 -10.85
CA LEU N 77 26.34 -10.68 -10.24
C LEU N 77 27.21 -11.94 -10.36
N VAL N 78 28.21 -11.94 -11.27
CA VAL N 78 29.12 -13.06 -11.44
C VAL N 78 30.55 -12.54 -11.68
N SER N 79 31.54 -13.42 -11.46
CA SER N 79 32.95 -13.08 -11.65
C SER N 79 33.21 -12.86 -13.15
N ASP N 80 33.60 -11.63 -13.53
CA ASP N 80 33.87 -11.33 -14.93
C ASP N 80 35.14 -12.07 -15.40
N LEU N 81 35.90 -12.64 -14.46
CA LEU N 81 37.13 -13.36 -14.75
C LEU N 81 36.90 -14.86 -14.87
N ASP N 82 35.65 -15.33 -14.72
CA ASP N 82 35.33 -16.69 -15.12
C ASP N 82 35.77 -16.83 -16.58
N PRO N 83 36.61 -17.86 -16.91
CA PRO N 83 37.13 -18.05 -18.28
C PRO N 83 36.08 -18.14 -19.37
N ARG N 84 34.87 -18.60 -19.02
CA ARG N 84 33.81 -18.78 -19.99
C ARG N 84 33.26 -17.45 -20.49
N LEU N 85 33.55 -16.38 -19.72
CA LEU N 85 33.09 -15.04 -20.03
C LEU N 85 34.01 -14.34 -21.00
N GLU N 86 35.16 -14.96 -21.34
CA GLU N 86 36.07 -14.43 -22.34
C GLU N 86 35.44 -14.40 -23.74
N ILE N 87 34.40 -15.23 -23.99
CA ILE N 87 33.86 -15.28 -25.34
C ILE N 87 32.69 -14.28 -25.49
N LYS N 88 32.83 -13.42 -26.50
CA LYS N 88 31.86 -12.37 -26.79
C LYS N 88 31.56 -12.42 -28.29
N ALA N 89 30.29 -12.36 -28.66
CA ALA N 89 29.94 -12.26 -30.07
C ALA N 89 30.60 -11.02 -30.69
N ILE N 90 30.23 -9.85 -30.15
CA ILE N 90 30.86 -8.58 -30.51
C ILE N 90 31.88 -8.27 -29.43
N ALA N 91 33.10 -7.91 -29.88
CA ALA N 91 34.17 -7.43 -29.03
C ALA N 91 34.18 -5.89 -29.03
N GLU N 92 34.85 -5.36 -28.00
CA GLU N 92 34.92 -3.94 -27.65
C GLU N 92 35.92 -3.25 -28.58
N THR N 93 35.74 -1.93 -28.78
CA THR N 93 36.78 -1.11 -29.38
C THR N 93 37.59 -0.49 -28.25
N PHE N 94 38.87 -0.86 -28.17
CA PHE N 94 39.77 -0.45 -27.10
C PHE N 94 41.15 -0.17 -27.70
N PRO N 95 41.38 1.00 -28.36
CA PRO N 95 42.65 1.25 -29.03
C PRO N 95 43.84 1.34 -28.06
N MET N 96 45.03 1.05 -28.61
CA MET N 96 46.27 1.32 -27.90
C MET N 96 46.25 2.74 -27.31
N ASP N 97 45.68 3.71 -28.03
CA ASP N 97 45.76 5.12 -27.65
C ASP N 97 45.17 5.35 -26.25
N VAL N 98 44.13 4.59 -25.90
CA VAL N 98 43.49 4.76 -24.61
C VAL N 98 44.49 4.47 -23.50
N LEU N 99 45.38 3.51 -23.74
CA LEU N 99 46.40 3.13 -22.77
C LEU N 99 47.47 4.22 -22.65
N VAL N 100 47.73 4.93 -23.75
CA VAL N 100 48.66 6.05 -23.72
C VAL N 100 48.08 7.17 -22.85
N TRP N 101 46.79 7.43 -23.08
CA TRP N 101 46.07 8.53 -22.45
C TRP N 101 45.98 8.27 -20.95
N GLN N 102 45.74 7.01 -20.56
CA GLN N 102 45.55 6.64 -19.15
C GLN N 102 46.90 6.49 -18.46
N GLY N 103 47.95 6.22 -19.23
CA GLY N 103 49.31 6.19 -18.73
C GLY N 103 49.86 4.78 -18.53
N GLN N 104 49.06 3.77 -18.96
CA GLN N 104 49.53 2.40 -19.09
C GLN N 104 50.75 2.30 -20.00
N ILE N 105 50.86 3.18 -21.02
CA ILE N 105 51.98 3.24 -21.95
C ILE N 105 52.46 4.70 -22.06
N PRO N 106 53.76 4.97 -22.28
CA PRO N 106 54.26 6.36 -22.41
C PRO N 106 54.40 6.89 -23.85
N ALA N 107 54.89 8.14 -24.04
CA ALA N 107 55.60 8.49 -25.26
C ALA N 107 57.10 8.40 -24.94
N ALA N 131 59.39 7.60 -19.35
CA ALA N 131 59.39 6.46 -20.31
C ALA N 131 59.37 5.12 -19.54
N GLU N 132 58.46 4.97 -18.56
CA GLU N 132 57.98 3.71 -18.00
C GLU N 132 56.48 3.88 -17.69
N GLY N 133 55.64 2.86 -17.95
CA GLY N 133 54.19 3.02 -17.83
C GLY N 133 53.62 2.45 -16.53
N ASN N 134 52.30 2.44 -16.44
CA ASN N 134 51.59 2.25 -15.18
C ASN N 134 50.60 1.11 -15.31
N PRO N 135 50.43 0.25 -14.28
CA PRO N 135 49.57 -0.92 -14.43
C PRO N 135 48.13 -0.45 -14.47
N PHE N 136 47.25 -1.32 -14.98
CA PHE N 136 45.82 -1.07 -15.03
C PHE N 136 45.15 -1.60 -13.75
N ILE N 137 44.73 -0.70 -12.86
CA ILE N 137 44.25 -1.12 -11.56
C ILE N 137 42.74 -1.31 -11.57
N PHE N 138 42.35 -2.58 -11.40
CA PHE N 138 40.97 -3.05 -11.46
C PHE N 138 40.69 -3.87 -10.20
N ALA N 139 40.11 -3.24 -9.17
CA ALA N 139 39.97 -3.86 -7.85
C ALA N 139 38.57 -4.42 -7.66
N PHE N 140 38.48 -5.72 -7.32
CA PHE N 140 37.18 -6.28 -6.99
C PHE N 140 36.90 -6.25 -5.48
N LEU N 141 35.66 -5.92 -5.09
CA LEU N 141 35.28 -5.76 -3.71
C LEU N 141 33.96 -6.47 -3.43
N PRO N 142 33.63 -6.76 -2.16
CA PRO N 142 32.28 -7.14 -1.78
C PRO N 142 31.43 -5.89 -1.95
N MET N 143 30.13 -6.08 -2.22
CA MET N 143 29.30 -4.91 -2.54
C MET N 143 29.17 -3.93 -1.37
N TRP N 144 29.41 -4.41 -0.12
CA TRP N 144 29.30 -3.60 1.09
C TRP N 144 30.66 -3.51 1.80
N TRP N 145 30.92 -2.34 2.35
CA TRP N 145 32.15 -2.08 3.06
C TRP N 145 32.26 -3.06 4.23
N GLU N 146 33.48 -3.54 4.45
CA GLU N 146 33.76 -4.54 5.46
C GLU N 146 34.00 -3.87 6.81
N LYS N 147 34.68 -2.71 6.82
CA LYS N 147 34.98 -2.02 8.06
C LYS N 147 34.50 -0.57 7.98
N ASP N 148 33.79 -0.16 9.03
CA ASP N 148 33.32 1.21 9.19
C ASP N 148 34.03 1.80 10.41
N LEU N 149 35.02 2.64 10.17
CA LEU N 149 35.98 3.01 11.18
C LEU N 149 35.79 4.44 11.66
N LYS N 150 34.88 5.19 11.01
CA LYS N 150 34.57 6.53 11.49
C LYS N 150 33.38 7.07 10.72
N GLY N 151 32.49 7.73 11.46
CA GLY N 151 31.45 8.53 10.86
C GLY N 151 30.18 7.73 10.57
N LYS N 152 30.10 6.51 11.11
CA LYS N 152 28.89 5.70 11.05
C LYS N 152 27.64 6.54 11.31
N GLY N 153 26.59 6.30 10.51
CA GLY N 153 25.31 6.95 10.70
C GLY N 153 25.19 8.27 9.94
N ARG N 154 26.28 8.73 9.31
CA ARG N 154 26.27 9.97 8.55
C ARG N 154 25.31 9.85 7.37
N THR N 155 24.50 10.91 7.18
CA THR N 155 23.54 10.99 6.09
C THR N 155 23.97 12.03 5.05
N ILE N 156 23.14 12.11 4.01
CA ILE N 156 23.41 13.07 2.96
C ILE N 156 23.11 14.48 3.47
N GLU N 157 22.12 14.62 4.38
CA GLU N 157 21.78 15.92 4.94
C GLU N 157 22.93 16.48 5.78
N ASP N 158 23.88 15.64 6.21
CA ASP N 158 24.98 16.14 7.03
C ASP N 158 25.93 17.00 6.20
N GLY N 159 25.80 16.99 4.86
CA GLY N 159 26.57 17.88 4.02
C GLY N 159 27.29 17.13 2.89
N ALA N 160 27.83 17.97 1.96
CA ALA N 160 28.54 17.56 0.77
C ALA N 160 29.94 17.05 1.11
N ASN N 161 30.28 15.89 0.54
CA ASN N 161 31.43 15.10 0.93
C ASN N 161 32.50 15.17 -0.17
N TYR N 162 33.76 15.45 0.21
CA TYR N 162 34.94 15.30 -0.65
C TYR N 162 35.46 13.88 -0.40
N ARG N 163 35.04 12.94 -1.27
CA ARG N 163 35.21 11.51 -1.02
C ARG N 163 36.52 11.06 -1.64
N PHE N 164 37.55 10.85 -0.80
CA PHE N 164 38.85 10.42 -1.27
C PHE N 164 38.94 8.89 -1.24
N ASN N 165 38.79 8.29 -2.43
CA ASN N 165 38.88 6.85 -2.58
C ASN N 165 40.32 6.50 -2.91
N MET N 166 40.91 5.61 -2.11
CA MET N 166 42.31 5.29 -2.28
C MET N 166 42.49 3.80 -2.09
N THR N 167 43.19 3.15 -3.03
CA THR N 167 43.54 1.74 -2.93
C THR N 167 45.06 1.63 -2.79
N ILE N 168 45.51 0.63 -2.03
CA ILE N 168 46.93 0.43 -1.76
C ILE N 168 47.25 -1.06 -1.78
N GLY N 169 48.48 -1.37 -2.23
CA GLY N 169 49.02 -2.72 -2.19
C GLY N 169 50.46 -2.69 -1.74
N PHE N 170 50.79 -3.54 -0.76
CA PHE N 170 52.10 -3.50 -0.14
C PHE N 170 53.13 -4.07 -1.09
N PRO N 171 54.36 -3.50 -1.14
CA PRO N 171 55.38 -3.92 -2.11
C PRO N 171 55.64 -5.40 -2.01
N GLU N 172 56.29 -5.94 -3.04
CA GLU N 172 56.50 -7.38 -3.09
C GLU N 172 57.44 -7.80 -1.97
N GLY N 173 57.13 -8.97 -1.37
CA GLY N 173 57.88 -9.51 -0.24
C GLY N 173 57.64 -8.79 1.09
N VAL N 174 56.56 -8.00 1.21
CA VAL N 174 56.11 -7.47 2.50
C VAL N 174 54.93 -8.30 3.00
N ASP N 175 55.06 -8.82 4.23
CA ASP N 175 54.04 -9.68 4.81
C ASP N 175 52.74 -8.87 4.89
N LYS N 176 51.63 -9.47 4.45
CA LYS N 176 50.35 -8.78 4.33
C LYS N 176 49.77 -8.45 5.70
N ALA N 177 49.92 -9.39 6.64
CA ALA N 177 49.47 -9.23 8.01
C ALA N 177 50.17 -8.03 8.64
N GLU N 178 51.45 -7.85 8.32
CA GLU N 178 52.27 -6.79 8.87
C GLU N 178 51.86 -5.43 8.29
N GLY N 179 51.53 -5.42 6.99
CA GLY N 179 51.01 -4.22 6.34
C GLY N 179 49.64 -3.80 6.89
N GLU N 180 48.74 -4.78 7.03
CA GLU N 180 47.45 -4.59 7.69
C GLU N 180 47.66 -3.94 9.06
N LYS N 181 48.57 -4.49 9.87
CA LYS N 181 48.84 -4.02 11.22
C LYS N 181 49.31 -2.56 11.17
N TRP N 182 50.20 -2.23 10.24
CA TRP N 182 50.65 -0.86 10.05
C TRP N 182 49.46 0.07 9.77
N LEU N 183 48.66 -0.33 8.77
CA LEU N 183 47.55 0.48 8.31
C LEU N 183 46.60 0.82 9.47
N PHE N 184 46.19 -0.19 10.24
CA PHE N 184 45.12 -0.04 11.21
C PHE N 184 45.62 0.50 12.55
N GLU N 185 46.91 0.29 12.85
CA GLU N 185 47.46 0.69 14.13
C GLU N 185 48.14 2.08 14.03
N LYS N 186 48.69 2.43 12.84
CA LYS N 186 49.42 3.68 12.71
C LYS N 186 48.65 4.73 11.90
N VAL N 187 48.11 4.31 10.75
CA VAL N 187 47.53 5.25 9.78
C VAL N 187 46.13 5.68 10.23
N VAL N 188 45.25 4.70 10.41
CA VAL N 188 43.84 4.94 10.70
C VAL N 188 43.66 5.86 11.89
N PRO N 189 44.38 5.65 13.04
CA PRO N 189 44.20 6.54 14.19
C PRO N 189 44.41 8.04 13.91
N ILE N 190 45.23 8.36 12.88
CA ILE N 190 45.46 9.75 12.52
C ILE N 190 44.21 10.32 11.86
N LEU N 191 43.54 9.46 11.07
CA LEU N 191 42.30 9.79 10.42
C LEU N 191 41.21 10.01 11.45
N GLN N 192 41.19 9.12 12.47
CA GLN N 192 40.18 9.18 13.51
C GLN N 192 40.38 10.42 14.39
N ALA N 193 41.64 10.85 14.55
CA ALA N 193 41.97 12.01 15.39
C ALA N 193 41.54 13.30 14.70
N ALA N 194 41.62 13.33 13.36
CA ALA N 194 41.42 14.54 12.60
C ALA N 194 39.94 14.91 12.50
N PRO N 195 39.50 16.05 13.12
CA PRO N 195 38.12 16.51 12.93
C PRO N 195 37.80 16.87 11.48
N GLU N 196 38.85 17.11 10.63
CA GLU N 196 38.62 17.45 9.23
C GLU N 196 38.10 16.25 8.41
N CYS N 197 38.26 15.05 8.98
CA CYS N 197 37.92 13.79 8.34
C CYS N 197 36.59 13.27 8.89
N THR N 198 35.56 13.21 8.02
CA THR N 198 34.18 12.97 8.42
C THR N 198 33.81 11.50 8.34
N ARG N 199 34.64 10.67 7.67
CA ARG N 199 34.26 9.29 7.39
C ARG N 199 35.50 8.48 7.02
N VAL N 200 35.53 7.22 7.47
CA VAL N 200 36.55 6.27 7.07
C VAL N 200 35.93 4.88 6.87
N LEU N 201 36.18 4.31 5.69
CA LEU N 201 35.63 3.02 5.27
C LEU N 201 36.73 2.20 4.60
N ALA N 202 36.66 0.87 4.77
CA ALA N 202 37.68 0.00 4.19
C ALA N 202 37.09 -1.38 3.88
N SER N 203 37.49 -1.89 2.71
CA SER N 203 37.24 -3.26 2.32
C SER N 203 38.59 -3.85 1.91
N ALA N 204 38.76 -5.15 2.13
CA ALA N 204 39.93 -5.86 1.66
C ALA N 204 39.60 -6.34 0.22
N VAL N 205 40.59 -6.15 -0.66
CA VAL N 205 40.45 -6.45 -2.07
C VAL N 205 40.32 -7.96 -2.28
N LYS N 206 39.38 -8.40 -3.12
CA LYS N 206 39.32 -9.77 -3.62
C LYS N 206 40.45 -10.00 -4.65
N LYS N 207 41.49 -10.68 -4.12
CA LYS N 207 42.74 -10.90 -4.82
C LYS N 207 42.61 -12.17 -5.66
N ASP N 208 41.78 -13.08 -5.13
CA ASP N 208 41.44 -14.36 -5.73
C ASP N 208 40.72 -14.22 -7.08
N ILE N 209 40.38 -12.99 -7.53
CA ILE N 209 39.52 -12.84 -8.70
C ILE N 209 40.35 -12.58 -9.96
N ASN N 210 41.24 -11.56 -9.89
CA ASN N 210 41.99 -11.07 -11.05
C ASN N 210 43.44 -10.76 -10.70
N GLY N 211 43.94 -11.27 -9.56
CA GLY N 211 45.33 -11.05 -9.16
C GLY N 211 45.70 -9.56 -9.04
N CYS N 212 44.74 -8.72 -8.70
CA CYS N 212 44.99 -7.30 -8.50
C CYS N 212 46.05 -7.18 -7.41
N VAL N 213 47.05 -6.30 -7.62
CA VAL N 213 48.17 -6.17 -6.70
C VAL N 213 47.74 -5.45 -5.42
N MET N 214 46.58 -4.78 -5.44
CA MET N 214 46.16 -4.00 -4.30
C MET N 214 45.60 -4.91 -3.21
N ASP N 215 45.66 -4.44 -1.96
CA ASP N 215 45.25 -5.20 -0.79
C ASP N 215 44.02 -4.58 -0.11
N TRP N 216 43.96 -3.25 -0.08
CA TRP N 216 42.88 -2.53 0.59
C TRP N 216 42.31 -1.47 -0.36
N VAL N 217 41.04 -1.16 -0.15
CA VAL N 217 40.44 0.04 -0.68
C VAL N 217 39.83 0.79 0.48
N LEU N 218 40.12 2.09 0.54
CA LEU N 218 39.57 2.94 1.57
C LEU N 218 38.89 4.14 0.92
N GLU N 219 37.84 4.61 1.61
CA GLU N 219 37.29 5.90 1.26
C GLU N 219 37.34 6.72 2.53
N ILE N 220 37.86 7.94 2.38
CA ILE N 220 38.16 8.82 3.48
C ILE N 220 37.56 10.17 3.13
N TRP N 221 36.54 10.61 3.86
CA TRP N 221 35.83 11.81 3.46
C TRP N 221 36.38 13.01 4.19
N PHE N 222 36.35 14.16 3.48
CA PHE N 222 36.66 15.45 4.04
C PHE N 222 35.53 16.39 3.65
N GLU N 223 35.67 17.64 4.11
CA GLU N 223 34.74 18.68 3.72
C GLU N 223 35.15 19.23 2.35
N ASN N 224 36.46 19.26 2.09
CA ASN N 224 37.05 19.94 0.94
C ASN N 224 38.53 19.55 0.79
N GLN N 225 39.11 20.04 -0.31
CA GLN N 225 40.51 19.82 -0.66
C GLN N 225 41.47 20.18 0.48
N SER N 226 41.23 21.28 1.19
CA SER N 226 42.14 21.72 2.25
C SER N 226 42.14 20.74 3.42
N GLY N 227 40.93 20.26 3.79
CA GLY N 227 40.79 19.20 4.77
C GLY N 227 41.59 17.97 4.37
N TRP N 228 41.45 17.57 3.11
CA TRP N 228 42.22 16.46 2.57
C TRP N 228 43.72 16.68 2.79
N TYR N 229 44.19 17.87 2.40
CA TYR N 229 45.60 18.21 2.46
C TYR N 229 46.10 18.16 3.90
N LYS N 230 45.37 18.88 4.78
CA LYS N 230 45.76 19.03 6.17
C LYS N 230 46.02 17.65 6.77
N VAL N 231 45.17 16.67 6.45
CA VAL N 231 45.25 15.36 7.08
C VAL N 231 46.24 14.46 6.34
N MET N 232 46.08 14.31 5.01
CA MET N 232 46.75 13.27 4.26
C MET N 232 48.20 13.66 3.95
N VAL N 233 48.52 14.94 4.11
CA VAL N 233 49.88 15.43 3.94
C VAL N 233 50.47 15.85 5.29
N ASP N 234 49.87 16.84 5.96
CA ASP N 234 50.45 17.46 7.16
C ASP N 234 50.35 16.53 8.37
N ASP N 235 49.16 16.08 8.76
CA ASP N 235 49.02 15.17 9.91
C ASP N 235 49.87 13.91 9.72
N MET N 236 50.07 13.50 8.44
CA MET N 236 50.71 12.22 8.12
C MET N 236 52.23 12.36 8.14
N LYS N 237 52.76 13.59 8.26
CA LYS N 237 54.21 13.77 8.38
C LYS N 237 54.69 13.12 9.66
N ALA N 238 53.79 13.10 10.67
CA ALA N 238 54.03 12.51 11.98
C ALA N 238 54.43 11.02 11.86
N LEU N 239 54.15 10.37 10.72
CA LEU N 239 54.32 8.93 10.62
C LEU N 239 55.79 8.56 10.44
N GLU N 240 56.16 7.52 11.19
CA GLU N 240 57.38 6.77 11.03
C GLU N 240 57.44 6.29 9.58
N LYS N 241 58.55 6.54 8.88
CA LYS N 241 58.72 6.03 7.53
C LYS N 241 59.03 4.52 7.55
N PRO N 242 58.16 3.62 7.07
CA PRO N 242 58.43 2.18 7.21
C PRO N 242 59.63 1.75 6.35
N SER N 243 60.17 0.58 6.70
CA SER N 243 61.39 0.07 6.09
C SER N 243 61.17 -0.28 4.62
N TRP N 244 59.93 -0.60 4.23
CA TRP N 244 59.61 -1.00 2.86
C TRP N 244 59.20 0.18 1.97
N ALA N 245 59.25 1.40 2.53
CA ALA N 245 58.72 2.59 1.87
C ALA N 245 59.28 2.72 0.46
N GLN N 246 58.41 3.06 -0.51
CA GLN N 246 58.83 3.30 -1.89
C GLN N 246 58.89 4.80 -2.21
N GLN N 247 58.56 5.68 -1.24
CA GLN N 247 58.77 7.12 -1.38
C GLN N 247 58.91 7.69 0.03
N ASP N 248 59.34 8.94 0.15
CA ASP N 248 59.75 9.46 1.45
C ASP N 248 58.51 9.71 2.32
N ALA N 249 57.42 10.16 1.69
CA ALA N 249 56.26 10.64 2.42
C ALA N 249 55.09 9.66 2.29
N PHE N 250 54.20 9.69 3.28
CA PHE N 250 52.91 9.01 3.16
C PHE N 250 52.29 9.31 1.80
N PRO N 251 51.79 8.31 1.03
CA PRO N 251 51.54 6.93 1.51
C PRO N 251 52.66 5.87 1.43
N PHE N 252 53.90 6.30 1.16
CA PHE N 252 55.08 5.43 1.23
C PHE N 252 55.04 4.32 0.17
N LEU N 253 54.21 4.51 -0.88
CA LEU N 253 54.02 3.50 -1.90
C LEU N 253 54.16 4.15 -3.28
N LYS N 254 54.55 3.34 -4.26
CA LYS N 254 54.89 3.85 -5.58
C LYS N 254 53.63 4.37 -6.28
N PRO N 255 53.59 5.68 -6.63
CA PRO N 255 52.41 6.25 -7.31
C PRO N 255 51.99 5.44 -8.53
N TYR N 256 50.69 5.13 -8.59
CA TYR N 256 50.01 4.54 -9.75
C TYR N 256 50.32 3.04 -9.87
N HIS N 257 51.27 2.54 -9.05
CA HIS N 257 51.70 1.15 -9.08
C HIS N 257 51.23 0.40 -7.83
N ASN N 258 51.50 0.98 -6.65
CA ASN N 258 51.09 0.41 -5.38
C ASN N 258 50.09 1.31 -4.64
N VAL N 259 49.74 2.46 -5.22
CA VAL N 259 48.66 3.28 -4.71
C VAL N 259 47.99 4.02 -5.87
N CYS N 260 46.66 3.97 -5.93
CA CYS N 260 45.87 4.84 -6.80
C CYS N 260 44.75 5.45 -5.96
N SER N 261 44.21 6.56 -6.44
CA SER N 261 43.25 7.31 -5.66
C SER N 261 42.40 8.17 -6.59
N ALA N 262 41.35 8.76 -5.99
CA ALA N 262 40.52 9.77 -6.64
C ALA N 262 39.62 10.43 -5.59
N ALA N 263 39.40 11.73 -5.75
CA ALA N 263 38.47 12.45 -4.92
C ALA N 263 37.23 12.72 -5.77
N VAL N 264 36.05 12.28 -5.31
CA VAL N 264 34.82 12.33 -6.11
C VAL N 264 33.66 12.87 -5.27
N ALA N 265 32.58 13.23 -5.96
CA ALA N 265 31.41 13.80 -5.30
C ALA N 265 30.48 12.68 -4.87
N ASP N 266 29.47 13.01 -4.05
CA ASP N 266 28.46 12.05 -3.60
C ASP N 266 27.61 11.55 -4.78
N TYR N 267 27.51 12.34 -5.87
CA TYR N 267 26.57 12.08 -6.96
C TYR N 267 27.30 12.13 -8.30
N THR N 268 26.94 11.20 -9.18
CA THR N 268 27.31 11.30 -10.59
C THR N 268 26.05 11.28 -11.45
N PRO N 269 26.03 12.08 -12.54
CA PRO N 269 24.97 11.97 -13.56
C PRO N 269 25.19 10.79 -14.52
N SER N 270 26.39 10.20 -14.48
CA SER N 270 26.75 9.12 -15.38
C SER N 270 26.49 7.79 -14.68
N ASN N 271 25.19 7.50 -14.45
CA ASN N 271 24.74 6.18 -14.02
C ASN N 271 24.24 5.46 -15.27
N ASN N 272 25.16 4.75 -15.93
CA ASN N 272 25.09 4.53 -17.36
C ASN N 272 23.94 3.60 -17.75
N LEU N 273 23.57 2.65 -16.88
CA LEU N 273 22.54 1.70 -17.27
C LEU N 273 21.19 2.41 -17.35
N ALA N 274 20.95 3.40 -16.45
CA ALA N 274 19.70 4.14 -16.40
C ALA N 274 19.69 5.35 -17.35
N ASN N 275 20.82 6.04 -17.50
CA ASN N 275 20.79 7.42 -17.96
C ASN N 275 21.19 7.57 -19.42
N TYR N 276 21.93 6.61 -20.02
CA TYR N 276 22.53 6.81 -21.33
C TYR N 276 21.48 6.85 -22.45
N ARG N 277 21.52 7.90 -23.30
CA ARG N 277 20.59 8.12 -24.42
C ARG N 277 21.36 8.42 -25.72
N GLY N 278 22.61 7.94 -25.81
CA GLY N 278 23.42 8.11 -27.00
C GLY N 278 24.41 9.25 -26.84
N TYR N 279 25.35 9.38 -27.81
CA TYR N 279 26.36 10.42 -27.80
C TYR N 279 25.84 11.67 -28.51
N ILE N 280 24.93 12.38 -27.83
CA ILE N 280 24.27 13.59 -28.34
C ILE N 280 25.22 14.77 -28.19
N THR N 281 25.41 15.52 -29.27
CA THR N 281 26.41 16.59 -29.35
C THR N 281 25.79 17.97 -29.10
N MET N 282 26.59 18.84 -28.48
CA MET N 282 26.19 20.20 -28.13
C MET N 282 25.95 20.96 -29.43
N ARG N 283 25.10 21.99 -29.33
CA ARG N 283 24.70 22.72 -30.54
C ARG N 283 25.44 24.05 -30.71
N ALA O 2 -9.01 38.22 52.05
CA ALA O 2 -7.85 37.33 52.26
C ALA O 2 -7.37 36.92 50.87
N ASP O 3 -8.24 36.27 50.07
CA ASP O 3 -7.79 35.40 48.97
C ASP O 3 -6.96 36.14 47.92
N PHE O 4 -5.92 35.44 47.42
CA PHE O 4 -5.00 35.95 46.41
C PHE O 4 -5.07 35.07 45.18
N LYS O 5 -5.33 35.65 44.01
CA LYS O 5 -5.54 34.88 42.81
C LYS O 5 -4.23 34.35 42.20
N PHE O 6 -4.21 33.04 41.90
CA PHE O 6 -3.12 32.43 41.15
C PHE O 6 -3.16 32.97 39.72
N GLU O 7 -2.17 33.81 39.37
CA GLU O 7 -2.21 34.54 38.12
C GLU O 7 -0.82 34.46 37.47
N PRO O 8 -0.44 33.31 36.88
CA PRO O 8 0.87 33.18 36.28
C PRO O 8 0.97 33.95 34.97
N MET O 9 1.99 34.83 34.96
CA MET O 9 2.24 35.78 33.88
C MET O 9 3.74 36.01 33.65
N ARG O 10 4.08 36.49 32.44
CA ARG O 10 5.42 36.94 32.07
C ARG O 10 5.32 38.42 31.76
N SER O 11 6.11 39.26 32.46
CA SER O 11 6.16 40.70 32.22
C SER O 11 7.35 40.98 31.33
N LEU O 12 7.28 42.06 30.54
CA LEU O 12 8.45 42.57 29.83
C LEU O 12 8.50 44.09 30.00
N ILE O 13 9.67 44.60 30.36
CA ILE O 13 9.88 46.04 30.46
C ILE O 13 10.94 46.44 29.44
N TYR O 14 10.62 47.49 28.66
CA TYR O 14 11.49 47.91 27.57
C TYR O 14 12.42 49.01 28.08
N VAL O 15 13.65 48.64 28.49
CA VAL O 15 14.56 49.58 29.11
C VAL O 15 15.46 50.22 28.04
N ASP O 16 15.20 51.50 27.76
CA ASP O 16 15.99 52.25 26.81
C ASP O 16 17.19 52.90 27.53
N CYS O 17 18.15 53.40 26.74
CA CYS O 17 19.24 54.25 27.20
C CYS O 17 19.52 55.31 26.14
N VAL O 18 19.15 56.57 26.42
CA VAL O 18 18.98 57.59 25.39
C VAL O 18 20.31 58.22 25.00
N SER O 19 21.42 57.77 25.59
CA SER O 19 22.72 58.38 25.32
C SER O 19 23.82 57.48 25.86
N GLU O 20 24.91 57.34 25.11
CA GLU O 20 26.02 56.50 25.55
C GLU O 20 26.69 57.05 26.81
N ASP O 21 26.57 58.35 27.04
CA ASP O 21 27.18 58.93 28.22
C ASP O 21 26.44 58.50 29.49
N TYR O 22 25.20 58.03 29.33
CA TYR O 22 24.38 57.57 30.44
C TYR O 22 24.57 56.07 30.72
N ARG O 23 25.13 55.34 29.75
CA ARG O 23 25.15 53.89 29.82
C ARG O 23 25.84 53.41 31.10
N PRO O 24 27.09 53.86 31.41
CA PRO O 24 27.78 53.39 32.62
C PRO O 24 26.92 53.50 33.88
N LYS O 25 26.21 54.63 34.01
CA LYS O 25 25.47 54.98 35.22
C LYS O 25 24.17 54.18 35.34
N LEU O 26 23.47 54.04 34.21
CA LEU O 26 22.22 53.29 34.17
C LEU O 26 22.52 51.81 34.38
N GLN O 27 23.58 51.32 33.73
CA GLN O 27 23.95 49.92 33.84
C GLN O 27 24.32 49.59 35.28
N ARG O 28 25.09 50.50 35.90
CA ARG O 28 25.42 50.40 37.31
C ARG O 28 24.16 50.27 38.16
N TRP O 29 23.21 51.20 37.98
CA TRP O 29 22.01 51.18 38.81
C TRP O 29 21.34 49.81 38.69
N ILE O 30 21.16 49.36 37.45
CA ILE O 30 20.44 48.13 37.17
C ILE O 30 21.08 46.97 37.93
N TYR O 31 22.42 46.82 37.80
CA TYR O 31 23.09 45.60 38.27
C TYR O 31 23.51 45.73 39.75
N LYS O 32 23.69 46.96 40.25
CA LYS O 32 24.14 47.17 41.61
C LYS O 32 22.96 47.35 42.58
N VAL O 33 21.87 47.94 42.10
CA VAL O 33 20.79 48.41 42.96
C VAL O 33 19.46 47.72 42.61
N ALA O 34 19.07 47.74 41.33
CA ALA O 34 17.76 47.26 40.95
C ALA O 34 17.58 45.78 41.33
N ILE O 35 18.64 44.99 41.12
CA ILE O 35 18.55 43.56 41.36
C ILE O 35 18.25 43.28 42.84
N PRO O 36 19.13 43.66 43.80
CA PRO O 36 18.90 43.34 45.20
C PRO O 36 17.61 43.94 45.78
N ASP O 37 17.32 45.21 45.46
CA ASP O 37 16.07 45.84 45.86
C ASP O 37 14.87 44.99 45.38
N SER O 38 14.97 44.49 44.13
CA SER O 38 13.90 43.71 43.50
C SER O 38 13.71 42.36 44.20
N ILE O 39 14.81 41.61 44.39
CA ILE O 39 14.74 40.27 44.94
C ILE O 39 14.30 40.34 46.40
N SER O 40 14.73 41.41 47.07
CA SER O 40 14.30 41.69 48.43
C SER O 40 12.77 41.74 48.52
N GLN O 41 12.08 42.13 47.43
CA GLN O 41 10.65 42.35 47.50
C GLN O 41 9.83 41.14 47.01
N PHE O 42 10.22 40.52 45.89
CA PHE O 42 9.34 39.61 45.19
C PHE O 42 9.86 38.17 45.13
N GLU O 43 10.97 37.88 45.83
CA GLU O 43 11.55 36.55 45.83
C GLU O 43 10.49 35.46 46.02
N PRO O 44 9.56 35.58 46.99
CA PRO O 44 8.61 34.50 47.28
C PRO O 44 7.50 34.23 46.26
N TYR O 45 7.27 35.16 45.32
CA TYR O 45 6.19 34.98 44.35
C TYR O 45 6.62 35.32 42.92
N VAL O 46 7.92 35.38 42.67
CA VAL O 46 8.43 35.46 41.32
C VAL O 46 9.39 34.28 41.13
N THR O 47 9.14 33.50 40.06
CA THR O 47 9.91 32.29 39.79
C THR O 47 11.11 32.58 38.88
N LYS O 48 11.11 33.69 38.14
CA LYS O 48 12.25 33.99 37.29
C LYS O 48 12.35 35.49 36.98
N TYR O 49 13.53 36.03 37.28
CA TYR O 49 13.82 37.44 37.08
C TYR O 49 15.10 37.49 36.25
N ALA O 50 15.03 38.14 35.08
CA ALA O 50 16.15 38.12 34.16
C ALA O 50 16.20 39.39 33.31
N PHE O 51 17.42 39.70 32.85
CA PHE O 51 17.70 40.82 31.96
C PHE O 51 18.29 40.31 30.65
N TYR O 52 17.75 40.75 29.52
CA TYR O 52 18.27 40.37 28.21
C TYR O 52 18.86 41.62 27.56
N PRO O 53 20.20 41.85 27.63
CA PRO O 53 20.83 43.04 27.04
C PRO O 53 20.51 43.07 25.56
N SER O 54 20.12 44.26 25.07
CA SER O 54 19.78 44.37 23.66
C SER O 54 21.06 44.44 22.83
N PHE O 55 21.06 43.81 21.67
CA PHE O 55 22.11 43.97 20.69
C PHE O 55 22.18 45.43 20.25
N PRO O 56 23.29 45.87 19.62
CA PRO O 56 23.43 47.24 19.13
C PRO O 56 22.23 47.62 18.26
N ILE O 57 21.75 48.84 18.48
CA ILE O 57 20.59 49.31 17.74
C ILE O 57 20.87 49.19 16.24
N PRO O 58 20.03 48.47 15.46
CA PRO O 58 20.25 48.32 14.03
C PRO O 58 19.81 49.60 13.29
N PRO O 59 20.23 49.79 12.02
CA PRO O 59 19.73 50.88 11.19
C PRO O 59 18.21 51.05 11.21
N GLN O 60 17.76 52.25 11.57
CA GLN O 60 16.36 52.65 11.61
C GLN O 60 15.62 52.00 12.80
N GLY O 61 16.38 51.41 13.74
CA GLY O 61 15.77 50.85 14.94
C GLY O 61 15.06 51.91 15.78
N ASP O 62 15.60 53.14 15.78
CA ASP O 62 15.01 54.30 16.45
C ASP O 62 13.51 54.42 16.16
N ARG O 63 13.07 54.01 14.94
CA ARG O 63 11.69 54.14 14.50
C ARG O 63 10.79 53.03 15.08
N PHE O 64 11.41 52.02 15.74
CA PHE O 64 10.70 50.90 16.35
C PHE O 64 10.76 50.99 17.88
N GLY O 65 11.11 52.17 18.40
CA GLY O 65 11.22 52.35 19.84
C GLY O 65 12.23 51.39 20.48
N TYR O 66 13.40 51.28 19.83
CA TYR O 66 14.36 50.24 20.17
C TYR O 66 14.95 50.58 21.54
N ALA O 67 14.78 49.65 22.50
CA ALA O 67 15.36 49.78 23.82
C ALA O 67 16.85 49.48 23.76
N ARG O 68 17.66 50.54 23.92
CA ARG O 68 19.10 50.46 23.75
C ARG O 68 19.79 49.93 25.00
N MET O 69 19.05 49.47 26.01
CA MET O 69 19.74 48.91 27.18
C MET O 69 19.42 47.41 27.30
N GLN O 70 18.15 47.07 27.58
CA GLN O 70 17.79 45.66 27.76
C GLN O 70 16.27 45.49 27.76
N LEU O 71 15.86 44.22 27.81
CA LEU O 71 14.53 43.81 28.24
C LEU O 71 14.61 43.33 29.68
N THR O 72 13.57 43.62 30.47
CA THR O 72 13.50 43.14 31.83
C THR O 72 12.28 42.24 31.99
N GLU O 73 12.56 40.97 32.35
CA GLU O 73 11.64 39.85 32.23
C GLU O 73 11.40 39.23 33.60
N HIS O 74 10.17 39.38 34.10
CA HIS O 74 9.74 38.72 35.31
C HIS O 74 8.73 37.63 35.01
N HIS O 75 8.74 36.54 35.79
CA HIS O 75 7.68 35.55 35.78
C HIS O 75 6.98 35.55 37.14
N TRP O 76 5.70 35.96 37.13
CA TRP O 76 4.92 36.23 38.31
C TRP O 76 4.00 35.05 38.61
N LEU O 77 3.76 34.78 39.90
CA LEU O 77 2.70 33.87 40.31
C LEU O 77 1.43 34.63 40.69
N VAL O 78 1.53 35.95 40.95
CA VAL O 78 0.37 36.80 41.24
C VAL O 78 0.49 38.16 40.56
N SER O 79 -0.66 38.86 40.42
CA SER O 79 -0.69 40.19 39.82
C SER O 79 0.06 41.18 40.71
N ASP O 80 1.16 41.76 40.21
CA ASP O 80 1.93 42.74 40.99
C ASP O 80 1.14 44.03 41.18
N LEU O 81 0.01 44.17 40.45
CA LEU O 81 -0.84 45.36 40.53
C LEU O 81 -1.99 45.15 41.50
N ASP O 82 -2.10 43.98 42.14
CA ASP O 82 -3.01 43.83 43.27
C ASP O 82 -2.66 44.94 44.26
N PRO O 83 -3.63 45.77 44.70
CA PRO O 83 -3.38 46.90 45.60
C PRO O 83 -2.66 46.56 46.90
N ARG O 84 -2.84 45.30 47.37
CA ARG O 84 -2.27 44.87 48.64
C ARG O 84 -0.75 44.74 48.54
N LEU O 85 -0.26 44.65 47.28
CA LEU O 85 1.16 44.45 47.02
C LEU O 85 1.90 45.77 46.97
N GLU O 86 1.17 46.90 47.06
CA GLU O 86 1.79 48.22 47.14
C GLU O 86 2.58 48.39 48.43
N ILE O 87 2.30 47.62 49.48
CA ILE O 87 2.96 47.81 50.75
C ILE O 87 4.22 46.93 50.84
N LYS O 88 5.35 47.59 51.12
CA LYS O 88 6.65 46.96 51.18
C LYS O 88 7.35 47.43 52.45
N ALA O 89 7.95 46.52 53.21
CA ALA O 89 8.73 46.95 54.36
C ALA O 89 9.85 47.89 53.93
N ILE O 90 10.74 47.38 53.08
CA ILE O 90 11.79 48.15 52.43
C ILE O 90 11.29 48.49 51.03
N ALA O 91 11.41 49.79 50.70
CA ALA O 91 11.13 50.31 49.37
C ALA O 91 12.41 50.39 48.54
N GLU O 92 12.21 50.49 47.22
CA GLU O 92 13.25 50.44 46.19
C GLU O 92 13.95 51.79 46.12
N THR O 93 15.22 51.78 45.69
CA THR O 93 15.94 53.02 45.38
C THR O 93 15.83 53.23 43.87
N PHE O 94 15.13 54.30 43.48
CA PHE O 94 14.75 54.55 42.09
C PHE O 94 14.85 56.05 41.82
N PRO O 95 16.06 56.61 41.61
CA PRO O 95 16.22 58.05 41.39
C PRO O 95 15.50 58.57 40.15
N MET O 96 15.13 59.86 40.19
CA MET O 96 14.64 60.53 38.99
C MET O 96 15.61 60.30 37.83
N ASP O 97 16.91 60.25 38.10
CA ASP O 97 17.94 60.15 37.07
C ASP O 97 17.74 58.93 36.18
N VAL O 98 17.23 57.81 36.75
CA VAL O 98 17.03 56.61 35.98
C VAL O 98 16.02 56.89 34.87
N LEU O 99 15.03 57.73 35.17
CA LEU O 99 14.00 58.08 34.20
C LEU O 99 14.56 58.98 33.10
N VAL O 100 15.56 59.81 33.44
CA VAL O 100 16.23 60.63 32.45
C VAL O 100 16.99 59.74 31.47
N TRP O 101 17.70 58.76 32.06
CA TRP O 101 18.59 57.87 31.33
C TRP O 101 17.78 57.01 30.39
N GLN O 102 16.60 56.55 30.83
CA GLN O 102 15.75 55.65 30.06
C GLN O 102 14.93 56.44 29.04
N GLY O 103 14.71 57.73 29.32
CA GLY O 103 14.09 58.65 28.37
C GLY O 103 12.62 58.95 28.73
N GLN O 104 12.17 58.44 29.89
CA GLN O 104 10.91 58.84 30.49
C GLN O 104 10.85 60.35 30.71
N ILE O 105 11.98 61.00 30.99
CA ILE O 105 12.09 62.43 31.20
C ILE O 105 13.24 62.99 30.34
N PRO O 106 13.15 64.23 29.83
CA PRO O 106 14.27 64.85 29.08
C PRO O 106 15.21 65.75 29.90
N ALA O 107 15.96 66.71 29.31
CA ALA O 107 16.21 67.92 30.07
C ALA O 107 15.90 69.12 29.16
N GLU O 132 9.43 66.75 25.74
CA GLU O 132 8.43 65.69 26.03
C GLU O 132 9.17 64.34 26.06
N GLY O 133 8.84 63.52 27.07
CA GLY O 133 9.54 62.24 27.25
C GLY O 133 8.71 61.05 26.79
N ASN O 134 9.04 59.86 27.29
CA ASN O 134 8.56 58.61 26.73
C ASN O 134 7.94 57.78 27.85
N PRO O 135 6.81 57.07 27.60
CA PRO O 135 6.12 56.36 28.67
C PRO O 135 6.97 55.16 29.08
N PHE O 136 6.70 54.63 30.28
CA PHE O 136 7.34 53.44 30.78
C PHE O 136 6.54 52.19 30.39
N ILE O 137 7.05 51.41 29.43
CA ILE O 137 6.27 50.31 28.88
C ILE O 137 6.55 49.01 29.64
N PHE O 138 5.50 48.54 30.33
CA PHE O 138 5.53 47.36 31.19
C PHE O 138 4.37 46.45 30.78
N ALA O 139 4.65 45.44 29.95
CA ALA O 139 3.59 44.65 29.34
C ALA O 139 3.46 43.32 30.07
N PHE O 140 2.22 42.99 30.51
CA PHE O 140 2.00 41.68 31.09
C PHE O 140 1.44 40.71 30.07
N LEU O 141 1.92 39.44 30.12
CA LEU O 141 1.56 38.40 29.17
C LEU O 141 1.24 37.11 29.88
N PRO O 142 0.54 36.15 29.22
CA PRO O 142 0.46 34.78 29.73
C PRO O 142 1.86 34.20 29.58
N MET O 143 2.20 33.22 30.42
CA MET O 143 3.57 32.70 30.42
C MET O 143 3.94 32.02 29.10
N TRP O 144 2.94 31.58 28.31
CA TRP O 144 3.15 30.88 27.04
C TRP O 144 2.53 31.68 25.89
N TRP O 145 3.24 31.68 24.77
CA TRP O 145 2.80 32.38 23.59
C TRP O 145 1.43 31.83 23.16
N GLU O 146 0.57 32.75 22.74
CA GLU O 146 -0.81 32.43 22.38
C GLU O 146 -0.86 31.97 20.92
N LYS O 147 -0.08 32.61 20.05
CA LYS O 147 -0.09 32.25 18.63
C LYS O 147 1.35 31.93 18.17
N ASP O 148 1.47 30.79 17.49
CA ASP O 148 2.71 30.37 16.86
C ASP O 148 2.48 30.38 15.35
N LEU O 149 3.02 31.39 14.68
CA LEU O 149 2.61 31.73 13.33
C LEU O 149 3.72 31.37 12.32
N LYS O 150 4.90 30.94 12.80
CA LYS O 150 5.92 30.51 11.89
C LYS O 150 7.07 29.90 12.69
N GLY O 151 7.59 28.78 12.16
CA GLY O 151 8.84 28.23 12.66
C GLY O 151 8.64 27.25 13.81
N LYS O 152 7.39 26.84 14.04
CA LYS O 152 7.08 25.80 15.01
C LYS O 152 8.05 24.64 14.89
N GLY O 153 8.49 24.11 16.04
CA GLY O 153 9.36 22.93 16.08
C GLY O 153 10.84 23.28 16.05
N ARG O 154 11.17 24.57 15.86
CA ARG O 154 12.55 25.01 15.84
C ARG O 154 13.19 24.79 17.20
N THR O 155 14.43 24.24 17.18
CA THR O 155 15.21 23.97 18.38
C THR O 155 16.42 24.92 18.46
N ILE O 156 17.15 24.73 19.56
CA ILE O 156 18.34 25.54 19.75
C ILE O 156 19.43 25.08 18.78
N GLU O 157 19.45 23.76 18.46
CA GLU O 157 20.44 23.22 17.53
C GLU O 157 20.27 23.81 16.13
N ASP O 158 19.09 24.39 15.81
CA ASP O 158 18.88 24.92 14.48
C ASP O 158 19.71 26.20 14.26
N GLY O 159 20.29 26.75 15.33
CA GLY O 159 21.20 27.88 15.19
C GLY O 159 20.81 29.07 16.08
N ALA O 160 21.76 30.03 16.10
CA ALA O 160 21.70 31.25 16.88
C ALA O 160 20.71 32.25 16.27
N ASN O 161 19.83 32.79 17.13
CA ASN O 161 18.66 33.55 16.73
C ASN O 161 18.88 35.04 17.05
N TYR O 162 18.57 35.93 16.08
CA TYR O 162 18.44 37.37 16.31
C TYR O 162 16.98 37.63 16.63
N ARG O 163 16.68 37.68 17.93
CA ARG O 163 15.31 37.64 18.41
C ARG O 163 14.77 39.06 18.56
N PHE O 164 13.95 39.50 17.61
CA PHE O 164 13.40 40.84 17.62
C PHE O 164 12.04 40.85 18.34
N ASN O 165 12.07 41.31 19.60
CA ASN O 165 10.87 41.41 20.40
C ASN O 165 10.28 42.81 20.23
N MET O 166 9.02 42.86 19.83
CA MET O 166 8.41 44.15 19.53
C MET O 166 6.98 44.13 20.07
N THR O 167 6.63 45.19 20.80
CA THR O 167 5.27 45.39 21.29
C THR O 167 4.68 46.62 20.60
N ILE O 168 3.37 46.58 20.34
CA ILE O 168 2.68 47.67 19.65
C ILE O 168 1.31 47.89 20.29
N GLY O 169 0.88 49.15 20.26
CA GLY O 169 -0.45 49.53 20.70
C GLY O 169 -1.04 50.57 19.77
N PHE O 170 -2.27 50.32 19.35
CA PHE O 170 -2.89 51.12 18.29
C PHE O 170 -3.28 52.47 18.87
N PRO O 171 -3.13 53.57 18.08
CA PRO O 171 -3.36 54.93 18.59
C PRO O 171 -4.75 55.05 19.16
N GLU O 172 -4.96 56.14 19.93
CA GLU O 172 -6.23 56.32 20.60
C GLU O 172 -7.33 56.52 19.56
N GLY O 173 -8.50 55.93 19.85
CA GLY O 173 -9.66 55.97 18.97
C GLY O 173 -9.55 55.08 17.73
N VAL O 174 -8.62 54.11 17.70
CA VAL O 174 -8.56 53.08 16.67
C VAL O 174 -9.15 51.78 17.24
N ASP O 175 -10.15 51.25 16.54
CA ASP O 175 -10.85 50.05 16.97
C ASP O 175 -9.82 48.91 17.03
N LYS O 176 -9.83 48.16 18.12
CA LYS O 176 -8.79 47.15 18.40
C LYS O 176 -8.95 45.96 17.45
N ALA O 177 -10.19 45.57 17.17
CA ALA O 177 -10.49 44.49 16.24
C ALA O 177 -9.95 44.82 14.86
N GLU O 178 -10.03 46.10 14.48
CA GLU O 178 -9.58 46.58 13.18
C GLU O 178 -8.05 46.56 13.10
N GLY O 179 -7.39 46.94 14.20
CA GLY O 179 -5.94 46.87 14.30
C GLY O 179 -5.43 45.43 14.24
N GLU O 180 -6.06 44.55 15.01
CA GLU O 180 -5.81 43.11 14.94
C GLU O 180 -5.89 42.61 13.50
N LYS O 181 -6.97 42.97 12.79
CA LYS O 181 -7.22 42.55 11.42
C LYS O 181 -6.07 43.03 10.51
N TRP O 182 -5.64 44.29 10.68
CA TRP O 182 -4.51 44.81 9.94
C TRP O 182 -3.25 43.96 10.19
N LEU O 183 -2.94 43.75 11.46
CA LEU O 183 -1.74 43.06 11.86
C LEU O 183 -1.68 41.67 11.22
N PHE O 184 -2.75 40.89 11.31
CA PHE O 184 -2.73 39.49 10.95
C PHE O 184 -2.97 39.27 9.46
N GLU O 185 -3.64 40.22 8.81
CA GLU O 185 -4.00 40.11 7.41
C GLU O 185 -2.95 40.76 6.51
N LYS O 186 -2.30 41.83 6.99
CA LYS O 186 -1.37 42.59 6.14
C LYS O 186 0.09 42.36 6.55
N VAL O 187 0.38 42.45 7.86
CA VAL O 187 1.75 42.45 8.35
C VAL O 187 2.33 41.04 8.36
N VAL O 188 1.66 40.16 9.10
CA VAL O 188 2.15 38.82 9.37
C VAL O 188 2.49 38.07 8.08
N PRO O 189 1.62 38.10 7.02
CA PRO O 189 1.96 37.38 5.79
C PRO O 189 3.30 37.78 5.15
N ILE O 190 3.78 39.01 5.40
CA ILE O 190 5.04 39.45 4.87
C ILE O 190 6.18 38.74 5.60
N LEU O 191 5.97 38.54 6.91
CA LEU O 191 6.90 37.81 7.76
C LEU O 191 6.96 36.35 7.34
N GLN O 192 5.78 35.79 7.02
CA GLN O 192 5.69 34.39 6.64
C GLN O 192 6.33 34.17 5.26
N ALA O 193 6.26 35.18 4.38
CA ALA O 193 6.80 35.10 3.03
C ALA O 193 8.33 35.14 3.06
N ALA O 194 8.89 35.89 4.04
CA ALA O 194 10.33 36.14 4.07
C ALA O 194 11.10 34.93 4.57
N PRO O 195 11.95 34.30 3.70
CA PRO O 195 12.83 33.23 4.18
C PRO O 195 13.84 33.68 5.23
N GLU O 196 14.10 35.01 5.32
CA GLU O 196 15.05 35.56 6.27
C GLU O 196 14.53 35.48 7.71
N CYS O 197 13.20 35.29 7.84
CA CYS O 197 12.49 35.26 9.12
C CYS O 197 12.22 33.80 9.53
N THR O 198 12.84 33.38 10.63
CA THR O 198 12.86 31.98 11.04
C THR O 198 11.73 31.64 12.02
N ARG O 199 11.07 32.65 12.59
CA ARG O 199 10.13 32.43 13.68
C ARG O 199 9.22 33.64 13.85
N VAL O 200 7.94 33.40 14.15
CA VAL O 200 6.99 34.44 14.49
C VAL O 200 6.06 33.95 15.60
N LEU O 201 5.98 34.76 16.67
CA LEU O 201 5.22 34.45 17.87
C LEU O 201 4.48 35.70 18.32
N ALA O 202 3.28 35.50 18.89
CA ALA O 202 2.48 36.64 19.34
C ALA O 202 1.59 36.24 20.52
N SER O 203 1.52 37.16 21.50
CA SER O 203 0.58 37.09 22.59
C SER O 203 -0.15 38.43 22.63
N ALA O 204 -1.41 38.41 23.06
CA ALA O 204 -2.16 39.62 23.29
C ALA O 204 -1.86 40.09 24.73
N VAL O 205 -1.61 41.39 24.87
CA VAL O 205 -1.21 42.00 26.12
C VAL O 205 -2.40 41.96 27.09
N LYS O 206 -2.14 41.55 28.35
CA LYS O 206 -3.10 41.70 29.43
C LYS O 206 -3.20 43.18 29.85
N LYS O 207 -4.30 43.77 29.37
CA LYS O 207 -4.59 45.20 29.50
C LYS O 207 -5.29 45.43 30.82
N ASP O 208 -6.05 44.41 31.24
CA ASP O 208 -6.78 44.33 32.50
C ASP O 208 -5.86 44.38 33.73
N ILE O 209 -4.52 44.38 33.57
CA ILE O 209 -3.62 44.26 34.71
C ILE O 209 -3.12 45.64 35.15
N ASN O 210 -2.54 46.42 34.21
CA ASN O 210 -1.86 47.67 34.52
C ASN O 210 -2.17 48.77 33.52
N GLY O 211 -3.23 48.59 32.70
CA GLY O 211 -3.62 49.58 31.70
C GLY O 211 -2.49 49.93 30.71
N CYS O 212 -1.61 48.96 30.44
CA CYS O 212 -0.56 49.16 29.45
C CYS O 212 -1.22 49.50 28.12
N VAL O 213 -0.69 50.50 27.42
CA VAL O 213 -1.28 50.99 26.19
C VAL O 213 -1.07 50.00 25.05
N MET O 214 -0.15 49.05 25.20
CA MET O 214 0.16 48.11 24.13
C MET O 214 -0.93 47.05 24.03
N ASP O 215 -1.07 46.48 22.83
CA ASP O 215 -2.09 45.50 22.51
C ASP O 215 -1.50 44.12 22.20
N TRP O 216 -0.34 44.09 21.53
CA TRP O 216 0.32 42.86 21.11
C TRP O 216 1.78 42.88 21.52
N VAL O 217 2.33 41.70 21.74
CA VAL O 217 3.75 41.50 21.79
C VAL O 217 4.09 40.41 20.78
N LEU O 218 5.11 40.69 19.95
CA LEU O 218 5.56 39.72 18.98
C LEU O 218 7.06 39.53 19.14
N GLU O 219 7.48 38.30 18.86
CA GLU O 219 8.90 38.05 18.70
C GLU O 219 9.07 37.45 17.31
N ILE O 220 10.03 38.03 16.58
CA ILE O 220 10.23 37.75 15.17
C ILE O 220 11.71 37.47 15.01
N TRP O 221 12.07 36.24 14.66
CA TRP O 221 13.48 35.89 14.66
C TRP O 221 14.04 36.04 13.26
N PHE O 222 15.33 36.43 13.22
CA PHE O 222 16.11 36.47 11.99
C PHE O 222 17.40 35.72 12.28
N GLU O 223 18.23 35.65 11.24
CA GLU O 223 19.56 35.10 11.39
C GLU O 223 20.49 36.17 11.95
N ASN O 224 20.24 37.44 11.56
CA ASN O 224 21.14 38.54 11.83
C ASN O 224 20.46 39.89 11.53
N GLN O 225 21.18 40.96 11.86
CA GLN O 225 20.73 42.32 11.65
C GLN O 225 20.26 42.61 10.20
N SER O 226 20.98 42.07 9.20
CA SER O 226 20.64 42.33 7.80
C SER O 226 19.30 41.69 7.44
N GLY O 227 19.09 40.45 7.91
CA GLY O 227 17.80 39.77 7.78
C GLY O 227 16.69 40.63 8.37
N TRP O 228 16.92 41.14 9.58
CA TRP O 228 15.97 42.02 10.24
C TRP O 228 15.62 43.20 9.32
N TYR O 229 16.67 43.86 8.79
CA TYR O 229 16.53 45.06 7.98
C TYR O 229 15.74 44.74 6.71
N LYS O 230 16.19 43.70 6.01
CA LYS O 230 15.62 43.32 4.72
C LYS O 230 14.11 43.17 4.85
N VAL O 231 13.65 42.58 5.96
CA VAL O 231 12.23 42.28 6.13
C VAL O 231 11.48 43.47 6.72
N MET O 232 11.97 44.00 7.86
CA MET O 232 11.20 44.93 8.67
C MET O 232 11.24 46.35 8.09
N VAL O 233 12.19 46.58 7.18
CA VAL O 233 12.30 47.85 6.48
C VAL O 233 11.90 47.69 5.00
N ASP O 234 12.64 46.85 4.25
CA ASP O 234 12.50 46.77 2.80
C ASP O 234 11.21 46.03 2.41
N ASP O 235 11.01 44.79 2.86
CA ASP O 235 9.78 44.06 2.51
C ASP O 235 8.54 44.84 2.93
N MET O 236 8.66 45.64 4.01
CA MET O 236 7.53 46.31 4.63
C MET O 236 7.18 47.61 3.90
N LYS O 237 8.03 48.05 2.96
CA LYS O 237 7.74 49.24 2.17
C LYS O 237 6.49 48.98 1.33
N ALA O 238 6.29 47.69 0.97
CA ALA O 238 5.16 47.21 0.20
C ALA O 238 3.82 47.60 0.85
N LEU O 239 3.83 47.91 2.16
CA LEU O 239 2.57 48.05 2.89
C LEU O 239 1.93 49.40 2.60
N GLU O 240 0.61 49.33 2.40
CA GLU O 240 -0.31 50.44 2.41
C GLU O 240 -0.14 51.19 3.73
N LYS O 241 0.07 52.50 3.69
CA LYS O 241 0.14 53.31 4.90
C LYS O 241 -1.25 53.50 5.52
N PRO O 242 -1.58 52.95 6.70
CA PRO O 242 -2.93 53.06 7.22
C PRO O 242 -3.31 54.50 7.58
N SER O 243 -4.62 54.74 7.70
CA SER O 243 -5.16 56.07 7.90
C SER O 243 -4.76 56.63 9.28
N TRP O 244 -4.51 55.74 10.26
CA TRP O 244 -4.18 56.15 11.62
C TRP O 244 -2.67 56.29 11.84
N ALA O 245 -1.87 56.08 10.78
CA ALA O 245 -0.42 56.00 10.88
C ALA O 245 0.13 57.20 11.63
N GLN O 246 1.08 56.98 12.55
CA GLN O 246 1.76 58.05 13.27
C GLN O 246 3.17 58.30 12.72
N GLN O 247 3.60 57.56 11.68
CA GLN O 247 4.83 57.86 10.95
C GLN O 247 4.66 57.28 9.55
N ASP O 248 5.55 57.66 8.61
CA ASP O 248 5.30 57.33 7.21
C ASP O 248 5.52 55.84 6.96
N ALA O 249 6.50 55.24 7.65
CA ALA O 249 6.95 53.90 7.37
C ALA O 249 6.50 52.92 8.45
N PHE O 250 6.36 51.64 8.08
CA PHE O 250 6.19 50.58 9.06
C PHE O 250 7.23 50.76 10.19
N PRO O 251 6.84 50.68 11.49
CA PRO O 251 5.53 50.18 11.95
C PRO O 251 4.33 51.14 12.08
N PHE O 252 4.46 52.36 11.52
CA PHE O 252 3.34 53.31 11.44
C PHE O 252 2.86 53.78 12.81
N LEU O 253 3.70 53.62 13.84
CA LEU O 253 3.32 53.93 15.21
C LEU O 253 4.42 54.77 15.84
N LYS O 254 4.03 55.59 16.83
CA LYS O 254 4.93 56.57 17.40
C LYS O 254 6.04 55.87 18.18
N PRO O 255 7.33 56.05 17.80
CA PRO O 255 8.44 55.42 18.50
C PRO O 255 8.39 55.64 20.00
N TYR O 256 8.53 54.55 20.77
CA TYR O 256 8.70 54.55 22.21
C TYR O 256 7.37 54.83 22.94
N HIS O 257 6.32 55.20 22.18
CA HIS O 257 5.01 55.53 22.73
C HIS O 257 3.97 54.46 22.38
N ASN O 258 3.90 54.11 21.09
CA ASN O 258 2.98 53.08 20.60
C ASN O 258 3.73 51.88 20.03
N VAL O 259 5.08 51.91 20.04
CA VAL O 259 5.87 50.74 19.68
C VAL O 259 7.19 50.80 20.44
N CYS O 260 7.56 49.68 21.09
CA CYS O 260 8.90 49.50 21.62
C CYS O 260 9.39 48.13 21.18
N SER O 261 10.71 47.96 21.20
CA SER O 261 11.30 46.75 20.65
C SER O 261 12.68 46.53 21.26
N ALA O 262 13.24 45.35 20.95
CA ALA O 262 14.63 45.01 21.24
C ALA O 262 15.00 43.72 20.51
N ALA O 263 16.25 43.66 20.04
CA ALA O 263 16.80 42.46 19.45
C ALA O 263 17.74 41.85 20.48
N VAL O 264 17.52 40.58 20.87
CA VAL O 264 18.26 39.96 21.96
C VAL O 264 18.70 38.55 21.55
N ALA O 265 19.62 37.99 22.33
CA ALA O 265 20.16 36.66 22.05
C ALA O 265 19.28 35.60 22.72
N ASP O 266 19.50 34.33 22.37
CA ASP O 266 18.79 33.20 22.96
C ASP O 266 19.10 33.06 24.47
N TYR O 267 20.27 33.56 24.91
CA TYR O 267 20.78 33.31 26.26
C TYR O 267 21.17 34.62 26.91
N THR O 268 20.86 34.74 28.20
CA THR O 268 21.44 35.79 29.03
C THR O 268 22.16 35.17 30.22
N PRO O 269 23.32 35.75 30.63
CA PRO O 269 23.97 35.37 31.89
C PRO O 269 23.31 36.01 33.12
N SER O 270 22.42 36.99 32.88
CA SER O 270 21.75 37.71 33.96
C SER O 270 20.39 37.06 34.21
N ASN O 271 20.43 35.81 34.72
CA ASN O 271 19.25 35.14 35.26
C ASN O 271 19.28 35.31 36.78
N ASN O 272 18.69 36.41 37.25
CA ASN O 272 19.11 37.08 38.46
C ASN O 272 18.80 36.24 39.72
N LEU O 273 17.73 35.43 39.70
CA LEU O 273 17.37 34.70 40.90
C LEU O 273 18.42 33.61 41.17
N ALA O 274 18.97 33.00 40.11
CA ALA O 274 19.96 31.93 40.23
C ALA O 274 21.38 32.46 40.33
N ASN O 275 21.71 33.55 39.61
CA ASN O 275 23.10 33.81 39.28
C ASN O 275 23.70 34.91 40.13
N TYR O 276 22.92 35.81 40.74
CA TYR O 276 23.46 37.01 41.37
C TYR O 276 24.27 36.68 42.63
N ARG O 277 25.53 37.21 42.71
CA ARG O 277 26.46 36.99 43.83
C ARG O 277 27.03 38.31 44.35
N GLY O 278 26.28 39.41 44.14
CA GLY O 278 26.68 40.74 44.59
C GLY O 278 27.33 41.54 43.47
N TYR O 279 27.57 42.84 43.72
CA TYR O 279 28.18 43.72 42.73
C TYR O 279 29.71 43.68 42.84
N ILE O 280 30.28 42.58 42.38
CA ILE O 280 31.72 42.30 42.41
C ILE O 280 32.39 43.07 41.27
N THR O 281 33.45 43.81 41.62
CA THR O 281 34.10 44.76 40.71
C THR O 281 35.36 44.16 40.08
N MET O 282 35.60 44.55 38.83
CA MET O 282 36.77 44.12 38.06
C MET O 282 38.02 44.66 38.75
N ARG O 283 39.14 44.00 38.54
CA ARG O 283 40.38 44.30 39.21
C ARG O 283 41.36 45.05 38.28
N ALA P 2 58.88 16.46 37.42
CA ALA P 2 57.66 16.49 38.25
C ALA P 2 57.28 17.95 38.47
N ASP P 3 58.18 18.78 39.03
CA ASP P 3 57.78 20.03 39.69
C ASP P 3 57.06 21.00 38.77
N PHE P 4 56.02 21.66 39.33
CA PHE P 4 55.19 22.64 38.64
C PHE P 4 55.30 23.97 39.35
N LYS P 5 55.64 25.04 38.62
CA LYS P 5 55.91 26.32 39.26
C LYS P 5 54.62 27.06 39.63
N PHE P 6 54.56 27.55 40.89
CA PHE P 6 53.48 28.43 41.32
C PHE P 6 53.65 29.76 40.60
N GLU P 7 52.74 30.05 39.65
CA GLU P 7 52.91 31.20 38.76
C GLU P 7 51.59 31.94 38.65
N PRO P 8 51.19 32.70 39.69
CA PRO P 8 49.92 33.42 39.63
C PRO P 8 49.96 34.60 38.69
N MET P 9 49.00 34.56 37.74
CA MET P 9 48.90 35.50 36.63
C MET P 9 47.44 35.82 36.28
N ARG P 10 47.23 36.96 35.62
CA ARG P 10 45.95 37.37 35.05
C ARG P 10 46.16 37.48 33.53
N SER P 11 45.37 36.72 32.74
CA SER P 11 45.42 36.75 31.28
C SER P 11 44.32 37.68 30.79
N LEU P 12 44.52 38.30 29.63
CA LEU P 12 43.45 39.02 28.95
C LEU P 12 43.47 38.66 27.47
N ILE P 13 42.30 38.32 26.93
CA ILE P 13 42.16 38.04 25.51
C ILE P 13 41.21 39.07 24.91
N TYR P 14 41.63 39.68 23.79
CA TYR P 14 40.87 40.76 23.18
C TYR P 14 39.98 40.16 22.08
N VAL P 15 38.71 39.90 22.41
CA VAL P 15 37.79 39.22 21.50
C VAL P 15 37.03 40.24 20.67
N ASP P 16 37.38 40.32 19.39
CA ASP P 16 36.71 41.23 18.46
C ASP P 16 35.53 40.50 17.83
N CYS P 17 34.65 41.28 17.17
CA CYS P 17 33.59 40.76 16.30
C CYS P 17 33.46 41.69 15.09
N VAL P 18 33.87 41.20 13.91
CA VAL P 18 34.20 42.08 12.80
C VAL P 18 32.95 42.46 11.99
N SER P 19 31.77 42.03 12.44
CA SER P 19 30.54 42.31 11.73
C SER P 19 29.34 41.97 12.61
N GLU P 20 28.31 42.81 12.59
CA GLU P 20 27.13 42.58 13.41
C GLU P 20 26.39 41.30 13.00
N ASP P 21 26.56 40.89 11.73
CA ASP P 21 25.89 39.68 11.29
C ASP P 21 26.50 38.44 11.93
N TYR P 22 27.72 38.57 12.46
CA TYR P 22 28.42 37.47 13.12
C TYR P 22 28.11 37.42 14.62
N ARG P 23 27.59 38.51 15.18
CA ARG P 23 27.49 38.64 16.63
C ARG P 23 26.66 37.49 17.23
N PRO P 24 25.43 37.22 16.73
CA PRO P 24 24.62 36.13 17.32
C PRO P 24 25.37 34.81 17.44
N LYS P 25 26.14 34.48 16.39
CA LYS P 25 26.80 33.19 16.24
C LYS P 25 28.04 33.08 17.13
N LEU P 26 28.82 34.17 17.16
CA LEU P 26 30.02 34.22 17.97
C LEU P 26 29.63 34.23 19.45
N GLN P 27 28.60 35.01 19.78
CA GLN P 27 28.13 35.11 21.16
C GLN P 27 27.64 33.74 21.64
N ARG P 28 26.87 33.06 20.78
CA ARG P 28 26.43 31.69 21.03
C ARG P 28 27.64 30.80 21.35
N TRP P 29 28.65 30.80 20.48
CA TRP P 29 29.77 29.90 20.68
C TRP P 29 30.38 30.16 22.06
N ILE P 30 30.63 31.44 22.35
CA ILE P 30 31.29 31.81 23.58
C ILE P 30 30.54 31.26 24.78
N TYR P 31 29.22 31.48 24.83
CA TYR P 31 28.44 31.23 26.05
C TYR P 31 27.93 29.78 26.09
N LYS P 32 27.78 29.14 24.93
CA LYS P 32 27.23 27.79 24.87
C LYS P 32 28.34 26.72 24.90
N VAL P 33 29.50 27.05 24.32
CA VAL P 33 30.54 26.06 24.04
C VAL P 33 31.84 26.41 24.76
N ALA P 34 32.33 27.65 24.59
CA ALA P 34 33.65 28.00 25.11
C ALA P 34 33.70 27.83 26.63
N ILE P 35 32.63 28.22 27.32
CA ILE P 35 32.63 28.18 28.76
C ILE P 35 32.77 26.74 29.26
N PRO P 36 31.85 25.79 28.95
CA PRO P 36 31.96 24.43 29.47
C PRO P 36 33.23 23.68 29.04
N ASP P 37 33.62 23.82 27.76
CA ASP P 37 34.88 23.25 27.27
C ASP P 37 36.03 23.75 28.12
N SER P 38 36.02 25.06 28.45
CA SER P 38 37.08 25.73 29.21
C SER P 38 37.14 25.20 30.65
N ILE P 39 36.00 25.19 31.34
CA ILE P 39 35.94 24.82 32.75
C ILE P 39 36.27 23.33 32.89
N SER P 40 35.86 22.56 31.89
CA SER P 40 36.20 21.15 31.81
C SER P 40 37.71 20.95 31.88
N GLN P 41 38.49 21.92 31.41
CA GLN P 41 39.94 21.73 31.29
C GLN P 41 40.71 22.32 32.49
N PHE P 42 40.36 23.54 32.93
CA PHE P 42 41.24 24.29 33.81
C PHE P 42 40.62 24.59 35.18
N GLU P 43 39.45 24.01 35.48
CA GLU P 43 38.77 24.24 36.75
C GLU P 43 39.72 24.10 37.94
N PRO P 44 40.57 23.06 38.02
CA PRO P 44 41.42 22.86 39.19
C PRO P 44 42.60 23.83 39.40
N TYR P 45 42.95 24.62 38.38
CA TYR P 45 44.09 25.52 38.52
C TYR P 45 43.81 26.93 37.98
N VAL P 46 42.53 27.26 37.79
CA VAL P 46 42.13 28.63 37.51
C VAL P 46 41.14 29.06 38.59
N THR P 47 41.41 30.19 39.23
CA THR P 47 40.60 30.68 40.33
C THR P 47 39.49 31.61 39.84
N LYS P 48 39.62 32.20 38.65
CA LYS P 48 38.57 33.09 38.15
C LYS P 48 38.60 33.18 36.63
N TYR P 49 37.45 32.88 36.03
CA TYR P 49 37.24 32.91 34.59
C TYR P 49 36.04 33.82 34.34
N ALA P 50 36.24 34.89 33.56
CA ALA P 50 35.18 35.88 33.40
C ALA P 50 35.27 36.58 32.05
N PHE P 51 34.10 37.05 31.59
CA PHE P 51 33.95 37.79 30.34
C PHE P 51 33.42 39.19 30.64
N TYR P 52 34.08 40.22 30.08
CA TYR P 52 33.63 41.59 30.26
C TYR P 52 33.18 42.09 28.89
N PRO P 53 31.85 42.08 28.57
CA PRO P 53 31.34 42.54 27.28
C PRO P 53 31.77 43.98 27.07
N SER P 54 32.26 44.30 25.87
CA SER P 54 32.71 45.65 25.61
C SER P 54 31.50 46.53 25.34
N PHE P 55 31.55 47.77 25.83
CA PHE P 55 30.58 48.79 25.47
C PHE P 55 30.63 49.03 23.97
N PRO P 56 29.57 49.65 23.39
CA PRO P 56 29.56 49.98 21.96
C PRO P 56 30.83 50.72 21.56
N ILE P 57 31.38 50.34 20.41
CA ILE P 57 32.61 50.92 19.93
C ILE P 57 32.41 52.45 19.84
N PRO P 58 33.26 53.25 20.50
CA PRO P 58 33.14 54.71 20.46
C PRO P 58 33.71 55.24 19.15
N PRO P 59 33.39 56.52 18.78
CA PRO P 59 34.01 57.16 17.62
C PRO P 59 35.52 57.02 17.55
N GLN P 60 36.01 56.47 16.42
CA GLN P 60 37.43 56.28 16.13
C GLN P 60 38.03 55.16 16.97
N GLY P 61 37.19 54.35 17.63
CA GLY P 61 37.67 53.20 18.37
C GLY P 61 38.37 52.18 17.47
N ASP P 62 37.92 52.06 16.22
CA ASP P 62 38.51 51.20 15.20
C ASP P 62 40.04 51.37 15.15
N ARG P 63 40.52 52.61 15.42
CA ARG P 63 41.95 52.93 15.33
C ARG P 63 42.73 52.45 16.56
N PHE P 64 42.02 51.96 17.59
CA PHE P 64 42.62 51.46 18.83
C PHE P 64 42.47 49.93 18.93
N GLY P 65 42.15 49.29 17.79
CA GLY P 65 41.96 47.85 17.78
C GLY P 65 40.85 47.41 18.74
N TYR P 66 39.72 48.13 18.70
CA TYR P 66 38.68 47.98 19.69
C TYR P 66 38.02 46.62 19.49
N ALA P 67 38.07 45.78 20.55
CA ALA P 67 37.42 44.49 20.55
C ALA P 67 35.91 44.68 20.74
N ARG P 68 35.17 44.43 19.66
CA ARG P 68 33.74 44.70 19.62
C ARG P 68 32.93 43.58 20.27
N MET P 69 33.57 42.59 20.90
CA MET P 69 32.76 41.57 21.56
C MET P 69 32.99 41.63 23.07
N GLN P 70 34.20 41.31 23.55
CA GLN P 70 34.47 41.30 24.98
C GLN P 70 35.97 41.21 25.25
N LEU P 71 36.30 41.32 26.54
CA LEU P 71 37.57 40.85 27.11
C LEU P 71 37.35 39.51 27.76
N THR P 72 38.35 38.63 27.66
CA THR P 72 38.28 37.34 28.33
C THR P 72 39.45 37.23 29.32
N GLU P 73 39.07 37.06 30.60
CA GLU P 73 39.93 37.26 31.75
C GLU P 73 40.02 35.97 32.58
N HIS P 74 41.21 35.36 32.55
CA HIS P 74 41.51 34.22 33.40
C HIS P 74 42.49 34.60 34.51
N HIS P 75 42.33 33.98 35.69
CA HIS P 75 43.33 34.04 36.74
C HIS P 75 43.92 32.66 36.98
N TRP P 76 45.22 32.53 36.66
CA TRP P 76 45.93 31.26 36.61
C TRP P 76 46.73 31.06 37.88
N LEU P 77 46.86 29.81 38.33
CA LEU P 77 47.82 29.46 39.37
C LEU P 77 49.12 28.89 38.76
N VAL P 78 49.09 28.48 37.48
CA VAL P 78 50.26 27.97 36.77
C VAL P 78 50.28 28.48 35.32
N SER P 79 51.47 28.44 34.70
CA SER P 79 51.64 28.84 33.31
C SER P 79 50.88 27.88 32.40
N ASP P 80 49.85 28.37 31.68
CA ASP P 80 49.08 27.52 30.77
C ASP P 80 49.95 27.11 29.57
N LEU P 81 51.12 27.76 29.40
CA LEU P 81 52.03 27.47 28.30
C LEU P 81 53.12 26.48 28.71
N ASP P 82 53.10 25.99 29.96
CA ASP P 82 53.93 24.85 30.32
C ASP P 82 53.58 23.74 29.32
N PRO P 83 54.60 23.16 28.62
CA PRO P 83 54.36 22.13 27.60
C PRO P 83 53.53 20.93 28.03
N ARG P 84 53.59 20.61 29.33
CA ARG P 84 52.90 19.44 29.86
C ARG P 84 51.38 19.65 29.87
N LEU P 85 50.97 20.92 29.78
CA LEU P 85 49.57 21.31 29.84
C LEU P 85 48.93 21.27 28.46
N GLU P 86 49.72 20.99 27.41
CA GLU P 86 49.20 20.80 26.07
C GLU P 86 48.35 19.53 25.97
N ILE P 87 48.49 18.59 26.90
CA ILE P 87 47.77 17.34 26.85
C ILE P 87 46.46 17.44 27.62
N LYS P 88 45.37 17.14 26.90
CA LYS P 88 44.01 17.24 27.41
C LYS P 88 43.29 15.94 27.07
N ALA P 89 42.59 15.35 28.04
CA ALA P 89 41.77 14.20 27.72
C ALA P 89 40.75 14.56 26.64
N ILE P 90 39.88 15.51 26.96
CA ILE P 90 38.91 16.10 26.05
C ILE P 90 39.51 17.41 25.56
N ALA P 91 39.47 17.58 24.23
CA ALA P 91 39.84 18.84 23.57
C ALA P 91 38.59 19.69 23.32
N GLU P 92 38.84 20.98 23.08
CA GLU P 92 37.84 22.03 22.95
C GLU P 92 37.23 21.96 21.54
N THR P 93 35.99 22.46 21.41
CA THR P 93 35.43 22.74 20.09
C THR P 93 35.70 24.21 19.76
N PHE P 94 36.49 24.42 18.72
CA PHE P 94 36.97 25.74 18.32
C PHE P 94 36.98 25.82 16.79
N PRO P 95 35.81 26.02 16.12
CA PRO P 95 35.76 26.02 14.66
C PRO P 95 36.56 27.13 14.01
N MET P 96 36.98 26.87 12.77
CA MET P 96 37.53 27.90 11.89
C MET P 96 36.69 29.17 11.97
N ASP P 97 35.35 28.99 11.99
CA ASP P 97 34.41 30.10 11.86
C ASP P 97 34.64 31.15 12.96
N VAL P 98 35.03 30.70 14.16
CA VAL P 98 35.23 31.63 15.27
C VAL P 98 36.33 32.61 14.92
N LEU P 99 37.33 32.13 14.18
CA LEU P 99 38.47 32.95 13.78
C LEU P 99 38.05 33.95 12.71
N VAL P 100 37.08 33.58 11.87
CA VAL P 100 36.55 34.49 10.87
C VAL P 100 35.82 35.63 11.58
N TRP P 101 35.01 35.24 12.58
CA TRP P 101 34.13 36.14 13.30
C TRP P 101 34.96 37.14 14.09
N GLN P 102 36.07 36.68 14.70
CA GLN P 102 36.91 37.52 15.54
C GLN P 102 37.86 38.35 14.68
N GLY P 103 38.12 37.88 13.45
CA GLY P 103 38.87 38.64 12.46
C GLY P 103 40.30 38.16 12.29
N GLN P 104 40.65 37.06 13.00
CA GLN P 104 41.88 36.33 12.77
C GLN P 104 42.04 35.90 11.31
N ILE P 105 40.93 35.59 10.62
CA ILE P 105 40.90 35.08 9.26
C ILE P 105 39.84 35.90 8.48
N PRO P 106 39.90 35.99 7.12
CA PRO P 106 38.73 36.37 6.31
C PRO P 106 37.85 35.22 5.80
N ALA P 107 37.01 35.39 4.76
CA ALA P 107 36.80 34.19 3.94
C ALA P 107 37.05 34.46 2.47
N GLU P 132 43.70 40.09 4.85
CA GLU P 132 44.98 39.71 5.51
C GLU P 132 44.79 39.08 6.90
N GLY P 133 43.96 39.62 7.81
CA GLY P 133 43.70 38.97 9.08
C GLY P 133 44.47 39.56 10.25
N ASN P 134 44.02 39.25 11.47
CA ASN P 134 44.47 39.94 12.67
C ASN P 134 44.96 38.92 13.69
N PRO P 135 46.05 39.21 14.44
CA PRO P 135 46.63 38.21 15.33
C PRO P 135 45.70 38.02 16.51
N PHE P 136 45.85 36.89 17.20
CA PHE P 136 45.10 36.58 18.41
C PHE P 136 45.87 37.09 19.64
N ILE P 137 45.39 38.17 20.26
CA ILE P 137 46.14 38.79 21.32
C ILE P 137 45.72 38.23 22.69
N PHE P 138 46.69 37.54 23.31
CA PHE P 138 46.51 36.86 24.59
C PHE P 138 47.65 37.30 25.52
N ALA P 139 47.38 38.28 26.38
CA ALA P 139 48.42 38.90 27.18
C ALA P 139 48.44 38.34 28.60
N PHE P 140 49.61 37.85 29.04
CA PHE P 140 49.73 37.42 30.44
C PHE P 140 50.30 38.52 31.31
N LEU P 141 49.75 38.68 32.53
CA LEU P 141 50.12 39.75 33.46
C LEU P 141 50.30 39.19 34.86
N PRO P 142 50.99 39.91 35.77
CA PRO P 142 50.95 39.57 37.20
C PRO P 142 49.54 39.93 37.67
N MET P 143 49.06 39.26 38.71
CA MET P 143 47.68 39.42 39.13
C MET P 143 47.38 40.86 39.61
N TRP P 144 48.42 41.62 40.01
CA TRP P 144 48.29 42.99 40.50
C TRP P 144 49.02 43.97 39.60
N TRP P 145 48.39 45.12 39.42
CA TRP P 145 48.95 46.18 38.58
C TRP P 145 50.31 46.58 39.16
N GLU P 146 51.26 46.80 38.24
CA GLU P 146 52.63 47.11 38.61
C GLU P 146 52.77 48.61 38.87
N LYS P 147 52.10 49.45 38.07
CA LYS P 147 52.17 50.89 38.25
C LYS P 147 50.78 51.48 38.42
N ASP P 148 50.64 52.30 39.47
CA ASP P 148 49.43 53.05 39.76
C ASP P 148 49.77 54.52 39.62
N LEU P 149 49.37 55.13 38.49
CA LEU P 149 49.87 56.42 38.09
C LEU P 149 48.84 57.53 38.24
N LYS P 150 47.60 57.17 38.60
CA LYS P 150 46.60 58.19 38.83
C LYS P 150 45.37 57.54 39.44
N GLY P 151 44.81 58.23 40.43
CA GLY P 151 43.51 57.89 40.95
C GLY P 151 43.56 56.85 42.07
N LYS P 152 44.77 56.58 42.60
CA LYS P 152 44.91 55.71 43.76
C LYS P 152 43.87 56.02 44.82
N GLY P 153 43.29 54.99 45.44
CA GLY P 153 42.38 55.16 46.55
C GLY P 153 40.91 55.31 46.10
N ARG P 154 40.67 55.40 44.79
CA ARG P 154 39.32 55.48 44.26
C ARG P 154 38.56 54.19 44.57
N THR P 155 37.31 54.37 45.04
CA THR P 155 36.42 53.26 45.37
C THR P 155 35.27 53.16 44.37
N ILE P 156 34.45 52.14 44.62
CA ILE P 156 33.29 51.92 43.78
C ILE P 156 32.25 53.00 44.04
N GLU P 157 32.16 53.48 45.30
CA GLU P 157 31.21 54.52 45.65
C GLU P 157 31.54 55.84 44.93
N ASP P 158 32.77 56.01 44.42
CA ASP P 158 33.12 57.26 43.75
C ASP P 158 32.40 57.37 42.41
N GLY P 159 31.77 56.29 41.92
CA GLY P 159 30.96 56.35 40.72
C GLY P 159 31.35 55.28 39.69
N ALA P 160 30.45 55.19 38.68
CA ALA P 160 30.54 54.22 37.59
C ALA P 160 31.64 54.62 36.59
N ASN P 161 32.47 53.64 36.23
CA ASN P 161 33.71 53.84 35.52
C ASN P 161 33.56 53.33 34.08
N TYR P 162 33.97 54.16 33.09
CA TYR P 162 34.17 53.74 31.70
C TYR P 162 35.63 53.30 31.58
N ARG P 163 35.85 51.99 31.72
CA ARG P 163 37.18 51.43 31.92
C ARG P 163 37.77 51.07 30.56
N PHE P 164 38.70 51.90 30.06
CA PHE P 164 39.32 51.68 28.77
C PHE P 164 40.61 50.87 28.94
N ASN P 165 40.52 49.58 28.63
CA ASN P 165 41.65 48.69 28.73
C ASN P 165 42.32 48.63 27.37
N MET P 166 43.62 48.93 27.34
CA MET P 166 44.31 49.01 26.06
C MET P 166 45.69 48.39 26.23
N THR P 167 46.05 47.50 25.29
CA THR P 167 47.37 46.91 25.26
C THR P 167 48.08 47.37 24.00
N ILE P 168 49.41 47.55 24.09
CA ILE P 168 50.21 48.03 22.98
C ILE P 168 51.53 47.28 22.92
N GLY P 169 52.02 47.10 21.70
CA GLY P 169 53.34 46.53 21.45
C GLY P 169 54.05 47.32 20.36
N PHE P 170 55.30 47.71 20.64
CA PHE P 170 56.02 48.62 19.76
C PHE P 170 56.45 47.87 18.51
N PRO P 171 56.42 48.51 17.32
CA PRO P 171 56.69 47.83 16.06
C PRO P 171 58.06 47.15 16.09
N GLU P 172 58.28 46.25 15.14
CA GLU P 172 59.53 45.49 15.15
C GLU P 172 60.72 46.42 14.91
N GLY P 173 61.82 46.15 15.63
CA GLY P 173 63.03 46.95 15.56
C GLY P 173 62.93 48.31 16.27
N VAL P 174 61.94 48.52 17.15
CA VAL P 174 61.89 49.69 18.03
C VAL P 174 62.38 49.31 19.43
N ASP P 175 63.37 50.05 19.92
CA ASP P 175 63.97 49.77 21.21
C ASP P 175 62.89 49.87 22.29
N LYS P 176 62.81 48.85 23.16
CA LYS P 176 61.74 48.73 24.15
C LYS P 176 61.86 49.79 25.23
N ALA P 177 63.10 50.06 25.66
CA ALA P 177 63.39 51.08 26.66
C ALA P 177 62.90 52.44 26.17
N GLU P 178 63.09 52.69 24.86
CA GLU P 178 62.74 53.94 24.22
C GLU P 178 61.22 54.08 24.14
N GLY P 179 60.53 52.98 23.83
CA GLY P 179 59.07 52.96 23.80
C GLY P 179 58.46 53.19 25.17
N GLU P 180 58.99 52.48 26.18
CA GLU P 180 58.64 52.70 27.58
C GLU P 180 58.75 54.19 27.93
N LYS P 181 59.90 54.79 27.60
CA LYS P 181 60.17 56.18 27.92
C LYS P 181 59.15 57.09 27.24
N TRP P 182 58.82 56.82 25.98
CA TRP P 182 57.78 57.56 25.28
C TRP P 182 56.44 57.48 26.02
N LEU P 183 56.04 56.26 26.32
CA LEU P 183 54.74 56.00 26.92
C LEU P 183 54.57 56.78 28.21
N PHE P 184 55.58 56.70 29.10
CA PHE P 184 55.42 57.18 30.47
C PHE P 184 55.77 58.66 30.59
N GLU P 185 56.59 59.17 29.65
CA GLU P 185 57.03 60.55 29.72
C GLU P 185 56.22 61.45 28.81
N LYS P 186 55.62 60.92 27.73
CA LYS P 186 54.86 61.76 26.81
C LYS P 186 53.36 61.52 26.91
N VAL P 187 52.95 60.23 26.92
CA VAL P 187 51.56 59.87 26.82
C VAL P 187 50.85 60.06 28.16
N VAL P 188 51.38 59.38 29.19
CA VAL P 188 50.75 59.34 30.50
C VAL P 188 50.51 60.75 31.04
N PRO P 189 51.46 61.71 30.96
CA PRO P 189 51.22 63.08 31.45
C PRO P 189 49.98 63.77 30.89
N ILE P 190 49.55 63.38 29.68
CA ILE P 190 48.35 63.95 29.09
C ILE P 190 47.12 63.42 29.80
N LEU P 191 47.20 62.14 30.18
CA LEU P 191 46.17 61.48 30.97
C LEU P 191 46.09 62.11 32.35
N GLN P 192 47.25 62.40 32.94
CA GLN P 192 47.34 62.98 34.27
C GLN P 192 46.80 64.41 34.27
N ALA P 193 46.99 65.12 33.15
CA ALA P 193 46.53 66.51 33.02
C ALA P 193 45.01 66.57 32.90
N ALA P 194 44.41 65.55 32.26
CA ALA P 194 42.98 65.56 31.97
C ALA P 194 42.16 65.24 33.21
N PRO P 195 41.35 66.18 33.75
CA PRO P 195 40.41 65.86 34.82
C PRO P 195 39.36 64.81 34.44
N GLU P 196 39.13 64.62 33.13
CA GLU P 196 38.15 63.69 32.61
C GLU P 196 38.60 62.24 32.81
N CYS P 197 39.90 62.05 33.07
CA CYS P 197 40.53 60.75 33.28
C CYS P 197 40.72 60.50 34.78
N THR P 198 40.00 59.50 35.32
CA THR P 198 39.86 59.27 36.75
C THR P 198 40.90 58.28 37.27
N ARG P 199 41.56 57.54 36.38
CA ARG P 199 42.43 56.44 36.80
C ARG P 199 43.40 56.05 35.69
N VAL P 200 44.64 55.71 36.07
CA VAL P 200 45.63 55.19 35.12
C VAL P 200 46.44 54.09 35.80
N LEU P 201 46.48 52.92 35.12
CA LEU P 201 47.10 51.72 35.63
C LEU P 201 47.88 51.03 34.51
N ALA P 202 49.01 50.41 34.85
CA ALA P 202 49.84 49.75 33.85
C ALA P 202 50.60 48.57 34.44
N SER P 203 50.64 47.48 33.67
CA SER P 203 51.47 46.32 33.95
C SER P 203 52.25 46.03 32.68
N ALA P 204 53.47 45.49 32.85
CA ALA P 204 54.26 45.04 31.72
C ALA P 204 53.89 43.61 31.42
N VAL P 205 53.71 43.34 30.12
CA VAL P 205 53.27 42.04 29.64
C VAL P 205 54.39 41.01 29.89
N LYS P 206 54.02 39.84 30.45
CA LYS P 206 54.91 38.68 30.52
C LYS P 206 55.05 38.08 29.12
N LYS P 207 56.20 38.40 28.52
CA LYS P 207 56.54 38.08 27.14
C LYS P 207 57.17 36.70 27.11
N ASP P 208 57.84 36.37 28.23
CA ASP P 208 58.47 35.09 28.50
C ASP P 208 57.47 33.93 28.55
N ILE P 209 56.16 34.17 28.44
CA ILE P 209 55.18 33.10 28.65
C ILE P 209 54.71 32.53 27.33
N ASN P 210 54.24 33.40 26.40
CA ASN P 210 53.59 32.97 25.16
C ASN P 210 54.04 33.83 23.96
N GLY P 211 55.14 34.59 24.11
CA GLY P 211 55.65 35.42 23.03
C GLY P 211 54.63 36.43 22.48
N CYS P 212 53.72 36.89 23.35
CA CYS P 212 52.76 37.91 22.97
C CYS P 212 53.55 39.13 22.48
N VAL P 213 53.10 39.74 21.35
CA VAL P 213 53.84 40.85 20.75
C VAL P 213 53.66 42.11 21.58
N MET P 214 52.66 42.16 22.46
CA MET P 214 52.39 43.36 23.24
C MET P 214 53.42 43.52 24.36
N ASP P 215 53.62 44.77 24.78
CA ASP P 215 54.62 45.12 25.78
C ASP P 215 53.97 45.63 27.07
N TRP P 216 52.88 46.39 26.94
CA TRP P 216 52.19 47.00 28.06
C TRP P 216 50.70 46.69 27.99
N VAL P 217 50.07 46.68 29.17
CA VAL P 217 48.63 46.76 29.26
C VAL P 217 48.31 47.92 30.19
N LEU P 218 47.38 48.78 29.76
CA LEU P 218 46.96 49.91 30.56
C LEU P 218 45.46 49.88 30.69
N GLU P 219 44.97 50.38 31.83
CA GLU P 219 43.57 50.68 31.96
C GLU P 219 43.49 52.15 32.35
N ILE P 220 42.61 52.85 31.63
CA ILE P 220 42.49 54.30 31.73
C ILE P 220 41.01 54.58 31.90
N TRP P 221 40.61 55.12 33.05
CA TRP P 221 39.18 55.27 33.30
C TRP P 221 38.71 56.67 32.93
N PHE P 222 37.46 56.73 32.47
CA PHE P 222 36.76 57.97 32.24
C PHE P 222 35.41 57.87 32.92
N GLU P 223 34.65 58.96 32.81
CA GLU P 223 33.27 58.97 33.29
C GLU P 223 32.38 58.33 32.23
N ASN P 224 32.71 58.53 30.95
CA ASN P 224 31.85 58.17 29.83
C ASN P 224 32.62 58.26 28.50
N GLN P 225 31.93 57.84 27.43
CA GLN P 225 32.47 57.85 26.08
C GLN P 225 33.04 59.22 25.66
N SER P 226 32.37 60.32 26.01
CA SER P 226 32.81 61.65 25.62
C SER P 226 34.13 62.01 26.30
N GLY P 227 34.25 61.69 27.60
CA GLY P 227 35.49 61.83 28.33
C GLY P 227 36.62 61.07 27.64
N TRP P 228 36.33 59.82 27.26
CA TRP P 228 37.29 59.00 26.53
C TRP P 228 37.75 59.74 25.29
N TYR P 229 36.78 60.23 24.49
CA TYR P 229 37.06 60.88 23.22
C TYR P 229 37.91 62.12 23.44
N LYS P 230 37.45 62.99 24.35
CA LYS P 230 38.08 64.28 24.60
C LYS P 230 39.57 64.06 24.86
N VAL P 231 39.91 63.02 25.62
CA VAL P 231 41.29 62.81 26.03
C VAL P 231 42.08 62.01 24.99
N MET P 232 41.55 60.84 24.57
CA MET P 232 42.31 59.87 23.80
C MET P 232 42.39 60.24 22.32
N VAL P 233 41.53 61.19 21.91
CA VAL P 233 41.56 61.71 20.56
C VAL P 233 42.05 63.16 20.56
N ASP P 234 41.30 64.08 21.23
CA ASP P 234 41.56 65.51 21.14
C ASP P 234 42.82 65.91 21.90
N ASP P 235 42.90 65.62 23.21
CA ASP P 235 44.10 65.98 23.97
C ASP P 235 45.36 65.36 23.35
N MET P 236 45.22 64.20 22.70
CA MET P 236 46.34 63.42 22.20
C MET P 236 46.82 63.94 20.84
N LYS P 237 46.08 64.87 20.22
CA LYS P 237 46.53 65.47 18.98
C LYS P 237 47.82 66.25 19.23
N ALA P 238 47.94 66.76 20.46
CA ALA P 238 49.09 67.53 20.93
C ALA P 238 50.40 66.73 20.78
N LEU P 239 50.32 65.39 20.65
CA LEU P 239 51.51 64.57 20.70
C LEU P 239 52.30 64.65 19.41
N GLU P 240 53.62 64.74 19.62
CA GLU P 240 54.67 64.53 18.66
C GLU P 240 54.43 63.18 17.98
N LYS P 241 54.37 63.14 16.65
CA LYS P 241 54.16 61.86 15.96
C LYS P 241 55.48 61.10 15.91
N PRO P 242 55.68 59.95 16.59
CA PRO P 242 57.01 59.35 16.63
C PRO P 242 57.41 58.79 15.25
N SER P 243 58.73 58.55 15.10
CA SER P 243 59.31 58.18 13.82
C SER P 243 58.84 56.80 13.38
N TRP P 244 58.47 55.93 14.34
CA TRP P 244 58.07 54.55 14.07
C TRP P 244 56.55 54.42 13.87
N ALA P 245 55.83 55.55 13.90
CA ALA P 245 54.37 55.55 13.88
C ALA P 245 53.84 54.69 12.73
N GLN P 246 52.82 53.87 13.00
CA GLN P 246 52.17 53.06 11.98
C GLN P 246 50.82 53.67 11.58
N GLN P 247 50.41 54.81 12.16
CA GLN P 247 49.27 55.58 11.69
C GLN P 247 49.48 57.03 12.13
N ASP P 248 48.70 57.96 11.59
CA ASP P 248 49.01 59.38 11.75
C ASP P 248 48.74 59.83 13.18
N ALA P 249 47.68 59.30 13.79
CA ALA P 249 47.17 59.78 15.06
C ALA P 249 47.48 58.77 16.18
N PHE P 250 47.56 59.27 17.41
CA PHE P 250 47.59 58.41 18.59
C PHE P 250 46.50 57.35 18.47
N PRO P 251 46.78 56.04 18.71
CA PRO P 251 48.01 55.56 19.34
C PRO P 251 49.26 55.23 18.50
N PHE P 252 49.26 55.64 17.22
CA PHE P 252 50.43 55.55 16.35
C PHE P 252 50.84 54.10 16.09
N LEU P 253 49.92 53.15 16.30
CA LEU P 253 50.22 51.73 16.17
C LEU P 253 49.13 51.05 15.34
N LYS P 254 49.50 49.95 14.68
CA LYS P 254 48.63 49.31 13.73
C LYS P 254 47.43 48.69 14.45
N PRO P 255 46.18 49.11 14.12
CA PRO P 255 44.99 48.57 14.77
C PRO P 255 44.95 47.04 14.73
N TYR P 256 44.70 46.44 15.90
CA TYR P 256 44.43 45.02 16.08
C TYR P 256 45.71 44.18 15.99
N HIS P 257 46.83 44.82 15.59
CA HIS P 257 48.11 44.14 15.43
C HIS P 257 49.11 44.57 16.51
N ASN P 258 49.25 45.89 16.70
CA ASN P 258 50.12 46.45 17.71
C ASN P 258 49.35 47.22 18.78
N VAL P 259 48.02 47.30 18.65
CA VAL P 259 47.19 47.85 19.70
C VAL P 259 45.82 47.17 19.65
N CYS P 260 45.34 46.71 20.82
CA CYS P 260 43.96 46.29 20.99
C CYS P 260 43.43 46.96 22.25
N SER P 261 42.10 47.04 22.35
CA SER P 261 41.50 47.78 23.43
C SER P 261 40.06 47.29 23.64
N ALA P 262 39.46 47.79 24.74
CA ALA P 262 38.04 47.65 25.00
C ALA P 262 37.65 48.54 26.17
N ALA P 263 36.44 49.09 26.08
CA ALA P 263 35.87 49.87 27.16
C ALA P 263 34.82 49.00 27.84
N VAL P 264 34.96 48.77 29.16
CA VAL P 264 34.11 47.82 29.87
C VAL P 264 33.62 48.42 31.18
N ALA P 265 32.61 47.78 31.78
CA ALA P 265 32.03 48.25 33.02
C ALA P 265 32.79 47.69 34.21
N ASP P 266 32.51 48.22 35.41
CA ASP P 266 33.12 47.75 36.65
C ASP P 266 32.71 46.31 36.96
N TYR P 267 31.54 45.86 36.46
CA TYR P 267 30.91 44.61 36.87
C TYR P 267 30.53 43.81 35.65
N THR P 268 30.74 42.48 35.72
CA THR P 268 30.17 41.58 34.74
C THR P 268 29.31 40.54 35.45
N PRO P 269 28.17 40.15 34.84
CA PRO P 269 27.39 39.00 35.31
C PRO P 269 28.00 37.65 34.88
N SER P 270 28.96 37.70 33.94
CA SER P 270 29.57 36.49 33.42
C SER P 270 30.87 36.23 34.17
N ASN P 271 30.73 35.88 35.47
CA ASN P 271 31.83 35.37 36.27
C ASN P 271 31.70 33.86 36.30
N ASN P 272 32.34 33.21 35.31
CA ASN P 272 31.87 31.95 34.78
C ASN P 272 32.03 30.80 35.78
N LEU P 273 33.05 30.86 36.65
CA LEU P 273 33.27 29.74 37.55
C LEU P 273 32.16 29.70 38.60
N ALA P 274 31.66 30.87 39.03
CA ALA P 274 30.60 30.94 40.04
C ALA P 274 29.20 30.85 39.43
N ASN P 275 28.99 31.45 38.25
CA ASN P 275 27.64 31.83 37.86
C ASN P 275 27.02 30.88 36.84
N TYR P 276 27.81 30.11 36.08
CA TYR P 276 27.30 29.38 34.94
C TYR P 276 26.39 28.21 35.37
N ARG P 277 25.17 28.13 34.77
CA ARG P 277 24.15 27.12 35.06
C ARG P 277 23.64 26.45 33.78
N GLY P 278 24.46 26.48 32.72
CA GLY P 278 24.09 25.92 31.42
C GLY P 278 23.60 27.02 30.48
N TYR P 279 23.41 26.64 29.20
CA TYR P 279 22.96 27.56 28.15
C TYR P 279 21.42 27.53 28.11
N ILE P 280 20.82 28.20 29.11
CA ILE P 280 19.37 28.28 29.27
C ILE P 280 18.81 29.31 28.30
N THR P 281 17.77 28.90 27.53
CA THR P 281 17.26 29.69 26.43
C THR P 281 16.00 30.47 26.84
N MET P 282 15.87 31.68 26.25
CA MET P 282 14.74 32.55 26.48
C MET P 282 13.48 31.87 25.95
N ARG P 283 12.33 32.23 26.52
CA ARG P 283 11.07 31.56 26.19
C ARG P 283 10.21 32.40 25.23
N ALA Q 2 -9.21 15.90 45.30
CA ALA Q 2 -7.95 16.23 44.59
C ALA Q 2 -7.59 17.65 45.00
N ASP Q 3 -8.45 18.66 44.74
CA ASP Q 3 -7.99 20.05 44.57
C ASP Q 3 -7.27 20.61 45.78
N PHE Q 4 -6.20 21.38 45.52
CA PHE Q 4 -5.38 22.02 46.53
C PHE Q 4 -5.42 23.54 46.33
N LYS Q 5 -5.76 24.27 47.38
CA LYS Q 5 -5.97 25.71 47.25
C LYS Q 5 -4.65 26.49 47.22
N PHE Q 6 -4.53 27.40 46.23
CA PHE Q 6 -3.43 28.36 46.17
C PHE Q 6 -3.57 29.33 47.34
N GLU Q 7 -2.69 29.22 48.33
CA GLU Q 7 -2.84 29.95 49.58
C GLU Q 7 -1.49 30.56 49.97
N PRO Q 8 -1.04 31.63 49.30
CA PRO Q 8 0.26 32.22 49.59
C PRO Q 8 0.25 32.98 50.91
N MET Q 9 1.19 32.56 51.77
CA MET Q 9 1.32 33.03 53.14
C MET Q 9 2.79 33.12 53.58
N ARG Q 10 3.04 33.93 54.61
CA ARG Q 10 4.33 34.05 55.29
C ARG Q 10 4.10 33.59 56.73
N SER Q 11 4.86 32.58 57.19
CA SER Q 11 4.79 32.06 58.54
C SER Q 11 5.92 32.69 59.34
N LEU Q 12 5.72 32.86 60.65
CA LEU Q 12 6.81 33.22 61.55
C LEU Q 12 6.74 32.33 62.78
N ILE Q 13 7.90 31.78 63.15
CA ILE Q 13 7.99 30.99 64.37
C ILE Q 13 8.98 31.69 65.30
N TYR Q 14 8.57 31.87 66.55
CA TYR Q 14 9.36 32.61 67.52
C TYR Q 14 10.20 31.61 68.30
N VAL Q 15 11.46 31.43 67.90
CA VAL Q 15 12.33 30.42 68.49
C VAL Q 15 13.12 31.03 69.63
N ASP Q 16 12.75 30.63 70.86
CA ASP Q 16 13.43 31.08 72.05
C ASP Q 16 14.58 30.12 72.35
N CYS Q 17 15.47 30.56 73.26
CA CYS Q 17 16.49 29.70 73.86
C CYS Q 17 16.64 30.09 75.34
N VAL Q 18 16.18 29.22 76.24
CA VAL Q 18 15.88 29.63 77.61
C VAL Q 18 17.14 29.64 78.49
N SER Q 19 18.30 29.36 77.91
CA SER Q 19 19.53 29.24 78.67
C SER Q 19 20.71 29.19 77.72
N GLU Q 20 21.79 29.90 78.06
CA GLU Q 20 22.97 29.92 77.21
C GLU Q 20 23.65 28.56 77.12
N ASP Q 21 23.43 27.72 78.13
CA ASP Q 21 24.03 26.40 78.11
C ASP Q 21 23.37 25.51 77.04
N TYR Q 22 22.17 25.89 76.60
CA TYR Q 22 21.44 25.16 75.58
C TYR Q 22 21.77 25.66 74.17
N ARG Q 23 22.35 26.86 74.06
CA ARG Q 23 22.48 27.51 72.77
C ARG Q 23 23.28 26.63 71.80
N PRO Q 24 24.49 26.13 72.15
CA PRO Q 24 25.25 25.30 71.21
C PRO Q 24 24.45 24.15 70.60
N LYS Q 25 23.64 23.50 71.45
CA LYS Q 25 22.91 22.29 71.09
C LYS Q 25 21.68 22.59 70.23
N LEU Q 26 20.96 23.65 70.60
CA LEU Q 26 19.78 24.07 69.86
C LEU Q 26 20.21 24.62 68.51
N GLN Q 27 21.29 25.41 68.50
CA GLN Q 27 21.79 26.00 67.27
C GLN Q 27 22.23 24.90 66.30
N ARG Q 28 22.95 23.89 66.85
CA ARG Q 28 23.33 22.71 66.10
C ARG Q 28 22.10 22.05 65.47
N TRP Q 29 21.07 21.78 66.27
CA TRP Q 29 19.90 21.08 65.74
C TRP Q 29 19.34 21.87 64.57
N ILE Q 30 19.16 23.17 64.77
CA ILE Q 30 18.55 24.02 63.78
C ILE Q 30 19.32 23.93 62.45
N TYR Q 31 20.65 24.09 62.50
CA TYR Q 31 21.43 24.28 61.29
C TYR Q 31 21.88 22.92 60.71
N LYS Q 32 21.98 21.87 61.54
CA LYS Q 32 22.46 20.59 61.08
C LYS Q 32 21.32 19.67 60.68
N VAL Q 33 20.16 19.81 61.33
CA VAL Q 33 19.08 18.83 61.21
C VAL Q 33 17.80 19.48 60.67
N ALA Q 34 17.35 20.59 61.28
CA ALA Q 34 16.07 21.17 60.92
C ALA Q 34 16.06 21.58 59.46
N ILE Q 35 17.15 22.16 58.97
CA ILE Q 35 17.19 22.65 57.61
C ILE Q 35 17.00 21.51 56.61
N PRO Q 36 17.87 20.49 56.55
CA PRO Q 36 17.73 19.42 55.56
C PRO Q 36 16.43 18.62 55.67
N ASP Q 37 16.02 18.28 56.90
CA ASP Q 37 14.74 17.62 57.14
C ASP Q 37 13.61 18.45 56.53
N SER Q 38 13.67 19.80 56.71
CA SER Q 38 12.66 20.74 56.25
C SER Q 38 12.62 20.79 54.72
N ILE Q 39 13.77 20.99 54.08
CA ILE Q 39 13.86 21.17 52.64
C ILE Q 39 13.47 19.86 51.95
N SER Q 40 13.84 18.75 52.58
CA SER Q 40 13.45 17.43 52.12
C SER Q 40 11.93 17.33 51.97
N GLN Q 41 11.16 18.08 52.78
CA GLN Q 41 9.73 17.92 52.79
C GLN Q 41 9.00 18.95 51.91
N PHE Q 42 9.39 20.24 51.98
CA PHE Q 42 8.54 21.30 51.46
C PHE Q 42 9.22 22.07 50.31
N GLU Q 43 10.37 21.61 49.82
CA GLU Q 43 11.07 22.29 48.74
C GLU Q 43 10.13 22.65 47.58
N PRO Q 44 9.23 21.76 47.11
CA PRO Q 44 8.39 22.05 45.96
C PRO Q 44 7.26 23.05 46.13
N TYR Q 45 6.92 23.42 47.38
CA TYR Q 45 5.80 24.33 47.59
C TYR Q 45 6.12 25.41 48.64
N VAL Q 46 7.41 25.60 48.94
CA VAL Q 46 7.84 26.74 49.71
C VAL Q 46 8.86 27.51 48.88
N THR Q 47 8.62 28.82 48.71
CA THR Q 47 9.46 29.65 47.86
C THR Q 47 10.59 30.30 48.66
N LYS Q 48 10.49 30.40 49.99
CA LYS Q 48 11.57 30.98 50.76
C LYS Q 48 11.53 30.50 52.22
N TYR Q 49 12.67 29.95 52.65
CA TYR Q 49 12.86 29.43 53.98
C TYR Q 49 14.08 30.13 54.56
N ALA Q 50 13.91 30.83 55.69
CA ALA Q 50 15.01 31.64 56.22
C ALA Q 50 14.92 31.78 57.73
N PHE Q 51 16.09 32.00 58.34
CA PHE Q 51 16.25 32.22 59.77
C PHE Q 51 16.84 33.60 60.02
N TYR Q 52 16.22 34.37 60.90
CA TYR Q 52 16.73 35.70 61.26
C TYR Q 52 17.18 35.65 62.72
N PRO Q 53 18.51 35.45 63.01
CA PRO Q 53 19.01 35.37 64.38
C PRO Q 53 18.64 36.64 65.09
N SER Q 54 18.15 36.49 66.34
CA SER Q 54 17.74 37.68 67.08
C SER Q 54 18.99 38.32 67.66
N PHE Q 55 19.00 39.66 67.68
CA PHE Q 55 20.00 40.42 68.40
C PHE Q 55 19.94 40.07 69.89
N PRO Q 56 21.01 40.39 70.67
CA PRO Q 56 21.00 40.18 72.11
C PRO Q 56 19.76 40.77 72.75
N ILE Q 57 19.17 39.98 73.67
CA ILE Q 57 17.97 40.41 74.35
C ILE Q 57 18.23 41.78 74.99
N PRO Q 58 17.42 42.83 74.68
CA PRO Q 58 17.60 44.14 75.27
C PRO Q 58 17.05 44.16 76.69
N PRO Q 59 17.41 45.18 77.51
CA PRO Q 59 16.80 45.37 78.83
C PRO Q 59 15.27 45.28 78.85
N GLN Q 60 14.75 44.37 79.67
CA GLN Q 60 13.33 44.16 79.88
C GLN Q 60 12.68 43.46 78.67
N GLY Q 61 13.49 42.93 77.75
CA GLY Q 61 12.97 42.16 76.63
C GLY Q 61 12.21 40.92 77.08
N ASP Q 62 12.65 40.31 78.19
CA ASP Q 62 12.00 39.16 78.81
C ASP Q 62 10.48 39.37 78.94
N ARG Q 63 10.05 40.64 79.15
CA ARG Q 63 8.65 40.98 79.36
C ARG Q 63 7.86 41.03 78.04
N PHE Q 64 8.57 40.94 76.90
CA PHE Q 64 7.96 40.96 75.56
C PHE Q 64 8.06 39.58 74.90
N GLY Q 65 8.33 38.54 75.70
CA GLY Q 65 8.47 37.19 75.17
C GLY Q 65 9.57 37.10 74.11
N TYR Q 66 10.73 37.70 74.43
CA TYR Q 66 11.78 37.89 73.45
C TYR Q 66 12.38 36.53 73.11
N ALA Q 67 12.30 36.14 71.82
CA ALA Q 67 12.90 34.91 71.33
C ALA Q 67 14.42 35.08 71.23
N ARG Q 68 15.15 34.42 72.14
CA ARG Q 68 16.58 34.59 72.28
C ARG Q 68 17.37 33.77 71.26
N MET Q 69 16.70 33.11 70.30
CA MET Q 69 17.46 32.37 69.30
C MET Q 69 17.27 33.01 67.92
N GLN Q 70 16.05 32.95 67.37
CA GLN Q 70 15.80 33.47 66.03
C GLN Q 70 14.30 33.58 65.76
N LEU Q 71 14.00 34.18 64.60
CA LEU Q 71 12.72 34.02 63.91
C LEU Q 71 12.89 33.00 62.79
N THR Q 72 11.86 32.18 62.56
CA THR Q 72 11.89 31.22 61.48
C THR Q 72 10.73 31.52 60.52
N GLU Q 73 11.13 31.82 59.26
CA GLU Q 73 10.30 32.48 58.28
C GLU Q 73 10.18 31.59 57.04
N HIS Q 74 8.96 31.07 56.83
CA HIS Q 74 8.61 30.35 55.63
C HIS Q 74 7.68 31.17 54.74
N HIS Q 75 7.82 31.01 53.41
CA HIS Q 75 6.83 31.50 52.48
C HIS Q 75 6.20 30.32 51.74
N TRP Q 76 4.90 30.12 52.00
CA TRP Q 76 4.15 28.95 51.57
C TRP Q 76 3.34 29.27 50.32
N LEU Q 77 3.18 28.29 49.44
CA LEU Q 77 2.21 28.39 48.36
C LEU Q 77 0.90 27.68 48.72
N VAL Q 78 0.90 26.80 49.75
CA VAL Q 78 -0.30 26.12 50.21
C VAL Q 78 -0.32 26.04 51.74
N SER Q 79 -1.52 25.81 52.32
CA SER Q 79 -1.69 25.71 53.77
C SER Q 79 -0.98 24.45 54.27
N ASP Q 80 0.05 24.60 55.12
CA ASP Q 80 0.76 23.45 55.65
C ASP Q 80 -0.13 22.66 56.63
N LEU Q 81 -1.28 23.24 57.01
CA LEU Q 81 -2.22 22.59 57.92
C LEU Q 81 -3.32 21.84 57.17
N ASP Q 82 -3.29 21.84 55.84
CA ASP Q 82 -4.12 20.90 55.08
C ASP Q 82 -3.81 19.51 55.62
N PRO Q 83 -4.85 18.73 56.06
CA PRO Q 83 -4.62 17.40 56.65
C PRO Q 83 -3.86 16.42 55.76
N ARG Q 84 -3.96 16.60 54.44
CA ARG Q 84 -3.31 15.70 53.49
C ARG Q 84 -1.80 15.86 53.52
N LEU Q 85 -1.33 16.99 54.09
CA LEU Q 85 0.08 17.32 54.17
C LEU Q 85 0.72 16.69 55.40
N GLU Q 86 -0.07 16.04 56.25
CA GLU Q 86 0.46 15.29 57.38
C GLU Q 86 1.27 14.06 56.92
N ILE Q 87 1.06 13.57 55.70
CA ILE Q 87 1.76 12.39 55.23
C ILE Q 87 3.06 12.77 54.52
N LYS Q 88 4.16 12.20 55.02
CA LYS Q 88 5.51 12.45 54.56
C LYS Q 88 6.20 11.10 54.39
N ALA Q 89 6.89 10.88 53.27
CA ALA Q 89 7.68 9.67 53.15
C ALA Q 89 8.70 9.57 54.28
N ILE Q 90 9.60 10.56 54.33
CA ILE Q 90 10.55 10.72 55.42
C ILE Q 90 9.99 11.75 56.40
N ALA Q 91 10.01 11.38 57.68
CA ALA Q 91 9.65 12.28 58.78
C ALA Q 91 10.90 12.96 59.35
N GLU Q 92 10.63 14.06 60.08
CA GLU Q 92 11.63 14.95 60.63
C GLU Q 92 12.22 14.33 61.91
N THR Q 93 13.45 14.71 62.26
CA THR Q 93 13.96 14.47 63.59
C THR Q 93 13.70 15.73 64.42
N PHE Q 94 12.86 15.54 65.47
CA PHE Q 94 12.43 16.62 66.34
C PHE Q 94 12.38 16.10 67.77
N PRO Q 95 13.53 15.97 68.48
CA PRO Q 95 13.54 15.44 69.84
C PRO Q 95 12.77 16.32 70.84
N MET Q 96 12.28 15.67 71.90
CA MET Q 96 11.81 16.30 73.12
C MET Q 96 12.72 17.47 73.49
N ASP Q 97 14.05 17.25 73.39
CA ASP Q 97 15.03 18.18 73.92
C ASP Q 97 14.88 19.57 73.30
N VAL Q 98 14.49 19.63 72.02
CA VAL Q 98 14.34 20.90 71.34
C VAL Q 98 13.29 21.75 72.05
N LEU Q 99 12.24 21.08 72.56
CA LEU Q 99 11.17 21.76 73.26
C LEU Q 99 11.64 22.27 74.62
N VAL Q 100 12.58 21.54 75.24
CA VAL Q 100 13.15 21.98 76.51
C VAL Q 100 13.96 23.27 76.28
N TRP Q 101 14.74 23.24 75.20
CA TRP Q 101 15.68 24.29 74.86
C TRP Q 101 14.92 25.57 74.52
N GLN Q 102 13.79 25.42 73.80
CA GLN Q 102 13.00 26.56 73.34
C GLN Q 102 12.10 27.06 74.46
N GLY Q 103 11.80 26.18 75.42
CA GLY Q 103 11.06 26.55 76.63
C GLY Q 103 9.60 26.12 76.60
N GLN Q 104 9.22 25.37 75.55
CA GLN Q 104 7.94 24.67 75.49
C GLN Q 104 7.76 23.72 76.68
N ILE Q 105 8.85 23.15 77.20
CA ILE Q 105 8.84 22.26 78.35
C ILE Q 105 9.93 22.73 79.33
N PRO Q 106 9.75 22.52 80.68
CA PRO Q 106 10.87 22.57 81.62
C PRO Q 106 11.61 21.24 81.87
N ALA Q 107 12.65 21.27 82.73
CA ALA Q 107 13.68 20.21 82.90
C ALA Q 107 13.11 18.78 82.94
N GLU Q 132 6.48 25.48 84.69
CA GLU Q 132 5.44 25.69 83.65
C GLU Q 132 6.11 26.10 82.32
N GLY Q 133 5.66 25.53 81.20
CA GLY Q 133 6.26 25.83 79.92
C GLY Q 133 5.50 26.85 79.06
N ASN Q 134 5.92 26.98 77.82
CA ASN Q 134 5.54 28.09 76.96
C ASN Q 134 4.98 27.54 75.65
N PRO Q 135 3.92 28.14 75.07
CA PRO Q 135 3.30 27.57 73.88
C PRO Q 135 4.24 27.78 72.70
N PHE Q 136 4.04 26.99 71.64
CA PHE Q 136 4.78 27.11 70.41
C PHE Q 136 4.07 28.09 69.46
N ILE Q 137 4.63 29.30 69.29
CA ILE Q 137 3.94 30.33 68.54
C ILE Q 137 4.39 30.30 67.09
N PHE Q 138 3.42 29.94 66.23
CA PHE Q 138 3.58 29.75 64.79
C PHE Q 138 2.47 30.55 64.11
N ALA Q 139 2.79 31.78 63.67
CA ALA Q 139 1.78 32.69 63.17
C ALA Q 139 1.78 32.68 61.64
N PHE Q 140 0.60 32.45 61.04
CA PHE Q 140 0.49 32.58 59.60
C PHE Q 140 -0.01 33.97 59.20
N LEU Q 141 0.57 34.53 58.12
CA LEU Q 141 0.28 35.88 57.67
C LEU Q 141 0.08 35.89 56.17
N PRO Q 142 -0.56 36.94 55.60
CA PRO Q 142 -0.51 37.18 54.16
C PRO Q 142 0.92 37.58 53.85
N MET Q 143 1.37 37.33 52.61
CA MET Q 143 2.76 37.58 52.29
C MET Q 143 3.14 39.06 52.37
N TRP Q 144 2.15 39.97 52.31
CA TRP Q 144 2.36 41.42 52.35
C TRP Q 144 1.67 42.02 53.56
N TRP Q 145 2.34 43.01 54.15
CA TRP Q 145 1.79 43.72 55.29
C TRP Q 145 0.45 44.36 54.90
N GLU Q 146 -0.49 44.28 55.84
CA GLU Q 146 -1.85 44.77 55.62
C GLU Q 146 -1.92 46.26 55.92
N LYS Q 147 -1.21 46.72 56.96
CA LYS Q 147 -1.24 48.13 57.34
C LYS Q 147 0.18 48.70 57.41
N ASP Q 148 0.36 49.86 56.77
CA ASP Q 148 1.59 50.62 56.82
C ASP Q 148 1.30 51.93 57.53
N LEU Q 149 1.74 52.03 58.79
CA LEU Q 149 1.25 53.09 59.68
C LEU Q 149 2.34 54.12 59.95
N LYS Q 150 3.57 53.88 59.48
CA LYS Q 150 4.61 54.88 59.65
C LYS Q 150 5.82 54.48 58.84
N GLY Q 151 6.42 55.47 58.19
CA GLY Q 151 7.73 55.32 57.57
C GLY Q 151 7.66 54.79 56.15
N LYS Q 152 6.45 54.80 55.56
CA LYS Q 152 6.27 54.46 54.17
C LYS Q 152 7.34 55.11 53.30
N GLY Q 153 7.89 54.34 52.34
CA GLY Q 153 8.83 54.86 51.36
C GLY Q 153 10.28 54.77 51.82
N ARG Q 154 10.51 54.33 53.07
CA ARG Q 154 11.86 54.16 53.58
C ARG Q 154 12.59 53.09 52.79
N THR Q 155 13.85 53.39 52.43
CA THR Q 155 14.72 52.48 51.70
C THR Q 155 15.84 51.94 52.58
N ILE Q 156 16.63 51.07 51.95
CA ILE Q 156 17.76 50.48 52.65
C ILE Q 156 18.85 51.55 52.81
N GLU Q 157 18.97 52.48 51.85
CA GLU Q 157 19.96 53.53 51.92
C GLU Q 157 19.68 54.46 53.11
N ASP Q 158 18.45 54.47 53.67
CA ASP Q 158 18.13 55.37 54.75
C ASP Q 158 18.84 54.91 56.04
N GLY Q 159 19.41 53.71 56.06
CA GLY Q 159 20.22 53.27 57.19
C GLY Q 159 19.78 51.90 57.71
N ALA Q 160 20.64 51.42 58.63
CA ALA Q 160 20.51 50.13 59.29
C ALA Q 160 19.39 50.14 60.34
N ASN Q 161 18.54 49.11 60.29
CA ASN Q 161 17.29 49.07 61.02
C ASN Q 161 17.39 48.05 62.15
N TYR Q 162 16.98 48.46 63.38
CA TYR Q 162 16.75 47.56 64.50
C TYR Q 162 15.27 47.17 64.44
N ARG Q 163 15.00 46.00 63.82
CA ARG Q 163 13.65 45.62 63.43
C ARG Q 163 13.02 44.81 64.54
N PHE Q 164 12.12 45.43 65.32
CA PHE Q 164 11.46 44.76 66.43
C PHE Q 164 10.15 44.15 65.97
N ASN Q 165 10.18 42.82 65.76
CA ASN Q 165 9.01 42.08 65.34
C ASN Q 165 8.31 41.55 66.59
N MET Q 166 7.03 41.87 66.73
CA MET Q 166 6.31 41.52 67.94
C MET Q 166 4.92 41.05 67.55
N THR Q 167 4.50 39.89 68.10
CA THR Q 167 3.16 39.38 67.91
C THR Q 167 2.44 39.38 69.25
N ILE Q 168 1.11 39.62 69.23
CA ILE Q 168 0.31 39.70 70.44
C ILE Q 168 -1.04 39.03 70.21
N GLY Q 169 -1.56 38.44 71.29
CA GLY Q 169 -2.89 37.88 71.31
C GLY Q 169 -3.60 38.26 72.62
N PHE Q 170 -4.82 38.77 72.51
CA PHE Q 170 -5.53 39.31 73.66
C PHE Q 170 -6.00 38.17 74.56
N PRO Q 171 -5.96 38.33 75.88
CA PRO Q 171 -6.29 37.25 76.82
C PRO Q 171 -7.67 36.71 76.55
N GLU Q 172 -7.96 35.54 77.12
CA GLU Q 172 -9.23 34.90 76.88
C GLU Q 172 -10.36 35.75 77.46
N GLY Q 173 -11.48 35.81 76.71
CA GLY Q 173 -12.64 36.59 77.07
C GLY Q 173 -12.49 38.10 76.86
N VAL Q 174 -11.48 38.56 76.09
CA VAL Q 174 -11.36 39.97 75.71
C VAL Q 174 -11.86 40.15 74.27
N ASP Q 175 -12.83 41.05 74.08
CA ASP Q 175 -13.40 41.29 72.78
C ASP Q 175 -12.30 41.73 71.81
N LYS Q 176 -12.25 41.10 70.63
CA LYS Q 176 -11.17 41.30 69.67
C LYS Q 176 -11.21 42.69 69.06
N ALA Q 177 -12.43 43.16 68.76
CA ALA Q 177 -12.64 44.47 68.18
C ALA Q 177 -12.12 45.54 69.14
N GLU Q 178 -12.32 45.29 70.44
CA GLU Q 178 -11.93 46.23 71.49
C GLU Q 178 -10.41 46.27 71.64
N GLY Q 179 -9.77 45.09 71.53
CA GLY Q 179 -8.32 44.98 71.56
C GLY Q 179 -7.67 45.67 70.36
N GLU Q 180 -8.21 45.40 69.16
CA GLU Q 180 -7.81 46.10 67.94
C GLU Q 180 -7.86 47.61 68.16
N LYS Q 181 -8.99 48.11 68.68
CA LYS Q 181 -9.19 49.54 68.89
C LYS Q 181 -8.13 50.09 69.84
N TRP Q 182 -7.84 49.36 70.93
CA TRP Q 182 -6.79 49.74 71.86
C TRP Q 182 -5.45 49.87 71.14
N LEU Q 183 -5.09 48.82 70.41
CA LEU Q 183 -3.79 48.74 69.75
C LEU Q 183 -3.57 49.95 68.84
N PHE Q 184 -4.56 50.24 67.98
CA PHE Q 184 -4.37 51.19 66.90
C PHE Q 184 -4.64 52.63 67.34
N GLU Q 185 -5.45 52.80 68.39
CA GLU Q 185 -5.83 54.12 68.84
C GLU Q 185 -4.99 54.57 70.04
N LYS Q 186 -4.44 53.65 70.84
CA LYS Q 186 -3.64 54.04 71.99
C LYS Q 186 -2.16 53.77 71.82
N VAL Q 187 -1.82 52.57 71.33
CA VAL Q 187 -0.43 52.10 71.29
C VAL Q 187 0.30 52.76 70.12
N VAL Q 188 -0.23 52.55 68.92
CA VAL Q 188 0.44 52.98 67.69
C VAL Q 188 0.73 54.49 67.74
N PRO Q 189 -0.18 55.38 68.19
CA PRO Q 189 0.11 56.81 68.27
C PRO Q 189 1.37 57.19 69.06
N ILE Q 190 1.77 56.35 70.02
CA ILE Q 190 2.97 56.60 70.79
C ILE Q 190 4.21 56.33 69.93
N LEU Q 191 4.07 55.31 69.07
CA LEU Q 191 5.10 54.95 68.10
C LEU Q 191 5.22 56.07 67.07
N GLN Q 192 4.08 56.62 66.64
CA GLN Q 192 4.03 57.69 65.65
C GLN Q 192 4.64 58.98 66.20
N ALA Q 193 4.46 59.20 67.51
CA ALA Q 193 4.97 60.40 68.18
C ALA Q 193 6.49 60.35 68.32
N ALA Q 194 7.04 59.13 68.51
CA ALA Q 194 8.46 58.96 68.78
C ALA Q 194 9.29 59.12 67.50
N PRO Q 195 10.15 60.17 67.40
CA PRO Q 195 11.10 60.24 66.28
C PRO Q 195 12.09 59.08 66.22
N GLU Q 196 12.29 58.37 67.35
CA GLU Q 196 13.23 57.26 67.44
C GLU Q 196 12.72 56.03 66.68
N CYS Q 197 11.39 56.03 66.38
CA CYS Q 197 10.73 54.93 65.70
C CYS Q 197 10.53 55.28 64.22
N THR Q 198 11.22 54.53 63.34
CA THR Q 198 11.36 54.86 61.94
C THR Q 198 10.31 54.18 61.08
N ARG Q 199 9.59 53.18 61.61
CA ARG Q 199 8.69 52.35 60.82
C ARG Q 199 7.70 51.62 61.70
N VAL Q 200 6.46 51.47 61.22
CA VAL Q 200 5.43 50.67 61.90
C VAL Q 200 4.58 49.95 60.85
N LEU Q 201 4.48 48.62 61.02
CA LEU Q 201 3.81 47.72 60.09
C LEU Q 201 2.99 46.71 60.88
N ALA Q 202 1.83 46.30 60.32
CA ALA Q 202 0.96 45.34 61.01
C ALA Q 202 0.15 44.51 60.02
N SER Q 203 0.06 43.22 60.33
CA SER Q 203 -0.81 42.27 59.64
C SER Q 203 -1.64 41.55 60.72
N ALA Q 204 -2.86 41.16 60.36
CA ALA Q 204 -3.68 40.36 61.24
C ALA Q 204 -3.36 38.89 60.98
N VAL Q 205 -3.21 38.15 62.08
CA VAL Q 205 -2.85 36.74 62.03
C VAL Q 205 -4.00 35.94 61.43
N LYS Q 206 -3.68 35.03 60.48
CA LYS Q 206 -4.61 34.03 59.99
C LYS Q 206 -4.81 32.95 61.07
N LYS Q 207 -5.97 33.09 61.74
CA LYS Q 207 -6.33 32.29 62.90
C LYS Q 207 -7.02 31.02 62.41
N ASP Q 208 -7.70 31.17 61.26
CA ASP Q 208 -8.37 30.11 60.52
C ASP Q 208 -7.43 29.01 60.04
N ILE Q 209 -6.09 29.12 60.22
CA ILE Q 209 -5.17 28.16 59.64
C ILE Q 209 -4.76 27.11 60.66
N ASN Q 210 -4.27 27.55 61.84
CA ASN Q 210 -3.68 26.67 62.84
C ASN Q 210 -4.10 27.04 64.26
N GLY Q 211 -5.17 27.83 64.41
CA GLY Q 211 -5.67 28.25 65.72
C GLY Q 211 -4.62 28.94 66.60
N CYS Q 212 -3.67 29.64 65.96
CA CYS Q 212 -2.68 30.40 66.71
C CYS Q 212 -3.41 31.39 67.61
N VAL Q 213 -2.98 31.52 68.87
CA VAL Q 213 -3.66 32.37 69.85
C VAL Q 213 -3.40 33.84 69.55
N MET Q 214 -2.39 34.16 68.74
CA MET Q 214 -2.04 35.55 68.47
C MET Q 214 -3.04 36.16 67.48
N ASP Q 215 -3.18 37.48 67.55
CA ASP Q 215 -4.15 38.23 66.76
C ASP Q 215 -3.46 39.15 65.75
N TRP Q 216 -2.33 39.76 66.16
CA TRP Q 216 -1.61 40.72 65.33
C TRP Q 216 -0.13 40.36 65.29
N VAL Q 217 0.52 40.76 64.20
CA VAL Q 217 1.97 40.81 64.15
C VAL Q 217 2.35 42.21 63.71
N LEU Q 218 3.32 42.79 64.43
CA LEU Q 218 3.80 44.13 64.10
C LEU Q 218 5.31 44.08 63.97
N GLU Q 219 5.82 44.95 63.10
CA GLU Q 219 7.24 45.22 63.09
C GLU Q 219 7.38 46.73 63.28
N ILE Q 220 8.29 47.08 64.20
CA ILE Q 220 8.46 48.44 64.67
C ILE Q 220 9.96 48.71 64.63
N TRP Q 221 10.40 49.62 63.77
CA TRP Q 221 11.83 49.80 63.60
C TRP Q 221 12.35 50.93 64.47
N PHE Q 222 13.60 50.75 64.93
CA PHE Q 222 14.35 51.79 65.60
C PHE Q 222 15.72 51.89 64.93
N GLU Q 223 16.53 52.82 65.43
CA GLU Q 223 17.91 52.93 65.00
C GLU Q 223 18.76 51.88 65.74
N ASN Q 224 18.40 51.62 67.01
CA ASN Q 224 19.21 50.82 67.92
C ASN Q 224 18.43 50.44 69.17
N GLN Q 225 19.08 49.62 70.00
CA GLN Q 225 18.50 49.15 71.26
C GLN Q 225 17.99 50.28 72.16
N SER Q 226 18.72 51.41 72.25
CA SER Q 226 18.33 52.50 73.12
C SER Q 226 17.03 53.16 72.63
N GLY Q 227 16.93 53.36 71.31
CA GLY Q 227 15.70 53.82 70.70
C GLY Q 227 14.53 52.90 71.05
N TRP Q 228 14.76 51.59 70.91
CA TRP Q 228 13.76 50.60 71.27
C TRP Q 228 13.31 50.81 72.73
N TYR Q 229 14.29 50.93 73.64
CA TYR Q 229 14.02 51.05 75.07
C TYR Q 229 13.23 52.33 75.33
N LYS Q 230 13.74 53.45 74.82
CA LYS Q 230 13.17 54.76 75.08
C LYS Q 230 11.68 54.74 74.75
N VAL Q 231 11.31 54.08 73.65
CA VAL Q 231 9.92 54.10 73.18
C VAL Q 231 9.10 52.99 73.85
N MET Q 232 9.58 51.75 73.80
CA MET Q 232 8.77 50.58 74.14
C MET Q 232 8.67 50.38 75.66
N VAL Q 233 9.55 51.07 76.39
CA VAL Q 233 9.52 51.04 77.85
C VAL Q 233 9.10 52.42 78.40
N ASP Q 234 9.87 53.47 78.11
CA ASP Q 234 9.69 54.78 78.73
C ASP Q 234 8.45 55.50 78.16
N ASP Q 235 8.38 55.72 76.83
CA ASP Q 235 7.22 56.39 76.26
C ASP Q 235 5.92 55.63 76.60
N MET Q 236 6.02 54.31 76.77
CA MET Q 236 4.85 53.44 76.93
C MET Q 236 4.36 53.45 78.38
N LYS Q 237 5.13 54.04 79.30
CA LYS Q 237 4.66 54.17 80.68
C LYS Q 237 3.41 55.04 80.72
N ALA Q 238 3.35 55.98 79.77
CA ALA Q 238 2.25 56.92 79.60
C ALA Q 238 0.92 56.19 79.42
N LEU Q 239 0.94 54.89 79.05
CA LEU Q 239 -0.29 54.20 78.70
C LEU Q 239 -1.08 53.82 79.96
N GLU Q 240 -2.38 54.02 79.79
CA GLU Q 240 -3.39 53.56 80.72
C GLU Q 240 -3.27 52.04 80.81
N LYS Q 241 -3.16 51.46 82.01
CA LYS Q 241 -3.09 50.02 82.16
C LYS Q 241 -4.46 49.38 81.93
N PRO Q 242 -4.71 48.60 80.86
CA PRO Q 242 -6.06 48.10 80.60
C PRO Q 242 -6.52 47.09 81.65
N SER Q 243 -7.85 46.89 81.71
CA SER Q 243 -8.46 46.10 82.76
C SER Q 243 -8.07 44.63 82.64
N TRP Q 244 -7.73 44.17 81.44
CA TRP Q 244 -7.39 42.77 81.16
C TRP Q 244 -5.89 42.50 81.30
N ALA Q 245 -5.11 43.51 81.69
CA ALA Q 245 -3.66 43.44 81.71
C ALA Q 245 -3.18 42.20 82.45
N GLN Q 246 -2.19 41.50 81.89
CA GLN Q 246 -1.58 40.34 82.53
C GLN Q 246 -0.22 40.69 83.16
N GLN Q 247 0.24 41.95 83.03
CA GLN Q 247 1.41 42.44 83.77
C GLN Q 247 1.27 43.95 83.89
N ASP Q 248 2.09 44.58 84.74
CA ASP Q 248 1.83 45.97 85.11
C ASP Q 248 2.15 46.91 83.95
N ALA Q 249 3.19 46.58 83.19
CA ALA Q 249 3.74 47.46 82.17
C ALA Q 249 3.41 46.96 80.77
N PHE Q 250 3.36 47.90 79.81
CA PHE Q 250 3.32 47.54 78.40
C PHE Q 250 4.37 46.46 78.11
N PRO Q 251 4.03 45.34 77.40
CA PRO Q 251 2.79 45.19 76.64
C PRO Q 251 1.51 44.64 77.30
N PHE Q 252 1.51 44.54 78.64
CA PHE Q 252 0.32 44.19 79.41
C PHE Q 252 -0.17 42.77 79.12
N LEU Q 253 0.71 41.92 78.56
CA LEU Q 253 0.35 40.57 78.14
C LEU Q 253 1.41 39.60 78.65
N LYS Q 254 0.97 38.36 78.85
CA LYS Q 254 1.80 37.35 79.49
C LYS Q 254 2.98 36.99 78.59
N PRO Q 255 4.24 37.22 79.05
CA PRO Q 255 5.43 36.89 78.24
C PRO Q 255 5.38 35.47 77.70
N TYR Q 256 5.64 35.34 76.38
CA TYR Q 256 5.84 34.08 75.69
C TYR Q 256 4.52 33.33 75.45
N HIS Q 257 3.43 33.82 76.07
CA HIS Q 257 2.11 33.19 75.98
C HIS Q 257 1.16 34.04 75.14
N ASN Q 258 1.09 35.34 75.47
CA ASN Q 258 0.24 36.28 74.73
C ASN Q 258 1.06 37.35 74.03
N VAL Q 259 2.40 37.33 74.19
CA VAL Q 259 3.27 38.18 73.40
C VAL Q 259 4.61 37.48 73.20
N CYS Q 260 5.09 37.46 71.95
CA CYS Q 260 6.44 37.07 71.62
C CYS Q 260 7.03 38.14 70.70
N SER Q 261 8.36 38.19 70.64
CA SER Q 261 9.03 39.25 69.92
C SER Q 261 10.44 38.81 69.53
N ALA Q 262 11.07 39.65 68.70
CA ALA Q 262 12.49 39.54 68.38
C ALA Q 262 12.94 40.80 67.66
N ALA Q 263 14.18 41.22 67.94
CA ALA Q 263 14.80 42.33 67.25
C ALA Q 263 15.83 41.72 66.29
N VAL Q 264 15.71 42.02 64.98
CA VAL Q 264 16.53 41.38 63.96
C VAL Q 264 17.07 42.43 62.99
N ALA Q 265 18.06 42.04 62.20
CA ALA Q 265 18.71 42.93 61.24
C ALA Q 265 17.95 42.89 59.91
N ASP Q 266 18.28 43.82 59.01
CA ASP Q 266 17.68 43.87 57.68
C ASP Q 266 18.04 42.63 56.85
N TYR Q 267 19.17 41.97 57.17
CA TYR Q 267 19.73 40.90 56.36
C TYR Q 267 20.03 39.68 57.21
N THR Q 268 19.77 38.50 56.64
CA THR Q 268 20.29 37.25 57.19
C THR Q 268 21.11 36.53 56.13
N PRO Q 269 22.23 35.87 56.52
CA PRO Q 269 22.94 34.96 55.62
C PRO Q 269 22.27 33.57 55.51
N SER Q 270 21.30 33.30 56.39
CA SER Q 270 20.63 32.01 56.42
C SER Q 270 19.33 32.10 55.62
N ASN Q 271 19.48 32.27 54.29
CA ASN Q 271 18.37 32.14 53.35
C ASN Q 271 18.45 30.73 52.77
N ASN Q 272 17.78 29.79 53.44
CA ASN Q 272 18.19 28.39 53.45
C ASN Q 272 17.99 27.72 52.09
N LEU Q 273 16.99 28.14 51.31
CA LEU Q 273 16.74 27.47 50.04
C LEU Q 273 17.88 27.75 49.05
N ALA Q 274 18.43 28.97 49.10
CA ALA Q 274 19.50 29.39 48.20
C ALA Q 274 20.89 29.03 48.74
N ASN Q 275 21.10 29.12 50.06
CA ASN Q 275 22.44 29.26 50.58
C ASN Q 275 23.00 27.97 51.17
N TYR Q 276 22.17 26.99 51.55
CA TYR Q 276 22.63 25.84 52.33
C TYR Q 276 23.51 24.90 51.51
N ARG Q 277 24.71 24.56 52.04
CA ARG Q 277 25.71 23.70 51.40
C ARG Q 277 26.15 22.55 52.31
N GLY Q 278 25.32 22.20 53.31
CA GLY Q 278 25.64 21.18 54.30
C GLY Q 278 26.17 21.80 55.58
N TYR Q 279 26.33 20.95 56.62
CA TYR Q 279 26.81 21.39 57.92
C TYR Q 279 28.34 21.31 57.96
N ILE Q 280 28.99 22.26 57.26
CA ILE Q 280 30.43 22.34 57.12
C ILE Q 280 31.02 22.95 58.39
N THR Q 281 32.04 22.28 58.93
CA THR Q 281 32.61 22.63 60.23
C THR Q 281 33.89 23.46 60.08
N MET Q 282 34.07 24.37 61.04
CA MET Q 282 35.23 25.24 61.13
C MET Q 282 36.45 24.35 61.37
N ARG Q 283 37.61 24.88 60.98
CA ARG Q 283 38.85 24.11 61.01
C ARG Q 283 39.75 24.50 62.20
N ALA R 2 59.49 39.41 39.73
CA ALA R 2 58.31 38.68 39.23
C ALA R 2 57.81 37.78 40.35
N ASP R 3 58.65 36.86 40.85
CA ASP R 3 58.17 35.65 41.53
C ASP R 3 57.31 35.95 42.76
N PHE R 4 56.25 35.15 42.94
CA PHE R 4 55.32 35.27 44.07
C PHE R 4 55.33 33.95 44.85
N LYS R 5 55.60 34.03 46.15
CA LYS R 5 55.77 32.82 46.94
C LYS R 5 54.43 32.18 47.32
N PHE R 6 54.34 30.86 47.11
CA PHE R 6 53.24 30.06 47.60
C PHE R 6 53.27 30.02 49.13
N GLU R 7 52.32 30.71 49.77
CA GLU R 7 52.37 30.91 51.21
C GLU R 7 50.98 30.63 51.81
N PRO R 8 50.57 29.37 51.92
CA PRO R 8 49.23 29.05 52.42
C PRO R 8 49.13 29.27 53.93
N MET R 9 48.14 30.12 54.27
CA MET R 9 47.92 30.59 55.63
C MET R 9 46.42 30.75 55.94
N ARG R 10 46.08 30.74 57.25
CA ARG R 10 44.76 31.04 57.76
C ARG R 10 44.90 32.30 58.62
N SER R 11 44.14 33.36 58.31
CA SER R 11 44.12 34.60 59.07
C SER R 11 42.94 34.57 60.02
N LEU R 12 43.04 35.25 61.16
CA LEU R 12 41.88 35.49 62.02
C LEU R 12 41.89 36.95 62.45
N ILE R 13 40.72 37.61 62.33
CA ILE R 13 40.56 38.97 62.81
C ILE R 13 39.51 38.97 63.91
N TYR R 14 39.84 39.60 65.03
CA TYR R 14 38.96 39.60 66.18
C TYR R 14 38.08 40.85 66.16
N VAL R 15 36.85 40.71 65.64
CA VAL R 15 35.97 41.84 65.42
C VAL R 15 35.08 42.06 66.64
N ASP R 16 35.38 43.12 67.39
CA ASP R 16 34.61 43.48 68.56
C ASP R 16 33.46 44.40 68.13
N CYS R 17 32.50 44.60 69.05
CA CYS R 17 31.46 45.63 68.93
C CYS R 17 31.22 46.22 70.33
N VAL R 18 31.63 47.47 70.54
CA VAL R 18 31.83 48.01 71.88
C VAL R 18 30.53 48.52 72.49
N SER R 19 29.41 48.37 71.77
CA SER R 19 28.15 48.91 72.23
C SER R 19 27.02 48.35 71.37
N GLU R 20 25.91 47.98 72.00
CA GLU R 20 24.79 47.40 71.27
C GLU R 20 24.15 48.43 70.32
N ASP R 21 24.34 49.72 70.60
CA ASP R 21 23.77 50.73 69.71
C ASP R 21 24.52 50.76 68.37
N TYR R 22 25.73 50.21 68.36
CA TYR R 22 26.55 50.17 67.16
C TYR R 22 26.31 48.90 66.34
N ARG R 23 25.71 47.88 66.95
CA ARG R 23 25.64 46.56 66.34
C ARG R 23 24.94 46.63 64.98
N PRO R 24 23.73 47.21 64.87
CA PRO R 24 23.04 47.28 63.56
C PRO R 24 23.92 47.84 62.44
N LYS R 25 24.68 48.90 62.76
CA LYS R 25 25.46 49.65 61.78
C LYS R 25 26.72 48.91 61.37
N LEU R 26 27.40 48.32 62.35
CA LEU R 26 28.62 47.56 62.10
C LEU R 26 28.27 46.29 61.35
N GLN R 27 27.17 45.63 61.76
CA GLN R 27 26.74 44.40 61.12
C GLN R 27 26.39 44.68 59.66
N ARG R 28 25.66 45.77 59.43
CA ARG R 28 25.36 46.24 58.09
C ARG R 28 26.63 46.41 57.27
N TRP R 29 27.61 47.14 57.79
CA TRP R 29 28.82 47.39 57.02
C TRP R 29 29.44 46.05 56.60
N ILE R 30 29.58 45.16 57.58
CA ILE R 30 30.24 43.89 57.36
C ILE R 30 29.57 43.13 56.20
N TYR R 31 28.23 43.01 56.26
CA TYR R 31 27.52 42.10 55.37
C TYR R 31 27.14 42.80 54.05
N LYS R 32 27.00 44.13 54.06
CA LYS R 32 26.57 44.86 52.87
C LYS R 32 27.76 45.37 52.05
N VAL R 33 28.87 45.68 52.73
CA VAL R 33 29.98 46.40 52.11
C VAL R 33 31.28 45.59 52.16
N ALA R 34 31.65 45.10 53.35
CA ALA R 34 32.95 44.46 53.52
C ALA R 34 33.06 43.24 52.60
N ILE R 35 31.97 42.46 52.49
CA ILE R 35 32.02 41.23 51.72
C ILE R 35 32.31 41.52 50.25
N PRO R 36 31.46 42.28 49.52
CA PRO R 36 31.71 42.50 48.09
C PRO R 36 33.02 43.24 47.78
N ASP R 37 33.35 44.28 48.58
CA ASP R 37 34.64 44.97 48.45
C ASP R 37 35.78 43.97 48.56
N SER R 38 35.67 43.02 49.52
CA SER R 38 36.68 42.01 49.81
C SER R 38 36.84 41.04 48.64
N ILE R 39 35.73 40.46 48.17
CA ILE R 39 35.75 39.44 47.16
C ILE R 39 36.21 40.05 45.83
N SER R 40 35.83 41.31 45.63
CA SER R 40 36.28 42.09 44.48
C SER R 40 37.81 42.11 44.42
N GLN R 41 38.49 42.03 45.56
CA GLN R 41 39.94 42.19 45.58
C GLN R 41 40.71 40.86 45.57
N PHE R 42 40.28 39.88 46.36
CA PHE R 42 41.12 38.73 46.65
C PHE R 42 40.53 37.40 46.16
N GLU R 43 39.43 37.44 45.40
CA GLU R 43 38.77 36.23 44.90
C GLU R 43 39.78 35.25 44.29
N PRO R 44 40.73 35.71 43.44
CA PRO R 44 41.64 34.78 42.76
C PRO R 44 42.73 34.11 43.58
N TYR R 45 42.98 34.58 44.82
CA TYR R 45 44.05 34.00 45.62
C TYR R 45 43.62 33.77 47.07
N VAL R 46 42.31 33.79 47.34
CA VAL R 46 41.80 33.35 48.63
C VAL R 46 40.81 32.21 48.36
N THR R 47 41.01 31.10 49.06
CA THR R 47 40.19 29.90 48.84
C THR R 47 38.99 29.87 49.78
N LYS R 48 39.02 30.61 50.91
CA LYS R 48 37.88 30.60 51.81
C LYS R 48 37.85 31.86 52.68
N TYR R 49 36.71 32.54 52.61
CA TYR R 49 36.44 33.77 53.34
C TYR R 49 35.17 33.54 54.13
N ALA R 50 35.25 33.68 55.46
CA ALA R 50 34.11 33.33 56.30
C ALA R 50 34.09 34.16 57.58
N PHE R 51 32.88 34.31 58.13
CA PHE R 51 32.61 35.02 59.37
C PHE R 51 31.98 34.05 60.38
N TYR R 52 32.51 34.01 61.60
CA TYR R 52 31.95 33.16 62.65
C TYR R 52 31.39 34.08 63.74
N PRO R 53 30.07 34.39 63.74
CA PRO R 53 29.47 35.28 64.73
C PRO R 53 29.75 34.73 66.12
N SER R 54 30.17 35.61 67.05
CA SER R 54 30.49 35.14 68.38
C SER R 54 29.20 34.95 69.16
N PHE R 55 29.15 33.90 69.99
CA PHE R 55 28.10 33.72 70.98
C PHE R 55 28.07 34.91 71.93
N PRO R 56 26.95 35.12 72.66
CA PRO R 56 26.86 36.19 73.64
C PRO R 56 28.05 36.15 74.61
N ILE R 57 28.57 37.34 74.89
CA ILE R 57 29.73 37.46 75.78
C ILE R 57 29.40 36.77 77.10
N PRO R 58 30.20 35.77 77.56
CA PRO R 58 29.94 35.10 78.82
C PRO R 58 30.39 35.97 79.99
N PRO R 59 29.94 35.67 81.22
CA PRO R 59 30.46 36.33 82.42
C PRO R 59 31.99 36.43 82.50
N GLN R 60 32.48 37.66 82.63
CA GLN R 60 33.89 37.99 82.76
C GLN R 60 34.63 37.80 81.42
N GLY R 61 33.90 37.66 80.32
CA GLY R 61 34.50 37.58 78.99
C GLY R 61 35.26 38.86 78.64
N ASP R 62 34.77 40.01 79.12
CA ASP R 62 35.41 41.31 78.95
C ASP R 62 36.92 41.24 79.27
N ARG R 63 37.30 40.38 80.24
CA ARG R 63 38.69 40.27 80.71
C ARG R 63 39.54 39.44 79.74
N PHE R 64 38.92 38.79 78.74
CA PHE R 64 39.60 37.97 77.75
C PHE R 64 39.59 38.64 76.37
N GLY R 65 39.28 39.94 76.34
CA GLY R 65 39.22 40.69 75.09
C GLY R 65 38.19 40.10 74.13
N TYR R 66 37.00 39.80 74.66
CA TYR R 66 36.01 39.03 73.94
C TYR R 66 35.47 39.88 72.80
N ALA R 67 35.63 39.39 71.57
CA ALA R 67 35.09 40.04 70.38
C ALA R 67 33.59 39.80 70.30
N ARG R 68 32.82 40.87 70.56
CA ARG R 68 31.38 40.78 70.69
C ARG R 68 30.68 40.78 69.32
N MET R 69 31.44 40.73 68.21
CA MET R 69 30.76 40.69 66.91
C MET R 69 31.03 39.35 66.22
N GLN R 70 32.28 39.08 65.83
CA GLN R 70 32.60 37.86 65.12
C GLN R 70 34.11 37.64 65.06
N LEU R 71 34.48 36.47 64.52
CA LEU R 71 35.81 36.20 63.97
C LEU R 71 35.74 36.33 62.45
N THR R 72 36.80 36.87 61.84
CA THR R 72 36.88 36.95 60.40
C THR R 72 38.08 36.15 59.90
N GLU R 73 37.77 35.14 59.08
CA GLU R 73 38.65 34.03 58.76
C GLU R 73 38.88 33.97 57.25
N HIS R 74 40.12 34.26 56.86
CA HIS R 74 40.55 34.10 55.48
C HIS R 74 41.52 32.92 55.34
N HIS R 75 41.46 32.24 54.18
CA HIS R 75 42.50 31.29 53.80
C HIS R 75 43.20 31.78 52.54
N TRP R 76 44.49 32.11 52.70
CA TRP R 76 45.28 32.79 51.70
C TRP R 76 46.17 31.78 50.98
N LEU R 77 46.42 32.02 49.68
CA LEU R 77 47.46 31.30 48.96
C LEU R 77 48.76 32.09 48.90
N VAL R 78 48.72 33.41 49.17
CA VAL R 78 49.91 34.26 49.20
C VAL R 78 49.81 35.26 50.35
N SER R 79 50.97 35.81 50.76
CA SER R 79 51.05 36.80 51.82
C SER R 79 50.36 38.09 51.38
N ASP R 80 49.26 38.48 52.06
CA ASP R 80 48.56 39.70 51.73
C ASP R 80 49.41 40.93 52.05
N LEU R 81 50.51 40.74 52.79
CA LEU R 81 51.41 41.82 53.17
C LEU R 81 52.58 41.95 52.20
N ASP R 82 52.66 41.12 51.16
CA ASP R 82 53.58 41.37 50.06
C ASP R 82 53.27 42.80 49.58
N PRO R 83 54.30 43.70 49.51
CA PRO R 83 54.08 45.10 49.12
C PRO R 83 53.39 45.32 47.78
N ARG R 84 53.56 44.35 46.87
CA ARG R 84 53.02 44.49 45.53
C ARG R 84 51.49 44.35 45.54
N LEU R 85 50.96 43.80 46.63
CA LEU R 85 49.53 43.56 46.80
C LEU R 85 48.83 44.79 47.34
N GLU R 86 49.58 45.84 47.68
CA GLU R 86 48.98 47.11 48.10
C GLU R 86 48.23 47.78 46.96
N ILE R 87 48.53 47.45 45.71
CA ILE R 87 47.89 48.10 44.57
C ILE R 87 46.61 47.36 44.16
N LYS R 88 45.51 48.12 44.14
CA LYS R 88 44.18 47.64 43.82
C LYS R 88 43.55 48.62 42.84
N ALA R 89 42.93 48.13 41.77
CA ALA R 89 42.19 49.03 40.89
C ALA R 89 41.11 49.77 41.69
N ILE R 90 40.17 49.00 42.26
CA ILE R 90 39.16 49.54 43.17
C ILE R 90 39.62 49.30 44.59
N ALA R 91 39.52 50.37 45.39
CA ALA R 91 39.78 50.33 46.82
C ALA R 91 38.46 50.14 47.60
N GLU R 92 38.65 49.70 48.86
CA GLU R 92 37.57 49.29 49.77
C GLU R 92 36.93 50.54 50.38
N THR R 93 35.66 50.41 50.80
CA THR R 93 35.07 51.40 51.69
C THR R 93 35.24 50.90 53.12
N PHE R 94 36.01 51.67 53.91
CA PHE R 94 36.34 51.34 55.29
C PHE R 94 36.32 52.63 56.11
N PRO R 95 35.12 53.14 56.51
CA PRO R 95 35.04 54.41 57.24
C PRO R 95 35.71 54.37 58.61
N MET R 96 36.13 55.55 59.07
CA MET R 96 36.53 55.81 60.44
C MET R 96 35.57 55.10 61.41
N ASP R 97 34.27 55.18 61.12
CA ASP R 97 33.23 54.78 62.05
C ASP R 97 33.38 53.30 62.41
N VAL R 98 33.84 52.47 61.46
CA VAL R 98 33.98 51.06 61.72
C VAL R 98 34.97 50.84 62.87
N LEU R 99 36.00 51.69 62.92
CA LEU R 99 37.02 51.59 63.95
C LEU R 99 36.47 52.03 65.31
N VAL R 100 35.51 52.97 65.31
CA VAL R 100 34.85 53.40 66.53
C VAL R 100 34.03 52.24 67.08
N TRP R 101 33.30 51.57 66.16
CA TRP R 101 32.36 50.53 66.48
C TRP R 101 33.11 49.32 67.04
N GLN R 102 34.27 49.01 66.45
CA GLN R 102 35.06 47.85 66.84
C GLN R 102 35.89 48.15 68.10
N GLY R 103 36.16 49.45 68.33
CA GLY R 103 36.79 49.89 69.56
C GLY R 103 38.28 50.24 69.38
N GLN R 104 38.74 50.21 68.12
CA GLN R 104 40.03 50.77 67.73
C GLN R 104 40.15 52.24 68.13
N ILE R 105 39.03 52.98 68.11
CA ILE R 105 38.97 54.39 68.51
C ILE R 105 37.80 54.60 69.47
N PRO R 106 37.88 55.55 70.44
CA PRO R 106 36.76 55.83 71.35
C PRO R 106 35.80 56.97 70.92
N ALA R 131 38.24 54.87 77.36
CA ALA R 131 38.52 56.09 76.55
C ALA R 131 40.00 56.14 76.16
N GLU R 132 40.53 55.02 75.61
CA GLU R 132 41.90 54.93 75.09
C GLU R 132 42.03 54.25 73.72
N GLY R 133 41.32 53.15 73.41
CA GLY R 133 41.37 52.57 72.08
C GLY R 133 42.20 51.29 72.02
N ASN R 134 41.85 50.40 71.10
CA ASN R 134 42.29 49.02 71.13
C ASN R 134 42.91 48.65 69.78
N PRO R 135 44.01 47.87 69.76
CA PRO R 135 44.70 47.61 68.50
C PRO R 135 43.84 46.68 67.65
N PHE R 136 44.12 46.66 66.35
CA PHE R 136 43.45 45.79 65.39
C PHE R 136 44.18 44.46 65.28
N ILE R 137 43.61 43.39 65.85
CA ILE R 137 44.32 42.13 65.94
C ILE R 137 44.00 41.24 64.74
N PHE R 138 45.03 41.03 63.91
CA PHE R 138 44.97 40.29 62.66
C PHE R 138 46.09 39.25 62.67
N ALA R 139 45.77 38.02 63.05
CA ALA R 139 46.79 37.00 63.30
C ALA R 139 46.90 36.07 62.09
N PHE R 140 48.12 35.90 61.56
CA PHE R 140 48.33 34.93 60.50
C PHE R 140 48.83 33.60 61.06
N LEU R 141 48.31 32.48 60.52
CA LEU R 141 48.60 31.14 61.02
C LEU R 141 48.90 30.20 59.86
N PRO R 142 49.57 29.06 60.10
CA PRO R 142 49.63 27.98 59.11
C PRO R 142 48.20 27.43 59.02
N MET R 143 47.85 26.86 57.86
CA MET R 143 46.47 26.45 57.69
C MET R 143 46.05 25.31 58.63
N TRP R 144 47.03 24.56 59.20
CA TRP R 144 46.78 23.44 60.10
C TRP R 144 47.36 23.72 61.49
N TRP R 145 46.61 23.31 62.52
CA TRP R 145 47.05 23.49 63.89
C TRP R 145 48.38 22.76 64.08
N GLU R 146 49.27 23.42 64.84
CA GLU R 146 50.63 22.93 65.06
C GLU R 146 50.64 21.95 66.23
N LYS R 147 49.86 22.22 67.28
CA LYS R 147 49.82 21.35 68.45
C LYS R 147 48.39 20.92 68.76
N ASP R 148 48.23 19.60 68.96
CA ASP R 148 46.96 19.00 69.34
C ASP R 148 47.16 18.40 70.73
N LEU R 149 46.65 19.08 71.75
CA LEU R 149 47.03 18.81 73.13
C LEU R 149 45.91 18.15 73.92
N LYS R 150 44.73 18.01 73.32
CA LYS R 150 43.65 17.31 74.00
C LYS R 150 42.52 17.10 73.02
N GLY R 151 41.94 15.90 73.09
CA GLY R 151 40.69 15.61 72.40
C GLY R 151 40.90 15.13 70.97
N LYS R 152 42.15 14.81 70.60
CA LYS R 152 42.44 14.23 69.30
C LYS R 152 41.41 13.20 68.90
N GLY R 153 40.98 13.26 67.61
CA GLY R 153 40.11 12.24 67.07
C GLY R 153 38.63 12.54 67.26
N ARG R 154 38.33 13.65 67.98
CA ARG R 154 36.95 14.04 68.21
C ARG R 154 36.30 14.43 66.89
N THR R 155 35.06 13.92 66.69
CA THR R 155 34.27 14.18 65.50
C THR R 155 33.09 15.11 65.82
N ILE R 156 32.36 15.41 64.75
CA ILE R 156 31.19 16.24 64.89
C ILE R 156 30.08 15.45 65.59
N GLU R 157 30.04 14.13 65.37
CA GLU R 157 29.03 13.27 65.99
C GLU R 157 29.22 13.25 67.50
N ASP R 158 30.39 13.61 68.03
CA ASP R 158 30.62 13.57 69.47
C ASP R 158 29.83 14.68 70.16
N GLY R 159 29.27 15.63 69.41
CA GLY R 159 28.40 16.64 69.99
C GLY R 159 28.82 18.07 69.63
N ALA R 160 27.92 18.99 69.96
CA ALA R 160 28.02 20.42 69.67
C ALA R 160 29.03 21.11 70.60
N ASN R 161 29.91 21.90 70.00
CA ASN R 161 31.11 22.42 70.66
C ASN R 161 30.96 23.92 70.92
N TYR R 162 31.25 24.37 72.16
CA TYR R 162 31.43 25.79 72.50
C TYR R 162 32.91 26.10 72.32
N ARG R 163 33.27 26.62 71.14
CA ARG R 163 34.65 26.72 70.69
C ARG R 163 35.22 28.07 71.10
N PHE R 164 36.03 28.08 72.16
CA PHE R 164 36.62 29.31 72.67
C PHE R 164 37.98 29.55 72.01
N ASN R 165 37.99 30.45 71.03
CA ASN R 165 39.21 30.81 70.31
C ASN R 165 39.83 32.01 71.00
N MET R 166 41.09 31.87 71.39
CA MET R 166 41.74 32.90 72.18
C MET R 166 43.16 33.05 71.67
N THR R 167 43.57 34.30 71.42
CA THR R 167 44.94 34.62 71.03
C THR R 167 45.57 35.45 72.15
N ILE R 168 46.88 35.27 72.37
CA ILE R 168 47.60 35.96 73.42
C ILE R 168 48.98 36.38 72.93
N GLY R 169 49.44 37.52 73.45
CA GLY R 169 50.78 38.01 73.21
C GLY R 169 51.38 38.54 74.51
N PHE R 170 52.60 38.09 74.81
CA PHE R 170 53.21 38.38 76.10
C PHE R 170 53.66 39.83 76.13
N PRO R 171 53.54 40.53 77.28
CA PRO R 171 53.83 41.95 77.36
C PRO R 171 55.25 42.25 76.90
N GLU R 172 55.53 43.51 76.63
CA GLU R 172 56.82 43.90 76.11
C GLU R 172 57.91 43.61 77.15
N GLY R 173 59.06 43.11 76.65
CA GLY R 173 60.19 42.73 77.48
C GLY R 173 60.00 41.42 78.24
N VAL R 174 59.02 40.58 77.87
CA VAL R 174 58.89 39.23 78.43
C VAL R 174 59.45 38.22 77.43
N ASP R 175 60.41 37.39 77.87
CA ASP R 175 61.06 36.43 77.01
C ASP R 175 59.99 35.47 76.47
N LYS R 176 60.02 35.22 75.17
CA LYS R 176 58.98 34.46 74.49
C LYS R 176 59.03 32.98 74.87
N ALA R 177 60.24 32.45 75.00
CA ALA R 177 60.45 31.06 75.40
C ALA R 177 59.88 30.84 76.79
N GLU R 178 60.01 31.84 77.67
CA GLU R 178 59.54 31.78 79.05
C GLU R 178 58.01 31.81 79.09
N GLY R 179 57.41 32.64 78.22
CA GLY R 179 55.96 32.70 78.09
C GLY R 179 55.37 31.39 77.55
N GLU R 180 55.98 30.87 76.49
CA GLU R 180 55.66 29.55 75.96
C GLU R 180 55.67 28.50 77.07
N LYS R 181 56.76 28.47 77.88
CA LYS R 181 56.93 27.49 78.94
C LYS R 181 55.79 27.63 79.95
N TRP R 182 55.43 28.88 80.32
CA TRP R 182 54.32 29.13 81.22
C TRP R 182 53.03 28.53 80.65
N LEU R 183 52.74 28.89 79.40
CA LEU R 183 51.48 28.50 78.77
C LEU R 183 51.30 27.00 78.79
N PHE R 184 52.35 26.26 78.36
CA PHE R 184 52.20 24.84 78.07
C PHE R 184 52.44 24.00 79.32
N GLU R 185 53.18 24.53 80.29
CA GLU R 185 53.52 23.77 81.48
C GLU R 185 52.60 24.13 82.65
N LYS R 186 52.01 25.33 82.68
CA LYS R 186 51.15 25.71 83.80
C LYS R 186 49.67 25.76 83.41
N VAL R 187 49.37 26.40 82.26
CA VAL R 187 48.01 26.69 81.87
C VAL R 187 47.33 25.44 81.30
N VAL R 188 47.95 24.88 80.26
CA VAL R 188 47.37 23.79 79.51
C VAL R 188 47.03 22.61 80.43
N PRO R 189 47.89 22.19 81.39
CA PRO R 189 47.56 21.09 82.29
C PRO R 189 46.24 21.24 83.05
N ILE R 190 45.81 22.48 83.29
CA ILE R 190 44.54 22.72 83.96
C ILE R 190 43.38 22.40 83.04
N LEU R 191 43.58 22.70 81.74
CA LEU R 191 42.64 22.39 80.68
C LEU R 191 42.55 20.87 80.53
N GLN R 192 43.70 20.20 80.59
CA GLN R 192 43.77 18.76 80.45
C GLN R 192 43.09 18.05 81.62
N ALA R 193 43.18 18.65 82.81
CA ALA R 193 42.60 18.09 84.02
C ALA R 193 41.08 18.19 84.01
N ALA R 194 40.55 19.26 83.40
CA ALA R 194 39.12 19.55 83.41
C ALA R 194 38.36 18.63 82.45
N PRO R 195 37.48 17.72 82.92
CA PRO R 195 36.62 16.96 82.02
C PRO R 195 35.65 17.83 81.21
N GLU R 196 35.40 19.07 81.67
CA GLU R 196 34.49 20.00 81.02
C GLU R 196 35.08 20.55 79.72
N CYS R 197 36.42 20.40 79.55
CA CYS R 197 37.16 20.85 78.39
C CYS R 197 37.42 19.67 77.44
N THR R 198 36.81 19.72 76.24
CA THR R 198 36.76 18.59 75.32
C THR R 198 37.90 18.62 74.30
N ARG R 199 38.59 19.76 74.16
CA ARG R 199 39.57 19.93 73.08
C ARG R 199 40.51 21.08 73.40
N VAL R 200 41.80 20.92 73.02
CA VAL R 200 42.79 21.98 73.12
C VAL R 200 43.71 21.93 71.89
N LEU R 201 43.84 23.09 71.22
CA LEU R 201 44.58 23.25 69.99
C LEU R 201 45.38 24.55 70.03
N ALA R 202 46.57 24.56 69.42
CA ALA R 202 47.42 25.74 69.42
C ALA R 202 48.31 25.81 68.18
N SER R 203 48.42 27.02 67.64
CA SER R 203 49.36 27.35 66.57
C SER R 203 50.14 28.59 67.03
N ALA R 204 51.40 28.68 66.60
CA ALA R 204 52.20 29.87 66.86
C ALA R 204 51.96 30.87 65.74
N VAL R 205 51.75 32.13 66.13
CA VAL R 205 51.42 33.20 65.21
C VAL R 205 52.63 33.48 64.30
N LYS R 206 52.38 33.61 62.99
CA LYS R 206 53.36 34.13 62.03
C LYS R 206 53.51 35.66 62.24
N LYS R 207 54.62 35.98 62.92
CA LYS R 207 54.92 37.33 63.37
C LYS R 207 55.66 38.05 62.25
N ASP R 208 56.40 37.25 61.48
CA ASP R 208 57.15 37.65 60.29
C ASP R 208 56.27 38.22 59.18
N ILE R 209 54.93 38.20 59.31
CA ILE R 209 54.06 38.57 58.19
C ILE R 209 53.61 40.02 58.32
N ASN R 210 53.03 40.38 59.48
CA ASN R 210 52.39 41.67 59.68
C ASN R 210 52.72 42.26 61.06
N GLY R 211 53.74 41.75 61.74
CA GLY R 211 54.15 42.24 63.05
C GLY R 211 53.03 42.19 64.10
N CYS R 212 52.11 41.24 63.98
CA CYS R 212 51.05 41.06 64.96
C CYS R 212 51.70 40.85 66.33
N VAL R 213 51.19 41.51 67.37
CA VAL R 213 51.77 41.46 68.70
C VAL R 213 51.50 40.12 69.36
N MET R 214 50.54 39.34 68.86
CA MET R 214 50.17 38.07 69.48
C MET R 214 51.23 37.01 69.16
N ASP R 215 51.33 36.01 70.03
CA ASP R 215 52.32 34.95 69.94
C ASP R 215 51.69 33.59 69.66
N TRP R 216 50.52 33.34 70.27
CA TRP R 216 49.81 32.08 70.17
C TRP R 216 48.36 32.32 69.80
N VAL R 217 47.77 31.32 69.13
CA VAL R 217 46.33 31.21 69.02
C VAL R 217 45.95 29.84 69.53
N LEU R 218 44.93 29.80 70.39
CA LEU R 218 44.43 28.55 70.92
C LEU R 218 42.94 28.46 70.71
N GLU R 219 42.46 27.23 70.54
CA GLU R 219 41.05 26.98 70.62
C GLU R 219 40.85 25.92 71.70
N ILE R 220 39.89 26.20 72.57
CA ILE R 220 39.64 25.40 73.75
C ILE R 220 38.16 25.13 73.79
N TRP R 221 37.74 23.87 73.63
CA TRP R 221 36.32 23.59 73.50
C TRP R 221 35.72 23.22 74.84
N PHE R 222 34.45 23.61 75.01
CA PHE R 222 33.63 23.20 76.13
C PHE R 222 32.32 22.68 75.60
N GLU R 223 31.45 22.27 76.52
CA GLU R 223 30.10 21.86 76.18
C GLU R 223 29.23 23.10 76.03
N ASN R 224 29.50 24.12 76.87
CA ASN R 224 28.64 25.29 77.02
C ASN R 224 29.36 26.37 77.83
N GLN R 225 28.69 27.53 77.95
CA GLN R 225 29.19 28.68 78.68
C GLN R 225 29.61 28.35 80.12
N SER R 226 28.85 27.52 80.83
CA SER R 226 29.16 27.18 82.22
C SER R 226 30.45 26.39 82.31
N GLY R 227 30.63 25.41 81.40
CA GLY R 227 31.88 24.68 81.27
C GLY R 227 33.05 25.65 81.07
N TRP R 228 32.87 26.60 80.16
CA TRP R 228 33.87 27.62 79.91
C TRP R 228 34.23 28.34 81.22
N TYR R 229 33.20 28.78 81.94
CA TYR R 229 33.36 29.56 83.16
C TYR R 229 34.09 28.73 84.21
N LYS R 230 33.60 27.52 84.45
CA LYS R 230 34.10 26.64 85.50
C LYS R 230 35.62 26.48 85.33
N VAL R 231 36.08 26.35 84.08
CA VAL R 231 37.48 26.07 83.82
C VAL R 231 38.29 27.36 83.74
N MET R 232 37.86 28.32 82.91
CA MET R 232 38.69 29.47 82.53
C MET R 232 38.68 30.54 83.61
N VAL R 233 37.73 30.44 84.55
CA VAL R 233 37.67 31.34 85.69
C VAL R 233 38.03 30.59 86.99
N ASP R 234 37.25 29.56 87.34
CA ASP R 234 37.34 28.90 88.64
C ASP R 234 38.59 28.01 88.71
N ASP R 235 38.74 27.03 87.81
CA ASP R 235 39.93 26.17 87.84
C ASP R 235 41.22 26.99 87.74
N MET R 236 41.16 28.15 87.06
CA MET R 236 42.33 28.95 86.75
C MET R 236 42.72 29.84 87.93
N LYS R 237 41.89 29.91 88.98
CA LYS R 237 42.26 30.66 90.16
C LYS R 237 43.50 30.02 90.81
N ALA R 238 43.61 28.69 90.62
CA ALA R 238 44.71 27.88 91.12
C ALA R 238 46.06 28.40 90.63
N LEU R 239 46.09 29.21 89.56
CA LEU R 239 47.34 29.59 88.94
C LEU R 239 48.07 30.65 89.75
N GLU R 240 49.38 30.42 89.84
CA GLU R 240 50.38 31.38 90.26
C GLU R 240 50.23 32.63 89.40
N LYS R 241 50.08 33.81 90.01
CA LYS R 241 50.02 35.05 89.24
C LYS R 241 51.41 35.44 88.75
N PRO R 242 51.74 35.42 87.44
CA PRO R 242 53.12 35.67 87.02
C PRO R 242 53.52 37.13 87.25
N SER R 243 54.84 37.36 87.26
CA SER R 243 55.41 38.64 87.64
C SER R 243 55.06 39.72 86.61
N TRP R 244 54.82 39.32 85.35
CA TRP R 244 54.54 40.25 84.27
C TRP R 244 53.04 40.54 84.11
N ALA R 245 52.21 39.95 84.99
CA ALA R 245 50.75 39.99 84.86
C ALA R 245 50.27 41.42 84.65
N GLN R 246 49.33 41.61 83.71
CA GLN R 246 48.71 42.91 83.47
C GLN R 246 47.30 42.99 84.07
N GLN R 247 46.82 41.93 84.73
CA GLN R 247 45.59 41.97 85.53
C GLN R 247 45.70 40.86 86.57
N ASP R 248 44.82 40.88 87.58
CA ASP R 248 45.01 40.01 88.74
C ASP R 248 44.74 38.55 88.39
N ALA R 249 43.75 38.32 87.52
CA ALA R 249 43.24 36.98 87.25
C ALA R 249 43.67 36.52 85.86
N PHE R 250 43.75 35.19 85.69
CA PHE R 250 43.88 34.60 84.36
C PHE R 250 42.89 35.25 83.40
N PRO R 251 43.30 35.69 82.18
CA PRO R 251 44.60 35.35 81.57
C PRO R 251 45.83 36.23 81.82
N PHE R 252 45.76 37.14 82.81
CA PHE R 252 46.90 37.91 83.27
C PHE R 252 47.43 38.86 82.19
N LEU R 253 46.61 39.16 81.17
CA LEU R 253 47.03 39.97 80.04
C LEU R 253 45.98 41.05 79.78
N LYS R 254 46.43 42.16 79.18
CA LYS R 254 45.59 43.33 79.01
C LYS R 254 44.47 43.04 78.02
N PRO R 255 43.19 43.13 78.43
CA PRO R 255 42.07 42.87 77.52
C PRO R 255 42.17 43.67 76.23
N TYR R 256 42.01 42.97 75.09
CA TYR R 256 41.87 43.53 73.75
C TYR R 256 43.23 44.01 73.21
N HIS R 257 44.27 44.01 74.06
CA HIS R 257 45.61 44.47 73.69
C HIS R 257 46.60 43.31 73.61
N ASN R 258 46.61 42.47 74.66
CA ASN R 258 47.48 41.31 74.71
C ASN R 258 46.67 40.01 74.77
N VAL R 259 45.34 40.10 74.78
CA VAL R 259 44.49 38.93 74.64
C VAL R 259 43.18 39.34 73.95
N CYS R 260 42.79 38.58 72.92
CA CYS R 260 41.46 38.66 72.34
C CYS R 260 40.91 37.24 72.23
N SER R 261 39.59 37.15 72.13
CA SER R 261 38.94 35.85 72.17
C SER R 261 37.57 35.93 71.52
N ALA R 262 36.97 34.75 71.32
CA ALA R 262 35.59 34.60 70.91
C ALA R 262 35.15 33.15 71.09
N ALA R 263 33.90 32.96 71.48
CA ALA R 263 33.31 31.64 71.57
C ALA R 263 32.36 31.51 70.38
N VAL R 264 32.56 30.47 69.54
CA VAL R 264 31.82 30.33 68.29
C VAL R 264 31.33 28.90 68.13
N ALA R 265 30.42 28.69 67.19
CA ALA R 265 29.84 27.38 66.94
C ALA R 265 30.71 26.62 65.93
N ASP R 266 30.42 25.33 65.75
CA ASP R 266 31.11 24.48 64.78
C ASP R 266 30.83 24.96 63.34
N TYR R 267 29.70 25.65 63.10
CA TYR R 267 29.23 25.97 61.75
C TYR R 267 28.90 27.45 61.65
N THR R 268 29.22 28.05 60.50
CA THR R 268 28.68 29.34 60.13
C THR R 268 27.96 29.24 58.78
N PRO R 269 26.83 29.96 58.62
CA PRO R 269 26.20 30.12 57.31
C PRO R 269 26.89 31.18 56.43
N SER R 270 27.79 31.96 57.03
CA SER R 270 28.49 33.02 56.31
C SER R 270 29.84 32.50 55.83
N ASN R 271 29.78 31.56 54.86
CA ASN R 271 30.94 31.11 54.11
C ASN R 271 30.93 31.86 52.79
N ASN R 272 31.57 33.04 52.78
CA ASN R 272 31.18 34.14 51.91
C ASN R 272 31.49 33.84 50.44
N LEU R 273 32.53 33.06 50.15
CA LEU R 273 32.89 32.82 48.76
C LEU R 273 31.82 31.96 48.09
N ALA R 274 31.25 31.01 48.83
CA ALA R 274 30.23 30.09 48.31
C ALA R 274 28.82 30.68 48.40
N ASN R 275 28.51 31.41 49.48
CA ASN R 275 27.13 31.57 49.88
C ASN R 275 26.57 32.94 49.50
N TYR R 276 27.39 33.97 49.28
CA TYR R 276 26.88 35.34 49.18
C TYR R 276 26.10 35.56 47.88
N ARG R 277 24.86 36.10 48.00
CA ARG R 277 23.93 36.36 46.89
C ARG R 277 23.37 37.79 47.01
N GLY R 278 24.14 38.70 47.62
CA GLY R 278 23.78 40.11 47.72
C GLY R 278 23.16 40.45 49.07
N TYR R 279 22.96 41.75 49.33
CA TYR R 279 22.39 42.22 50.59
C TYR R 279 20.87 42.27 50.49
N ILE R 280 20.25 41.08 50.51
CA ILE R 280 18.82 40.90 50.38
C ILE R 280 18.16 41.20 51.73
N THR R 281 17.13 42.07 51.70
CA THR R 281 16.49 42.60 52.89
C THR R 281 15.18 41.84 53.21
N MET R 282 14.91 41.75 54.52
CA MET R 282 13.73 41.10 55.04
C MET R 282 12.51 41.91 54.59
N ARG R 283 11.37 41.24 54.53
CA ARG R 283 10.15 41.85 53.98
C ARG R 283 9.17 42.24 55.10
#